data_8HW1
#
_entry.id   8HW1
#
_cell.length_a   1.00
_cell.length_b   1.00
_cell.length_c   1.00
_cell.angle_alpha   90.00
_cell.angle_beta   90.00
_cell.angle_gamma   90.00
#
_symmetry.space_group_name_H-M   'P 1'
#
loop_
_entity.id
_entity.type
_entity.pdbx_description
1 polymer 'Far-red light-harvesting complex'
2 non-polymer 'CHLOROPHYLL A'
3 non-polymer "(3S,5R,6S,3'S,5'R,6'S)-5,6,5',6'-DIEPOXY-5,6,5',6'- TETRAHYDRO-BETA,BETA-CAROTENE-3,3'-DIOL"
4 non-polymer (1S)-4-[(1E,3Z,5E,7E,9E,11E,13E,15E,17E)-3-(hydroxymethyl)-7,12,16-trimethyl-18-[(1R,4S)-2,6,6-trimethyl-4-oxidanyl-cyclohex-2-en-1-yl]octadeca-1,3,5,7,9,11,13,15,17-nonaenyl]-3,5,5-trimethyl-cyclohex-3-en-1-ol
#
_entity_poly.entity_id   1
_entity_poly.type   'polypeptide(L)'
_entity_poly.pdbx_seq_one_letter_code
;MAPYSVVASVLAAAPPQQSGSVRQLPSTINRAITQRSQSRHVASASSASSPTTMLEERDNLWEIGGPYWWPFSSFTPPAH
LDGSLPGDRGFDPFSLGTSWGQPPVDVSDPNYDESRLRWLLEGELYNGRLAMLAVVGVLTVEAQGKGPWWEIPGNLNLFG
TPYVVAVVGGHLAFALLEKKRLENFRETGEAGHFGAARFDPLDLTEANPLGTDYNRQAEVRNCRLAMLTFLGFSVQAWVT
GKGPIENAKDHLASPFEANIFTYGDRGTNVVAIFSAFAAVMHIAELAREKKAEDKPRSRNRTLSGSS
;
_entity_poly.pdbx_strand_id   A,B,C,D,E,F,G,H,I,J,K
#
# COMPACT_ATOMS: atom_id res chain seq x y z
N PRO A 51 44.93 63.42 -13.46
CA PRO A 51 45.58 62.82 -14.62
C PRO A 51 45.12 63.45 -15.92
N THR A 52 45.92 63.36 -16.98
CA THR A 52 45.49 63.77 -18.31
C THR A 52 45.08 62.60 -19.17
N THR A 53 45.05 61.40 -18.61
CA THR A 53 44.53 60.25 -19.34
C THR A 53 43.01 60.15 -19.24
N MET A 54 42.40 60.91 -18.34
CA MET A 54 40.96 60.95 -18.24
C MET A 54 40.40 62.07 -19.10
N LEU A 55 39.10 61.99 -19.37
CA LEU A 55 38.47 62.89 -20.32
C LEU A 55 38.27 64.26 -19.68
N GLU A 56 37.74 65.19 -20.45
CA GLU A 56 37.35 66.50 -19.93
C GLU A 56 35.89 66.84 -20.13
N GLU A 57 35.20 66.07 -20.98
CA GLU A 57 33.83 66.38 -21.32
C GLU A 57 32.75 65.39 -20.91
N ARG A 58 33.14 64.15 -20.58
CA ARG A 58 32.23 63.10 -20.13
C ARG A 58 31.13 62.85 -21.18
N ASP A 59 31.57 62.27 -22.28
CA ASP A 59 30.69 62.01 -23.42
C ASP A 59 30.81 60.58 -23.90
N ASN A 60 29.77 60.13 -24.62
CA ASN A 60 29.69 58.81 -25.22
C ASN A 60 29.55 58.99 -26.72
N LEU A 61 30.41 58.33 -27.49
CA LEU A 61 30.37 58.49 -28.93
C LEU A 61 29.37 57.54 -29.56
N TRP A 62 28.73 57.98 -30.65
CA TRP A 62 27.73 57.17 -31.34
C TRP A 62 28.41 56.37 -32.44
N GLU A 63 28.47 55.07 -32.20
CA GLU A 63 29.07 54.09 -33.10
C GLU A 63 28.03 53.15 -33.69
N ILE A 64 28.44 51.98 -34.17
CA ILE A 64 27.72 51.09 -35.08
C ILE A 64 26.22 51.05 -34.79
N GLY A 65 25.82 50.81 -33.55
CA GLY A 65 24.41 50.76 -33.26
C GLY A 65 23.86 51.91 -32.42
N GLY A 66 24.64 52.35 -31.44
CA GLY A 66 24.24 53.38 -30.54
C GLY A 66 25.43 53.82 -29.69
N PRO A 67 25.19 54.61 -28.66
CA PRO A 67 26.31 54.94 -27.77
C PRO A 67 26.52 53.94 -26.65
N TYR A 68 26.31 52.67 -26.94
CA TYR A 68 26.38 51.53 -26.03
C TYR A 68 26.38 50.28 -26.89
N TRP A 69 27.09 49.26 -26.43
CA TRP A 69 26.87 47.97 -27.05
C TRP A 69 25.47 47.50 -26.65
N TRP A 70 25.01 46.42 -27.25
CA TRP A 70 23.67 45.93 -26.92
C TRP A 70 22.63 47.01 -27.17
N PRO A 71 22.29 47.28 -28.43
CA PRO A 71 21.58 48.51 -28.80
C PRO A 71 20.06 48.40 -28.71
N PHE A 72 19.57 47.92 -27.58
CA PHE A 72 18.14 47.78 -27.35
C PHE A 72 17.67 48.76 -26.29
N SER A 73 16.38 48.82 -26.03
CA SER A 73 15.82 49.79 -25.11
C SER A 73 15.85 49.31 -23.67
N SER A 74 16.07 48.03 -23.43
CA SER A 74 16.16 47.49 -22.07
C SER A 74 17.62 47.35 -21.66
N PHE A 75 18.28 48.50 -21.57
CA PHE A 75 19.70 48.49 -21.21
C PHE A 75 20.03 49.74 -20.42
N THR A 76 20.61 49.54 -19.24
CA THR A 76 21.12 50.60 -18.39
C THR A 76 22.60 50.34 -18.19
N PRO A 77 23.47 51.34 -18.38
CA PRO A 77 24.89 51.06 -18.31
C PRO A 77 25.30 50.70 -16.90
N PRO A 78 26.42 49.99 -16.74
CA PRO A 78 26.88 49.63 -15.39
C PRO A 78 27.13 50.86 -14.55
N ALA A 79 26.95 50.69 -13.24
CA ALA A 79 27.02 51.84 -12.34
C ALA A 79 28.40 52.47 -12.30
N HIS A 80 29.46 51.67 -12.51
CA HIS A 80 30.81 52.19 -12.35
C HIS A 80 31.36 52.80 -13.63
N LEU A 81 30.64 52.65 -14.76
CA LEU A 81 31.05 53.21 -16.04
C LEU A 81 30.08 54.34 -16.36
N ASP A 82 30.56 55.57 -16.29
CA ASP A 82 29.69 56.74 -16.39
C ASP A 82 30.12 57.73 -17.44
N GLY A 83 31.13 57.42 -18.23
CA GLY A 83 31.56 58.28 -19.30
C GLY A 83 32.80 59.09 -19.04
N SER A 84 33.55 58.79 -17.99
CA SER A 84 34.71 59.59 -17.60
C SER A 84 36.00 59.18 -18.30
N LEU A 85 36.07 57.99 -18.87
CA LEU A 85 37.29 57.52 -19.50
C LEU A 85 37.12 57.40 -21.01
N PRO A 86 38.20 57.52 -21.77
CA PRO A 86 38.09 57.37 -23.22
C PRO A 86 37.61 55.99 -23.62
N GLY A 87 36.83 55.94 -24.69
CA GLY A 87 36.37 54.69 -25.25
C GLY A 87 35.22 54.03 -24.54
N ASP A 88 34.46 54.78 -23.74
CA ASP A 88 33.41 54.20 -22.93
C ASP A 88 32.24 53.75 -23.79
N ARG A 89 31.73 52.56 -23.49
CA ARG A 89 30.52 52.03 -24.13
C ARG A 89 29.68 51.23 -23.15
N GLY A 90 30.00 51.23 -21.87
CA GLY A 90 29.31 50.38 -20.93
C GLY A 90 29.44 48.90 -21.20
N PHE A 91 30.61 48.43 -21.60
CA PHE A 91 30.79 47.02 -21.87
C PHE A 91 31.41 46.33 -20.66
N ASP A 92 30.60 45.55 -19.94
CA ASP A 92 31.04 44.83 -18.75
C ASP A 92 30.08 43.71 -18.39
N PRO A 93 29.94 42.67 -19.20
CA PRO A 93 29.06 41.56 -18.81
C PRO A 93 29.49 40.89 -17.52
N PHE A 94 30.74 40.42 -17.44
CA PHE A 94 31.31 39.98 -16.17
C PHE A 94 31.93 41.19 -15.48
N SER A 95 31.45 41.53 -14.29
CA SER A 95 31.83 42.79 -13.67
C SER A 95 33.26 42.71 -13.16
N LEU A 96 34.21 42.87 -14.09
CA LEU A 96 35.62 42.82 -13.76
C LEU A 96 36.21 44.17 -13.42
N GLY A 97 35.40 45.22 -13.40
CA GLY A 97 35.90 46.54 -13.11
C GLY A 97 35.77 46.92 -11.65
N THR A 98 34.99 46.14 -10.90
CA THR A 98 34.89 46.29 -9.46
C THR A 98 35.73 45.28 -8.70
N SER A 99 36.25 44.26 -9.36
CA SER A 99 37.16 43.31 -8.77
C SER A 99 38.38 43.27 -9.68
N TRP A 100 39.21 42.23 -9.55
CA TRP A 100 40.27 41.95 -10.51
C TRP A 100 41.31 43.07 -10.56
N GLY A 101 42.05 43.20 -9.47
CA GLY A 101 43.22 44.05 -9.46
C GLY A 101 43.36 44.80 -8.16
N GLN A 102 44.58 45.26 -7.91
CA GLN A 102 44.88 46.11 -6.76
C GLN A 102 45.85 47.20 -7.19
N PRO A 103 45.38 48.43 -7.33
CA PRO A 103 46.26 49.48 -7.81
C PRO A 103 47.36 49.80 -6.82
N PRO A 104 48.51 50.22 -7.28
CA PRO A 104 49.60 50.64 -6.37
C PRO A 104 49.36 52.03 -5.79
N VAL A 105 48.35 52.15 -4.95
CA VAL A 105 48.04 53.40 -4.27
C VAL A 105 47.96 53.14 -2.78
N ASP A 106 48.03 54.21 -2.01
CA ASP A 106 47.93 54.09 -0.57
C ASP A 106 46.53 53.55 -0.32
N VAL A 107 46.43 52.51 0.50
CA VAL A 107 45.14 51.90 0.81
C VAL A 107 44.36 52.80 1.77
N SER A 108 43.03 52.62 1.78
CA SER A 108 42.11 53.37 2.62
C SER A 108 42.07 54.85 2.25
N ASP A 109 42.52 55.21 1.07
CA ASP A 109 42.41 56.59 0.66
C ASP A 109 41.09 56.65 -0.10
N PRO A 110 40.33 57.75 0.07
CA PRO A 110 39.05 57.92 -0.63
C PRO A 110 39.25 58.00 -2.13
N ASN A 111 38.24 57.51 -2.84
CA ASN A 111 38.30 57.31 -4.29
C ASN A 111 39.32 56.23 -4.64
N TYR A 112 39.15 55.07 -3.99
CA TYR A 112 39.96 53.90 -4.25
C TYR A 112 39.32 52.99 -5.30
N ASP A 113 37.99 52.95 -5.37
CA ASP A 113 37.35 52.13 -6.38
C ASP A 113 37.49 52.69 -7.78
N GLU A 114 37.72 54.00 -7.89
CA GLU A 114 38.00 54.59 -9.20
C GLU A 114 39.44 54.36 -9.64
N SER A 115 40.38 54.35 -8.70
CA SER A 115 41.77 54.07 -9.01
C SER A 115 41.97 52.72 -9.64
N ARG A 116 41.13 51.74 -9.32
CA ARG A 116 41.24 50.45 -9.96
C ARG A 116 40.85 50.49 -11.43
N LEU A 117 39.86 51.28 -11.81
CA LEU A 117 39.56 51.42 -13.24
C LEU A 117 40.68 52.14 -13.98
N ARG A 118 41.33 53.09 -13.32
CA ARG A 118 42.47 53.76 -13.95
C ARG A 118 43.64 52.81 -14.11
N TRP A 119 43.89 51.93 -13.13
CA TRP A 119 44.92 50.92 -13.29
C TRP A 119 44.60 49.97 -14.45
N LEU A 120 43.34 49.52 -14.55
CA LEU A 120 42.99 48.65 -15.67
C LEU A 120 43.08 49.37 -17.00
N LEU A 121 42.76 50.67 -17.05
CA LEU A 121 42.91 51.43 -18.29
C LEU A 121 44.37 51.57 -18.66
N GLU A 122 45.24 51.77 -17.67
CA GLU A 122 46.67 51.77 -17.91
C GLU A 122 47.11 50.45 -18.52
N GLY A 123 46.59 49.34 -18.00
CA GLY A 123 46.93 48.03 -18.54
C GLY A 123 46.44 47.84 -19.96
N GLU A 124 45.24 48.34 -20.25
CA GLU A 124 44.66 48.24 -21.60
C GLU A 124 45.48 49.02 -22.61
N LEU A 125 45.86 50.24 -22.25
CA LEU A 125 46.68 51.05 -23.14
C LEU A 125 48.05 50.43 -23.33
N TYR A 126 48.63 49.90 -22.26
CA TYR A 126 49.94 49.29 -22.38
C TYR A 126 49.90 48.06 -23.28
N ASN A 127 48.87 47.24 -23.16
CA ASN A 127 48.80 46.05 -24.00
C ASN A 127 48.53 46.42 -25.44
N GLY A 128 47.77 47.50 -25.68
CA GLY A 128 47.49 47.90 -27.04
C GLY A 128 48.67 48.53 -27.74
N ARG A 129 49.48 49.28 -26.99
CA ARG A 129 50.63 49.95 -27.59
C ARG A 129 51.67 48.95 -28.08
N LEU A 130 51.72 47.76 -27.52
CA LEU A 130 52.63 46.73 -28.03
C LEU A 130 52.04 46.01 -29.23
N ALA A 131 50.73 45.79 -29.23
CA ALA A 131 50.09 45.13 -30.36
C ALA A 131 50.15 46.01 -31.61
N MET A 132 50.02 47.33 -31.44
CA MET A 132 50.09 48.20 -32.61
C MET A 132 51.49 48.20 -33.21
N LEU A 133 52.52 48.01 -32.40
CA LEU A 133 53.86 47.90 -32.95
C LEU A 133 54.10 46.53 -33.56
N ALA A 134 53.55 45.48 -32.94
CA ALA A 134 53.77 44.13 -33.45
C ALA A 134 53.06 43.91 -34.78
N VAL A 135 51.90 44.51 -34.98
CA VAL A 135 51.19 44.37 -36.25
C VAL A 135 52.02 44.99 -37.37
N VAL A 136 52.53 46.20 -37.15
CA VAL A 136 53.37 46.84 -38.14
C VAL A 136 54.63 46.02 -38.39
N GLY A 137 55.24 45.51 -37.32
CA GLY A 137 56.47 44.75 -37.47
C GLY A 137 56.31 43.40 -38.13
N VAL A 138 55.13 42.81 -38.06
CA VAL A 138 54.90 41.56 -38.76
C VAL A 138 54.44 41.81 -40.20
N LEU A 139 53.74 42.91 -40.46
CA LEU A 139 53.35 43.20 -41.84
C LEU A 139 54.52 43.70 -42.67
N THR A 140 55.46 44.42 -42.06
CA THR A 140 56.59 44.95 -42.81
C THR A 140 57.70 43.93 -43.00
N VAL A 141 57.53 42.72 -42.48
CA VAL A 141 58.51 41.66 -42.63
C VAL A 141 57.92 40.47 -43.41
N GLU A 142 56.76 40.00 -42.98
CA GLU A 142 56.17 38.84 -43.66
C GLU A 142 55.75 39.20 -45.09
N ALA A 143 55.42 40.46 -45.33
CA ALA A 143 54.99 40.92 -46.64
C ALA A 143 56.10 41.62 -47.40
N GLN A 144 57.35 41.43 -47.00
CA GLN A 144 58.47 42.01 -47.74
C GLN A 144 59.36 40.94 -48.34
N GLY A 145 60.00 40.10 -47.52
CA GLY A 145 60.78 39.02 -48.09
C GLY A 145 60.77 37.69 -47.36
N LYS A 146 60.30 37.69 -46.12
CA LYS A 146 60.65 36.62 -45.20
C LYS A 146 59.53 35.61 -45.04
N GLY A 147 59.89 34.44 -44.55
CA GLY A 147 58.97 33.33 -44.45
C GLY A 147 57.97 33.53 -43.34
N PRO A 148 57.49 32.42 -42.77
CA PRO A 148 56.55 32.53 -41.64
C PRO A 148 57.15 33.35 -40.51
N TRP A 149 56.35 34.27 -39.98
CA TRP A 149 56.82 35.16 -38.92
C TRP A 149 56.98 34.44 -37.59
N TRP A 150 56.40 33.25 -37.46
CA TRP A 150 56.47 32.48 -36.22
C TRP A 150 57.63 31.50 -36.22
N GLU A 151 58.57 31.65 -37.15
CA GLU A 151 59.79 30.85 -37.15
C GLU A 151 61.03 31.72 -37.14
N ILE A 152 60.89 33.04 -37.21
CA ILE A 152 62.06 33.92 -37.15
C ILE A 152 62.83 33.79 -35.84
N PRO A 153 62.20 33.86 -34.66
CA PRO A 153 62.99 33.73 -33.42
C PRO A 153 63.71 32.40 -33.30
N GLY A 154 63.16 31.33 -33.85
CA GLY A 154 63.79 30.03 -33.80
C GLY A 154 64.92 29.85 -34.80
N ASN A 155 65.19 30.85 -35.64
CA ASN A 155 66.26 30.79 -36.63
C ASN A 155 67.34 31.83 -36.35
N LEU A 156 67.44 32.29 -35.11
CA LEU A 156 68.54 33.14 -34.69
C LEU A 156 69.69 32.37 -34.08
N ASN A 157 69.45 31.13 -33.65
CA ASN A 157 70.45 30.30 -32.99
C ASN A 157 71.07 31.04 -31.81
N LEU A 158 70.23 31.35 -30.82
CA LEU A 158 70.66 32.06 -29.62
C LEU A 158 70.79 31.03 -28.51
N PHE A 159 72.03 30.76 -28.10
CA PHE A 159 72.30 29.83 -27.02
C PHE A 159 73.61 30.21 -26.35
N GLY A 160 73.77 29.75 -25.12
CA GLY A 160 74.96 30.03 -24.36
C GLY A 160 75.03 31.44 -23.80
N THR A 161 76.23 32.00 -23.74
CA THR A 161 76.48 33.31 -23.15
C THR A 161 75.72 34.48 -23.79
N PRO A 162 75.61 34.57 -25.13
CA PRO A 162 74.88 35.72 -25.69
C PRO A 162 73.44 35.78 -25.22
N TYR A 163 72.78 34.64 -25.10
CA TYR A 163 71.41 34.61 -24.59
C TYR A 163 71.35 35.19 -23.19
N VAL A 164 72.26 34.75 -22.33
CA VAL A 164 72.23 35.19 -20.94
C VAL A 164 72.49 36.69 -20.84
N VAL A 165 73.48 37.20 -21.56
CA VAL A 165 73.79 38.61 -21.45
C VAL A 165 72.67 39.47 -22.01
N ALA A 166 72.06 39.03 -23.13
CA ALA A 166 70.94 39.77 -23.70
C ALA A 166 69.77 39.81 -22.73
N VAL A 167 69.42 38.67 -22.14
CA VAL A 167 68.31 38.62 -21.20
C VAL A 167 68.57 39.53 -20.02
N VAL A 168 69.76 39.45 -19.44
CA VAL A 168 70.06 40.23 -18.25
C VAL A 168 70.04 41.72 -18.55
N GLY A 169 70.63 42.13 -19.67
CA GLY A 169 70.63 43.56 -20.00
C GLY A 169 69.23 44.09 -20.28
N GLY A 170 68.45 43.35 -21.06
CA GLY A 170 67.09 43.78 -21.33
C GLY A 170 66.28 43.92 -20.06
N HIS A 171 66.41 42.96 -19.15
CA HIS A 171 65.67 43.03 -17.90
C HIS A 171 66.16 44.18 -17.02
N LEU A 172 67.46 44.46 -17.00
CA LEU A 172 67.94 45.64 -16.29
C LEU A 172 67.23 46.89 -16.78
N ALA A 173 67.23 47.09 -18.10
CA ALA A 173 66.59 48.30 -18.64
C ALA A 173 65.11 48.34 -18.31
N PHE A 174 64.41 47.23 -18.51
CA PHE A 174 62.96 47.24 -18.28
C PHE A 174 62.63 47.41 -16.80
N ALA A 175 63.41 46.82 -15.90
CA ALA A 175 63.19 47.03 -14.49
C ALA A 175 63.41 48.48 -14.10
N LEU A 176 64.44 49.13 -14.64
CA LEU A 176 64.63 50.54 -14.35
C LEU A 176 63.46 51.38 -14.85
N LEU A 177 62.88 51.04 -15.99
CA LEU A 177 61.76 51.82 -16.50
C LEU A 177 60.48 51.56 -15.70
N GLU A 178 60.22 50.29 -15.43
CA GLU A 178 59.04 49.88 -14.68
C GLU A 178 59.02 50.45 -13.27
N LYS A 179 60.17 50.45 -12.60
CA LYS A 179 60.25 51.07 -11.29
C LYS A 179 59.74 52.50 -11.33
N LYS A 180 60.14 53.24 -12.36
CA LYS A 180 59.71 54.62 -12.50
C LYS A 180 58.22 54.71 -12.78
N ARG A 181 57.69 53.78 -13.57
CA ARG A 181 56.25 53.75 -13.83
C ARG A 181 55.44 53.53 -12.56
N LEU A 182 55.81 52.51 -11.78
CA LEU A 182 55.13 52.25 -10.53
C LEU A 182 55.26 53.43 -9.58
N GLU A 183 56.42 54.07 -9.60
CA GLU A 183 56.70 55.19 -8.71
C GLU A 183 55.96 56.45 -9.14
N ASN A 184 55.59 56.53 -10.43
CA ASN A 184 54.82 57.67 -10.92
C ASN A 184 53.32 57.50 -10.66
N PHE A 185 52.78 56.29 -10.87
CA PHE A 185 51.36 56.09 -10.67
C PHE A 185 50.92 56.48 -9.27
N ARG A 186 51.80 56.39 -8.29
CA ARG A 186 51.36 56.44 -6.91
C ARG A 186 51.18 57.86 -6.40
N GLU A 187 51.93 58.82 -6.95
CA GLU A 187 51.75 60.21 -6.57
C GLU A 187 50.72 60.89 -7.47
N THR A 188 50.81 60.67 -8.77
CA THR A 188 49.83 61.14 -9.74
C THR A 188 49.24 59.93 -10.45
N GLY A 189 47.92 59.89 -10.60
CA GLY A 189 47.29 58.69 -11.11
C GLY A 189 47.55 58.44 -12.58
N GLU A 190 48.81 58.36 -12.97
CA GLU A 190 49.18 58.16 -14.36
C GLU A 190 50.58 57.56 -14.41
N ALA A 191 50.87 56.87 -15.50
CA ALA A 191 52.14 56.12 -15.59
C ALA A 191 52.62 56.15 -17.04
N GLY A 192 53.51 57.09 -17.35
CA GLY A 192 54.16 57.10 -18.65
C GLY A 192 55.36 56.18 -18.68
N HIS A 193 55.58 55.58 -19.84
CA HIS A 193 56.53 54.48 -19.96
C HIS A 193 57.98 54.92 -20.12
N PHE A 194 58.21 56.09 -20.67
CA PHE A 194 59.58 56.46 -21.02
C PHE A 194 60.30 57.49 -20.18
N GLY A 195 60.39 57.22 -18.90
CA GLY A 195 61.12 58.12 -18.02
C GLY A 195 60.35 59.33 -17.56
N ALA A 196 59.18 59.59 -18.15
CA ALA A 196 58.35 60.71 -17.74
C ALA A 196 56.94 60.22 -17.46
N ALA A 197 56.24 60.95 -16.60
CA ALA A 197 54.89 60.55 -16.24
C ALA A 197 53.92 60.73 -17.41
N ARG A 198 54.25 61.62 -18.34
CA ARG A 198 53.28 61.99 -19.37
C ARG A 198 53.80 61.85 -20.79
N PHE A 199 55.08 62.06 -21.01
CA PHE A 199 55.69 61.86 -22.33
C PHE A 199 55.02 62.54 -23.53
N ASP A 200 55.10 63.86 -23.58
CA ASP A 200 54.57 64.61 -24.70
C ASP A 200 55.70 65.44 -25.27
N PRO A 201 56.71 64.79 -25.86
CA PRO A 201 57.86 65.53 -26.40
C PRO A 201 57.45 66.58 -27.42
N LEU A 202 56.50 66.24 -28.29
CA LEU A 202 55.83 67.19 -29.15
C LEU A 202 54.41 67.32 -28.63
N ASP A 203 54.05 68.50 -28.15
CA ASP A 203 52.76 68.66 -27.47
C ASP A 203 51.63 68.52 -28.48
N LEU A 204 51.04 67.32 -28.55
CA LEU A 204 49.98 67.05 -29.49
C LEU A 204 48.76 66.42 -28.84
N THR A 205 48.72 66.33 -27.51
CA THR A 205 47.60 65.68 -26.84
C THR A 205 46.30 66.44 -26.99
N GLU A 206 46.35 67.71 -27.39
CA GLU A 206 45.16 68.52 -27.59
C GLU A 206 45.29 69.35 -28.86
N ALA A 207 45.97 68.81 -29.86
CA ALA A 207 46.32 69.54 -31.07
C ALA A 207 45.75 68.86 -32.29
N ASN A 208 44.48 68.47 -32.22
CA ASN A 208 43.80 67.85 -33.33
C ASN A 208 42.66 68.75 -33.77
N PRO A 209 42.56 69.13 -35.03
CA PRO A 209 41.57 70.11 -35.47
C PRO A 209 40.17 69.54 -35.66
N LEU A 210 39.75 68.67 -34.74
CA LEU A 210 38.36 68.22 -34.71
C LEU A 210 37.82 68.11 -33.29
N GLY A 211 38.55 68.59 -32.29
CA GLY A 211 38.07 68.52 -30.92
C GLY A 211 39.23 68.60 -29.95
N THR A 212 38.87 68.76 -28.68
CA THR A 212 39.88 68.82 -27.64
C THR A 212 40.42 67.43 -27.31
N ASP A 213 39.56 66.55 -26.81
CA ASP A 213 39.92 65.19 -26.45
C ASP A 213 39.63 64.19 -27.57
N TYR A 214 40.25 64.40 -28.72
CA TYR A 214 40.11 63.52 -29.87
C TYR A 214 41.19 62.46 -29.93
N ASN A 215 42.44 62.84 -29.63
CA ASN A 215 43.54 61.89 -29.66
C ASN A 215 43.35 60.79 -28.62
N ARG A 216 42.84 61.16 -27.44
CA ARG A 216 42.63 60.19 -26.38
C ARG A 216 41.63 59.12 -26.79
N GLN A 217 40.56 59.52 -27.48
CA GLN A 217 39.59 58.57 -27.96
C GLN A 217 40.07 57.79 -29.17
N ALA A 218 40.97 58.35 -29.98
CA ALA A 218 41.48 57.64 -31.14
C ALA A 218 42.51 56.58 -30.77
N GLU A 219 43.32 56.85 -29.76
CA GLU A 219 44.37 55.93 -29.36
C GLU A 219 43.90 54.65 -28.70
N VAL A 220 42.83 54.73 -27.93
CA VAL A 220 42.32 53.60 -27.18
C VAL A 220 41.52 52.72 -28.12
N ARG A 221 41.18 53.24 -29.30
CA ARG A 221 40.44 52.49 -30.30
C ARG A 221 41.32 51.86 -31.34
N ASN A 222 42.42 52.50 -31.67
CA ASN A 222 43.36 51.89 -32.59
C ASN A 222 44.03 50.74 -31.86
N CYS A 223 44.41 50.94 -30.61
CA CYS A 223 45.01 49.87 -29.82
C CYS A 223 44.06 48.71 -29.62
N ARG A 224 42.79 48.99 -29.38
CA ARG A 224 41.77 47.98 -29.23
C ARG A 224 41.56 47.17 -30.49
N LEU A 225 41.60 47.79 -31.66
CA LEU A 225 41.53 47.07 -32.92
C LEU A 225 42.78 46.23 -33.19
N ALA A 226 43.96 46.76 -32.89
CA ALA A 226 45.19 46.03 -33.12
C ALA A 226 45.33 44.78 -32.26
N MET A 227 44.79 44.78 -31.04
CA MET A 227 44.89 43.59 -30.20
C MET A 227 44.21 42.39 -30.83
N LEU A 228 42.95 42.53 -31.23
CA LEU A 228 42.29 41.38 -31.83
C LEU A 228 42.73 41.17 -33.27
N THR A 229 43.30 42.19 -33.91
CA THR A 229 44.02 41.95 -35.15
C THR A 229 45.13 40.93 -34.94
N PHE A 230 45.97 41.13 -33.92
CA PHE A 230 47.06 40.20 -33.66
C PHE A 230 46.59 38.86 -33.16
N LEU A 231 45.52 38.82 -32.38
CA LEU A 231 44.93 37.54 -32.03
C LEU A 231 44.49 36.79 -33.29
N GLY A 232 43.97 37.52 -34.28
CA GLY A 232 43.64 36.90 -35.55
C GLY A 232 44.84 36.35 -36.27
N PHE A 233 45.96 37.06 -36.24
CA PHE A 233 47.18 36.55 -36.88
C PHE A 233 47.63 35.29 -36.18
N SER A 234 47.59 35.26 -34.86
CA SER A 234 48.08 34.10 -34.12
C SER A 234 47.20 32.89 -34.32
N VAL A 235 45.88 33.08 -34.40
CA VAL A 235 45.01 31.91 -34.57
C VAL A 235 44.95 31.48 -36.03
N GLN A 236 45.16 32.42 -36.95
CA GLN A 236 45.16 32.10 -38.36
C GLN A 236 46.38 31.27 -38.72
N ALA A 237 47.53 31.62 -38.15
CA ALA A 237 48.75 30.87 -38.44
C ALA A 237 48.71 29.45 -37.94
N TRP A 238 47.82 29.11 -37.01
CA TRP A 238 47.75 27.77 -36.44
C TRP A 238 46.71 26.89 -37.09
N VAL A 239 45.71 27.47 -37.74
CA VAL A 239 44.68 26.69 -38.42
C VAL A 239 44.98 26.51 -39.91
N THR A 240 45.46 27.54 -40.59
CA THR A 240 45.70 27.49 -42.03
C THR A 240 47.11 27.05 -42.38
N GLY A 241 48.10 27.45 -41.59
CA GLY A 241 49.49 27.20 -41.90
C GLY A 241 50.14 28.23 -42.80
N LYS A 242 49.35 29.08 -43.44
CA LYS A 242 49.88 30.09 -44.36
C LYS A 242 50.22 31.35 -43.59
N GLY A 243 50.42 32.45 -44.30
CA GLY A 243 50.68 33.72 -43.68
C GLY A 243 49.48 34.64 -43.72
N PRO A 244 49.65 35.86 -43.21
CA PRO A 244 48.55 36.83 -43.24
C PRO A 244 48.08 37.19 -44.64
N ILE A 245 49.00 37.65 -45.49
CA ILE A 245 48.60 38.09 -46.83
C ILE A 245 48.13 36.92 -47.66
N GLU A 246 48.75 35.76 -47.47
CA GLU A 246 48.39 34.55 -48.20
C GLU A 246 47.01 34.04 -47.84
N ASN A 247 46.42 34.53 -46.75
CA ASN A 247 45.03 34.21 -46.42
C ASN A 247 44.07 35.22 -47.00
N ALA A 248 44.41 36.51 -46.94
CA ALA A 248 43.56 37.53 -47.54
C ALA A 248 43.42 37.31 -49.04
N LYS A 249 44.52 37.04 -49.73
CA LYS A 249 44.45 36.82 -51.17
C LYS A 249 43.68 35.55 -51.50
N ASP A 250 43.85 34.49 -50.71
CA ASP A 250 43.07 33.27 -50.94
C ASP A 250 41.58 33.53 -50.75
N HIS A 251 41.20 34.35 -49.79
CA HIS A 251 39.79 34.64 -49.59
C HIS A 251 39.24 35.52 -50.71
N LEU A 252 40.04 36.47 -51.18
CA LEU A 252 39.54 37.38 -52.20
C LEU A 252 39.47 36.69 -53.56
N ALA A 253 40.31 35.68 -53.78
CA ALA A 253 40.28 34.94 -55.03
C ALA A 253 38.94 34.25 -55.22
N SER A 254 38.51 33.46 -54.23
CA SER A 254 37.28 32.68 -54.32
C SER A 254 36.69 32.53 -52.94
N PRO A 255 35.82 33.46 -52.55
CA PRO A 255 35.38 33.50 -51.14
C PRO A 255 34.25 32.53 -50.81
N PHE A 256 34.35 31.28 -51.22
CA PHE A 256 33.41 30.29 -50.72
C PHE A 256 34.02 28.95 -50.38
N GLU A 257 35.30 28.72 -50.68
CA GLU A 257 36.04 27.58 -50.17
C GLU A 257 37.29 27.97 -49.40
N ALA A 258 37.79 29.18 -49.58
CA ALA A 258 38.92 29.68 -48.80
C ALA A 258 38.42 30.48 -47.60
N ASN A 259 37.63 29.80 -46.76
CA ASN A 259 37.11 30.38 -45.54
C ASN A 259 37.46 29.48 -44.37
N ILE A 260 36.94 29.82 -43.19
CA ILE A 260 37.29 29.07 -41.98
C ILE A 260 36.66 27.68 -42.00
N PHE A 261 35.46 27.54 -42.53
CA PHE A 261 34.74 26.27 -42.48
C PHE A 261 35.25 25.16 -43.38
N THR A 262 36.34 25.40 -44.09
CA THR A 262 36.83 24.42 -45.05
C THR A 262 38.25 23.94 -44.78
N TYR A 263 38.77 24.17 -43.58
CA TYR A 263 40.15 23.78 -43.28
C TYR A 263 40.29 22.54 -42.42
N GLY A 264 39.19 21.85 -42.15
CA GLY A 264 39.26 20.63 -41.38
C GLY A 264 38.69 20.71 -39.98
N ASP A 265 39.37 20.06 -39.03
CA ASP A 265 38.86 19.95 -37.67
C ASP A 265 39.22 21.17 -36.83
N ARG A 266 40.37 21.78 -37.10
CA ARG A 266 40.76 22.96 -36.34
C ARG A 266 39.80 24.13 -36.60
N GLY A 267 39.45 24.35 -37.86
CA GLY A 267 38.51 25.40 -38.18
C GLY A 267 37.14 25.21 -37.58
N THR A 268 36.80 23.96 -37.24
CA THR A 268 35.56 23.67 -36.54
C THR A 268 35.72 23.83 -35.03
N ASN A 269 36.87 23.44 -34.48
CA ASN A 269 37.10 23.62 -33.06
C ASN A 269 37.11 25.08 -32.67
N VAL A 270 37.74 25.93 -33.49
CA VAL A 270 37.77 27.35 -33.18
C VAL A 270 36.37 27.94 -33.24
N VAL A 271 35.59 27.56 -34.25
CA VAL A 271 34.22 28.06 -34.35
C VAL A 271 33.40 27.62 -33.15
N ALA A 272 33.57 26.36 -32.72
CA ALA A 272 32.85 25.87 -31.56
C ALA A 272 33.22 26.64 -30.30
N ILE A 273 34.51 26.89 -30.09
CA ILE A 273 34.94 27.63 -28.90
C ILE A 273 34.39 29.05 -28.93
N PHE A 274 34.50 29.70 -30.08
CA PHE A 274 34.01 31.07 -30.26
C PHE A 274 32.52 31.17 -30.00
N SER A 275 31.75 30.23 -30.55
CA SER A 275 30.30 30.21 -30.35
C SER A 275 29.92 29.89 -28.91
N ALA A 276 30.69 29.07 -28.21
CA ALA A 276 30.39 28.78 -26.81
C ALA A 276 30.74 29.94 -25.90
N PHE A 277 31.82 30.67 -26.20
CA PHE A 277 32.16 31.82 -25.37
C PHE A 277 31.25 33.00 -25.65
N ALA A 278 30.77 33.14 -26.88
CA ALA A 278 29.85 34.21 -27.22
C ALA A 278 28.45 34.01 -26.67
N ALA A 279 28.08 32.78 -26.36
CA ALA A 279 26.76 32.50 -25.79
C ALA A 279 26.75 32.58 -24.27
N VAL A 280 27.90 32.74 -23.63
CA VAL A 280 27.98 32.86 -22.19
C VAL A 280 27.96 34.32 -21.76
N MET A 281 28.63 35.20 -22.50
CA MET A 281 28.67 36.60 -22.11
C MET A 281 27.43 37.36 -22.51
N HIS A 282 26.54 36.78 -23.31
CA HIS A 282 25.22 37.36 -23.51
C HIS A 282 24.22 36.90 -22.47
N ILE A 283 24.27 35.64 -22.07
CA ILE A 283 23.45 35.18 -20.96
C ILE A 283 23.85 35.91 -19.67
N ALA A 284 25.14 36.12 -19.47
CA ALA A 284 25.59 36.86 -18.30
C ALA A 284 25.07 38.29 -18.31
N GLU A 285 25.07 38.94 -19.47
CA GLU A 285 24.55 40.30 -19.55
C GLU A 285 23.05 40.34 -19.29
N LEU A 286 22.31 39.38 -19.86
CA LEU A 286 20.87 39.32 -19.62
C LEU A 286 20.55 39.09 -18.15
N ALA A 287 21.30 38.20 -17.51
CA ALA A 287 21.13 37.98 -16.08
C ALA A 287 21.50 39.19 -15.26
N ARG A 288 22.55 39.92 -15.68
CA ARG A 288 22.93 41.14 -14.98
C ARG A 288 21.83 42.19 -15.03
N GLU A 289 21.19 42.35 -16.19
CA GLU A 289 20.17 43.40 -16.29
C GLU A 289 19.01 43.18 -15.35
N LYS A 290 18.85 41.98 -14.82
CA LYS A 290 17.87 41.70 -13.77
C LYS A 290 18.53 41.75 -12.40
N LYS A 291 19.53 42.62 -12.28
CA LYS A 291 20.40 42.70 -11.10
C LYS A 291 20.92 41.34 -10.67
N PRO B 51 63.14 43.00 19.71
CA PRO B 51 64.01 42.34 18.72
C PRO B 51 64.32 43.26 17.55
N THR B 52 65.41 43.00 16.85
CA THR B 52 65.73 43.71 15.61
C THR B 52 65.37 42.88 14.39
N THR B 53 64.76 41.72 14.57
CA THR B 53 64.27 40.96 13.43
C THR B 53 62.90 41.42 12.98
N MET B 54 62.22 42.24 13.78
CA MET B 54 60.94 42.80 13.39
C MET B 54 61.15 44.15 12.71
N LEU B 55 60.12 44.59 12.00
CA LEU B 55 60.24 45.78 11.16
C LEU B 55 60.21 47.03 12.04
N GLU B 56 60.35 48.18 11.40
CA GLU B 56 60.19 49.46 12.08
C GLU B 56 59.11 50.35 11.48
N GLU B 57 58.65 50.01 10.29
CA GLU B 57 57.69 50.85 9.59
C GLU B 57 56.31 50.30 9.33
N ARG B 58 56.14 48.98 9.44
CA ARG B 58 54.85 48.30 9.26
C ARG B 58 54.26 48.60 7.88
N ASP B 59 54.93 48.05 6.87
CA ASP B 59 54.56 48.27 5.48
C ASP B 59 54.43 46.97 4.71
N ASN B 60 53.70 47.04 3.59
CA ASN B 60 53.48 45.93 2.67
C ASN B 60 54.04 46.34 1.32
N LEU B 61 54.89 45.51 0.74
CA LEU B 61 55.50 45.84 -0.53
C LEU B 61 54.61 45.41 -1.68
N TRP B 62 54.65 46.19 -2.78
CA TRP B 62 53.82 45.91 -3.94
C TRP B 62 54.63 45.06 -4.92
N GLU B 63 54.20 43.81 -5.01
CA GLU B 63 54.78 42.79 -5.87
C GLU B 63 53.85 42.39 -7.01
N ILE B 64 54.06 41.22 -7.61
CA ILE B 64 53.54 40.79 -8.91
C ILE B 64 52.13 41.28 -9.17
N GLY B 65 51.21 41.06 -8.24
CA GLY B 65 49.84 41.51 -8.48
C GLY B 65 49.37 42.67 -7.62
N GLY B 66 49.77 42.65 -6.35
CA GLY B 66 49.37 43.65 -5.40
C GLY B 66 50.16 43.49 -4.12
N PRO B 67 49.78 44.18 -3.05
CA PRO B 67 50.47 43.97 -1.79
C PRO B 67 49.90 42.83 -0.96
N TYR B 68 49.46 41.77 -1.63
CA TYR B 68 48.80 40.59 -1.08
C TYR B 68 48.78 39.55 -2.17
N TRP B 69 48.89 38.29 -1.79
CA TRP B 69 48.58 37.26 -2.76
C TRP B 69 47.08 37.31 -3.00
N TRP B 70 46.59 36.56 -3.99
CA TRP B 70 45.16 36.57 -4.27
C TRP B 70 44.69 37.99 -4.57
N PRO B 71 45.01 38.52 -5.75
CA PRO B 71 44.90 39.96 -6.01
C PRO B 71 43.53 40.42 -6.48
N PHE B 72 42.49 40.03 -5.75
CA PHE B 72 41.12 40.41 -6.07
C PHE B 72 40.58 41.35 -5.01
N SER B 73 39.38 41.87 -5.21
CA SER B 73 38.80 42.85 -4.31
C SER B 73 38.09 42.23 -3.12
N SER B 74 37.80 40.93 -3.17
CA SER B 74 37.15 40.24 -2.06
C SER B 74 38.20 39.52 -1.22
N PHE B 75 39.08 40.31 -0.60
CA PHE B 75 40.15 39.73 0.19
C PHE B 75 40.48 40.66 1.34
N THR B 76 40.44 40.11 2.55
CA THR B 76 40.84 40.79 3.77
C THR B 76 41.95 39.96 4.40
N PRO B 77 43.08 40.58 4.78
CA PRO B 77 44.20 39.78 5.26
C PRO B 77 43.86 39.12 6.58
N PRO B 78 44.54 38.02 6.93
CA PRO B 78 44.29 37.36 8.20
C PRO B 78 44.51 38.29 9.37
N ALA B 79 43.78 38.04 10.45
CA ALA B 79 43.80 38.96 11.58
C ALA B 79 45.17 39.01 12.26
N HIS B 80 45.92 37.91 12.22
CA HIS B 80 47.17 37.86 12.96
C HIS B 80 48.36 38.37 12.15
N LEU B 81 48.16 38.63 10.85
CA LEU B 81 49.20 39.16 9.97
C LEU B 81 48.84 40.60 9.65
N ASP B 82 49.59 41.55 10.19
CA ASP B 82 49.24 42.95 10.12
C ASP B 82 50.33 43.83 9.57
N GLY B 83 51.43 43.27 9.11
CA GLY B 83 52.49 44.02 8.52
C GLY B 83 53.70 44.26 9.40
N SER B 84 53.83 43.58 10.52
CA SER B 84 54.89 43.83 11.47
C SER B 84 56.17 43.05 11.18
N LEU B 85 56.11 42.00 10.37
CA LEU B 85 57.28 41.19 10.10
C LEU B 85 57.72 41.33 8.65
N PRO B 86 59.00 41.13 8.36
CA PRO B 86 59.47 41.21 6.98
C PRO B 86 58.81 40.17 6.10
N GLY B 87 58.56 40.55 4.85
CA GLY B 87 58.01 39.64 3.86
C GLY B 87 56.54 39.38 3.94
N ASP B 88 55.78 40.26 4.60
CA ASP B 88 54.37 40.01 4.82
C ASP B 88 53.58 40.15 3.52
N ARG B 89 52.66 39.22 3.30
CA ARG B 89 51.73 39.25 2.19
C ARG B 89 50.35 38.72 2.57
N GLY B 90 50.11 38.45 3.84
CA GLY B 90 48.87 37.81 4.23
C GLY B 90 48.66 36.44 3.64
N PHE B 91 49.69 35.61 3.56
CA PHE B 91 49.53 34.28 3.01
C PHE B 91 49.37 33.27 4.14
N ASP B 92 48.15 32.77 4.31
CA ASP B 92 47.82 31.80 5.34
C ASP B 92 46.51 31.08 5.04
N PRO B 93 46.41 30.27 4.00
CA PRO B 93 45.17 29.55 3.77
C PRO B 93 44.80 28.61 4.90
N PHE B 94 45.70 27.69 5.27
CA PHE B 94 45.53 26.93 6.50
C PHE B 94 46.14 27.72 7.65
N SER B 95 45.35 28.07 8.65
CA SER B 95 45.80 29.00 9.67
C SER B 95 46.80 28.33 10.60
N LEU B 96 48.04 28.23 10.13
CA LEU B 96 49.10 27.61 10.89
C LEU B 96 49.87 28.59 11.75
N GLY B 97 49.48 29.87 11.76
CA GLY B 97 50.19 30.85 12.54
C GLY B 97 49.59 31.07 13.91
N THR B 98 48.38 30.56 14.11
CA THR B 98 47.75 30.56 15.42
C THR B 98 47.84 29.22 16.14
N SER B 99 48.27 28.17 15.45
CA SER B 99 48.52 26.87 16.05
C SER B 99 49.94 26.49 15.63
N TRP B 100 50.29 25.21 15.77
CA TRP B 100 51.51 24.67 15.19
C TRP B 100 52.76 25.31 15.80
N GLY B 101 52.98 25.03 17.06
CA GLY B 101 54.25 25.36 17.69
C GLY B 101 54.06 25.84 19.10
N GLN B 102 55.14 25.77 19.87
CA GLN B 102 55.17 26.30 21.24
C GLN B 102 56.51 26.98 21.46
N PRO B 103 56.53 28.31 21.49
CA PRO B 103 57.80 29.01 21.63
C PRO B 103 58.43 28.75 22.99
N PRO B 104 59.75 28.77 23.07
CA PRO B 104 60.42 28.63 24.38
C PRO B 104 60.40 29.93 25.18
N VAL B 105 59.21 30.32 25.63
CA VAL B 105 59.04 31.50 26.46
C VAL B 105 58.29 31.11 27.72
N ASP B 106 58.35 31.97 28.71
CA ASP B 106 57.63 31.72 29.94
C ASP B 106 56.16 31.71 29.55
N VAL B 107 55.43 30.70 29.98
CA VAL B 107 54.01 30.59 29.66
C VAL B 107 53.21 31.59 30.50
N SER B 108 52.01 31.92 30.02
CA SER B 108 51.09 32.86 30.65
C SER B 108 51.64 34.28 30.68
N ASP B 109 52.62 34.58 29.86
CA ASP B 109 53.11 35.94 29.82
C ASP B 109 52.31 36.59 28.69
N PRO B 110 51.91 37.86 28.88
CA PRO B 110 51.15 38.58 27.86
C PRO B 110 51.96 38.77 26.58
N ASN B 111 51.25 38.79 25.46
CA ASN B 111 51.83 38.76 24.13
C ASN B 111 52.53 37.42 23.89
N TYR B 112 51.78 36.35 24.11
CA TYR B 112 52.22 34.99 23.84
C TYR B 112 51.83 34.53 22.44
N ASP B 113 50.71 35.00 21.92
CA ASP B 113 50.32 34.61 20.57
C ASP B 113 51.20 35.25 19.50
N GLU B 114 51.82 36.38 19.81
CA GLU B 114 52.78 36.97 18.88
C GLU B 114 54.13 36.27 18.93
N SER B 115 54.55 35.79 20.09
CA SER B 115 55.80 35.05 20.21
C SER B 115 55.83 33.81 19.35
N ARG B 116 54.68 33.19 19.11
CA ARG B 116 54.65 32.04 18.22
C ARG B 116 54.94 32.41 16.78
N LEU B 117 54.47 33.56 16.30
CA LEU B 117 54.85 33.97 14.95
C LEU B 117 56.32 34.29 14.85
N ARG B 118 56.90 34.85 15.91
CA ARG B 118 58.34 35.11 15.91
C ARG B 118 59.13 33.82 15.92
N TRP B 119 58.68 32.80 16.65
CA TRP B 119 59.34 31.50 16.60
C TRP B 119 59.25 30.89 15.20
N LEU B 120 58.08 30.96 14.56
CA LEU B 120 57.97 30.43 13.21
C LEU B 120 58.81 31.23 12.21
N LEU B 121 58.95 32.54 12.41
CA LEU B 121 59.81 33.33 11.54
C LEU B 121 61.27 32.96 11.74
N GLU B 122 61.66 32.70 12.97
CA GLU B 122 63.01 32.19 13.25
C GLU B 122 63.24 30.89 12.51
N GLY B 123 62.24 29.99 12.51
CA GLY B 123 62.36 28.73 11.79
C GLY B 123 62.47 28.91 10.30
N GLU B 124 61.70 29.86 9.75
CA GLU B 124 61.73 30.14 8.32
C GLU B 124 63.09 30.68 7.89
N LEU B 125 63.63 31.62 8.65
CA LEU B 125 64.94 32.16 8.35
C LEU B 125 66.02 31.10 8.48
N TYR B 126 65.92 30.26 9.50
CA TYR B 126 66.91 29.22 9.69
C TYR B 126 66.89 28.22 8.55
N ASN B 127 65.71 27.84 8.08
CA ASN B 127 65.63 26.88 6.99
C ASN B 127 66.10 27.50 5.68
N GLY B 128 65.87 28.80 5.50
CA GLY B 128 66.30 29.44 4.27
C GLY B 128 67.80 29.66 4.22
N ARG B 129 68.41 29.95 5.36
CA ARG B 129 69.84 30.20 5.40
C ARG B 129 70.66 28.96 5.05
N LEU B 130 70.11 27.77 5.26
CA LEU B 130 70.79 26.55 4.83
C LEU B 130 70.57 26.26 3.36
N ALA B 131 69.37 26.55 2.85
CA ALA B 131 69.10 26.32 1.45
C ALA B 131 69.92 27.26 0.57
N MET B 132 70.12 28.50 1.01
CA MET B 132 70.93 29.41 0.22
C MET B 132 72.38 28.97 0.15
N LEU B 133 72.88 28.30 1.19
CA LEU B 133 74.23 27.76 1.12
C LEU B 133 74.27 26.49 0.29
N ALA B 134 73.24 25.66 0.39
CA ALA B 134 73.24 24.40 -0.35
C ALA B 134 73.12 24.63 -1.85
N VAL B 135 72.36 25.64 -2.26
CA VAL B 135 72.24 25.94 -3.69
C VAL B 135 73.59 26.33 -4.27
N VAL B 136 74.31 27.22 -3.57
CA VAL B 136 75.64 27.61 -4.01
C VAL B 136 76.57 26.42 -4.02
N GLY B 137 76.51 25.59 -2.98
CA GLY B 137 77.41 24.44 -2.89
C GLY B 137 77.14 23.35 -3.90
N VAL B 138 75.91 23.24 -4.39
CA VAL B 138 75.63 22.27 -5.43
C VAL B 138 75.90 22.83 -6.81
N LEU B 139 75.73 24.15 -7.01
CA LEU B 139 76.04 24.72 -8.31
C LEU B 139 77.55 24.84 -8.52
N THR B 140 78.33 25.08 -7.46
CA THR B 140 79.76 25.23 -7.62
C THR B 140 80.49 23.91 -7.68
N VAL B 141 79.77 22.79 -7.58
CA VAL B 141 80.36 21.47 -7.66
C VAL B 141 79.82 20.70 -8.87
N GLU B 142 78.50 20.64 -9.01
CA GLU B 142 77.93 19.89 -10.13
C GLU B 142 78.26 20.54 -11.45
N ALA B 143 78.45 21.86 -11.45
CA ALA B 143 78.75 22.60 -12.67
C ALA B 143 80.24 22.92 -12.80
N GLN B 144 81.10 22.23 -12.06
CA GLN B 144 82.53 22.42 -12.19
C GLN B 144 83.24 21.18 -12.71
N GLY B 145 83.19 20.08 -11.97
CA GLY B 145 83.78 18.85 -12.50
C GLY B 145 83.07 17.56 -12.19
N LYS B 146 82.15 17.58 -11.23
CA LYS B 146 81.76 16.35 -10.55
C LYS B 146 80.42 15.83 -11.07
N GLY B 147 80.19 14.55 -10.80
CA GLY B 147 79.02 13.87 -11.31
C GLY B 147 77.77 14.29 -10.60
N PRO B 148 76.79 13.39 -10.53
CA PRO B 148 75.55 13.70 -9.81
C PRO B 148 75.84 14.08 -8.36
N TRP B 149 75.22 15.18 -7.92
CA TRP B 149 75.45 15.68 -6.57
C TRP B 149 74.81 14.80 -5.51
N TRP B 150 73.90 13.90 -5.90
CA TRP B 150 73.24 13.03 -4.96
C TRP B 150 73.94 11.69 -4.81
N GLU B 151 75.17 11.58 -5.29
CA GLU B 151 75.98 10.39 -5.09
C GLU B 151 77.31 10.72 -4.43
N ILE B 152 77.61 11.99 -4.19
CA ILE B 152 78.85 12.36 -3.51
C ILE B 152 78.95 11.79 -2.10
N PRO B 153 77.93 11.94 -1.23
CA PRO B 153 78.06 11.37 0.13
C PRO B 153 78.24 9.86 0.13
N GLY B 154 77.66 9.16 -0.84
CA GLY B 154 77.82 7.72 -0.90
C GLY B 154 79.14 7.25 -1.47
N ASN B 155 80.02 8.17 -1.87
CA ASN B 155 81.32 7.83 -2.42
C ASN B 155 82.45 8.35 -1.53
N LEU B 156 82.16 8.58 -0.25
CA LEU B 156 83.19 8.91 0.73
C LEU B 156 83.70 7.69 1.46
N ASN B 157 82.95 6.59 1.45
CA ASN B 157 83.28 5.36 2.18
C ASN B 157 83.56 5.67 3.64
N LEU B 158 82.52 6.15 4.33
CA LEU B 158 82.61 6.49 5.74
C LEU B 158 81.96 5.36 6.53
N PHE B 159 82.78 4.60 7.24
CA PHE B 159 82.28 3.51 8.07
C PHE B 159 83.25 3.28 9.23
N GLY B 160 82.74 2.65 10.27
CA GLY B 160 83.55 2.37 11.44
C GLY B 160 83.79 3.57 12.32
N THR B 161 84.96 3.62 12.95
CA THR B 161 85.32 4.66 13.90
C THR B 161 85.27 6.09 13.37
N PRO B 162 85.77 6.38 12.15
CA PRO B 162 85.71 7.78 11.69
C PRO B 162 84.30 8.33 11.63
N TYR B 163 83.33 7.51 11.22
CA TYR B 163 81.94 7.94 11.20
C TYR B 163 81.48 8.32 12.60
N VAL B 164 81.79 7.46 13.58
CA VAL B 164 81.32 7.71 14.94
C VAL B 164 81.94 8.98 15.51
N VAL B 165 83.25 9.17 15.32
CA VAL B 165 83.90 10.33 15.91
C VAL B 165 83.40 11.61 15.23
N ALA B 166 83.21 11.57 13.90
CA ALA B 166 82.71 12.74 13.20
C ALA B 166 81.31 13.10 13.68
N VAL B 167 80.43 12.11 13.79
CA VAL B 167 79.06 12.37 14.25
C VAL B 167 79.07 12.97 15.65
N VAL B 168 79.84 12.37 16.56
CA VAL B 168 79.84 12.82 17.94
C VAL B 168 80.39 14.24 18.04
N GLY B 169 81.49 14.54 17.34
CA GLY B 169 82.04 15.89 17.41
C GLY B 169 81.12 16.94 16.82
N GLY B 170 80.54 16.65 15.65
CA GLY B 170 79.61 17.59 15.06
C GLY B 170 78.42 17.86 15.97
N HIS B 171 77.88 16.81 16.58
CA HIS B 171 76.75 17.00 17.48
C HIS B 171 77.16 17.78 18.73
N LEU B 172 78.35 17.55 19.27
CA LEU B 172 78.81 18.36 20.39
C LEU B 172 78.80 19.83 20.03
N ALA B 173 79.39 20.18 18.89
CA ALA B 173 79.42 21.59 18.50
C ALA B 173 78.02 22.15 18.30
N PHE B 174 77.16 21.41 17.59
CA PHE B 174 75.83 21.93 17.31
C PHE B 174 74.98 22.04 18.57
N ALA B 175 75.11 21.09 19.50
CA ALA B 175 74.40 21.20 20.75
C ALA B 175 74.87 22.39 21.56
N LEU B 176 76.16 22.67 21.59
CA LEU B 176 76.63 23.87 22.28
C LEU B 176 76.08 25.13 21.66
N LEU B 177 75.96 25.18 20.33
CA LEU B 177 75.42 26.38 19.70
C LEU B 177 73.92 26.52 19.92
N GLU B 178 73.20 25.42 19.73
CA GLU B 178 71.75 25.40 19.90
C GLU B 178 71.32 25.76 21.31
N LYS B 179 72.03 25.25 22.31
CA LYS B 179 71.75 25.62 23.70
C LYS B 179 71.75 27.13 23.85
N LYS B 180 72.75 27.78 23.25
CA LYS B 180 72.85 29.23 23.34
C LYS B 180 71.71 29.91 22.59
N ARG B 181 71.29 29.35 21.46
CA ARG B 181 70.16 29.91 20.72
C ARG B 181 68.87 29.84 21.54
N LEU B 182 68.56 28.68 22.10
CA LEU B 182 67.38 28.54 22.93
C LEU B 182 67.46 29.46 24.13
N GLU B 183 68.65 29.62 24.68
CA GLU B 183 68.86 30.42 25.87
C GLU B 183 68.78 31.91 25.56
N ASN B 184 69.01 32.28 24.29
CA ASN B 184 68.89 33.68 23.88
C ASN B 184 67.45 34.06 23.55
N PHE B 185 66.71 33.18 22.87
CA PHE B 185 65.33 33.50 22.52
C PHE B 185 64.49 33.85 23.73
N ARG B 186 64.83 33.33 24.89
CA ARG B 186 63.89 33.37 26.00
C ARG B 186 63.96 34.68 26.76
N GLU B 187 65.11 35.34 26.78
CA GLU B 187 65.22 36.64 27.42
C GLU B 187 64.90 37.77 26.43
N THR B 188 65.45 37.68 25.23
CA THR B 188 65.14 38.60 24.15
C THR B 188 64.57 37.79 22.99
N GLY B 189 63.49 38.28 22.40
CA GLY B 189 62.80 37.47 21.41
C GLY B 189 63.54 37.33 20.10
N GLU B 190 64.77 36.82 20.16
CA GLU B 190 65.60 36.67 18.98
C GLU B 190 66.65 35.61 19.25
N ALA B 191 67.15 34.99 18.19
CA ALA B 191 68.05 33.85 18.34
C ALA B 191 69.07 33.86 17.21
N GLY B 192 70.24 34.42 17.48
CA GLY B 192 71.33 34.36 16.53
C GLY B 192 72.11 33.06 16.67
N HIS B 193 72.60 32.56 15.55
CA HIS B 193 73.15 31.22 15.48
C HIS B 193 74.58 31.09 15.94
N PHE B 194 75.36 32.15 15.82
CA PHE B 194 76.80 32.02 16.07
C PHE B 194 77.37 32.59 17.34
N GLY B 195 76.84 32.15 18.47
CA GLY B 195 77.37 32.60 19.74
C GLY B 195 76.88 33.94 20.20
N ALA B 196 76.20 34.69 19.34
CA ALA B 196 75.65 35.99 19.72
C ALA B 196 74.17 36.03 19.36
N ALA B 197 73.44 36.85 20.10
CA ALA B 197 72.00 36.95 19.86
C ALA B 197 71.70 37.63 18.52
N ARG B 198 72.64 38.43 18.02
CA ARG B 198 72.33 39.26 16.86
C ARG B 198 73.32 39.11 15.71
N PHE B 199 74.58 38.85 16.01
CA PHE B 199 75.59 38.59 14.97
C PHE B 199 75.72 39.62 13.83
N ASP B 200 76.19 40.81 14.16
CA ASP B 200 76.42 41.83 13.16
C ASP B 200 77.88 42.25 13.25
N PRO B 201 78.80 41.33 12.90
CA PRO B 201 80.23 41.65 12.99
C PRO B 201 80.61 42.89 12.20
N LEU B 202 80.05 43.05 11.01
CA LEU B 202 80.11 44.28 10.24
C LEU B 202 78.71 44.86 10.26
N ASP B 203 78.55 46.03 10.88
CA ASP B 203 77.21 46.57 11.11
C ASP B 203 76.62 46.99 9.77
N LEU B 204 75.78 46.12 9.19
CA LEU B 204 75.16 46.39 7.89
C LEU B 204 73.65 46.19 7.90
N THR B 205 73.06 45.96 9.07
CA THR B 205 71.62 45.70 9.13
C THR B 205 70.80 46.91 8.74
N GLU B 206 71.37 48.10 8.73
CA GLU B 206 70.67 49.32 8.35
C GLU B 206 71.55 50.19 7.46
N ALA B 207 72.39 49.56 6.65
CA ALA B 207 73.42 50.25 5.87
C ALA B 207 73.22 49.98 4.40
N ASN B 208 71.98 50.09 3.94
CA ASN B 208 71.67 49.92 2.53
C ASN B 208 71.13 51.22 1.98
N PRO B 209 71.69 51.76 0.91
CA PRO B 209 71.30 53.09 0.42
C PRO B 209 70.01 53.12 -0.38
N LEU B 210 69.00 52.37 0.08
CA LEU B 210 67.66 52.48 -0.47
C LEU B 210 66.58 52.41 0.60
N GLY B 211 66.94 52.44 1.86
CA GLY B 211 65.95 52.40 2.92
C GLY B 211 66.55 51.91 4.21
N THR B 212 65.78 52.04 5.28
CA THR B 212 66.24 51.58 6.58
C THR B 212 66.15 50.07 6.70
N ASP B 213 64.94 49.52 6.63
CA ASP B 213 64.70 48.09 6.72
C ASP B 213 64.61 47.42 5.35
N TYR B 214 65.68 47.52 4.58
CA TYR B 214 65.77 46.91 3.26
C TYR B 214 66.41 45.53 3.31
N ASN B 215 67.48 45.38 4.10
CA ASN B 215 68.15 44.09 4.21
C ASN B 215 67.23 43.03 4.80
N ARG B 216 66.42 43.41 5.78
CA ARG B 216 65.52 42.47 6.42
C ARG B 216 64.50 41.92 5.42
N GLN B 217 63.99 42.77 4.53
CA GLN B 217 63.06 42.32 3.52
C GLN B 217 63.74 41.57 2.39
N ALA B 218 65.02 41.85 2.12
CA ALA B 218 65.72 41.15 1.05
C ALA B 218 66.14 39.74 1.47
N GLU B 219 66.51 39.56 2.73
CA GLU B 219 66.97 38.27 3.21
C GLU B 219 65.91 37.19 3.31
N VAL B 220 64.70 37.58 3.66
CA VAL B 220 63.61 36.64 3.86
C VAL B 220 63.04 36.24 2.51
N ARG B 221 63.39 36.99 1.47
CA ARG B 221 62.95 36.71 0.12
C ARG B 221 63.95 35.92 -0.69
N ASN B 222 65.23 36.14 -0.43
CA ASN B 222 66.22 35.34 -1.10
C ASN B 222 66.16 33.94 -0.52
N CYS B 223 66.04 33.83 0.80
CA CYS B 223 65.90 32.52 1.43
C CYS B 223 64.66 31.79 0.98
N ARG B 224 63.56 32.50 0.85
CA ARG B 224 62.30 31.93 0.37
C ARG B 224 62.41 31.42 -1.05
N LEU B 225 63.11 32.13 -1.94
CA LEU B 225 63.36 31.63 -3.28
C LEU B 225 64.29 30.43 -3.32
N ALA B 226 65.35 30.44 -2.50
CA ALA B 226 66.28 29.33 -2.48
C ALA B 226 65.67 28.03 -1.99
N MET B 227 64.69 28.08 -1.07
CA MET B 227 64.09 26.85 -0.58
C MET B 227 63.40 26.08 -1.70
N LEU B 228 62.52 26.72 -2.46
CA LEU B 228 61.87 25.99 -3.52
C LEU B 228 62.77 25.81 -4.73
N THR B 229 63.83 26.62 -4.85
CA THR B 229 64.90 26.27 -5.78
C THR B 229 65.45 24.89 -5.48
N PHE B 230 65.82 24.63 -4.22
CA PHE B 230 66.38 23.35 -3.85
C PHE B 230 65.36 22.22 -3.91
N LEU B 231 64.11 22.50 -3.58
CA LEU B 231 63.08 21.50 -3.80
C LEU B 231 62.99 21.12 -5.28
N GLY B 232 63.18 22.12 -6.16
CA GLY B 232 63.22 21.82 -7.59
C GLY B 232 64.39 20.95 -7.97
N PHE B 233 65.56 21.19 -7.38
CA PHE B 233 66.71 20.34 -7.67
C PHE B 233 66.44 18.92 -7.21
N SER B 234 65.85 18.74 -6.03
CA SER B 234 65.63 17.41 -5.50
C SER B 234 64.59 16.65 -6.30
N VAL B 235 63.54 17.33 -6.77
CA VAL B 235 62.51 16.61 -7.53
C VAL B 235 62.93 16.42 -8.99
N GLN B 236 63.77 17.31 -9.49
CA GLN B 236 64.25 17.19 -10.86
C GLN B 236 65.22 16.02 -10.98
N ALA B 237 66.07 15.83 -9.97
CA ALA B 237 67.02 14.72 -10.01
C ALA B 237 66.35 13.36 -9.94
N TRP B 238 65.10 13.28 -9.51
CA TRP B 238 64.41 12.01 -9.36
C TRP B 238 63.51 11.67 -10.53
N VAL B 239 63.09 12.66 -11.31
CA VAL B 239 62.26 12.41 -12.49
C VAL B 239 63.08 12.31 -13.77
N THR B 240 64.08 13.17 -13.95
CA THR B 240 64.86 13.20 -15.18
C THR B 240 66.09 12.31 -15.12
N GLY B 241 66.74 12.21 -13.97
CA GLY B 241 67.99 11.50 -13.84
C GLY B 241 69.22 12.31 -14.16
N LYS B 242 69.06 13.47 -14.80
CA LYS B 242 70.19 14.30 -15.19
C LYS B 242 70.55 15.24 -14.04
N GLY B 243 71.34 16.25 -14.33
CA GLY B 243 71.69 17.25 -13.35
C GLY B 243 70.95 18.55 -13.55
N PRO B 244 71.24 19.54 -12.71
CA PRO B 244 70.59 20.85 -12.87
C PRO B 244 70.88 21.53 -14.20
N ILE B 245 72.15 21.72 -14.54
CA ILE B 245 72.50 22.43 -15.76
C ILE B 245 72.08 21.63 -16.99
N GLU B 246 72.20 20.32 -16.91
CA GLU B 246 71.83 19.42 -17.99
C GLU B 246 70.33 19.43 -18.27
N ASN B 247 69.52 19.98 -17.38
CA ASN B 247 68.10 20.16 -17.63
C ASN B 247 67.80 21.53 -18.22
N ALA B 248 68.46 22.57 -17.72
CA ALA B 248 68.29 23.90 -18.28
C ALA B 248 68.71 23.93 -19.74
N LYS B 249 69.86 23.35 -20.05
CA LYS B 249 70.33 23.36 -21.43
C LYS B 249 69.42 22.52 -22.33
N ASP B 250 68.93 21.39 -21.82
CA ASP B 250 67.99 20.59 -22.62
C ASP B 250 66.70 21.36 -22.89
N HIS B 251 66.23 22.15 -21.94
CA HIS B 251 65.01 22.91 -22.17
C HIS B 251 65.27 24.06 -23.13
N LEU B 252 66.43 24.69 -23.04
CA LEU B 252 66.69 25.84 -23.90
C LEU B 252 66.98 25.41 -25.33
N ALA B 253 67.50 24.19 -25.51
CA ALA B 253 67.76 23.67 -26.83
C ALA B 253 66.48 23.57 -27.65
N SER B 254 65.48 22.89 -27.10
CA SER B 254 64.22 22.64 -27.81
C SER B 254 63.09 22.56 -26.81
N PRO B 255 62.46 23.69 -26.50
CA PRO B 255 61.52 23.72 -25.38
C PRO B 255 60.13 23.21 -25.71
N PHE B 256 60.00 22.08 -26.37
CA PHE B 256 58.69 21.45 -26.50
C PHE B 256 58.68 19.96 -26.34
N GLU B 257 59.84 19.30 -26.23
CA GLU B 257 59.92 17.91 -25.81
C GLU B 257 60.79 17.70 -24.59
N ALA B 258 61.67 18.65 -24.26
CA ALA B 258 62.46 18.60 -23.04
C ALA B 258 61.78 19.37 -21.92
N ASN B 259 60.55 18.94 -21.61
CA ASN B 259 59.77 19.52 -20.54
C ASN B 259 59.32 18.42 -19.59
N ILE B 260 58.49 18.77 -18.62
CA ILE B 260 58.07 17.82 -17.61
C ILE B 260 57.12 16.77 -18.20
N PHE B 261 56.26 17.16 -19.12
CA PHE B 261 55.24 16.26 -19.65
C PHE B 261 55.73 15.15 -20.57
N THR B 262 57.03 15.05 -20.78
CA THR B 262 57.56 14.08 -21.74
C THR B 262 58.51 13.08 -21.14
N TYR B 263 58.54 12.95 -19.82
CA TYR B 263 59.48 12.03 -19.18
C TYR B 263 58.88 10.73 -18.67
N GLY B 264 57.62 10.49 -18.98
CA GLY B 264 57.00 9.24 -18.58
C GLY B 264 55.96 9.36 -17.50
N ASP B 265 55.97 8.40 -16.57
CA ASP B 265 54.93 8.32 -15.55
C ASP B 265 55.26 9.20 -14.35
N ARG B 266 56.55 9.35 -14.03
CA ARG B 266 56.92 10.21 -12.91
C ARG B 266 56.54 11.66 -13.16
N GLY B 267 56.83 12.16 -14.37
CA GLY B 267 56.47 13.52 -14.71
C GLY B 267 54.98 13.77 -14.68
N THR B 268 54.18 12.72 -14.83
CA THR B 268 52.73 12.84 -14.69
C THR B 268 52.29 12.74 -13.23
N ASN B 269 52.94 11.88 -12.44
CA ASN B 269 52.60 11.78 -11.03
C ASN B 269 52.89 13.08 -10.29
N VAL B 270 54.02 13.72 -10.59
CA VAL B 270 54.35 14.98 -9.94
C VAL B 270 53.34 16.05 -10.31
N VAL B 271 52.97 16.12 -11.59
CA VAL B 271 51.98 17.11 -12.03
C VAL B 271 50.65 16.85 -11.33
N ALA B 272 50.25 15.59 -11.21
CA ALA B 272 49.00 15.27 -10.54
C ALA B 272 49.04 15.69 -9.08
N ILE B 273 50.13 15.40 -8.38
CA ILE B 273 50.22 15.77 -6.97
C ILE B 273 50.19 17.29 -6.81
N PHE B 274 50.95 17.98 -7.64
CA PHE B 274 51.01 19.44 -7.62
C PHE B 274 49.66 20.07 -7.87
N SER B 275 48.93 19.57 -8.87
CA SER B 275 47.60 20.06 -9.19
C SER B 275 46.59 19.75 -8.11
N ALA B 276 46.71 18.61 -7.42
CA ALA B 276 45.79 18.29 -6.34
C ALA B 276 46.07 19.11 -5.10
N PHE B 277 47.33 19.40 -4.81
CA PHE B 277 47.63 20.23 -3.63
C PHE B 277 47.32 21.70 -3.89
N ALA B 278 47.44 22.15 -5.14
CA ALA B 278 47.13 23.53 -5.47
C ALA B 278 45.62 23.80 -5.51
N ALA B 279 44.80 22.77 -5.67
CA ALA B 279 43.35 22.94 -5.68
C ALA B 279 42.75 22.84 -4.30
N VAL B 280 43.51 22.47 -3.29
CA VAL B 280 43.03 22.38 -1.93
C VAL B 280 43.27 23.67 -1.16
N MET B 281 44.42 24.31 -1.38
CA MET B 281 44.71 25.54 -0.64
C MET B 281 44.03 26.76 -1.24
N HIS B 282 43.41 26.65 -2.41
CA HIS B 282 42.55 27.71 -2.89
C HIS B 282 41.11 27.54 -2.41
N ILE B 283 40.62 26.30 -2.36
CA ILE B 283 39.32 26.06 -1.75
C ILE B 283 39.34 26.42 -0.28
N ALA B 284 40.44 26.10 0.41
CA ALA B 284 40.56 26.47 1.81
C ALA B 284 40.55 27.98 1.99
N GLU B 285 41.22 28.72 1.12
CA GLU B 285 41.21 30.18 1.22
C GLU B 285 39.82 30.74 0.95
N LEU B 286 39.13 30.21 -0.06
CA LEU B 286 37.78 30.68 -0.36
C LEU B 286 36.83 30.40 0.80
N ALA B 287 36.95 29.21 1.41
CA ALA B 287 36.13 28.90 2.58
C ALA B 287 36.49 29.77 3.77
N ARG B 288 37.77 30.11 3.93
CA ARG B 288 38.18 30.99 5.01
C ARG B 288 37.56 32.37 4.87
N GLU B 289 37.55 32.91 3.65
CA GLU B 289 37.02 34.27 3.47
C GLU B 289 35.56 34.39 3.87
N LYS B 290 34.85 33.28 3.98
CA LYS B 290 33.50 33.27 4.53
C LYS B 290 33.52 32.90 6.00
N LYS B 291 34.58 33.30 6.68
CA LYS B 291 34.86 32.91 8.06
C LYS B 291 34.73 31.41 8.27
N PRO C 51 59.05 13.31 50.58
CA PRO C 51 60.01 12.50 49.82
C PRO C 51 61.04 13.37 49.11
N THR C 52 62.20 12.81 48.78
CA THR C 52 63.19 13.48 47.96
C THR C 52 63.15 13.02 46.51
N THR C 53 62.19 12.15 46.17
CA THR C 53 62.02 11.78 44.77
C THR C 53 61.15 12.77 44.02
N MET C 54 60.48 13.68 44.72
CA MET C 54 59.71 14.73 44.08
C MET C 54 60.58 15.97 43.89
N LEU C 55 60.12 16.85 43.01
CA LEU C 55 60.92 18.00 42.60
C LEU C 55 60.90 19.06 43.70
N GLU C 56 61.62 20.14 43.48
CA GLU C 56 61.59 21.29 44.36
C GLU C 56 61.18 22.59 43.69
N GLU C 57 61.17 22.59 42.37
CA GLU C 57 60.88 23.81 41.63
C GLU C 57 59.63 23.85 40.77
N ARG C 58 59.04 22.69 40.47
CA ARG C 58 57.81 22.58 39.70
C ARG C 58 57.96 23.24 38.33
N ASP C 59 58.78 22.61 37.50
CA ASP C 59 59.11 23.13 36.17
C ASP C 59 58.92 22.07 35.10
N ASN C 60 58.78 22.55 33.86
CA ASN C 60 58.64 21.72 32.67
C ASN C 60 59.79 22.05 31.74
N LEU C 61 60.52 21.03 31.30
CA LEU C 61 61.67 21.26 30.44
C LEU C 61 61.25 21.35 28.98
N TRP C 62 61.96 22.19 28.21
CA TRP C 62 61.65 22.38 26.81
C TRP C 62 62.49 21.42 25.97
N GLU C 63 61.78 20.45 25.41
CA GLU C 63 62.35 19.40 24.58
C GLU C 63 61.89 19.51 23.13
N ILE C 64 61.96 18.44 22.35
CA ILE C 64 61.93 18.39 20.89
C ILE C 64 60.96 19.41 20.30
N GLY C 65 59.72 19.44 20.76
CA GLY C 65 58.78 20.40 20.20
C GLY C 65 58.36 21.52 21.12
N GLY C 66 58.18 21.21 22.39
CA GLY C 66 57.74 22.16 23.38
C GLY C 66 57.85 21.57 24.76
N PRO C 67 57.28 22.21 25.77
CA PRO C 67 57.30 21.59 27.09
C PRO C 67 56.12 20.67 27.35
N TYR C 68 55.70 19.95 26.32
CA TYR C 68 54.56 19.04 26.28
C TYR C 68 54.68 18.23 25.01
N TRP C 69 54.25 16.98 25.07
CA TRP C 69 54.06 16.26 23.83
C TRP C 69 52.88 16.91 23.11
N TRP C 70 52.66 16.52 21.86
CA TRP C 70 51.54 17.11 21.11
C TRP C 70 51.68 18.62 21.06
N PRO C 71 52.59 19.14 20.23
CA PRO C 71 53.04 20.53 20.34
C PRO C 71 52.19 21.52 19.56
N PHE C 72 50.88 21.47 19.76
CA PHE C 72 49.94 22.36 19.11
C PHE C 72 49.33 23.31 20.12
N SER C 73 48.53 24.26 19.66
CA SER C 73 47.96 25.27 20.54
C SER C 73 46.66 24.82 21.21
N SER C 74 46.05 23.74 20.73
CA SER C 74 44.83 23.22 21.33
C SER C 74 45.17 22.06 22.26
N PHE C 75 45.91 22.38 23.31
CA PHE C 75 46.33 21.34 24.25
C PHE C 75 46.42 21.93 25.65
N THR C 76 45.72 21.30 26.58
CA THR C 76 45.77 21.62 28.00
C THR C 76 46.22 20.37 28.73
N PRO C 77 47.22 20.46 29.62
CA PRO C 77 47.75 19.25 30.23
C PRO C 77 46.72 18.60 31.14
N PRO C 78 46.83 17.31 31.39
CA PRO C 78 45.89 16.63 32.28
C PRO C 78 45.88 17.25 33.66
N ALA C 79 44.73 17.17 34.32
CA ALA C 79 44.55 17.87 35.59
C ALA C 79 45.47 17.32 36.67
N HIS C 80 45.81 16.03 36.61
CA HIS C 80 46.56 15.43 37.70
C HIS C 80 48.07 15.55 37.50
N LEU C 81 48.51 16.02 36.32
CA LEU C 81 49.93 16.22 36.03
C LEU C 81 50.18 17.72 35.98
N ASP C 82 50.88 18.23 36.99
CA ASP C 82 51.02 19.67 37.15
C ASP C 82 52.45 20.14 37.26
N GLY C 83 53.42 19.26 37.08
CA GLY C 83 54.81 19.62 37.11
C GLY C 83 55.56 19.29 38.38
N SER C 84 55.00 18.47 39.25
CA SER C 84 55.61 18.19 40.55
C SER C 84 56.59 17.02 40.52
N LEU C 85 56.55 16.18 39.50
CA LEU C 85 57.43 15.02 39.44
C LEU C 85 58.46 15.17 38.32
N PRO C 86 59.62 14.53 38.44
CA PRO C 86 60.60 14.61 37.36
C PRO C 86 60.09 14.00 36.08
N GLY C 87 60.51 14.60 34.96
CA GLY C 87 60.17 14.09 33.65
C GLY C 87 58.80 14.40 33.15
N ASP C 88 58.14 15.41 33.71
CA ASP C 88 56.75 15.69 33.37
C ASP C 88 56.65 16.27 31.96
N ARG C 89 55.67 15.79 31.20
CA ARG C 89 55.34 16.30 29.89
C ARG C 89 53.84 16.29 29.62
N GLY C 90 53.02 15.97 30.61
CA GLY C 90 51.60 15.81 30.38
C GLY C 90 51.25 14.69 29.42
N PHE C 91 51.93 13.56 29.48
CA PHE C 91 51.62 12.46 28.58
C PHE C 91 50.71 11.46 29.28
N ASP C 92 49.44 11.44 28.89
CA ASP C 92 48.45 10.54 29.46
C ASP C 92 47.23 10.41 28.55
N PRO C 93 47.33 9.84 27.36
CA PRO C 93 46.14 9.67 26.54
C PRO C 93 45.07 8.80 27.20
N PHE C 94 45.43 7.59 27.60
CA PHE C 94 44.55 6.79 28.46
C PHE C 94 44.84 7.15 29.90
N SER C 95 43.84 7.64 30.63
CA SER C 95 44.09 8.21 31.95
C SER C 95 44.37 7.10 32.95
N LEU C 96 45.60 6.60 32.92
CA LEU C 96 46.02 5.53 33.82
C LEU C 96 46.62 6.04 35.11
N GLY C 97 46.66 7.36 35.32
CA GLY C 97 47.24 7.90 36.52
C GLY C 97 46.23 8.16 37.61
N THR C 98 44.94 8.12 37.25
CA THR C 98 43.86 8.20 38.21
C THR C 98 43.26 6.85 38.55
N SER C 99 43.58 5.81 37.79
CA SER C 99 43.17 4.45 38.09
C SER C 99 44.45 3.62 38.09
N TRP C 100 44.31 2.29 38.00
CA TRP C 100 45.44 1.40 37.76
C TRP C 100 46.47 1.45 38.90
N GLY C 101 46.05 0.95 40.04
CA GLY C 101 46.98 0.71 41.12
C GLY C 101 46.37 1.04 42.46
N GLN C 102 46.97 0.48 43.51
CA GLN C 102 46.59 0.78 44.89
C GLN C 102 47.85 0.88 45.73
N PRO C 103 48.25 2.08 46.12
CA PRO C 103 49.51 2.23 46.85
C PRO C 103 49.40 1.60 48.22
N PRO C 104 50.52 1.11 48.76
CA PRO C 104 50.52 0.57 50.13
C PRO C 104 50.55 1.67 51.18
N VAL C 105 49.46 2.42 51.29
CA VAL C 105 49.33 3.46 52.29
C VAL C 105 48.04 3.23 53.06
N ASP C 106 47.94 3.88 54.20
CA ASP C 106 46.73 3.77 55.01
C ASP C 106 45.63 4.37 54.15
N VAL C 107 44.52 3.66 54.02
CA VAL C 107 43.39 4.14 53.22
C VAL C 107 42.67 5.26 53.96
N SER C 108 41.92 6.06 53.20
CA SER C 108 41.16 7.20 53.71
C SER C 108 42.04 8.28 54.30
N ASP C 109 43.32 8.29 53.97
CA ASP C 109 44.16 9.36 54.45
C ASP C 109 44.12 10.40 53.33
N PRO C 110 44.08 11.70 53.69
CA PRO C 110 44.07 12.77 52.69
C PRO C 110 45.34 12.78 51.87
N ASN C 111 45.19 13.21 50.62
CA ASN C 111 46.24 13.13 49.61
C ASN C 111 46.54 11.67 49.28
N TYR C 112 45.48 10.94 48.94
CA TYR C 112 45.57 9.56 48.51
C TYR C 112 45.68 9.45 46.99
N ASP C 113 45.07 10.37 46.25
CA ASP C 113 45.16 10.32 44.79
C ASP C 113 46.55 10.70 44.30
N GLU C 114 47.30 11.47 45.08
CA GLU C 114 48.67 11.77 44.73
C GLU C 114 49.62 10.62 45.05
N SER C 115 49.36 9.88 46.11
CA SER C 115 50.16 8.71 46.46
C SER C 115 50.17 7.67 45.37
N ARG C 116 49.10 7.56 44.60
CA ARG C 116 49.10 6.62 43.49
C ARG C 116 50.05 7.03 42.38
N LEU C 117 50.18 8.32 42.09
CA LEU C 117 51.19 8.72 41.10
C LEU C 117 52.60 8.47 41.60
N ARG C 118 52.83 8.64 42.90
CA ARG C 118 54.14 8.33 43.46
C ARG C 118 54.43 6.85 43.40
N TRP C 119 53.44 5.99 43.64
CA TRP C 119 53.63 4.56 43.48
C TRP C 119 53.96 4.20 42.04
N LEU C 120 53.24 4.79 41.08
CA LEU C 120 53.54 4.51 39.67
C LEU C 120 54.92 5.04 39.28
N LEU C 121 55.34 6.17 39.84
CA LEU C 121 56.68 6.68 39.55
C LEU C 121 57.74 5.76 40.14
N GLU C 122 57.49 5.22 41.32
CA GLU C 122 58.38 4.22 41.89
C GLU C 122 58.50 3.03 40.96
N GLY C 123 57.37 2.58 40.39
CA GLY C 123 57.41 1.47 39.46
C GLY C 123 58.16 1.78 38.19
N GLU C 124 58.01 3.00 37.69
CA GLU C 124 58.71 3.43 36.47
C GLU C 124 60.21 3.46 36.69
N LEU C 125 60.65 4.02 37.81
CA LEU C 125 62.07 4.07 38.12
C LEU C 125 62.62 2.67 38.33
N TYR C 126 61.87 1.81 39.01
CA TYR C 126 62.33 0.46 39.24
C TYR C 126 62.47 -0.31 37.94
N ASN C 127 61.54 -0.16 37.01
CA ASN C 127 61.64 -0.88 35.76
C ASN C 127 62.76 -0.33 34.90
N GLY C 128 63.04 0.98 34.99
CA GLY C 128 64.10 1.55 34.21
C GLY C 128 65.48 1.20 34.72
N ARG C 129 65.63 1.09 36.04
CA ARG C 129 66.92 0.78 36.62
C ARG C 129 67.39 -0.62 36.27
N LEU C 130 66.48 -1.53 35.96
CA LEU C 130 66.88 -2.85 35.49
C LEU C 130 67.20 -2.86 34.01
N ALA C 131 66.46 -2.08 33.21
CA ALA C 131 66.75 -2.01 31.79
C ALA C 131 68.09 -1.36 31.52
N MET C 132 68.45 -0.36 32.32
CA MET C 132 69.75 0.29 32.11
C MET C 132 70.89 -0.67 32.43
N LEU C 133 70.69 -1.59 33.36
CA LEU C 133 71.73 -2.59 33.63
C LEU C 133 71.73 -3.67 32.56
N ALA C 134 70.55 -4.05 32.08
CA ALA C 134 70.48 -5.12 31.08
C ALA C 134 71.05 -4.68 29.75
N VAL C 135 70.89 -3.42 29.38
CA VAL C 135 71.46 -2.93 28.13
C VAL C 135 72.98 -3.00 28.17
N VAL C 136 73.57 -2.54 29.28
CA VAL C 136 75.01 -2.62 29.43
C VAL C 136 75.46 -4.07 29.43
N GLY C 137 74.73 -4.94 30.14
CA GLY C 137 75.13 -6.34 30.22
C GLY C 137 74.98 -7.12 28.95
N VAL C 138 74.09 -6.70 28.05
CA VAL C 138 73.99 -7.36 26.76
C VAL C 138 74.97 -6.76 25.75
N LEU C 139 75.30 -5.48 25.86
CA LEU C 139 76.27 -4.91 24.94
C LEU C 139 77.69 -5.33 25.29
N THR C 140 77.99 -5.54 26.58
CA THR C 140 79.34 -5.92 26.97
C THR C 140 79.59 -7.41 26.82
N VAL C 141 78.61 -8.17 26.37
CA VAL C 141 78.75 -9.59 26.15
C VAL C 141 78.55 -9.96 24.68
N GLU C 142 77.46 -9.49 24.09
CA GLU C 142 77.20 -9.83 22.69
C GLU C 142 78.23 -9.19 21.77
N ALA C 143 78.79 -8.05 22.18
CA ALA C 143 79.77 -7.34 21.37
C ALA C 143 81.19 -7.59 21.84
N GLN C 144 81.42 -8.64 22.64
CA GLN C 144 82.77 -8.98 23.05
C GLN C 144 83.22 -10.33 22.50
N GLY C 145 82.55 -11.42 22.87
CA GLY C 145 82.90 -12.69 22.27
C GLY C 145 81.78 -13.66 21.97
N LYS C 146 80.60 -13.41 22.53
CA LYS C 146 79.62 -14.47 22.69
C LYS C 146 78.53 -14.39 21.64
N GLY C 147 77.83 -15.50 21.46
CA GLY C 147 76.83 -15.63 20.42
C GLY C 147 75.59 -14.85 20.74
N PRO C 148 74.45 -15.32 20.23
CA PRO C 148 73.18 -14.66 20.55
C PRO C 148 72.95 -14.59 22.05
N TRP C 149 72.54 -13.41 22.52
CA TRP C 149 72.34 -13.20 23.95
C TRP C 149 71.10 -13.90 24.46
N TRP C 150 70.21 -14.33 23.57
CA TRP C 150 68.98 -15.00 23.96
C TRP C 150 69.13 -16.51 23.99
N GLU C 151 70.36 -17.02 23.95
CA GLU C 151 70.62 -18.44 24.09
C GLU C 151 71.58 -18.72 25.23
N ILE C 152 72.13 -17.69 25.88
CA ILE C 152 73.03 -17.91 27.02
C ILE C 152 72.35 -18.64 28.17
N PRO C 153 71.16 -18.22 28.65
CA PRO C 153 70.55 -18.96 29.77
C PRO C 153 70.25 -20.41 29.45
N GLY C 154 69.95 -20.72 28.19
CA GLY C 154 69.68 -22.09 27.80
C GLY C 154 70.91 -22.96 27.62
N ASN C 155 72.11 -22.39 27.80
CA ASN C 155 73.35 -23.13 27.67
C ASN C 155 74.11 -23.18 28.99
N LEU C 156 73.41 -23.01 30.10
CA LEU C 156 73.98 -23.22 31.42
C LEU C 156 73.76 -24.63 31.95
N ASN C 157 72.78 -25.35 31.39
CA ASN C 157 72.41 -26.70 31.84
C ASN C 157 72.14 -26.70 33.34
N LEU C 158 71.11 -25.95 33.73
CA LEU C 158 70.70 -25.84 35.13
C LEU C 158 69.48 -26.73 35.31
N PHE C 159 69.66 -27.82 36.05
CA PHE C 159 68.57 -28.74 36.34
C PHE C 159 68.86 -29.45 37.65
N GLY C 160 67.80 -29.97 38.26
CA GLY C 160 67.93 -30.67 39.52
C GLY C 160 68.14 -29.77 40.71
N THR C 161 68.91 -30.24 41.69
CA THR C 161 69.13 -29.54 42.95
C THR C 161 69.74 -28.15 42.82
N PRO C 162 70.75 -27.91 41.96
CA PRO C 162 71.30 -26.55 41.89
C PRO C 162 70.27 -25.51 41.50
N TYR C 163 69.37 -25.84 40.59
CA TYR C 163 68.31 -24.93 40.21
C TYR C 163 67.44 -24.58 41.41
N VAL C 164 67.04 -25.59 42.17
CA VAL C 164 66.17 -25.36 43.31
C VAL C 164 66.84 -24.50 44.37
N VAL C 165 68.10 -24.79 44.69
CA VAL C 165 68.76 -24.04 45.74
C VAL C 165 69.00 -22.60 45.29
N ALA C 166 69.37 -22.40 44.02
CA ALA C 166 69.58 -21.05 43.52
C ALA C 166 68.29 -20.24 43.57
N VAL C 167 67.18 -20.84 43.11
CA VAL C 167 65.90 -20.14 43.13
C VAL C 167 65.50 -19.78 44.55
N VAL C 168 65.61 -20.73 45.48
CA VAL C 168 65.18 -20.48 46.85
C VAL C 168 66.03 -19.39 47.49
N GLY C 169 67.35 -19.44 47.30
CA GLY C 169 68.20 -18.42 47.91
C GLY C 169 67.96 -17.04 47.34
N GLY C 170 67.86 -16.95 46.01
CA GLY C 170 67.58 -15.66 45.41
C GLY C 170 66.27 -15.08 45.89
N HIS C 171 65.24 -15.90 45.99
CA HIS C 171 63.95 -15.42 46.46
C HIS C 171 64.01 -15.01 47.93
N LEU C 172 64.75 -15.74 48.76
CA LEU C 172 64.94 -15.31 50.15
C LEU C 172 65.51 -13.90 50.20
N ALA C 173 66.59 -13.67 49.46
CA ALA C 173 67.20 -12.33 49.48
C ALA C 173 66.25 -11.27 48.97
N PHE C 174 65.58 -11.53 47.85
CA PHE C 174 64.70 -10.52 47.27
C PHE C 174 63.49 -10.25 48.15
N ALA C 175 62.93 -11.29 48.78
CA ALA C 175 61.83 -11.08 49.70
C ALA C 175 62.25 -10.26 50.90
N LEU C 176 63.44 -10.50 51.45
CA LEU C 176 63.92 -9.66 52.54
C LEU C 176 64.08 -8.20 52.12
N LEU C 177 64.53 -7.96 50.89
CA LEU C 177 64.70 -6.57 50.45
C LEU C 177 63.35 -5.90 50.17
N GLU C 178 62.48 -6.63 49.47
CA GLU C 178 61.16 -6.12 49.12
C GLU C 178 60.32 -5.80 50.34
N LYS C 179 60.36 -6.66 51.36
CA LYS C 179 59.66 -6.38 52.61
C LYS C 179 60.04 -5.01 53.14
N LYS C 180 61.34 -4.71 53.11
CA LYS C 180 61.82 -3.43 53.60
C LYS C 180 61.35 -2.29 52.71
N ARG C 181 61.29 -2.51 51.40
CA ARG C 181 60.79 -1.48 50.49
C ARG C 181 59.33 -1.15 50.77
N LEU C 182 58.48 -2.18 50.87
CA LEU C 182 57.07 -1.96 51.18
C LEU C 182 56.92 -1.30 52.53
N GLU C 183 57.77 -1.66 53.48
CA GLU C 183 57.70 -1.15 54.83
C GLU C 183 58.21 0.29 54.91
N ASN C 184 59.03 0.69 53.95
CA ASN C 184 59.51 2.08 53.89
C ASN C 184 58.52 3.01 53.20
N PHE C 185 57.91 2.56 52.11
CA PHE C 185 56.96 3.41 51.40
C PHE C 185 55.84 3.91 52.29
N ARG C 186 55.50 3.15 53.33
CA ARG C 186 54.24 3.41 54.02
C ARG C 186 54.37 4.49 55.07
N GLU C 187 55.56 4.66 55.65
CA GLU C 187 55.79 5.74 56.61
C GLU C 187 56.25 7.01 55.90
N THR C 188 57.20 6.88 54.98
CA THR C 188 57.65 7.98 54.13
C THR C 188 57.39 7.59 52.68
N GLY C 189 56.84 8.51 51.90
CA GLY C 189 56.42 8.16 50.57
C GLY C 189 57.56 7.91 49.60
N GLU C 190 58.44 6.97 49.95
CA GLU C 190 59.60 6.66 49.12
C GLU C 190 60.07 5.26 49.45
N ALA C 191 60.75 4.63 48.50
CA ALA C 191 61.12 3.22 48.65
C ALA C 191 62.47 2.99 47.97
N GLY C 192 63.54 3.03 48.77
CA GLY C 192 64.85 2.67 48.27
C GLY C 192 65.08 1.18 48.32
N HIS C 193 65.83 0.67 47.35
CA HIS C 193 65.90 -0.76 47.13
C HIS C 193 66.91 -1.47 47.99
N PHE C 194 67.96 -0.77 48.43
CA PHE C 194 69.04 -1.47 49.11
C PHE C 194 69.19 -1.32 50.61
N GLY C 195 68.14 -1.66 51.33
CA GLY C 195 68.20 -1.61 52.77
C GLY C 195 68.00 -0.24 53.37
N ALA C 196 67.98 0.81 52.56
CA ALA C 196 67.74 2.16 53.05
C ALA C 196 66.62 2.79 52.23
N ALA C 197 65.93 3.74 52.85
CA ALA C 197 64.83 4.41 52.17
C ALA C 197 65.33 5.30 51.04
N ARG C 198 66.57 5.75 51.11
CA ARG C 198 67.04 6.76 50.18
C ARG C 198 68.31 6.39 49.44
N PHE C 199 69.20 5.65 50.07
CA PHE C 199 70.42 5.16 49.41
C PHE C 199 71.31 6.20 48.70
N ASP C 200 71.94 7.07 49.47
CA ASP C 200 72.85 8.04 48.91
C ASP C 200 74.19 7.85 49.60
N PRO C 201 74.85 6.72 49.35
CA PRO C 201 76.14 6.46 50.01
C PRO C 201 77.16 7.55 49.75
N LEU C 202 77.22 8.05 48.52
CA LEU C 202 77.96 9.26 48.17
C LEU C 202 76.91 10.31 47.87
N ASP C 203 76.87 11.37 48.67
CA ASP C 203 75.78 12.34 48.55
C ASP C 203 75.95 13.11 47.25
N LEU C 204 75.21 12.70 46.22
CA LEU C 204 75.29 13.35 44.91
C LEU C 204 73.93 13.72 44.35
N THR C 205 72.86 13.60 45.14
CA THR C 205 71.53 13.89 44.64
C THR C 205 71.34 15.36 44.32
N GLU C 206 72.20 16.24 44.82
CA GLU C 206 72.11 17.67 44.56
C GLU C 206 73.49 18.24 44.28
N ALA C 207 74.36 17.45 43.67
CA ALA C 207 75.77 17.79 43.49
C ALA C 207 76.13 17.80 42.02
N ASN C 208 75.29 18.43 41.21
CA ASN C 208 75.54 18.55 39.79
C ASN C 208 75.70 20.03 39.45
N PRO C 209 76.78 20.44 38.81
CA PRO C 209 77.05 21.88 38.58
C PRO C 209 76.26 22.48 37.43
N LEU C 210 74.99 22.11 37.31
CA LEU C 210 74.09 22.78 36.38
C LEU C 210 72.70 22.99 36.95
N GLY C 211 72.50 22.73 38.23
CA GLY C 211 71.19 22.94 38.83
C GLY C 211 71.05 22.11 40.08
N THR C 212 69.97 22.38 40.81
CA THR C 212 69.70 21.63 42.02
C THR C 212 69.12 20.26 41.71
N ASP C 213 67.95 20.22 41.09
CA ASP C 213 67.27 18.98 40.72
C ASP C 213 67.56 18.57 39.28
N TYR C 214 68.83 18.36 38.97
CA TYR C 214 69.26 17.92 37.65
C TYR C 214 69.39 16.41 37.56
N ASN C 215 69.94 15.77 38.59
CA ASN C 215 70.09 14.32 38.59
C ASN C 215 68.74 13.62 38.53
N ARG C 216 67.75 14.16 39.23
CA ARG C 216 66.42 13.55 39.25
C ARG C 216 65.80 13.56 37.87
N GLN C 217 65.97 14.64 37.12
CA GLN C 217 65.46 14.70 35.76
C GLN C 217 66.29 13.89 34.78
N ALA C 218 67.58 13.69 35.05
CA ALA C 218 68.42 12.92 34.14
C ALA C 218 68.19 11.41 34.30
N GLU C 219 67.93 10.96 35.51
CA GLU C 219 67.75 9.55 35.77
C GLU C 219 66.48 8.94 35.21
N VAL C 220 65.40 9.71 35.22
CA VAL C 220 64.09 9.23 34.78
C VAL C 220 64.06 9.24 33.27
N ARG C 221 65.00 9.93 32.64
CA ARG C 221 65.09 10.00 31.19
C ARG C 221 66.05 9.00 30.61
N ASN C 222 67.11 8.69 31.33
CA ASN C 222 68.01 7.66 30.85
C ASN C 222 67.29 6.33 30.99
N CYS C 223 66.62 6.11 32.12
CA CYS C 223 65.85 4.88 32.30
C CYS C 223 64.74 4.73 31.28
N ARG C 224 64.06 5.81 30.96
CA ARG C 224 63.02 5.83 29.95
C ARG C 224 63.54 5.50 28.57
N LEU C 225 64.71 5.98 28.20
CA LEU C 225 65.33 5.60 26.94
C LEU C 225 65.79 4.15 26.91
N ALA C 226 66.37 3.66 28.01
CA ALA C 226 66.83 2.28 28.06
C ALA C 226 65.71 1.26 27.96
N MET C 227 64.51 1.56 28.47
CA MET C 227 63.43 0.60 28.39
C MET C 227 63.06 0.29 26.94
N LEU C 228 62.81 1.30 26.13
CA LEU C 228 62.47 1.01 24.75
C LEU C 228 63.69 0.65 23.92
N THR C 229 64.89 1.01 24.38
CA THR C 229 66.09 0.40 23.82
C THR C 229 66.03 -1.12 23.93
N PHE C 230 65.75 -1.63 25.11
CA PHE C 230 65.70 -3.08 25.31
C PHE C 230 64.51 -3.72 24.61
N LEU C 231 63.38 -3.03 24.55
CA LEU C 231 62.28 -3.54 23.74
C LEU C 231 62.72 -3.66 22.27
N GLY C 232 63.52 -2.72 21.81
CA GLY C 232 64.06 -2.83 20.46
C GLY C 232 64.97 -4.02 20.28
N PHE C 233 65.80 -4.32 21.28
CA PHE C 233 66.66 -5.50 21.19
C PHE C 233 65.81 -6.76 21.14
N SER C 234 64.77 -6.84 21.95
CA SER C 234 63.97 -8.04 22.01
C SER C 234 63.17 -8.25 20.73
N VAL C 235 62.66 -7.18 20.12
CA VAL C 235 61.88 -7.36 18.90
C VAL C 235 62.78 -7.52 17.69
N GLN C 236 63.98 -6.95 17.75
CA GLN C 236 64.92 -7.07 16.64
C GLN C 236 65.44 -8.50 16.56
N ALA C 237 65.71 -9.11 17.70
CA ALA C 237 66.22 -10.48 17.71
C ALA C 237 65.21 -11.49 17.19
N TRP C 238 63.93 -11.15 17.14
CA TRP C 238 62.90 -12.07 16.70
C TRP C 238 62.50 -11.91 15.25
N VAL C 239 62.76 -10.74 14.66
CA VAL C 239 62.45 -10.52 13.25
C VAL C 239 63.65 -10.76 12.35
N THR C 240 64.84 -10.33 12.74
CA THR C 240 66.03 -10.44 11.91
C THR C 240 66.81 -11.73 12.15
N GLY C 241 66.86 -12.20 13.39
CA GLY C 241 67.67 -13.34 13.74
C GLY C 241 69.11 -13.02 14.09
N LYS C 242 69.57 -11.82 13.76
CA LYS C 242 70.96 -11.43 14.02
C LYS C 242 71.07 -10.85 15.42
N GLY C 243 72.18 -10.17 15.69
CA GLY C 243 72.37 -9.51 16.95
C GLY C 243 72.20 -8.01 16.85
N PRO C 244 72.41 -7.32 17.97
CA PRO C 244 72.30 -5.85 17.95
C PRO C 244 73.30 -5.17 17.03
N ILE C 245 74.59 -5.44 17.20
CA ILE C 245 75.60 -4.76 16.40
C ILE C 245 75.50 -5.19 14.95
N GLU C 246 75.18 -6.45 14.72
CA GLU C 246 75.05 -7.00 13.37
C GLU C 246 73.88 -6.40 12.61
N ASN C 247 72.97 -5.70 13.29
CA ASN C 247 71.91 -4.96 12.62
C ASN C 247 72.30 -3.53 12.34
N ALA C 248 72.97 -2.88 13.30
CA ALA C 248 73.45 -1.51 13.07
C ALA C 248 74.43 -1.47 11.90
N LYS C 249 75.37 -2.41 11.87
CA LYS C 249 76.35 -2.40 10.78
C LYS C 249 75.69 -2.71 9.44
N ASP C 250 74.72 -3.63 9.44
CA ASP C 250 74.00 -3.92 8.19
C ASP C 250 73.24 -2.69 7.70
N HIS C 251 72.66 -1.91 8.61
CA HIS C 251 71.95 -0.72 8.19
C HIS C 251 72.90 0.36 7.70
N LEU C 252 74.04 0.49 8.34
CA LEU C 252 74.97 1.55 7.96
C LEU C 252 75.68 1.21 6.65
N ALA C 253 75.83 -0.08 6.35
CA ALA C 253 76.46 -0.48 5.11
C ALA C 253 75.66 0.00 3.91
N SER C 254 74.37 -0.32 3.88
CA SER C 254 73.51 0.01 2.75
C SER C 254 72.09 0.24 3.25
N PRO C 255 71.76 1.48 3.60
CA PRO C 255 70.49 1.73 4.30
C PRO C 255 69.29 1.83 3.40
N PHE C 256 69.11 0.91 2.46
CA PHE C 256 67.85 0.85 1.73
C PHE C 256 67.32 -0.54 1.48
N GLU C 257 68.08 -1.59 1.80
CA GLU C 257 67.56 -2.95 1.85
C GLU C 257 67.76 -3.62 3.20
N ALA C 258 68.65 -3.11 4.03
CA ALA C 258 68.82 -3.62 5.40
C ALA C 258 67.99 -2.78 6.37
N ASN C 259 66.69 -2.76 6.13
CA ASN C 259 65.74 -2.06 6.98
C ASN C 259 64.63 -3.02 7.39
N ILE C 260 63.63 -2.50 8.08
CA ILE C 260 62.56 -3.34 8.60
C ILE C 260 61.68 -3.87 7.47
N PHE C 261 61.43 -3.08 6.44
CA PHE C 261 60.50 -3.47 5.39
C PHE C 261 60.98 -4.54 4.42
N THR C 262 62.15 -5.10 4.65
CA THR C 262 62.71 -6.07 3.72
C THR C 262 62.99 -7.43 4.33
N TYR C 263 62.44 -7.72 5.50
CA TYR C 263 62.70 -9.00 6.16
C TYR C 263 61.60 -10.02 6.08
N GLY C 264 60.57 -9.74 5.30
CA GLY C 264 59.50 -10.70 5.13
C GLY C 264 58.18 -10.33 5.78
N ASP C 265 57.52 -11.34 6.36
CA ASP C 265 56.18 -11.14 6.91
C ASP C 265 56.23 -10.60 8.34
N ARG C 266 57.26 -10.98 9.10
CA ARG C 266 57.37 -10.48 10.47
C ARG C 266 57.58 -8.97 10.49
N GLY C 267 58.48 -8.47 9.62
CA GLY C 267 58.71 -7.04 9.55
C GLY C 267 57.49 -6.25 9.13
N THR C 268 56.55 -6.90 8.46
CA THR C 268 55.28 -6.26 8.12
C THR C 268 54.27 -6.36 9.26
N ASN C 269 54.25 -7.50 9.97
CA ASN C 269 53.34 -7.64 11.10
C ASN C 269 53.68 -6.64 12.20
N VAL C 270 54.97 -6.45 12.49
CA VAL C 270 55.36 -5.49 13.52
C VAL C 270 54.97 -4.08 13.11
N VAL C 271 55.19 -3.72 11.84
CA VAL C 271 54.81 -2.39 11.38
C VAL C 271 53.30 -2.20 11.48
N ALA C 272 52.53 -3.23 11.12
CA ALA C 272 51.08 -3.14 11.22
C ALA C 272 50.63 -2.95 12.66
N ILE C 273 51.21 -3.70 13.59
CA ILE C 273 50.82 -3.58 14.99
C ILE C 273 51.17 -2.19 15.52
N PHE C 274 52.37 -1.73 15.21
CA PHE C 274 52.85 -0.42 15.63
C PHE C 274 51.98 0.70 15.10
N SER C 275 51.62 0.63 13.83
CA SER C 275 50.75 1.63 13.21
C SER C 275 49.33 1.58 13.76
N ALA C 276 48.82 0.41 14.12
CA ALA C 276 47.49 0.33 14.70
C ALA C 276 47.46 0.82 16.14
N PHE C 277 48.51 0.59 16.90
CA PHE C 277 48.54 1.10 18.27
C PHE C 277 48.81 2.59 18.32
N ALA C 278 49.57 3.11 17.36
CA ALA C 278 49.84 4.54 17.30
C ALA C 278 48.65 5.35 16.83
N ALA C 279 47.70 4.74 16.13
CA ALA C 279 46.51 5.44 15.67
C ALA C 279 45.38 5.41 16.68
N VAL C 280 45.52 4.65 17.76
CA VAL C 280 44.51 4.59 18.80
C VAL C 280 44.79 5.58 19.92
N MET C 281 46.06 5.77 20.29
CA MET C 281 46.37 6.70 21.36
C MET C 281 46.39 8.15 20.91
N HIS C 282 46.32 8.42 19.61
CA HIS C 282 46.08 9.77 19.16
C HIS C 282 44.60 10.10 19.05
N ILE C 283 43.78 9.15 18.61
CA ILE C 283 42.34 9.35 18.65
C ILE C 283 41.86 9.48 20.08
N ALA C 284 42.43 8.69 21.00
CA ALA C 284 42.07 8.82 22.40
C ALA C 284 42.42 10.19 22.95
N GLU C 285 43.59 10.72 22.58
CA GLU C 285 43.97 12.05 23.05
C GLU C 285 43.06 13.12 22.48
N LEU C 286 42.71 13.02 21.19
CA LEU C 286 41.82 13.99 20.59
C LEU C 286 40.44 13.95 21.24
N ALA C 287 39.93 12.74 21.52
CA ALA C 287 38.66 12.62 22.22
C ALA C 287 38.74 13.14 23.64
N ARG C 288 39.87 12.94 24.31
CA ARG C 288 40.04 13.47 25.66
C ARG C 288 39.99 14.99 25.68
N GLU C 289 40.63 15.64 24.70
CA GLU C 289 40.65 17.11 24.72
C GLU C 289 39.28 17.72 24.61
N LYS C 290 38.28 16.95 24.19
CA LYS C 290 36.88 17.39 24.21
C LYS C 290 36.19 16.85 25.45
N LYS C 291 36.95 16.74 26.53
CA LYS C 291 36.51 16.11 27.77
C LYS C 291 35.85 14.75 27.53
N PRO D 51 33.99 -16.18 69.32
CA PRO D 51 34.89 -17.19 68.75
C PRO D 51 36.33 -16.70 68.70
N THR D 52 37.29 -17.61 68.64
CA THR D 52 38.68 -17.25 68.40
C THR D 52 39.10 -17.49 66.97
N THR D 53 38.17 -17.88 66.11
CA THR D 53 38.47 -17.99 64.69
C THR D 53 38.34 -16.65 63.97
N MET D 54 37.74 -15.66 64.62
CA MET D 54 37.66 -14.33 64.05
C MET D 54 38.85 -13.49 64.49
N LEU D 55 39.07 -12.40 63.77
CA LEU D 55 40.28 -11.60 63.98
C LEU D 55 40.12 -10.76 65.24
N GLU D 56 41.17 -10.00 65.56
CA GLU D 56 41.11 -9.04 66.66
C GLU D 56 41.42 -7.62 66.25
N GLU D 57 41.96 -7.44 65.04
CA GLU D 57 42.38 -6.12 64.59
C GLU D 57 41.66 -5.51 63.41
N ARG D 58 40.94 -6.32 62.63
CA ARG D 58 40.16 -5.87 61.48
C ARG D 58 41.06 -5.14 60.47
N ASP D 59 41.91 -5.94 59.83
CA ASP D 59 42.89 -5.42 58.89
C ASP D 59 42.86 -6.19 57.58
N ASN D 60 43.39 -5.55 56.53
CA ASN D 60 43.51 -6.10 55.19
C ASN D 60 44.99 -6.12 54.83
N LEU D 61 45.50 -7.28 54.42
CA LEU D 61 46.91 -7.39 54.10
C LEU D 61 47.18 -6.97 52.66
N TRP D 62 48.35 -6.38 52.43
CA TRP D 62 48.72 -5.91 51.10
C TRP D 62 49.50 -7.02 50.39
N GLU D 63 48.83 -7.57 49.38
CA GLU D 63 49.34 -8.65 48.55
C GLU D 63 49.59 -8.19 47.11
N ILE D 64 49.65 -9.12 46.17
CA ILE D 64 50.20 -8.96 44.82
C ILE D 64 49.93 -7.59 44.21
N GLY D 65 48.68 -7.15 44.21
CA GLY D 65 48.38 -5.85 43.64
C GLY D 65 47.98 -4.77 44.62
N GLY D 66 47.20 -5.15 45.63
CA GLY D 66 46.69 -4.23 46.61
C GLY D 66 46.05 -4.98 47.74
N PRO D 67 45.33 -4.30 48.62
CA PRO D 67 44.62 -5.04 49.67
C PRO D 67 43.22 -5.47 49.25
N TYR D 68 43.07 -5.86 47.99
CA TYR D 68 41.83 -6.26 47.34
C TYR D 68 42.22 -6.89 46.02
N TRP D 69 41.45 -7.88 45.60
CA TRP D 69 41.60 -8.32 44.23
C TRP D 69 41.06 -7.19 43.35
N TRP D 70 41.26 -7.31 42.03
CA TRP D 70 40.79 -6.26 41.14
C TRP D 70 41.38 -4.91 41.52
N PRO D 71 42.66 -4.69 41.22
CA PRO D 71 43.43 -3.59 41.84
C PRO D 71 43.31 -2.26 41.10
N PHE D 72 42.07 -1.85 40.83
CA PHE D 72 41.81 -0.59 40.15
C PHE D 72 41.14 0.39 41.10
N SER D 73 40.93 1.62 40.66
CA SER D 73 40.37 2.66 41.51
C SER D 73 38.85 2.64 41.56
N SER D 74 38.20 1.94 40.65
CA SER D 74 36.74 1.85 40.62
C SER D 74 36.30 0.54 41.28
N PHE D 75 36.60 0.43 42.57
CA PHE D 75 36.27 -0.79 43.28
C PHE D 75 35.94 -0.46 44.73
N THR D 76 34.76 -0.89 45.17
CA THR D 76 34.33 -0.78 46.55
C THR D 76 34.04 -2.20 47.04
N PRO D 77 34.55 -2.59 48.20
CA PRO D 77 34.40 -3.98 48.63
C PRO D 77 32.95 -4.29 48.92
N PRO D 78 32.57 -5.56 48.86
CA PRO D 78 31.17 -5.94 49.16
C PRO D 78 30.79 -5.52 50.56
N ALA D 79 29.50 -5.25 50.74
CA ALA D 79 29.03 -4.70 52.01
C ALA D 79 29.21 -5.68 53.17
N HIS D 80 29.14 -6.99 52.88
CA HIS D 80 29.17 -7.96 53.97
C HIS D 80 30.59 -8.39 54.34
N LEU D 81 31.59 -7.98 53.55
CA LEU D 81 32.99 -8.30 53.82
C LEU D 81 33.67 -7.01 54.26
N ASP D 82 34.01 -6.92 55.53
CA ASP D 82 34.50 -5.67 56.10
C ASP D 82 35.83 -5.80 56.82
N GLY D 83 36.47 -6.95 56.76
CA GLY D 83 37.76 -7.14 57.35
C GLY D 83 37.78 -7.88 58.66
N SER D 84 36.70 -8.53 59.05
CA SER D 84 36.61 -9.17 60.35
C SER D 84 37.12 -10.62 60.36
N LEU D 85 37.26 -11.25 59.21
CA LEU D 85 37.69 -12.64 59.16
C LEU D 85 39.08 -12.74 58.53
N PRO D 86 39.84 -13.79 58.87
CA PRO D 86 41.16 -13.96 58.26
C PRO D 86 41.06 -14.16 56.76
N GLY D 87 42.06 -13.64 56.05
CA GLY D 87 42.16 -13.82 54.63
C GLY D 87 41.27 -12.95 53.78
N ASP D 88 40.77 -11.84 54.32
CA ASP D 88 39.81 -11.02 53.61
C ASP D 88 40.47 -10.28 52.45
N ARG D 89 39.80 -10.26 51.32
CA ARG D 89 40.20 -9.50 50.15
C ARG D 89 39.02 -8.92 49.39
N GLY D 90 37.81 -9.02 49.92
CA GLY D 90 36.64 -8.61 49.18
C GLY D 90 36.39 -9.38 47.91
N PHE D 91 36.62 -10.68 47.90
CA PHE D 91 36.40 -11.47 46.70
C PHE D 91 35.03 -12.14 46.76
N ASP D 92 34.09 -11.63 45.96
CA ASP D 92 32.73 -12.15 45.90
C ASP D 92 32.02 -11.70 44.64
N PRO D 93 32.42 -12.12 43.45
CA PRO D 93 31.68 -11.73 42.25
C PRO D 93 30.24 -12.20 42.26
N PHE D 94 30.01 -13.50 42.42
CA PHE D 94 28.68 -14.00 42.69
C PHE D 94 28.43 -13.96 44.19
N SER D 95 27.42 -13.22 44.63
CA SER D 95 27.26 -12.95 46.05
C SER D 95 26.75 -14.20 46.76
N LEU D 96 27.68 -15.12 47.03
CA LEU D 96 27.35 -16.37 47.71
C LEU D 96 27.48 -16.28 49.21
N GLY D 97 27.83 -15.11 49.75
CA GLY D 97 28.00 -14.99 51.19
C GLY D 97 26.75 -14.50 51.89
N THR D 98 25.78 -14.00 51.11
CA THR D 98 24.48 -13.64 51.63
C THR D 98 23.41 -14.70 51.38
N SER D 99 23.70 -15.68 50.53
CA SER D 99 22.81 -16.82 50.31
C SER D 99 23.66 -18.06 50.53
N TRP D 100 23.19 -19.22 50.06
CA TRP D 100 24.00 -20.43 49.99
C TRP D 100 24.43 -20.90 51.38
N GLY D 101 23.45 -21.35 52.14
CA GLY D 101 23.73 -22.05 53.37
C GLY D 101 22.75 -21.69 54.46
N GLN D 102 22.67 -22.55 55.47
CA GLN D 102 21.87 -22.29 56.66
C GLN D 102 22.64 -22.79 57.88
N PRO D 103 23.18 -21.88 58.68
CA PRO D 103 24.00 -22.30 59.81
C PRO D 103 23.16 -23.01 60.85
N PRO D 104 23.75 -23.95 61.59
CA PRO D 104 23.02 -24.62 62.69
C PRO D 104 22.95 -23.74 63.93
N VAL D 105 22.20 -22.66 63.85
CA VAL D 105 21.98 -21.77 64.97
C VAL D 105 20.48 -21.59 65.17
N ASP D 106 20.12 -21.10 66.35
CA ASP D 106 18.72 -20.84 66.63
C ASP D 106 18.29 -19.78 65.63
N VAL D 107 17.18 -20.00 64.95
CA VAL D 107 16.68 -19.04 63.97
C VAL D 107 16.08 -17.82 64.67
N SER D 108 16.01 -16.71 63.95
CA SER D 108 15.47 -15.44 64.44
C SER D 108 16.31 -14.86 65.56
N ASP D 109 17.55 -15.28 65.70
CA ASP D 109 18.39 -14.67 66.69
C ASP D 109 19.13 -13.57 65.95
N PRO D 110 19.34 -12.41 66.59
CA PRO D 110 20.05 -11.29 65.96
C PRO D 110 21.49 -11.66 65.66
N ASN D 111 22.01 -11.06 64.60
CA ASN D 111 23.29 -11.40 64.01
C ASN D 111 23.26 -12.82 63.44
N TYR D 112 22.27 -13.04 62.59
CA TYR D 112 22.11 -14.29 61.86
C TYR D 112 22.80 -14.25 60.50
N ASP D 113 22.85 -13.08 59.86
CA ASP D 113 23.52 -12.99 58.57
C ASP D 113 25.03 -13.10 58.70
N GLU D 114 25.58 -12.77 59.86
CA GLU D 114 27.00 -12.97 60.09
C GLU D 114 27.34 -14.42 60.40
N SER D 115 26.46 -15.14 61.08
CA SER D 115 26.67 -16.55 61.37
C SER D 115 26.80 -17.39 60.12
N ARG D 116 26.17 -16.98 59.02
CA ARG D 116 26.34 -17.71 57.78
C ARG D 116 27.74 -17.55 57.20
N LEU D 117 28.36 -16.39 57.32
CA LEU D 117 29.75 -16.28 56.88
C LEU D 117 30.68 -17.10 57.75
N ARG D 118 30.39 -17.19 59.04
CA ARG D 118 31.20 -18.03 59.92
C ARG D 118 31.05 -19.50 59.58
N TRP D 119 29.83 -19.94 59.24
CA TRP D 119 29.64 -21.31 58.79
C TRP D 119 30.41 -21.59 57.50
N LEU D 120 30.36 -20.65 56.54
CA LEU D 120 31.12 -20.86 55.30
C LEU D 120 32.62 -20.83 55.55
N LEU D 121 33.09 -20.02 56.50
CA LEU D 121 34.51 -20.03 56.83
C LEU D 121 34.91 -21.34 57.48
N GLU D 122 34.05 -21.89 58.32
CA GLU D 122 34.28 -23.21 58.88
C GLU D 122 34.41 -24.23 57.77
N GLY D 123 33.55 -24.15 56.76
CA GLY D 123 33.62 -25.07 55.63
C GLY D 123 34.89 -24.91 54.82
N GLU D 124 35.33 -23.67 54.63
CA GLU D 124 36.56 -23.40 53.89
C GLU D 124 37.77 -23.96 54.61
N LEU D 125 37.85 -23.74 55.92
CA LEU D 125 38.96 -24.27 56.69
C LEU D 125 38.94 -25.79 56.71
N TYR D 126 37.76 -26.38 56.84
CA TYR D 126 37.65 -27.82 56.85
C TYR D 126 38.08 -28.43 55.53
N ASN D 127 37.70 -27.83 54.42
CA ASN D 127 38.10 -28.37 53.13
C ASN D 127 39.58 -28.18 52.88
N GLY D 128 40.16 -27.10 53.39
CA GLY D 128 41.58 -26.88 53.20
C GLY D 128 42.45 -27.78 54.05
N ARG D 129 42.00 -28.09 55.26
CA ARG D 129 42.78 -28.94 56.15
C ARG D 129 42.92 -30.36 55.62
N LEU D 130 41.98 -30.81 54.79
CA LEU D 130 42.13 -32.13 54.17
C LEU D 130 43.02 -32.07 52.94
N ALA D 131 42.94 -30.98 52.17
CA ALA D 131 43.79 -30.85 51.00
C ALA D 131 45.25 -30.72 51.38
N MET D 132 45.53 -30.03 52.49
CA MET D 132 46.93 -29.90 52.91
C MET D 132 47.50 -31.25 53.35
N LEU D 133 46.67 -32.13 53.88
CA LEU D 133 47.15 -33.47 54.20
C LEU D 133 47.27 -34.34 52.96
N ALA D 134 46.34 -34.19 52.03
CA ALA D 134 46.36 -35.02 50.83
C ALA D 134 47.54 -34.67 49.93
N VAL D 135 47.93 -33.40 49.86
CA VAL D 135 49.08 -33.01 49.06
C VAL D 135 50.35 -33.66 49.61
N VAL D 136 50.54 -33.59 50.92
CA VAL D 136 51.69 -34.23 51.54
C VAL D 136 51.65 -35.73 51.31
N GLY D 137 50.48 -36.34 51.47
CA GLY D 137 50.36 -37.78 51.32
C GLY D 137 50.53 -38.28 49.91
N VAL D 138 50.26 -37.46 48.91
CA VAL D 138 50.51 -37.87 47.54
C VAL D 138 51.93 -37.57 47.12
N LEU D 139 52.56 -36.52 47.67
CA LEU D 139 53.95 -36.25 47.32
C LEU D 139 54.89 -37.22 48.01
N THR D 140 54.57 -37.68 49.22
CA THR D 140 55.45 -38.59 49.93
C THR D 140 55.29 -40.03 49.50
N VAL D 141 54.40 -40.30 48.56
CA VAL D 141 54.18 -41.64 48.03
C VAL D 141 54.52 -41.72 46.55
N GLU D 142 53.96 -40.80 45.75
CA GLU D 142 54.21 -40.85 44.31
C GLU D 142 55.67 -40.54 44.01
N ALA D 143 56.32 -39.75 44.85
CA ALA D 143 57.70 -39.37 44.66
C ALA D 143 58.66 -40.19 45.50
N GLN D 144 58.23 -41.33 46.02
CA GLN D 144 59.11 -42.21 46.77
C GLN D 144 59.32 -43.54 46.07
N GLY D 145 58.27 -44.34 45.90
CA GLY D 145 58.44 -45.57 45.14
C GLY D 145 57.30 -46.00 44.24
N LYS D 146 56.13 -45.39 44.40
CA LYS D 146 54.91 -46.02 43.94
C LYS D 146 54.43 -45.40 42.63
N GLY D 147 53.57 -46.14 41.95
CA GLY D 147 53.10 -45.76 40.64
C GLY D 147 52.13 -44.61 40.70
N PRO D 148 51.21 -44.56 39.73
CA PRO D 148 50.19 -43.51 39.76
C PRO D 148 49.39 -43.54 41.04
N TRP D 149 49.21 -42.37 41.65
CA TRP D 149 48.50 -42.27 42.92
C TRP D 149 47.02 -42.50 42.77
N TRP D 150 46.48 -42.46 41.55
CA TRP D 150 45.06 -42.66 41.31
C TRP D 150 44.73 -44.10 40.98
N GLU D 151 45.66 -45.02 41.24
CA GLU D 151 45.40 -46.45 41.09
C GLU D 151 45.67 -47.22 42.38
N ILE D 152 46.18 -46.55 43.42
CA ILE D 152 46.42 -47.23 44.70
C ILE D 152 45.15 -47.78 45.31
N PRO D 153 44.05 -47.01 45.45
CA PRO D 153 42.85 -47.59 46.06
C PRO D 153 42.28 -48.78 45.29
N GLY D 154 42.45 -48.80 43.97
CA GLY D 154 41.97 -49.90 43.17
C GLY D 154 42.85 -51.13 43.20
N ASN D 155 43.97 -51.09 43.92
CA ASN D 155 44.88 -52.22 44.03
C ASN D 155 44.97 -52.72 45.48
N LEU D 156 43.96 -52.44 46.28
CA LEU D 156 43.85 -53.01 47.62
C LEU D 156 43.02 -54.27 47.64
N ASN D 157 42.19 -54.51 46.62
CA ASN D 157 41.29 -55.66 46.56
C ASN D 157 40.43 -55.74 47.81
N LEU D 158 39.62 -54.70 48.00
CA LEU D 158 38.72 -54.62 49.15
C LEU D 158 37.33 -55.01 48.69
N PHE D 159 36.85 -56.17 49.12
CA PHE D 159 35.53 -56.64 48.78
C PHE D 159 35.02 -57.56 49.87
N GLY D 160 33.70 -57.71 49.92
CA GLY D 160 33.08 -58.56 50.92
C GLY D 160 33.03 -57.96 52.30
N THR D 161 33.16 -58.80 53.33
CA THR D 161 33.04 -58.40 54.72
C THR D 161 34.04 -57.32 55.17
N PRO D 162 35.33 -57.38 54.81
CA PRO D 162 36.24 -56.33 55.29
C PRO D 162 35.83 -54.94 54.86
N TYR D 163 35.33 -54.80 53.63
CA TYR D 163 34.83 -53.51 53.16
C TYR D 163 33.70 -53.01 54.05
N VAL D 164 32.74 -53.89 54.34
CA VAL D 164 31.59 -53.48 55.12
C VAL D 164 32.00 -53.07 56.53
N VAL D 165 32.86 -53.86 57.18
CA VAL D 165 33.21 -53.54 58.55
C VAL D 165 34.04 -52.26 58.61
N ALA D 166 34.94 -52.06 57.63
CA ALA D 166 35.72 -50.83 57.60
C ALA D 166 34.83 -49.61 57.41
N VAL D 167 33.89 -49.69 56.47
CA VAL D 167 32.98 -48.57 56.22
C VAL D 167 32.16 -48.26 57.47
N VAL D 168 31.60 -49.28 58.10
CA VAL D 168 30.74 -49.06 59.25
C VAL D 168 31.53 -48.46 60.41
N GLY D 169 32.73 -48.98 60.68
CA GLY D 169 33.51 -48.43 61.78
C GLY D 169 33.96 -47.01 61.55
N GLY D 170 34.44 -46.72 60.33
CA GLY D 170 34.83 -45.36 60.03
C GLY D 170 33.68 -44.40 60.17
N HIS D 171 32.50 -44.77 59.68
CA HIS D 171 31.35 -43.90 59.80
C HIS D 171 30.91 -43.73 61.25
N LEU D 172 30.99 -44.78 62.07
CA LEU D 172 30.70 -44.62 63.49
C LEU D 172 31.59 -43.55 64.10
N ALA D 173 32.91 -43.65 63.86
CA ALA D 173 33.82 -42.66 64.45
C ALA D 173 33.52 -41.26 63.94
N PHE D 174 33.33 -41.11 62.62
CA PHE D 174 33.11 -39.78 62.06
C PHE D 174 31.79 -39.19 62.51
N ALA D 175 30.74 -40.01 62.62
CA ALA D 175 29.47 -39.52 63.13
C ALA D 175 29.59 -39.06 64.57
N LEU D 176 30.32 -39.80 65.41
CA LEU D 176 30.52 -39.34 66.78
C LEU D 176 31.27 -38.02 66.83
N LEU D 177 32.24 -37.81 65.94
CA LEU D 177 32.98 -36.55 65.96
C LEU D 177 32.13 -35.39 65.42
N GLU D 178 31.44 -35.65 64.30
CA GLU D 178 30.61 -34.63 63.66
C GLU D 178 29.47 -34.18 64.56
N LYS D 179 28.85 -35.11 65.27
CA LYS D 179 27.81 -34.74 66.23
C LYS D 179 28.34 -33.69 67.20
N LYS D 180 29.55 -33.90 67.69
CA LYS D 180 30.14 -32.97 68.64
C LYS D 180 30.44 -31.63 67.97
N ARG D 181 30.87 -31.65 66.71
CA ARG D 181 31.11 -30.40 65.98
C ARG D 181 29.83 -29.59 65.82
N LEU D 182 28.76 -30.22 65.36
CA LEU D 182 27.49 -29.53 65.21
C LEU D 182 26.99 -29.03 66.56
N GLU D 183 27.23 -29.81 67.60
CA GLU D 183 26.77 -29.47 68.94
C GLU D 183 27.60 -28.35 69.56
N ASN D 184 28.83 -28.17 69.07
CA ASN D 184 29.68 -27.07 69.55
C ASN D 184 29.38 -25.76 68.83
N PHE D 185 29.17 -25.81 67.51
CA PHE D 185 28.90 -24.58 66.77
C PHE D 185 27.72 -23.82 67.33
N ARG D 186 26.76 -24.51 67.94
CA ARG D 186 25.48 -23.88 68.20
C ARG D 186 25.49 -23.06 69.48
N GLU D 187 26.32 -23.43 70.46
CA GLU D 187 26.44 -22.64 71.68
C GLU D 187 27.50 -21.56 71.53
N THR D 188 28.66 -21.92 70.99
CA THR D 188 29.73 -20.99 70.66
C THR D 188 29.99 -21.06 69.17
N GLY D 189 30.11 -19.91 68.51
CA GLY D 189 30.19 -19.91 67.06
C GLY D 189 31.49 -20.46 66.52
N GLU D 190 31.83 -21.69 66.89
CA GLU D 190 33.08 -22.31 66.45
C GLU D 190 32.92 -23.82 66.55
N ALA D 191 33.72 -24.53 65.76
CA ALA D 191 33.56 -25.99 65.66
C ALA D 191 34.93 -26.63 65.46
N GLY D 192 35.53 -27.08 66.55
CA GLY D 192 36.76 -27.85 66.45
C GLY D 192 36.49 -29.31 66.18
N HIS D 193 37.38 -29.93 65.43
CA HIS D 193 37.12 -31.26 64.88
C HIS D 193 37.42 -32.40 65.83
N PHE D 194 38.35 -32.20 66.76
CA PHE D 194 38.79 -33.34 67.56
C PHE D 194 38.35 -33.43 69.00
N GLY D 195 37.05 -33.44 69.20
CA GLY D 195 36.52 -33.59 70.55
C GLY D 195 36.50 -32.33 71.37
N ALA D 196 37.14 -31.26 70.91
CA ALA D 196 37.14 -29.99 71.62
C ALA D 196 36.70 -28.89 70.67
N ALA D 197 36.13 -27.84 71.24
CA ALA D 197 35.65 -26.72 70.41
C ALA D 197 36.81 -25.96 69.80
N ARG D 198 37.99 -26.02 70.41
CA ARG D 198 39.08 -25.14 69.98
C ARG D 198 40.37 -25.88 69.66
N PHE D 199 40.65 -26.98 70.34
CA PHE D 199 41.83 -27.79 70.03
C PHE D 199 43.19 -27.09 69.96
N ASP D 200 43.68 -26.63 71.10
CA ASP D 200 44.99 -26.00 71.16
C ASP D 200 45.80 -26.77 72.20
N PRO D 201 46.14 -28.02 71.90
CA PRO D 201 46.90 -28.83 72.86
C PRO D 201 48.21 -28.18 73.26
N LEU D 202 48.91 -27.59 72.30
CA LEU D 202 50.05 -26.72 72.55
C LEU D 202 49.59 -25.31 72.20
N ASP D 203 49.55 -24.43 73.19
CA ASP D 203 48.95 -23.12 72.97
C ASP D 203 49.86 -22.30 72.04
N LEU D 204 49.52 -22.28 70.75
CA LEU D 204 50.32 -21.57 69.76
C LEU D 204 49.48 -20.64 68.89
N THR D 205 48.20 -20.45 69.21
CA THR D 205 47.35 -19.61 68.37
C THR D 205 47.75 -18.15 68.40
N GLU D 206 48.56 -17.73 69.38
CA GLU D 206 49.02 -16.35 69.48
C GLU D 206 50.49 -16.31 69.85
N ALA D 207 51.25 -17.29 69.40
CA ALA D 207 52.64 -17.48 69.81
C ALA D 207 53.55 -17.44 68.60
N ASN D 208 53.35 -16.44 67.74
CA ASN D 208 54.19 -16.25 66.58
C ASN D 208 54.91 -14.91 66.71
N PRO D 209 56.23 -14.86 66.61
CA PRO D 209 56.97 -13.62 66.87
C PRO D 209 56.95 -12.62 65.71
N LEU D 210 55.80 -12.47 65.08
CA LEU D 210 55.61 -11.40 64.10
C LEU D 210 54.25 -10.75 64.20
N GLY D 211 53.46 -11.07 65.21
CA GLY D 211 52.15 -10.47 65.37
C GLY D 211 51.26 -11.33 66.23
N THR D 212 50.12 -10.76 66.60
CA THR D 212 49.15 -11.49 67.40
C THR D 212 48.38 -12.50 66.56
N ASP D 213 47.61 -12.02 65.59
CA ASP D 213 46.81 -12.85 64.70
C ASP D 213 47.53 -13.16 63.39
N TYR D 214 48.69 -13.80 63.50
CA TYR D 214 49.48 -14.21 62.34
C TYR D 214 49.18 -15.63 61.90
N ASN D 215 49.03 -16.55 62.86
CA ASN D 215 48.73 -17.94 62.53
C ASN D 215 47.39 -18.06 61.83
N ARG D 216 46.41 -17.28 62.27
CA ARG D 216 45.08 -17.34 61.68
C ARG D 216 45.10 -16.94 60.22
N GLN D 217 45.89 -15.91 59.88
CA GLN D 217 46.02 -15.51 58.50
C GLN D 217 46.90 -16.44 57.68
N ALA D 218 47.85 -17.14 58.31
CA ALA D 218 48.70 -18.05 57.58
C ALA D 218 48.00 -19.36 57.24
N GLU D 219 47.15 -19.83 58.14
CA GLU D 219 46.46 -21.10 57.94
C GLU D 219 45.41 -21.11 56.84
N VAL D 220 44.71 -20.00 56.69
CA VAL D 220 43.63 -19.89 55.72
C VAL D 220 44.22 -19.67 54.34
N ARG D 221 45.49 -19.33 54.28
CA ARG D 221 46.18 -19.12 53.02
C ARG D 221 46.96 -20.33 52.55
N ASN D 222 47.48 -21.10 53.49
CA ASN D 222 48.14 -22.32 53.10
C ASN D 222 47.07 -23.29 52.63
N CYS D 223 45.96 -23.38 53.36
CA CYS D 223 44.86 -24.24 52.94
C CYS D 223 44.28 -23.84 51.61
N ARG D 224 44.15 -22.55 51.37
CA ARG D 224 43.67 -22.02 50.11
C ARG D 224 44.58 -22.35 48.94
N LEU D 225 45.90 -22.31 49.14
CA LEU D 225 46.84 -22.73 48.11
C LEU D 225 46.81 -24.23 47.87
N ALA D 226 46.71 -25.03 48.93
CA ALA D 226 46.68 -26.47 48.78
C ALA D 226 45.44 -26.98 48.04
N MET D 227 44.30 -26.32 48.17
CA MET D 227 43.11 -26.78 47.46
C MET D 227 43.30 -26.76 45.95
N LEU D 228 43.71 -25.63 45.40
CA LEU D 228 43.90 -25.60 43.96
C LEU D 228 45.19 -26.29 43.54
N THR D 229 46.14 -26.47 44.46
CA THR D 229 47.22 -27.41 44.20
C THR D 229 46.68 -28.79 43.88
N PHE D 230 45.79 -29.31 44.72
CA PHE D 230 45.24 -30.64 44.50
C PHE D 230 44.32 -30.69 43.30
N LEU D 231 43.57 -29.63 43.04
CA LEU D 231 42.80 -29.59 41.80
C LEU D 231 43.74 -29.68 40.59
N GLY D 232 44.92 -29.06 40.69
CA GLY D 232 45.91 -29.20 39.64
C GLY D 232 46.40 -30.62 39.48
N PHE D 233 46.62 -31.32 40.58
CA PHE D 233 47.04 -32.72 40.49
C PHE D 233 45.96 -33.55 39.83
N SER D 234 44.71 -33.33 40.18
CA SER D 234 43.63 -34.14 39.65
C SER D 234 43.40 -33.88 38.16
N VAL D 235 43.54 -32.63 37.73
CA VAL D 235 43.31 -32.35 36.31
C VAL D 235 44.54 -32.69 35.47
N GLN D 236 45.71 -32.62 36.08
CA GLN D 236 46.95 -32.96 35.37
C GLN D 236 47.01 -34.46 35.11
N ALA D 237 46.59 -35.26 36.08
CA ALA D 237 46.61 -36.71 35.90
C ALA D 237 45.66 -37.19 34.82
N TRP D 238 44.68 -36.38 34.42
CA TRP D 238 43.69 -36.80 33.44
C TRP D 238 44.00 -36.31 32.03
N VAL D 239 44.80 -35.27 31.89
CA VAL D 239 45.19 -34.77 30.57
C VAL D 239 46.52 -35.34 30.11
N THR D 240 47.52 -35.44 30.99
CA THR D 240 48.85 -35.89 30.61
C THR D 240 49.04 -37.39 30.75
N GLY D 241 48.43 -38.00 31.77
CA GLY D 241 48.64 -39.39 32.07
C GLY D 241 49.83 -39.68 32.95
N LYS D 242 50.72 -38.72 33.14
CA LYS D 242 51.92 -38.91 33.93
C LYS D 242 51.62 -38.59 35.39
N GLY D 243 52.66 -38.42 36.19
CA GLY D 243 52.51 -38.03 37.57
C GLY D 243 52.85 -36.59 37.81
N PRO D 244 52.77 -36.16 39.07
CA PRO D 244 53.13 -34.77 39.40
C PRO D 244 54.57 -34.41 39.08
N ILE D 245 55.53 -35.16 39.62
CA ILE D 245 56.94 -34.82 39.41
C ILE D 245 57.32 -35.00 37.95
N GLU D 246 56.76 -36.01 37.30
CA GLU D 246 57.03 -36.30 35.90
C GLU D 246 56.52 -35.21 34.97
N ASN D 247 55.66 -34.31 35.46
CA ASN D 247 55.25 -33.16 34.68
C ASN D 247 56.13 -31.95 34.94
N ALA D 248 56.51 -31.72 36.19
CA ALA D 248 57.42 -30.62 36.51
C ALA D 248 58.75 -30.81 35.81
N LYS D 249 59.31 -32.01 35.85
CA LYS D 249 60.59 -32.24 35.21
C LYS D 249 60.48 -32.12 33.69
N ASP D 250 59.38 -32.59 33.11
CA ASP D 250 59.18 -32.44 31.67
C ASP D 250 59.09 -30.97 31.29
N HIS D 251 58.46 -30.15 32.11
CA HIS D 251 58.37 -28.73 31.80
C HIS D 251 59.72 -28.04 31.96
N LEU D 252 60.48 -28.43 32.98
CA LEU D 252 61.75 -27.76 33.21
C LEU D 252 62.80 -28.17 32.19
N ALA D 253 62.66 -29.38 31.63
CA ALA D 253 63.59 -29.84 30.62
C ALA D 253 63.55 -28.95 29.39
N SER D 254 62.35 -28.74 28.84
CA SER D 254 62.17 -27.98 27.61
C SER D 254 60.81 -27.30 27.63
N PRO D 255 60.75 -26.08 28.16
CA PRO D 255 59.45 -25.46 28.43
C PRO D 255 58.81 -24.80 27.22
N PHE D 256 58.77 -25.46 26.07
CA PHE D 256 57.98 -24.95 24.97
C PHE D 256 57.20 -26.01 24.21
N GLU D 257 57.42 -27.29 24.48
CA GLU D 257 56.54 -28.35 24.00
C GLU D 257 55.95 -29.21 25.10
N ALA D 258 56.52 -29.18 26.30
CA ALA D 258 55.96 -29.87 27.46
C ALA D 258 55.10 -28.92 28.27
N ASN D 259 54.08 -28.37 27.61
CA ASN D 259 53.12 -27.48 28.23
C ASN D 259 51.72 -27.99 27.98
N ILE D 260 50.72 -27.22 28.39
CA ILE D 260 49.33 -27.66 28.28
C ILE D 260 48.88 -27.68 26.82
N PHE D 261 49.33 -26.73 26.01
CA PHE D 261 48.86 -26.60 24.64
C PHE D 261 49.33 -27.66 23.65
N THR D 262 50.09 -28.64 24.12
CA THR D 262 50.66 -29.63 23.21
C THR D 262 50.25 -31.05 23.51
N TYR D 263 49.20 -31.25 24.30
CA TYR D 263 48.78 -32.61 24.66
C TYR D 263 47.55 -33.13 23.93
N GLY D 264 47.07 -32.38 22.95
CA GLY D 264 45.94 -32.83 22.18
C GLY D 264 44.64 -32.09 22.41
N ASP D 265 43.54 -32.83 22.46
CA ASP D 265 42.22 -32.21 22.54
C ASP D 265 41.83 -31.91 23.99
N ARG D 266 42.29 -32.73 24.93
CA ARG D 266 41.97 -32.48 26.33
C ARG D 266 42.60 -31.18 26.82
N GLY D 267 43.87 -30.96 26.47
CA GLY D 267 44.53 -29.72 26.86
C GLY D 267 43.89 -28.49 26.27
N THR D 268 43.16 -28.64 25.16
CA THR D 268 42.40 -27.54 24.59
C THR D 268 41.03 -27.39 25.25
N ASN D 269 40.38 -28.51 25.59
CA ASN D 269 39.09 -28.44 26.27
C ASN D 269 39.22 -27.79 27.63
N VAL D 270 40.27 -28.13 28.39
CA VAL D 270 40.47 -27.52 29.70
C VAL D 270 40.71 -26.03 29.56
N VAL D 271 41.54 -25.63 28.59
CA VAL D 271 41.80 -24.20 28.38
C VAL D 271 40.51 -23.48 28.02
N ALA D 272 39.69 -24.09 27.15
CA ALA D 272 38.43 -23.48 26.78
C ALA D 272 37.51 -23.30 27.97
N ILE D 273 37.40 -24.32 28.81
CA ILE D 273 36.52 -24.23 29.97
C ILE D 273 37.02 -23.16 30.93
N PHE D 274 38.33 -23.15 31.18
CA PHE D 274 38.96 -22.18 32.07
C PHE D 274 38.74 -20.76 31.59
N SER D 275 38.94 -20.53 30.28
CA SER D 275 38.75 -19.21 29.70
C SER D 275 37.29 -18.79 29.69
N ALA D 276 36.35 -19.71 29.54
CA ALA D 276 34.94 -19.36 29.59
C ALA D 276 34.47 -19.07 31.00
N PHE D 277 34.99 -19.78 32.00
CA PHE D 277 34.60 -19.49 33.38
C PHE D 277 35.26 -18.23 33.90
N ALA D 278 36.46 -17.91 33.42
CA ALA D 278 37.15 -16.70 33.83
C ALA D 278 36.56 -15.44 33.22
N ALA D 279 35.84 -15.56 32.10
CA ALA D 279 35.22 -14.42 31.46
C ALA D 279 33.82 -14.14 31.98
N VAL D 280 33.27 -15.02 32.81
CA VAL D 280 31.95 -14.84 33.39
C VAL D 280 32.04 -14.15 34.75
N MET D 281 33.03 -14.51 35.56
CA MET D 281 33.13 -13.90 36.88
C MET D 281 33.77 -12.53 36.86
N HIS D 282 34.32 -12.09 35.74
CA HIS D 282 34.70 -10.70 35.59
C HIS D 282 33.57 -9.83 35.08
N ILE D 283 32.76 -10.34 34.15
CA ILE D 283 31.57 -9.63 33.75
C ILE D 283 30.60 -9.50 34.91
N ALA D 284 30.48 -10.54 35.72
CA ALA D 284 29.62 -10.47 36.91
C ALA D 284 30.12 -9.41 37.88
N GLU D 285 31.43 -9.32 38.08
CA GLU D 285 31.96 -8.30 38.98
C GLU D 285 31.73 -6.89 38.43
N LEU D 286 31.93 -6.71 37.12
CA LEU D 286 31.70 -5.40 36.52
C LEU D 286 30.24 -5.00 36.64
N ALA D 287 29.32 -5.95 36.40
CA ALA D 287 27.90 -5.66 36.56
C ALA D 287 27.54 -5.39 38.00
N ARG D 288 28.18 -6.09 38.95
CA ARG D 288 27.94 -5.82 40.36
C ARG D 288 28.33 -4.41 40.75
N GLU D 289 29.48 -3.94 40.27
CA GLU D 289 29.93 -2.60 40.66
C GLU D 289 28.96 -1.51 40.26
N LYS D 290 28.06 -1.79 39.34
CA LYS D 290 26.98 -0.87 38.99
C LYS D 290 25.70 -1.24 39.73
N LYS D 291 25.89 -1.76 40.95
CA LYS D 291 24.80 -2.33 41.75
C LYS D 291 23.94 -3.31 40.95
N PRO E 51 -4.12 -36.12 69.99
CA PRO E 51 -3.40 -37.31 69.52
C PRO E 51 -2.00 -37.39 70.08
N THR E 52 -1.42 -38.59 70.13
CA THR E 52 -0.02 -38.75 70.48
C THR E 52 0.86 -38.95 69.27
N THR E 53 0.30 -38.86 68.07
CA THR E 53 1.12 -38.90 66.87
C THR E 53 1.69 -37.54 66.52
N MET E 54 1.20 -36.48 67.15
CA MET E 54 1.76 -35.15 66.95
C MET E 54 2.86 -34.89 67.99
N LEU E 55 3.68 -33.89 67.70
CA LEU E 55 4.86 -33.63 68.50
C LEU E 55 4.46 -32.95 69.81
N GLU E 56 5.45 -32.69 70.65
CA GLU E 56 5.24 -31.92 71.87
C GLU E 56 6.09 -30.68 71.98
N GLU E 57 7.11 -30.57 71.12
CA GLU E 57 8.05 -29.47 71.21
C GLU E 57 8.10 -28.49 70.04
N ARG E 58 7.56 -28.86 68.88
CA ARG E 58 7.50 -28.01 67.70
C ARG E 58 8.90 -27.56 67.28
N ASP E 59 9.66 -28.53 66.79
CA ASP E 59 11.05 -28.31 66.41
C ASP E 59 11.34 -28.84 65.02
N ASN E 60 12.42 -28.32 64.42
CA ASN E 60 12.90 -28.72 63.10
C ASN E 60 14.32 -29.25 63.28
N LEU E 61 14.58 -30.45 62.78
CA LEU E 61 15.89 -31.05 62.95
C LEU E 61 16.84 -30.59 61.85
N TRP E 62 18.12 -30.46 62.19
CA TRP E 62 19.13 -30.01 61.25
C TRP E 62 19.77 -31.22 60.57
N GLU E 63 19.44 -31.37 59.30
CA GLU E 63 19.91 -32.44 58.44
C GLU E 63 20.84 -31.93 57.35
N ILE E 64 21.02 -32.69 56.27
CA ILE E 64 22.09 -32.59 55.28
C ILE E 64 22.50 -31.15 55.00
N GLY E 65 21.55 -30.29 54.69
CA GLY E 65 21.92 -28.91 54.40
C GLY E 65 21.50 -27.88 55.44
N GLY E 66 20.30 -28.06 55.98
CA GLY E 66 19.74 -27.15 56.93
C GLY E 66 18.48 -27.73 57.53
N PRO E 67 17.71 -26.95 58.27
CA PRO E 67 16.45 -27.49 58.78
C PRO E 67 15.29 -27.31 57.81
N TYR E 68 15.56 -27.45 56.52
CA TYR E 68 14.66 -27.27 55.40
C TYR E 68 15.33 -27.84 54.18
N TRP E 69 14.55 -28.40 53.27
CA TRP E 69 15.12 -28.69 51.97
C TRP E 69 15.36 -27.35 51.29
N TRP E 70 16.03 -27.37 50.14
CA TRP E 70 16.30 -26.12 49.44
C TRP E 70 17.06 -25.16 50.35
N PRO E 71 18.35 -25.39 50.57
CA PRO E 71 19.07 -24.75 51.68
C PRO E 71 19.68 -23.39 51.32
N PHE E 72 18.85 -22.51 50.75
CA PHE E 72 19.28 -21.17 50.37
C PHE E 72 18.60 -20.14 51.26
N SER E 73 18.96 -18.88 51.11
CA SER E 73 18.44 -17.82 51.96
C SER E 73 17.11 -17.26 51.48
N SER E 74 16.72 -17.55 50.25
CA SER E 74 15.44 -17.08 49.71
C SER E 74 14.40 -18.21 49.81
N PHE E 75 14.10 -18.58 51.04
CA PHE E 75 13.15 -19.67 51.27
C PHE E 75 12.38 -19.41 52.54
N THR E 76 11.05 -19.41 52.42
CA THR E 76 10.13 -19.33 53.55
C THR E 76 9.27 -20.57 53.52
N PRO E 77 9.12 -21.27 54.65
CA PRO E 77 8.39 -22.54 54.62
C PRO E 77 6.93 -22.31 54.30
N PRO E 78 6.25 -23.33 53.78
CA PRO E 78 4.82 -23.19 53.48
C PRO E 78 4.02 -22.84 54.73
N ALA E 79 2.93 -22.12 54.52
CA ALA E 79 2.17 -21.59 55.65
C ALA E 79 1.55 -22.71 56.50
N HIS E 80 1.22 -23.85 55.88
CA HIS E 80 0.50 -24.88 56.62
C HIS E 80 1.44 -25.85 57.32
N LEU E 81 2.75 -25.76 57.06
CA LEU E 81 3.76 -26.61 57.70
C LEU E 81 4.54 -25.73 58.66
N ASP E 82 4.34 -25.93 59.95
CA ASP E 82 4.90 -25.05 60.96
C ASP E 82 5.71 -25.74 62.02
N GLY E 83 5.95 -27.03 61.89
CA GLY E 83 6.75 -27.77 62.82
C GLY E 83 6.01 -28.63 63.82
N SER E 84 4.72 -28.85 63.63
CA SER E 84 3.92 -29.57 64.61
C SER E 84 3.93 -31.09 64.41
N LEU E 85 4.33 -31.58 63.25
CA LEU E 85 4.31 -33.02 63.00
C LEU E 85 5.73 -33.56 62.87
N PRO E 86 5.94 -34.84 63.17
CA PRO E 86 7.28 -35.42 63.03
C PRO E 86 7.75 -35.39 61.59
N GLY E 87 9.06 -35.19 61.42
CA GLY E 87 9.68 -35.22 60.13
C GLY E 87 9.51 -33.99 59.28
N ASP E 88 9.20 -32.85 59.89
CA ASP E 88 8.89 -31.65 59.13
C ASP E 88 10.17 -31.07 58.51
N ARG E 89 10.06 -30.66 57.25
CA ARG E 89 11.12 -29.98 56.54
C ARG E 89 10.58 -28.91 55.60
N GLY E 90 9.30 -28.61 55.64
CA GLY E 90 8.71 -27.70 54.67
C GLY E 90 8.80 -28.17 53.24
N PHE E 91 8.61 -29.45 52.98
CA PHE E 91 8.68 -29.93 51.61
C PHE E 91 7.28 -30.03 51.02
N ASP E 92 6.94 -29.12 50.11
CA ASP E 92 5.64 -29.08 49.45
C ASP E 92 5.69 -28.24 48.19
N PRO E 93 6.40 -28.64 47.15
CA PRO E 93 6.38 -27.85 45.92
C PRO E 93 4.98 -27.74 45.30
N PHE E 94 4.33 -28.88 45.04
CA PHE E 94 2.92 -28.87 44.69
C PHE E 94 2.11 -28.92 45.98
N SER E 95 1.28 -27.91 46.22
CA SER E 95 0.64 -27.77 47.52
C SER E 95 -0.46 -28.82 47.66
N LEU E 96 -0.06 -30.05 47.98
CA LEU E 96 -0.98 -31.15 48.16
C LEU E 96 -1.46 -31.31 49.59
N GLY E 97 -1.04 -30.42 50.49
CA GLY E 97 -1.45 -30.55 51.87
C GLY E 97 -2.66 -29.71 52.20
N THR E 98 -3.03 -28.81 51.30
CA THR E 98 -4.27 -28.05 51.42
C THR E 98 -5.39 -28.58 50.55
N SER E 99 -5.09 -29.49 49.64
CA SER E 99 -6.10 -30.18 48.83
C SER E 99 -5.83 -31.67 49.00
N TRP E 100 -6.38 -32.48 48.11
CA TRP E 100 -6.02 -33.89 48.01
C TRP E 100 -6.37 -34.67 49.29
N GLY E 101 -7.66 -34.80 49.52
CA GLY E 101 -8.13 -35.70 50.55
C GLY E 101 -9.32 -35.13 51.30
N GLN E 102 -10.05 -36.02 51.95
CA GLN E 102 -11.17 -35.63 52.82
C GLN E 102 -11.15 -36.52 54.05
N PRO E 103 -10.73 -35.99 55.20
CA PRO E 103 -10.62 -36.82 56.39
C PRO E 103 -11.99 -37.29 56.85
N PRO E 104 -12.06 -38.46 57.48
CA PRO E 104 -13.34 -38.92 58.05
C PRO E 104 -13.65 -38.25 59.38
N VAL E 105 -13.95 -36.96 59.32
CA VAL E 105 -14.34 -36.20 60.50
C VAL E 105 -15.65 -35.50 60.21
N ASP E 106 -16.30 -35.05 61.28
CA ASP E 106 -17.55 -34.33 61.12
C ASP E 106 -17.18 -33.06 60.35
N VAL E 107 -17.93 -32.76 59.30
CA VAL E 107 -17.67 -31.58 58.49
C VAL E 107 -18.11 -30.32 59.25
N SER E 108 -17.55 -29.18 58.85
CA SER E 108 -17.83 -27.87 59.44
C SER E 108 -17.39 -27.79 60.89
N ASP E 109 -16.52 -28.66 61.32
CA ASP E 109 -16.02 -28.54 62.67
C ASP E 109 -14.74 -27.72 62.54
N PRO E 110 -14.49 -26.81 63.49
CA PRO E 110 -13.28 -25.98 63.46
C PRO E 110 -12.03 -26.82 63.59
N ASN E 111 -10.96 -26.33 62.96
CA ASN E 111 -9.71 -27.06 62.79
C ASN E 111 -9.93 -28.27 61.88
N TYR E 112 -10.50 -28.01 60.72
CA TYR E 112 -10.71 -29.01 59.68
C TYR E 112 -9.54 -29.06 58.70
N ASP E 113 -8.89 -27.92 58.44
CA ASP E 113 -7.75 -27.94 57.53
C ASP E 113 -6.53 -28.62 58.13
N GLU E 114 -6.45 -28.67 59.46
CA GLU E 114 -5.37 -29.41 60.10
C GLU E 114 -5.64 -30.91 60.11
N SER E 115 -6.90 -31.32 60.24
CA SER E 115 -7.26 -32.73 60.20
C SER E 115 -6.87 -33.39 58.90
N ARG E 116 -6.85 -32.65 57.80
CA ARG E 116 -6.41 -33.23 56.55
C ARG E 116 -4.92 -33.55 56.55
N LEU E 117 -4.08 -32.72 57.17
CA LEU E 117 -2.67 -33.09 57.27
C LEU E 117 -2.47 -34.30 58.17
N ARG E 118 -3.28 -34.43 59.22
CA ARG E 118 -3.19 -35.62 60.06
C ARG E 118 -3.62 -36.86 59.32
N TRP E 119 -4.66 -36.77 58.48
CA TRP E 119 -5.05 -37.91 57.65
C TRP E 119 -3.93 -38.29 56.67
N LEU E 120 -3.31 -37.30 56.04
CA LEU E 120 -2.21 -37.62 55.12
C LEU E 120 -1.01 -38.19 55.87
N LEU E 121 -0.75 -37.74 57.10
CA LEU E 121 0.34 -38.31 57.88
C LEU E 121 0.03 -39.75 58.27
N GLU E 122 -1.24 -40.03 58.59
CA GLU E 122 -1.66 -41.41 58.83
C GLU E 122 -1.40 -42.26 57.60
N GLY E 123 -1.70 -41.74 56.41
CA GLY E 123 -1.45 -42.47 55.18
C GLY E 123 0.03 -42.70 54.93
N GLU E 124 0.85 -41.71 55.23
CA GLU E 124 2.30 -41.83 55.05
C GLU E 124 2.89 -42.89 55.97
N LEU E 125 2.47 -42.87 57.23
CA LEU E 125 2.95 -43.88 58.18
C LEU E 125 2.47 -45.27 57.78
N TYR E 126 1.23 -45.38 57.35
CA TYR E 126 0.71 -46.66 56.95
C TYR E 126 1.44 -47.23 55.75
N ASN E 127 1.75 -46.39 54.77
CA ASN E 127 2.45 -46.88 53.59
C ASN E 127 3.89 -47.24 53.93
N GLY E 128 4.50 -46.52 54.87
CA GLY E 128 5.87 -46.83 55.24
C GLY E 128 6.00 -48.09 56.06
N ARG E 129 5.02 -48.35 56.92
CA ARG E 129 5.08 -49.53 57.77
C ARG E 129 4.99 -50.83 56.97
N LEU E 130 4.38 -50.79 55.79
CA LEU E 130 4.39 -51.97 54.93
C LEU E 130 5.67 -52.10 54.14
N ALA E 131 6.24 -50.98 53.71
CA ALA E 131 7.50 -51.04 52.97
C ALA E 131 8.63 -51.52 53.85
N MET E 132 8.63 -51.13 55.13
CA MET E 132 9.69 -51.59 56.02
C MET E 132 9.61 -53.09 56.26
N LEU E 133 8.40 -53.65 56.22
CA LEU E 133 8.29 -55.10 56.34
C LEU E 133 8.65 -55.79 55.03
N ALA E 134 8.27 -55.19 53.90
CA ALA E 134 8.54 -55.81 52.61
C ALA E 134 10.03 -55.83 52.30
N VAL E 135 10.77 -54.80 52.70
CA VAL E 135 12.21 -54.78 52.47
C VAL E 135 12.89 -55.91 53.22
N VAL E 136 12.52 -56.08 54.49
CA VAL E 136 13.07 -57.18 55.28
C VAL E 136 12.68 -58.52 54.67
N GLY E 137 11.43 -58.65 54.26
CA GLY E 137 10.95 -59.92 53.70
C GLY E 137 11.54 -60.27 52.36
N VAL E 138 11.96 -59.29 51.58
CA VAL E 138 12.61 -59.59 50.32
C VAL E 138 14.11 -59.80 50.50
N LEU E 139 14.74 -59.13 51.48
CA LEU E 139 16.15 -59.37 51.71
C LEU E 139 16.39 -60.70 52.41
N THR E 140 15.49 -61.14 53.27
CA THR E 140 15.68 -62.40 53.98
C THR E 140 15.28 -63.62 53.16
N VAL E 141 14.82 -63.41 51.93
CA VAL E 141 14.45 -64.49 51.04
C VAL E 141 15.33 -64.51 49.79
N GLU E 142 15.45 -63.36 49.12
CA GLU E 142 16.25 -63.33 47.90
C GLU E 142 17.72 -63.55 48.19
N ALA E 143 18.16 -63.17 49.39
CA ALA E 143 19.55 -63.32 49.78
C ALA E 143 19.79 -64.54 50.67
N GLN E 144 18.85 -65.48 50.68
CA GLN E 144 19.05 -66.72 51.43
C GLN E 144 19.12 -67.94 50.53
N GLY E 145 18.05 -68.25 49.80
CA GLY E 145 18.14 -69.35 48.86
C GLY E 145 17.41 -69.21 47.55
N LYS E 146 16.52 -68.23 47.46
CA LYS E 146 15.46 -68.29 46.44
C LYS E 146 15.78 -67.38 45.26
N GLY E 147 15.09 -67.65 44.16
CA GLY E 147 15.35 -66.96 42.92
C GLY E 147 14.81 -65.56 42.94
N PRO E 148 14.44 -65.04 41.76
CA PRO E 148 13.87 -63.69 41.71
C PRO E 148 12.64 -63.59 42.59
N TRP E 149 12.58 -62.51 43.38
CA TRP E 149 11.48 -62.31 44.31
C TRP E 149 10.20 -61.94 43.61
N TRP E 150 10.25 -61.56 42.34
CA TRP E 150 9.07 -61.18 41.58
C TRP E 150 8.49 -62.34 40.81
N GLU E 151 8.90 -63.57 41.11
CA GLU E 151 8.31 -64.76 40.52
C GLU E 151 7.80 -65.72 41.57
N ILE E 152 8.00 -65.43 42.86
CA ILE E 152 7.48 -66.30 43.92
C ILE E 152 5.96 -66.41 43.90
N PRO E 153 5.20 -65.30 43.85
CA PRO E 153 3.73 -65.46 43.84
C PRO E 153 3.22 -66.24 42.63
N GLY E 154 3.89 -66.15 41.49
CA GLY E 154 3.48 -66.89 40.32
C GLY E 154 3.86 -68.36 40.33
N ASN E 155 4.54 -68.83 41.38
CA ASN E 155 4.94 -70.22 41.49
C ASN E 155 4.28 -70.89 42.70
N LEU E 156 3.15 -70.35 43.15
CA LEU E 156 2.34 -71.00 44.17
C LEU E 156 1.23 -71.85 43.58
N ASN E 157 0.88 -71.63 42.32
CA ASN E 157 -0.21 -72.33 41.65
C ASN E 157 -1.50 -72.24 42.47
N LEU E 158 -1.97 -71.01 42.64
CA LEU E 158 -3.19 -70.74 43.38
C LEU E 158 -4.30 -70.51 42.39
N PHE E 159 -5.24 -71.45 42.31
CA PHE E 159 -6.39 -71.33 41.42
C PHE E 159 -7.55 -72.13 42.00
N GLY E 160 -8.75 -71.78 41.55
CA GLY E 160 -9.95 -72.45 42.03
C GLY E 160 -10.38 -72.04 43.41
N THR E 161 -10.94 -72.98 44.16
CA THR E 161 -11.50 -72.74 45.48
C THR E 161 -10.51 -72.19 46.52
N PRO E 162 -9.26 -72.68 46.61
CA PRO E 162 -8.35 -72.12 47.63
C PRO E 162 -8.13 -70.64 47.46
N TYR E 163 -8.01 -70.17 46.22
CA TYR E 163 -7.85 -68.74 45.96
C TYR E 163 -9.05 -67.97 46.51
N VAL E 164 -10.26 -68.45 46.21
CA VAL E 164 -11.45 -67.73 46.63
C VAL E 164 -11.56 -67.68 48.15
N VAL E 165 -11.32 -68.81 48.82
CA VAL E 165 -11.48 -68.82 50.26
C VAL E 165 -10.42 -67.96 50.93
N ALA E 166 -9.18 -67.99 50.41
CA ALA E 166 -8.12 -67.16 50.97
C ALA E 166 -8.45 -65.68 50.82
N VAL E 167 -8.90 -65.28 49.62
CA VAL E 167 -9.24 -63.88 49.38
C VAL E 167 -10.36 -63.44 50.31
N VAL E 168 -11.42 -64.24 50.41
CA VAL E 168 -12.56 -63.86 51.22
C VAL E 168 -12.18 -63.74 52.69
N GLY E 169 -11.41 -64.71 53.21
CA GLY E 169 -11.03 -64.64 54.62
C GLY E 169 -10.13 -63.46 54.92
N GLY E 170 -9.12 -63.23 54.07
CA GLY E 170 -8.26 -62.10 54.28
C GLY E 170 -9.02 -60.79 54.26
N HIS E 171 -9.94 -60.64 53.33
CA HIS E 171 -10.73 -59.41 53.26
C HIS E 171 -11.65 -59.28 54.48
N LEU E 172 -12.24 -60.37 54.96
CA LEU E 172 -13.01 -60.29 56.20
C LEU E 172 -12.18 -59.71 57.32
N ALA E 173 -10.99 -60.27 57.53
CA ALA E 173 -10.15 -59.78 58.63
C ALA E 173 -9.77 -58.31 58.43
N PHE E 174 -9.36 -57.95 57.22
CA PHE E 174 -8.92 -56.58 56.99
C PHE E 174 -10.07 -55.59 57.09
N ALA E 175 -11.26 -55.95 56.62
CA ALA E 175 -12.41 -55.09 56.77
C ALA E 175 -12.77 -54.89 58.23
N LEU E 176 -12.70 -55.95 59.05
CA LEU E 176 -12.95 -55.78 60.47
C LEU E 176 -11.94 -54.85 61.12
N LEU E 177 -10.67 -54.91 60.70
CA LEU E 177 -9.67 -54.02 61.29
C LEU E 177 -9.83 -52.58 60.82
N GLU E 178 -10.04 -52.42 59.51
CA GLU E 178 -10.19 -51.10 58.91
C GLU E 178 -11.41 -50.37 59.46
N LYS E 179 -12.52 -51.07 59.65
CA LYS E 179 -13.69 -50.45 60.25
C LYS E 179 -13.33 -49.81 61.58
N LYS E 180 -12.55 -50.52 62.39
CA LYS E 180 -12.16 -50.01 63.68
C LYS E 180 -11.22 -48.81 63.53
N ARG E 181 -10.34 -48.84 62.54
CA ARG E 181 -9.46 -47.69 62.28
C ARG E 181 -10.24 -46.44 61.92
N LEU E 182 -11.17 -46.56 60.97
CA LEU E 182 -12.01 -45.43 60.57
C LEU E 182 -12.83 -44.95 61.75
N GLU E 183 -13.30 -45.88 62.57
CA GLU E 183 -14.14 -45.56 63.71
C GLU E 183 -13.35 -44.92 64.84
N ASN E 184 -12.03 -45.15 64.87
CA ASN E 184 -11.17 -44.53 65.88
C ASN E 184 -10.74 -43.13 65.47
N PHE E 185 -10.39 -42.92 64.19
CA PHE E 185 -9.95 -41.61 63.76
C PHE E 185 -10.97 -40.53 64.05
N ARG E 186 -12.25 -40.88 64.11
CA ARG E 186 -13.28 -39.86 64.06
C ARG E 186 -13.56 -39.26 65.43
N GLU E 187 -13.35 -40.03 66.50
CA GLU E 187 -13.51 -39.49 67.85
C GLU E 187 -12.21 -38.88 68.36
N THR E 188 -11.10 -39.59 68.17
CA THR E 188 -9.77 -39.09 68.48
C THR E 188 -8.95 -39.08 67.20
N GLY E 189 -8.23 -37.99 66.96
CA GLY E 189 -7.57 -37.85 65.68
C GLY E 189 -6.38 -38.77 65.49
N GLU E 190 -6.62 -40.07 65.61
CA GLU E 190 -5.55 -41.05 65.49
C GLU E 190 -6.16 -42.40 65.13
N ALA E 191 -5.37 -43.25 64.50
CA ALA E 191 -5.90 -44.52 63.98
C ALA E 191 -4.82 -45.60 64.10
N GLY E 192 -4.89 -46.38 65.17
CA GLY E 192 -4.02 -47.52 65.30
C GLY E 192 -4.59 -48.74 64.58
N HIS E 193 -3.69 -49.55 64.05
CA HIS E 193 -4.08 -50.59 63.12
C HIS E 193 -4.55 -51.88 63.79
N PHE E 194 -4.08 -52.16 64.99
CA PHE E 194 -4.36 -53.46 65.57
C PHE E 194 -5.37 -53.56 66.70
N GLY E 195 -6.58 -53.10 66.43
CA GLY E 195 -7.63 -53.21 67.43
C GLY E 195 -7.61 -52.15 68.49
N ALA E 196 -6.55 -51.35 68.57
CA ALA E 196 -6.47 -50.27 69.54
C ALA E 196 -6.13 -48.97 68.82
N ALA E 197 -6.53 -47.86 69.41
CA ALA E 197 -6.28 -46.56 68.80
C ALA E 197 -4.80 -46.21 68.83
N ARG E 198 -4.05 -46.79 69.78
CA ARG E 198 -2.67 -46.34 69.99
C ARG E 198 -1.65 -47.47 69.95
N PHE E 199 -2.01 -48.66 70.37
CA PHE E 199 -1.12 -49.82 70.28
C PHE E 199 0.30 -49.68 70.86
N ASP E 200 0.38 -49.57 72.17
CA ASP E 200 1.67 -49.51 72.85
C ASP E 200 1.72 -50.63 73.86
N PRO E 201 1.75 -51.88 73.38
CA PRO E 201 1.77 -53.03 74.31
C PRO E 201 2.93 -52.97 75.28
N LEU E 202 4.10 -52.58 74.81
CA LEU E 202 5.25 -52.23 75.64
C LEU E 202 5.41 -50.73 75.54
N ASP E 203 5.22 -50.02 76.64
CA ASP E 203 5.19 -48.56 76.58
C ASP E 203 6.60 -48.05 76.28
N LEU E 204 6.85 -47.74 75.00
CA LEU E 204 8.16 -47.26 74.56
C LEU E 204 8.07 -45.99 73.74
N THR E 205 6.90 -45.37 73.63
CA THR E 205 6.76 -44.18 72.80
C THR E 205 7.53 -42.99 73.34
N GLU E 206 7.93 -43.02 74.61
CA GLU E 206 8.70 -41.95 75.22
C GLU E 206 9.83 -42.51 76.07
N ALA E 207 10.39 -43.64 75.66
CA ALA E 207 11.35 -44.39 76.45
C ALA E 207 12.66 -44.55 75.70
N ASN E 208 13.13 -43.45 75.12
CA ASN E 208 14.40 -43.45 74.40
C ASN E 208 15.34 -42.51 75.10
N PRO E 209 16.54 -42.94 75.48
CA PRO E 209 17.45 -42.12 76.30
C PRO E 209 18.21 -41.05 75.50
N LEU E 210 17.52 -40.40 74.58
CA LEU E 210 18.07 -39.23 73.90
C LEU E 210 17.05 -38.13 73.70
N GLY E 211 15.86 -38.25 74.26
CA GLY E 211 14.85 -37.22 74.11
C GLY E 211 13.47 -37.78 74.36
N THR E 212 12.51 -36.87 74.44
CA THR E 212 11.13 -37.28 74.65
C THR E 212 10.51 -37.82 73.37
N ASP E 213 10.40 -36.96 72.35
CA ASP E 213 9.82 -37.32 71.07
C ASP E 213 10.89 -37.71 70.04
N TYR E 214 11.65 -38.76 70.37
CA TYR E 214 12.68 -39.28 69.49
C TYR E 214 12.18 -40.42 68.62
N ASN E 215 11.39 -41.33 69.20
CA ASN E 215 10.85 -42.44 68.43
C ASN E 215 9.94 -41.97 67.30
N ARG E 216 9.15 -40.94 67.58
CA ARG E 216 8.23 -40.42 66.57
C ARG E 216 8.98 -39.88 65.36
N GLN E 217 10.10 -39.20 65.59
CA GLN E 217 10.90 -38.70 64.50
C GLN E 217 11.72 -39.79 63.82
N ALA E 218 12.07 -40.86 64.53
CA ALA E 218 12.83 -41.94 63.93
C ALA E 218 11.97 -42.84 63.04
N GLU E 219 10.73 -43.06 63.43
CA GLU E 219 9.84 -43.93 62.68
C GLU E 219 9.39 -43.41 61.33
N VAL E 220 9.18 -42.11 61.24
CA VAL E 220 8.68 -41.49 60.03
C VAL E 220 9.81 -41.34 59.04
N ARG E 221 11.04 -41.51 59.52
CA ARG E 221 12.22 -41.41 58.67
C ARG E 221 12.73 -42.75 58.20
N ASN E 222 12.56 -43.78 59.02
CA ASN E 222 12.92 -45.10 58.58
C ASN E 222 11.90 -45.53 57.53
N CYS E 223 10.62 -45.28 57.79
CA CYS E 223 9.59 -45.61 56.82
C CYS E 223 9.76 -44.86 55.51
N ARG E 224 10.12 -43.59 55.59
CA ARG E 224 10.39 -42.78 54.42
C ARG E 224 11.56 -43.28 53.60
N LEU E 225 12.63 -43.75 54.24
CA LEU E 225 13.74 -44.37 53.53
C LEU E 225 13.37 -45.71 52.90
N ALA E 226 12.60 -46.54 53.62
CA ALA E 226 12.21 -47.84 53.10
C ALA E 226 11.30 -47.75 51.88
N MET E 227 10.46 -46.72 51.77
CA MET E 227 9.58 -46.61 50.61
C MET E 227 10.38 -46.48 49.32
N LEU E 228 11.30 -45.53 49.25
CA LEU E 228 12.06 -45.39 48.02
C LEU E 228 13.14 -46.46 47.90
N THR E 229 13.52 -47.10 49.01
CA THR E 229 14.28 -48.34 48.90
C THR E 229 13.53 -49.36 48.06
N PHE E 230 12.27 -49.61 48.39
CA PHE E 230 11.48 -50.60 47.65
C PHE E 230 11.17 -50.15 46.25
N LEU E 231 10.94 -48.86 46.02
CA LEU E 231 10.81 -48.38 44.65
C LEU E 231 12.09 -48.68 43.86
N GLY E 232 13.24 -48.56 44.52
CA GLY E 232 14.49 -48.93 43.86
C GLY E 232 14.56 -50.40 43.52
N PHE E 233 14.08 -51.26 44.40
CA PHE E 233 14.07 -52.69 44.10
C PHE E 233 13.16 -52.97 42.92
N SER E 234 12.00 -52.34 42.87
CA SER E 234 11.05 -52.62 41.81
C SER E 234 11.55 -52.10 40.46
N VAL E 235 12.22 -50.95 40.43
CA VAL E 235 12.69 -50.44 39.15
C VAL E 235 14.00 -51.11 38.73
N GLN E 236 14.78 -51.56 39.70
CA GLN E 236 16.02 -52.25 39.39
C GLN E 236 15.73 -53.62 38.79
N ALA E 237 14.74 -54.32 39.31
CA ALA E 237 14.41 -55.63 38.78
C ALA E 237 13.88 -55.58 37.35
N TRP E 238 13.44 -54.42 36.87
CA TRP E 238 12.87 -54.31 35.53
C TRP E 238 13.86 -53.81 34.50
N VAL E 239 14.93 -53.14 34.91
CA VAL E 239 15.95 -52.67 33.99
C VAL E 239 17.12 -53.64 33.88
N THR E 240 17.59 -54.20 34.98
CA THR E 240 18.75 -55.08 34.98
C THR E 240 18.41 -56.54 34.79
N GLY E 241 17.29 -57.00 35.34
CA GLY E 241 16.92 -58.40 35.31
C GLY E 241 17.50 -59.21 36.44
N LYS E 242 18.48 -58.69 37.16
CA LYS E 242 19.13 -59.41 38.24
C LYS E 242 18.36 -59.18 39.54
N GLY E 243 18.98 -59.52 40.66
CA GLY E 243 18.39 -59.27 41.95
C GLY E 243 19.02 -58.10 42.67
N PRO E 244 18.57 -57.83 43.89
CA PRO E 244 19.15 -56.73 44.67
C PRO E 244 20.63 -56.90 44.97
N ILE E 245 21.02 -58.02 45.59
CA ILE E 245 22.40 -58.22 45.97
C ILE E 245 23.29 -58.34 44.74
N GLU E 246 22.77 -58.99 43.70
CA GLU E 246 23.49 -59.18 42.45
C GLU E 246 23.76 -57.87 41.72
N ASN E 247 23.09 -56.79 42.10
CA ASN E 247 23.40 -55.48 41.56
C ASN E 247 24.41 -54.73 42.40
N ALA E 248 24.29 -54.81 43.73
CA ALA E 248 25.26 -54.19 44.61
C ALA E 248 26.65 -54.77 44.38
N LYS E 249 26.74 -56.10 44.30
CA LYS E 249 28.06 -56.71 44.09
C LYS E 249 28.62 -56.37 42.72
N ASP E 250 27.77 -56.32 41.69
CA ASP E 250 28.24 -55.93 40.37
C ASP E 250 28.76 -54.50 40.38
N HIS E 251 28.12 -53.60 41.12
CA HIS E 251 28.59 -52.23 41.17
C HIS E 251 29.89 -52.12 41.96
N LEU E 252 30.02 -52.89 43.03
CA LEU E 252 31.21 -52.78 43.86
C LEU E 252 32.40 -53.43 43.18
N ALA E 253 32.17 -54.42 42.32
CA ALA E 253 33.25 -55.06 41.60
C ALA E 253 33.98 -54.08 40.71
N SER E 254 33.23 -53.38 39.86
CA SER E 254 33.82 -52.46 38.89
C SER E 254 32.84 -51.33 38.62
N PRO E 255 32.93 -50.25 39.39
CA PRO E 255 31.88 -49.22 39.35
C PRO E 255 32.02 -48.23 38.21
N PHE E 256 32.27 -48.68 36.99
CA PHE E 256 32.19 -47.78 35.85
C PHE E 256 31.53 -48.37 34.63
N GLU E 257 31.21 -49.65 34.61
CA GLU E 257 30.35 -50.24 33.60
C GLU E 257 29.13 -50.94 34.17
N ALA E 258 29.13 -51.28 35.46
CA ALA E 258 27.96 -51.84 36.13
C ALA E 258 27.17 -50.74 36.81
N ASN E 259 26.73 -49.77 36.02
CA ASN E 259 25.92 -48.67 36.48
C ASN E 259 24.66 -48.58 35.64
N ILE E 260 23.86 -47.54 35.87
CA ILE E 260 22.58 -47.42 35.18
C ILE E 260 22.78 -47.09 33.71
N PHE E 261 23.80 -46.28 33.38
CA PHE E 261 23.98 -45.82 32.01
C PHE E 261 24.49 -46.85 31.01
N THR E 262 24.65 -48.09 31.43
CA THR E 262 25.22 -49.10 30.55
C THR E 262 24.32 -50.30 30.31
N TYR E 263 23.03 -50.18 30.60
CA TYR E 263 22.13 -51.31 30.44
C TYR E 263 21.21 -51.23 29.22
N GLY E 264 21.42 -50.25 28.37
CA GLY E 264 20.62 -50.15 27.16
C GLY E 264 19.64 -49.00 27.14
N ASP E 265 18.45 -49.26 26.60
CA ASP E 265 17.46 -48.22 26.39
C ASP E 265 16.62 -47.97 27.64
N ARG E 266 16.38 -49.02 28.43
CA ARG E 266 15.61 -48.84 29.66
C ARG E 266 16.34 -47.94 30.65
N GLY E 267 17.64 -48.16 30.82
CA GLY E 267 18.42 -47.33 31.72
C GLY E 267 18.47 -45.88 31.29
N THR E 268 18.25 -45.62 30.00
CA THR E 268 18.16 -44.25 29.52
C THR E 268 16.75 -43.68 29.68
N ASN E 269 15.72 -44.50 29.47
CA ASN E 269 14.36 -44.03 29.66
C ASN E 269 14.10 -43.65 31.11
N VAL E 270 14.60 -44.45 32.06
CA VAL E 270 14.41 -44.13 33.47
C VAL E 270 15.12 -42.83 33.82
N VAL E 271 16.35 -42.66 33.33
CA VAL E 271 17.08 -41.42 33.60
C VAL E 271 16.34 -40.23 33.02
N ALA E 272 15.81 -40.37 31.80
CA ALA E 272 15.06 -39.28 31.19
C ALA E 272 13.83 -38.93 32.00
N ILE E 273 13.08 -39.93 32.45
CA ILE E 273 11.88 -39.66 33.23
C ILE E 273 12.23 -38.97 34.54
N PHE E 274 13.25 -39.49 35.22
CA PHE E 274 13.71 -38.95 36.49
C PHE E 274 14.16 -37.50 36.35
N SER E 275 14.93 -37.20 35.30
CA SER E 275 15.40 -35.85 35.05
C SER E 275 14.27 -34.91 34.65
N ALA E 276 13.25 -35.39 33.95
CA ALA E 276 12.12 -34.54 33.61
C ALA E 276 11.22 -34.27 34.80
N PHE E 277 11.05 -35.24 35.69
CA PHE E 277 10.22 -35.00 36.88
C PHE E 277 10.96 -34.14 37.90
N ALA E 278 12.29 -34.25 37.97
CA ALA E 278 13.06 -33.44 38.89
C ALA E 278 13.19 -31.99 38.46
N ALA E 279 12.99 -31.70 37.17
CA ALA E 279 13.06 -30.33 36.68
C ALA E 279 11.72 -29.62 36.74
N VAL E 280 10.65 -30.32 37.07
CA VAL E 280 9.34 -29.72 37.19
C VAL E 280 9.05 -29.30 38.63
N MET E 281 9.46 -30.09 39.61
CA MET E 281 9.18 -29.73 40.99
C MET E 281 10.15 -28.71 41.55
N HIS E 282 11.22 -28.37 40.83
CA HIS E 282 12.03 -27.23 41.20
C HIS E 282 11.52 -25.94 40.58
N ILE E 283 11.05 -25.99 39.33
CA ILE E 283 10.40 -24.84 38.74
C ILE E 283 9.13 -24.50 39.50
N ALA E 284 8.38 -25.51 39.92
CA ALA E 284 7.18 -25.27 40.71
C ALA E 284 7.51 -24.60 42.03
N GLU E 285 8.59 -25.03 42.69
CA GLU E 285 8.98 -24.41 43.95
C GLU E 285 9.43 -22.96 43.74
N LEU E 286 10.19 -22.71 42.67
CA LEU E 286 10.63 -21.35 42.39
C LEU E 286 9.44 -20.44 42.10
N ALA E 287 8.48 -20.95 41.33
CA ALA E 287 7.27 -20.17 41.06
C ALA E 287 6.44 -19.96 42.31
N ARG E 288 6.40 -20.95 43.21
CA ARG E 288 5.68 -20.79 44.46
C ARG E 288 6.28 -19.69 45.32
N GLU E 289 7.61 -19.62 45.39
CA GLU E 289 8.24 -18.62 46.26
C GLU E 289 7.89 -17.21 45.85
N LYS E 290 7.41 -17.01 44.63
CA LYS E 290 6.90 -15.71 44.19
C LYS E 290 5.39 -15.67 44.32
N LYS E 291 4.89 -16.36 45.35
CA LYS E 291 3.45 -16.57 45.56
C LYS E 291 2.75 -17.05 44.29
N PRO F 51 -43.14 -40.19 52.40
CA PRO F 51 -42.70 -41.51 51.91
C PRO F 51 -41.74 -42.18 52.88
N THR F 52 -41.61 -43.50 52.81
CA THR F 52 -40.61 -44.22 53.56
C THR F 52 -39.41 -44.59 52.71
N THR F 53 -39.37 -44.14 51.47
CA THR F 53 -38.18 -44.34 50.65
C THR F 53 -37.14 -43.26 50.88
N MET F 54 -37.50 -42.18 51.57
CA MET F 54 -36.54 -41.16 51.93
C MET F 54 -35.94 -41.45 53.30
N LEU F 55 -34.82 -40.80 53.58
CA LEU F 55 -34.06 -41.11 54.78
C LEU F 55 -34.73 -40.49 56.00
N GLU F 56 -34.16 -40.73 57.17
CA GLU F 56 -34.61 -40.09 58.40
C GLU F 56 -33.54 -39.28 59.11
N GLU F 57 -32.29 -39.46 58.70
CA GLU F 57 -31.19 -38.81 59.39
C GLU F 57 -30.37 -37.80 58.62
N ARG F 58 -30.47 -37.79 57.29
CA ARG F 58 -29.78 -36.85 56.42
C ARG F 58 -28.27 -36.90 56.63
N ASP F 59 -27.70 -38.03 56.20
CA ASP F 59 -26.28 -38.30 56.39
C ASP F 59 -25.62 -38.72 55.09
N ASN F 60 -24.29 -38.58 55.05
CA ASN F 60 -23.45 -38.97 53.93
C ASN F 60 -22.46 -40.01 54.44
N LEU F 61 -22.39 -41.15 53.76
CA LEU F 61 -21.50 -42.21 54.20
C LEU F 61 -20.09 -42.01 53.66
N TRP F 62 -19.10 -42.41 54.43
CA TRP F 62 -17.70 -42.26 54.04
C TRP F 62 -17.24 -43.54 53.35
N GLU F 63 -17.04 -43.39 52.04
CA GLU F 63 -16.60 -44.45 51.14
C GLU F 63 -15.19 -44.20 50.61
N ILE F 64 -14.83 -44.83 49.50
CA ILE F 64 -13.47 -45.03 49.00
C ILE F 64 -12.57 -43.83 49.26
N GLY F 65 -12.99 -42.62 48.88
CA GLY F 65 -12.14 -41.47 49.11
C GLY F 65 -12.64 -40.50 50.17
N GLY F 66 -13.95 -40.28 50.20
CA GLY F 66 -14.55 -39.34 51.10
C GLY F 66 -16.05 -39.48 51.07
N PRO F 67 -16.79 -38.56 51.67
CA PRO F 67 -18.24 -38.64 51.56
C PRO F 67 -18.79 -37.92 50.34
N TYR F 68 -18.06 -37.99 49.23
CA TYR F 68 -18.33 -37.35 47.95
C TYR F 68 -17.41 -37.98 46.93
N TRP F 69 -17.88 -38.09 45.70
CA TRP F 69 -16.94 -38.41 44.65
C TRP F 69 -16.06 -37.18 44.45
N TRP F 70 -15.02 -37.33 43.65
CA TRP F 70 -14.12 -36.18 43.43
C TRP F 70 -13.55 -35.70 44.76
N PRO F 71 -12.60 -36.42 45.34
CA PRO F 71 -12.24 -36.24 46.75
C PRO F 71 -11.17 -35.18 46.99
N PHE F 72 -11.39 -33.99 46.42
CA PHE F 72 -10.47 -32.88 46.58
C PHE F 72 -11.11 -31.78 47.42
N SER F 73 -10.36 -30.74 47.74
CA SER F 73 -10.84 -29.68 48.60
C SER F 73 -11.62 -28.61 47.86
N SER F 74 -11.54 -28.57 46.53
CA SER F 74 -12.28 -27.59 45.73
C SER F 74 -13.54 -28.25 45.18
N PHE F 75 -14.43 -28.63 46.10
CA PHE F 75 -15.65 -29.29 45.68
C PHE F 75 -16.78 -28.93 46.64
N THR F 76 -17.86 -28.42 46.07
CA THR F 76 -19.09 -28.13 46.81
C THR F 76 -20.21 -28.95 46.16
N PRO F 77 -21.00 -29.67 46.94
CA PRO F 77 -21.99 -30.56 46.34
C PRO F 77 -23.05 -29.76 45.61
N PRO F 78 -23.74 -30.37 44.64
CA PRO F 78 -24.80 -29.66 43.92
C PRO F 78 -25.88 -29.20 44.87
N ALA F 79 -26.53 -28.10 44.49
CA ALA F 79 -27.50 -27.47 45.38
C ALA F 79 -28.71 -28.36 45.65
N HIS F 80 -29.08 -29.20 44.68
CA HIS F 80 -30.31 -29.98 44.84
C HIS F 80 -30.07 -31.31 45.54
N LEU F 81 -28.81 -31.69 45.78
CA LEU F 81 -28.46 -32.92 46.48
C LEU F 81 -27.92 -32.53 47.84
N ASP F 82 -28.69 -32.80 48.89
CA ASP F 82 -28.36 -32.32 50.22
C ASP F 82 -28.31 -33.39 51.27
N GLY F 83 -28.44 -34.65 50.89
CA GLY F 83 -28.33 -35.74 51.82
C GLY F 83 -29.64 -36.37 52.25
N SER F 84 -30.75 -36.08 51.57
CA SER F 84 -32.06 -36.56 51.99
C SER F 84 -32.42 -37.93 51.43
N LEU F 85 -31.74 -38.39 50.39
CA LEU F 85 -32.08 -39.67 49.78
C LEU F 85 -30.97 -40.68 50.01
N PRO F 86 -31.30 -41.98 50.02
CA PRO F 86 -30.26 -43.00 50.19
C PRO F 86 -29.25 -42.97 49.06
N GLY F 87 -28.00 -43.26 49.41
CA GLY F 87 -26.93 -43.36 48.44
C GLY F 87 -26.36 -42.06 47.94
N ASP F 88 -26.55 -40.97 48.69
CA ASP F 88 -26.13 -39.66 48.21
C ASP F 88 -24.61 -39.54 48.23
N ARG F 89 -24.06 -38.97 47.17
CA ARG F 89 -22.64 -38.65 47.07
C ARG F 89 -22.40 -37.35 46.32
N GLY F 90 -23.45 -36.60 45.99
CA GLY F 90 -23.28 -35.42 45.15
C GLY F 90 -22.75 -35.71 43.77
N PHE F 91 -23.19 -36.78 43.13
CA PHE F 91 -22.71 -37.08 41.79
C PHE F 91 -23.70 -36.58 40.75
N ASP F 92 -23.34 -35.50 40.06
CA ASP F 92 -24.18 -34.90 39.03
C ASP F 92 -23.38 -33.98 38.12
N PRO F 93 -22.45 -34.49 37.32
CA PRO F 93 -21.73 -33.61 36.40
C PRO F 93 -22.64 -32.91 35.40
N PHE F 94 -23.43 -33.67 34.64
CA PHE F 94 -24.50 -33.09 33.85
C PHE F 94 -25.74 -32.99 34.72
N SER F 95 -26.26 -31.78 34.91
CA SER F 95 -27.31 -31.58 35.91
C SER F 95 -28.62 -32.14 35.39
N LEU F 96 -28.77 -33.46 35.50
CA LEU F 96 -29.97 -34.14 35.04
C LEU F 96 -31.02 -34.28 36.13
N GLY F 97 -30.77 -33.74 37.33
CA GLY F 97 -31.73 -33.87 38.40
C GLY F 97 -32.66 -32.69 38.51
N THR F 98 -32.34 -31.61 37.80
CA THR F 98 -33.22 -30.46 37.69
C THR F 98 -33.99 -30.42 36.37
N SER F 99 -33.63 -31.26 35.41
CA SER F 99 -34.36 -31.40 34.16
C SER F 99 -34.64 -32.90 34.02
N TRP F 100 -35.00 -33.33 32.82
CA TRP F 100 -35.07 -34.75 32.49
C TRP F 100 -36.13 -35.49 33.32
N GLY F 101 -37.37 -35.15 33.06
CA GLY F 101 -38.47 -35.93 33.59
C GLY F 101 -39.63 -35.05 34.00
N GLN F 102 -40.80 -35.67 34.11
CA GLN F 102 -41.99 -34.99 34.62
C GLN F 102 -42.76 -35.97 35.50
N PRO F 103 -42.71 -35.78 36.82
CA PRO F 103 -43.35 -36.73 37.71
C PRO F 103 -44.86 -36.70 37.55
N PRO F 104 -45.53 -37.82 37.78
CA PRO F 104 -47.00 -37.85 37.74
C PRO F 104 -47.62 -37.27 39.01
N VAL F 105 -47.47 -35.96 39.19
CA VAL F 105 -48.06 -35.27 40.32
C VAL F 105 -48.87 -34.09 39.79
N ASP F 106 -49.73 -33.57 40.64
CA ASP F 106 -50.52 -32.42 40.27
C ASP F 106 -49.52 -31.30 40.02
N VAL F 107 -49.63 -30.61 38.90
CA VAL F 107 -48.72 -29.52 38.57
C VAL F 107 -49.04 -28.29 39.42
N SER F 108 -48.06 -27.41 39.55
CA SER F 108 -48.15 -26.17 40.33
C SER F 108 -48.34 -26.43 41.81
N ASP F 109 -48.03 -27.63 42.28
CA ASP F 109 -48.12 -27.87 43.70
C ASP F 109 -46.72 -27.57 44.23
N PRO F 110 -46.62 -26.94 45.41
CA PRO F 110 -45.33 -26.64 46.01
C PRO F 110 -44.55 -27.90 46.34
N ASN F 111 -43.23 -27.77 46.25
CA ASN F 111 -42.30 -28.89 46.33
C ASN F 111 -42.48 -29.82 45.14
N TYR F 112 -42.40 -29.21 43.96
CA TYR F 112 -42.45 -29.93 42.69
C TYR F 112 -41.06 -30.29 42.19
N ASP F 113 -40.05 -29.46 42.48
CA ASP F 113 -38.70 -29.79 42.04
C ASP F 113 -38.11 -30.95 42.82
N GLU F 114 -38.59 -31.19 44.04
CA GLU F 114 -38.16 -32.36 44.79
C GLU F 114 -38.84 -33.64 44.32
N SER F 115 -40.09 -33.55 43.90
CA SER F 115 -40.81 -34.71 43.37
C SER F 115 -40.14 -35.30 42.15
N ARG F 116 -39.44 -34.50 41.37
CA ARG F 116 -38.72 -35.04 40.24
C ARG F 116 -37.53 -35.89 40.66
N LEU F 117 -36.82 -35.53 41.73
CA LEU F 117 -35.76 -36.41 42.21
C LEU F 117 -36.32 -37.71 42.76
N ARG F 118 -37.49 -37.65 43.40
CA ARG F 118 -38.11 -38.88 43.89
C ARG F 118 -38.55 -39.77 42.74
N TRP F 119 -39.07 -39.19 41.65
CA TRP F 119 -39.39 -39.98 40.48
C TRP F 119 -38.15 -40.63 39.88
N LEU F 120 -37.05 -39.88 39.77
CA LEU F 120 -35.83 -40.47 39.24
C LEU F 120 -35.27 -41.54 40.18
N LEU F 121 -35.43 -41.38 41.49
CA LEU F 121 -34.98 -42.41 42.42
C LEU F 121 -35.83 -43.66 42.28
N GLU F 122 -37.14 -43.49 42.08
CA GLU F 122 -38.00 -44.62 41.79
C GLU F 122 -37.53 -45.35 40.55
N GLY F 123 -37.13 -44.61 39.51
CA GLY F 123 -36.64 -45.23 38.29
C GLY F 123 -35.34 -45.97 38.50
N GLU F 124 -34.45 -45.40 39.32
CA GLU F 124 -33.17 -46.03 39.62
C GLU F 124 -33.35 -47.33 40.37
N LEU F 125 -34.22 -47.33 41.38
CA LEU F 125 -34.51 -48.54 42.13
C LEU F 125 -35.17 -49.59 41.25
N TYR F 126 -36.10 -49.17 40.40
CA TYR F 126 -36.77 -50.10 39.53
C TYR F 126 -35.80 -50.75 38.55
N ASN F 127 -34.88 -49.98 37.99
CA ASN F 127 -33.94 -50.55 37.05
C ASN F 127 -32.95 -51.46 37.74
N GLY F 128 -32.59 -51.15 39.00
CA GLY F 128 -31.66 -51.99 39.71
C GLY F 128 -32.26 -53.29 40.17
N ARG F 129 -33.53 -53.27 40.54
CA ARG F 129 -34.19 -54.48 41.02
C ARG F 129 -34.32 -55.54 39.94
N LEU F 130 -34.35 -55.13 38.67
CA LEU F 130 -34.34 -56.11 37.58
C LEU F 130 -32.95 -56.62 37.28
N ALA F 131 -31.94 -55.75 37.37
CA ALA F 131 -30.58 -56.18 37.12
C ALA F 131 -30.11 -57.16 38.18
N MET F 132 -30.52 -56.97 39.44
CA MET F 132 -30.10 -57.89 40.48
C MET F 132 -30.72 -59.27 40.28
N LEU F 133 -31.91 -59.33 39.69
CA LEU F 133 -32.49 -60.64 39.38
C LEU F 133 -31.85 -61.24 38.14
N ALA F 134 -31.53 -60.40 37.14
CA ALA F 134 -30.95 -60.93 35.91
C ALA F 134 -29.55 -61.46 36.13
N VAL F 135 -28.77 -60.84 37.01
CA VAL F 135 -27.43 -61.33 37.30
C VAL F 135 -27.50 -62.72 37.92
N VAL F 136 -28.37 -62.90 38.90
CA VAL F 136 -28.56 -64.21 39.51
C VAL F 136 -29.04 -65.21 38.48
N GLY F 137 -29.99 -64.81 37.64
CA GLY F 137 -30.54 -65.73 36.66
C GLY F 137 -29.60 -66.11 35.54
N VAL F 138 -28.62 -65.27 35.24
CA VAL F 138 -27.62 -65.64 34.25
C VAL F 138 -26.47 -66.42 34.87
N LEU F 139 -26.15 -66.17 36.14
CA LEU F 139 -25.09 -66.94 36.77
C LEU F 139 -25.56 -68.34 37.14
N THR F 140 -26.84 -68.52 37.49
CA THR F 140 -27.34 -69.83 37.87
C THR F 140 -27.69 -70.69 36.68
N VAL F 141 -27.52 -70.18 35.47
CA VAL F 141 -27.80 -70.93 34.25
C VAL F 141 -26.53 -71.12 33.42
N GLU F 142 -25.82 -70.03 33.15
CA GLU F 142 -24.61 -70.15 32.33
C GLU F 142 -23.54 -70.94 33.05
N ALA F 143 -23.54 -70.91 34.37
CA ALA F 143 -22.54 -71.62 35.17
C ALA F 143 -23.07 -72.93 35.72
N GLN F 144 -24.16 -73.45 35.17
CA GLN F 144 -24.67 -74.75 35.60
C GLN F 144 -24.60 -75.79 34.49
N GLY F 145 -25.31 -75.57 33.38
CA GLY F 145 -25.18 -76.52 32.28
C GLY F 145 -25.23 -75.94 30.88
N LYS F 146 -25.67 -74.70 30.75
CA LYS F 146 -26.17 -74.23 29.46
C LYS F 146 -25.15 -73.37 28.74
N GLY F 147 -25.36 -73.23 27.44
CA GLY F 147 -24.43 -72.54 26.58
C GLY F 147 -24.47 -71.05 26.78
N PRO F 148 -24.15 -70.29 25.73
CA PRO F 148 -24.22 -68.83 25.84
C PRO F 148 -25.62 -68.38 26.24
N TRP F 149 -25.67 -67.46 27.21
CA TRP F 149 -26.93 -66.99 27.74
C TRP F 149 -27.66 -66.08 26.75
N TRP F 150 -26.96 -65.59 25.73
CA TRP F 150 -27.56 -64.70 24.74
C TRP F 150 -28.09 -65.45 23.53
N GLU F 151 -28.21 -66.78 23.64
CA GLU F 151 -28.84 -67.57 22.58
C GLU F 151 -30.00 -68.39 23.11
N ILE F 152 -30.27 -68.36 24.42
CA ILE F 152 -31.41 -69.09 24.97
C ILE F 152 -32.74 -68.62 24.41
N PRO F 153 -33.06 -67.31 24.38
CA PRO F 153 -34.36 -66.90 23.83
C PRO F 153 -34.53 -67.27 22.37
N GLY F 154 -33.46 -67.31 21.59
CA GLY F 154 -33.56 -67.69 20.20
C GLY F 154 -33.67 -69.18 19.95
N ASN F 155 -33.65 -70.00 21.01
CA ASN F 155 -33.77 -71.45 20.89
C ASN F 155 -35.04 -71.96 21.58
N LEU F 156 -36.03 -71.09 21.74
CA LEU F 156 -37.34 -71.50 22.22
C LEU F 156 -38.31 -71.80 21.08
N ASN F 157 -38.02 -71.31 19.88
CA ASN F 157 -38.90 -71.46 18.72
C ASN F 157 -40.32 -70.99 19.04
N LEU F 158 -40.43 -69.70 19.35
CA LEU F 158 -41.70 -69.09 19.69
C LEU F 158 -42.19 -68.33 18.45
N PHE F 159 -43.24 -68.83 17.83
CA PHE F 159 -43.82 -68.19 16.67
C PHE F 159 -45.30 -68.55 16.58
N GLY F 160 -46.05 -67.73 15.86
CA GLY F 160 -47.48 -67.95 15.70
C GLY F 160 -48.29 -67.59 16.92
N THR F 161 -49.37 -68.33 17.15
CA THR F 161 -50.32 -68.06 18.22
C THR F 161 -49.73 -68.05 19.63
N PRO F 162 -48.84 -68.98 20.01
CA PRO F 162 -48.32 -68.93 21.39
C PRO F 162 -47.61 -67.63 21.70
N TYR F 163 -46.85 -67.10 20.74
CA TYR F 163 -46.19 -65.81 20.94
C TYR F 163 -47.20 -64.72 21.22
N VAL F 164 -48.27 -64.67 20.43
CA VAL F 164 -49.26 -63.61 20.57
C VAL F 164 -49.96 -63.71 21.92
N VAL F 165 -50.37 -64.92 22.31
CA VAL F 165 -51.11 -65.05 23.56
C VAL F 165 -50.20 -64.74 24.75
N ALA F 166 -48.93 -65.17 24.69
CA ALA F 166 -48.00 -64.87 25.78
C ALA F 166 -47.79 -63.37 25.91
N VAL F 167 -47.56 -62.69 24.79
CA VAL F 167 -47.33 -61.24 24.82
C VAL F 167 -48.55 -60.53 25.38
N VAL F 168 -49.75 -60.88 24.91
CA VAL F 168 -50.95 -60.20 25.34
C VAL F 168 -51.20 -60.42 26.83
N GLY F 169 -51.04 -61.65 27.31
CA GLY F 169 -51.27 -61.90 28.73
C GLY F 169 -50.26 -61.21 29.62
N GLY F 170 -48.98 -61.27 29.26
CA GLY F 170 -47.98 -60.57 30.04
C GLY F 170 -48.24 -59.09 30.10
N HIS F 171 -48.61 -58.49 28.98
CA HIS F 171 -48.89 -57.06 28.98
C HIS F 171 -50.14 -56.73 29.79
N LEU F 172 -51.17 -57.58 29.75
CA LEU F 172 -52.33 -57.36 30.61
C LEU F 172 -51.91 -57.28 32.07
N ALA F 173 -51.13 -58.27 32.52
CA ALA F 173 -50.70 -58.27 33.93
C ALA F 173 -49.87 -57.04 34.25
N PHE F 174 -48.90 -56.72 33.40
CA PHE F 174 -48.01 -55.59 33.70
C PHE F 174 -48.76 -54.26 33.66
N ALA F 175 -49.70 -54.10 32.72
CA ALA F 175 -50.50 -52.88 32.70
C ALA F 175 -51.34 -52.75 33.94
N LEU F 176 -51.94 -53.84 34.43
CA LEU F 176 -52.69 -53.76 35.67
C LEU F 176 -51.81 -53.37 36.84
N LEU F 177 -50.57 -53.85 36.88
CA LEU F 177 -49.68 -53.49 37.99
C LEU F 177 -49.20 -52.05 37.89
N GLU F 178 -48.79 -51.66 36.68
CA GLU F 178 -48.28 -50.32 36.42
C GLU F 178 -49.33 -49.25 36.69
N LYS F 179 -50.57 -49.50 36.30
CA LYS F 179 -51.65 -48.58 36.61
C LYS F 179 -51.70 -48.28 38.09
N LYS F 180 -51.57 -49.32 38.90
CA LYS F 180 -51.60 -49.16 40.35
C LYS F 180 -50.38 -48.39 40.84
N ARG F 181 -49.22 -48.62 40.23
CA ARG F 181 -48.02 -47.87 40.61
C ARG F 181 -48.18 -46.38 40.33
N LEU F 182 -48.61 -46.03 39.12
CA LEU F 182 -48.83 -44.63 38.78
C LEU F 182 -49.88 -44.02 39.69
N GLU F 183 -50.89 -44.80 40.03
CA GLU F 183 -52.00 -44.33 40.85
C GLU F 183 -51.60 -44.18 42.31
N ASN F 184 -50.54 -44.89 42.73
CA ASN F 184 -50.03 -44.76 44.09
C ASN F 184 -49.08 -43.59 44.23
N PHE F 185 -48.19 -43.38 43.26
CA PHE F 185 -47.23 -42.28 43.35
C PHE F 185 -47.91 -40.95 43.56
N ARG F 186 -49.13 -40.79 43.07
CA ARG F 186 -49.70 -39.45 42.94
C ARG F 186 -50.34 -38.98 44.25
N GLU F 187 -50.82 -39.89 45.08
CA GLU F 187 -51.36 -39.50 46.38
C GLU F 187 -50.27 -39.49 47.44
N THR F 188 -49.45 -40.53 47.47
CA THR F 188 -48.28 -40.61 48.33
C THR F 188 -47.04 -40.76 47.46
N GLY F 189 -46.00 -40.00 47.76
CA GLY F 189 -44.86 -39.96 46.88
C GLY F 189 -44.04 -41.22 46.87
N GLU F 190 -44.67 -42.35 46.57
CA GLU F 190 -43.99 -43.64 46.57
C GLU F 190 -44.78 -44.60 45.68
N ALA F 191 -44.09 -45.61 45.17
CA ALA F 191 -44.70 -46.50 44.18
C ALA F 191 -44.15 -47.91 44.38
N GLY F 192 -44.88 -48.73 45.11
CA GLY F 192 -44.53 -50.14 45.23
C GLY F 192 -45.08 -50.95 44.08
N HIS F 193 -44.33 -51.97 43.69
CA HIS F 193 -44.60 -52.67 42.44
C HIS F 193 -45.66 -53.75 42.55
N PHE F 194 -45.83 -54.32 43.72
CA PHE F 194 -46.71 -55.50 43.81
C PHE F 194 -48.07 -55.34 44.45
N GLY F 195 -48.86 -54.43 43.92
CA GLY F 195 -50.20 -54.26 44.44
C GLY F 195 -50.32 -53.42 45.68
N ALA F 196 -49.19 -53.09 46.32
CA ALA F 196 -49.20 -52.25 47.50
C ALA F 196 -48.23 -51.10 47.31
N ALA F 197 -48.48 -50.00 48.00
CA ALA F 197 -47.63 -48.84 47.87
C ALA F 197 -46.26 -49.07 48.50
N ARG F 198 -46.18 -50.00 49.45
CA ARG F 198 -44.96 -50.13 50.23
C ARG F 198 -44.39 -51.55 50.26
N PHE F 199 -45.23 -52.56 50.20
CA PHE F 199 -44.77 -53.95 50.12
C PHE F 199 -43.75 -54.42 51.17
N ASP F 200 -44.18 -54.52 52.42
CA ASP F 200 -43.32 -55.02 53.47
C ASP F 200 -44.04 -56.20 54.12
N PRO F 201 -44.18 -57.30 53.37
CA PRO F 201 -44.89 -58.47 53.91
C PRO F 201 -44.27 -58.97 55.20
N LEU F 202 -42.95 -59.00 55.28
CA LEU F 202 -42.22 -59.21 56.51
C LEU F 202 -41.57 -57.89 56.87
N ASP F 203 -41.98 -57.29 57.98
CA ASP F 203 -41.55 -55.94 58.30
C ASP F 203 -40.06 -55.95 58.63
N LEU F 204 -39.22 -55.61 57.65
CA LEU F 204 -37.78 -55.61 57.83
C LEU F 204 -37.13 -54.31 57.38
N THR F 205 -37.91 -53.29 57.05
CA THR F 205 -37.34 -52.05 56.56
C THR F 205 -36.54 -51.30 57.62
N GLU F 206 -36.73 -51.64 58.90
CA GLU F 206 -36.00 -51.02 59.99
C GLU F 206 -35.54 -52.06 61.00
N ALA F 207 -35.24 -53.26 60.53
CA ALA F 207 -34.95 -54.41 61.38
C ALA F 207 -33.57 -54.95 61.10
N ASN F 208 -32.59 -54.05 61.02
CA ASN F 208 -31.21 -54.43 60.80
C ASN F 208 -30.40 -54.01 62.01
N PRO F 209 -29.65 -54.91 62.65
CA PRO F 209 -28.96 -54.59 63.90
C PRO F 209 -27.67 -53.80 63.73
N LEU F 210 -27.68 -52.83 62.82
CA LEU F 210 -26.58 -51.88 62.71
C LEU F 210 -27.05 -50.47 62.46
N GLY F 211 -28.34 -50.19 62.54
CA GLY F 211 -28.84 -48.86 62.33
C GLY F 211 -30.30 -48.88 61.93
N THR F 212 -30.89 -47.69 61.92
CA THR F 212 -32.29 -47.58 61.53
C THR F 212 -32.45 -47.67 60.01
N ASP F 213 -31.88 -46.73 59.28
CA ASP F 213 -31.95 -46.68 57.83
C ASP F 213 -30.72 -47.32 57.17
N TYR F 214 -30.51 -48.60 57.45
CA TYR F 214 -29.42 -49.37 56.87
C TYR F 214 -29.83 -50.12 55.62
N ASN F 215 -31.02 -50.72 55.64
CA ASN F 215 -31.50 -51.45 54.47
C ASN F 215 -31.68 -50.54 53.26
N ARG F 216 -32.16 -49.32 53.50
CA ARG F 216 -32.39 -48.38 52.42
C ARG F 216 -31.08 -48.01 51.73
N GLN F 217 -30.01 -47.84 52.49
CA GLN F 217 -28.71 -47.55 51.91
C GLN F 217 -28.07 -48.77 51.29
N ALA F 218 -28.37 -49.98 51.77
CA ALA F 218 -27.79 -51.18 51.20
C ALA F 218 -28.43 -51.58 49.88
N GLU F 219 -29.73 -51.36 49.75
CA GLU F 219 -30.44 -51.73 48.55
C GLU F 219 -30.12 -50.93 47.31
N VAL F 220 -29.87 -49.64 47.49
CA VAL F 220 -29.63 -48.73 46.39
C VAL F 220 -28.19 -48.90 45.92
N ARG F 221 -27.38 -49.57 46.73
CA ARG F 221 -25.98 -49.82 46.39
C ARG F 221 -25.77 -51.19 45.79
N ASN F 222 -26.55 -52.16 46.20
CA ASN F 222 -26.45 -53.47 45.58
C ASN F 222 -27.03 -53.35 44.18
N CYS F 223 -28.16 -52.67 44.04
CA CYS F 223 -28.75 -52.46 42.72
C CYS F 223 -27.83 -51.68 41.80
N ARG F 224 -27.17 -50.66 42.32
CA ARG F 224 -26.22 -49.87 41.58
C ARG F 224 -25.03 -50.67 41.10
N LEU F 225 -24.52 -51.59 41.92
CA LEU F 225 -23.44 -52.48 41.49
C LEU F 225 -23.91 -53.50 40.45
N ALA F 226 -25.11 -54.06 40.62
CA ALA F 226 -25.62 -55.03 39.67
C ALA F 226 -25.87 -54.47 38.29
N MET F 227 -26.25 -53.19 38.17
CA MET F 227 -26.49 -52.62 36.85
C MET F 227 -25.23 -52.64 36.00
N LEU F 228 -24.13 -52.11 36.50
CA LEU F 228 -22.93 -52.12 35.69
C LEU F 228 -22.27 -53.49 35.66
N THR F 229 -22.58 -54.35 36.63
CA THR F 229 -22.25 -55.77 36.47
C THR F 229 -22.87 -56.32 35.19
N PHE F 230 -24.17 -56.12 34.99
CA PHE F 230 -24.82 -56.63 33.80
C PHE F 230 -24.38 -55.93 32.53
N LEU F 231 -24.10 -54.64 32.59
CA LEU F 231 -23.50 -53.98 31.44
C LEU F 231 -22.17 -54.63 31.08
N GLY F 232 -21.41 -55.04 32.10
CA GLY F 232 -20.17 -55.77 31.84
C GLY F 232 -20.41 -57.11 31.17
N PHE F 233 -21.45 -57.83 31.58
CA PHE F 233 -21.75 -59.09 30.93
C PHE F 233 -22.13 -58.87 29.49
N SER F 234 -22.93 -57.84 29.20
CA SER F 234 -23.39 -57.61 27.85
C SER F 234 -22.25 -57.16 26.93
N VAL F 235 -21.32 -56.35 27.44
CA VAL F 235 -20.23 -55.90 26.58
C VAL F 235 -19.14 -56.96 26.47
N GLN F 236 -19.00 -57.79 27.49
CA GLN F 236 -18.01 -58.85 27.46
C GLN F 236 -18.41 -59.92 26.46
N ALA F 237 -19.69 -60.25 26.41
CA ALA F 237 -20.15 -61.27 25.47
C ALA F 237 -20.01 -60.85 24.01
N TRP F 238 -19.84 -59.57 23.73
CA TRP F 238 -19.75 -59.09 22.36
C TRP F 238 -18.32 -58.88 21.90
N VAL F 239 -17.37 -58.71 22.81
CA VAL F 239 -15.97 -58.55 22.44
C VAL F 239 -15.20 -59.86 22.49
N THR F 240 -15.42 -60.69 23.50
CA THR F 240 -14.68 -61.93 23.67
C THR F 240 -15.33 -63.13 23.00
N GLY F 241 -16.66 -63.19 22.99
CA GLY F 241 -17.38 -64.34 22.49
C GLY F 241 -17.60 -65.45 23.49
N LYS F 242 -16.88 -65.42 24.61
CA LYS F 242 -16.99 -66.46 25.62
C LYS F 242 -18.12 -66.12 26.59
N GLY F 243 -18.14 -66.79 27.73
CA GLY F 243 -19.12 -66.51 28.75
C GLY F 243 -18.51 -65.75 29.92
N PRO F 244 -19.33 -65.49 30.94
CA PRO F 244 -18.82 -64.78 32.13
C PRO F 244 -17.72 -65.54 32.86
N ILE F 245 -17.98 -66.79 33.26
CA ILE F 245 -16.99 -67.54 34.03
C ILE F 245 -15.77 -67.83 33.18
N GLU F 246 -15.97 -68.10 31.90
CA GLU F 246 -14.89 -68.40 30.98
C GLU F 246 -13.98 -67.21 30.74
N ASN F 247 -14.39 -66.01 31.14
CA ASN F 247 -13.50 -64.85 31.09
C ASN F 247 -12.76 -64.65 32.40
N ALA F 248 -13.44 -64.84 33.53
CA ALA F 248 -12.77 -64.74 34.83
C ALA F 248 -11.66 -65.78 34.95
N LYS F 249 -11.93 -67.01 34.55
CA LYS F 249 -10.90 -68.05 34.66
C LYS F 249 -9.75 -67.78 33.69
N ASP F 250 -10.05 -67.29 32.50
CA ASP F 250 -8.98 -66.94 31.56
C ASP F 250 -8.11 -65.82 32.12
N HIS F 251 -8.70 -64.85 32.80
CA HIS F 251 -7.91 -63.78 33.36
C HIS F 251 -7.08 -64.26 34.55
N LEU F 252 -7.65 -65.15 35.36
CA LEU F 252 -6.92 -65.60 36.55
C LEU F 252 -5.81 -66.56 36.18
N ALA F 253 -5.96 -67.28 35.06
CA ALA F 253 -4.92 -68.19 34.62
C ALA F 253 -3.63 -67.45 34.32
N SER F 254 -3.71 -66.42 33.47
CA SER F 254 -2.53 -65.67 33.03
C SER F 254 -2.92 -64.23 32.76
N PRO F 255 -2.84 -63.37 33.76
CA PRO F 255 -3.42 -62.03 33.64
C PRO F 255 -2.53 -61.03 32.91
N PHE F 256 -1.96 -61.40 31.78
CA PHE F 256 -1.29 -60.39 30.95
C PHE F 256 -1.54 -60.53 29.47
N GLU F 257 -2.18 -61.60 29.01
CA GLU F 257 -2.68 -61.68 27.65
C GLU F 257 -4.17 -61.94 27.57
N ALA F 258 -4.80 -62.41 28.64
CA ALA F 258 -6.25 -62.57 28.70
C ALA F 258 -6.90 -61.34 29.34
N ASN F 259 -6.65 -60.19 28.72
CA ASN F 259 -7.22 -58.93 29.15
C ASN F 259 -7.93 -58.27 27.98
N ILE F 260 -8.40 -57.05 28.19
CA ILE F 260 -9.18 -56.37 27.16
C ILE F 260 -8.30 -55.96 25.98
N PHE F 261 -7.06 -55.56 26.25
CA PHE F 261 -6.20 -55.04 25.19
C PHE F 261 -5.65 -56.05 24.19
N THR F 262 -6.06 -57.31 24.31
CA THR F 262 -5.50 -58.34 23.44
C THR F 262 -6.54 -59.07 22.60
N TYR F 263 -7.73 -58.51 22.46
CA TYR F 263 -8.78 -59.19 21.71
C TYR F 263 -9.05 -58.63 20.32
N GLY F 264 -8.22 -57.69 19.87
CA GLY F 264 -8.37 -57.15 18.54
C GLY F 264 -8.87 -55.73 18.47
N ASP F 265 -9.75 -55.46 17.52
CA ASP F 265 -10.21 -54.10 17.26
C ASP F 265 -11.37 -53.70 18.16
N ARG F 266 -12.21 -54.67 18.52
CA ARG F 266 -13.33 -54.37 19.41
C ARG F 266 -12.85 -53.94 20.79
N GLY F 267 -11.86 -54.66 21.34
CA GLY F 267 -11.32 -54.29 22.64
C GLY F 267 -10.66 -52.93 22.64
N THR F 268 -10.24 -52.45 21.47
CA THR F 268 -9.71 -51.09 21.35
C THR F 268 -10.82 -50.06 21.17
N ASN F 269 -11.86 -50.40 20.42
CA ASN F 269 -12.98 -49.49 20.25
C ASN F 269 -13.69 -49.21 21.56
N VAL F 270 -13.89 -50.25 22.38
CA VAL F 270 -14.53 -50.06 23.68
C VAL F 270 -13.68 -49.18 24.57
N VAL F 271 -12.37 -49.42 24.60
CA VAL F 271 -11.48 -48.60 25.41
C VAL F 271 -11.52 -47.15 24.94
N ALA F 272 -11.52 -46.94 23.63
CA ALA F 272 -11.59 -45.58 23.10
C ALA F 272 -12.88 -44.89 23.50
N ILE F 273 -14.01 -45.57 23.39
CA ILE F 273 -15.28 -44.97 23.76
C ILE F 273 -15.32 -44.64 25.24
N PHE F 274 -14.87 -45.58 26.06
CA PHE F 274 -14.83 -45.41 27.51
C PHE F 274 -13.96 -44.23 27.91
N SER F 275 -12.78 -44.12 27.31
CA SER F 275 -11.86 -43.02 27.59
C SER F 275 -12.39 -41.69 27.10
N ALA F 276 -13.12 -41.66 25.99
CA ALA F 276 -13.71 -40.41 25.51
C ALA F 276 -14.89 -39.97 26.35
N PHE F 277 -15.69 -40.90 26.84
CA PHE F 277 -16.82 -40.51 27.70
C PHE F 277 -16.35 -40.13 29.10
N ALA F 278 -15.27 -40.74 29.58
CA ALA F 278 -14.74 -40.40 30.89
C ALA F 278 -14.03 -39.06 30.92
N ALA F 279 -13.57 -38.57 29.77
CA ALA F 279 -12.91 -37.27 29.70
C ALA F 279 -13.87 -36.13 29.49
N VAL F 280 -15.14 -36.40 29.24
CA VAL F 280 -16.14 -35.37 29.05
C VAL F 280 -16.86 -35.05 30.36
N MET F 281 -17.14 -36.05 31.17
CA MET F 281 -17.84 -35.79 32.42
C MET F 281 -16.93 -35.29 33.53
N HIS F 282 -15.62 -35.29 33.34
CA HIS F 282 -14.73 -34.59 34.24
C HIS F 282 -14.53 -33.14 33.84
N ILE F 283 -14.43 -32.86 32.54
CA ILE F 283 -14.40 -31.47 32.08
C ILE F 283 -15.71 -30.78 32.42
N ALA F 284 -16.84 -31.48 32.28
CA ALA F 284 -18.12 -30.90 32.65
C ALA F 284 -18.17 -30.57 34.13
N GLU F 285 -17.65 -31.46 34.98
CA GLU F 285 -17.64 -31.18 36.41
C GLU F 285 -16.74 -30.00 36.76
N LEU F 286 -15.57 -29.93 36.12
CA LEU F 286 -14.67 -28.80 36.37
C LEU F 286 -15.30 -27.49 35.94
N ALA F 287 -15.97 -27.49 34.78
CA ALA F 287 -16.67 -26.30 34.33
C ALA F 287 -17.83 -25.95 35.24
N ARG F 288 -18.54 -26.94 35.75
CA ARG F 288 -19.62 -26.68 36.69
C ARG F 288 -19.13 -26.00 37.96
N GLU F 289 -17.99 -26.46 38.50
CA GLU F 289 -17.52 -25.87 39.76
C GLU F 289 -17.22 -24.39 39.63
N LYS F 290 -17.07 -23.88 38.42
CA LYS F 290 -16.95 -22.44 38.18
C LYS F 290 -18.30 -21.86 37.80
N LYS F 291 -19.35 -22.42 38.37
CA LYS F 291 -20.74 -22.11 38.02
C LYS F 291 -20.96 -22.12 36.51
N PRO G 51 -70.70 -27.09 22.11
CA PRO G 51 -70.50 -28.40 21.47
C PRO G 51 -70.27 -29.49 22.50
N THR G 52 -70.54 -30.75 22.14
CA THR G 52 -70.20 -31.89 22.98
C THR G 52 -68.92 -32.57 22.52
N THR G 53 -68.24 -32.02 21.53
CA THR G 53 -66.94 -32.55 21.14
C THR G 53 -65.82 -31.98 21.99
N MET G 54 -66.09 -30.93 22.77
CA MET G 54 -65.11 -30.39 23.68
C MET G 54 -65.25 -31.06 25.05
N LEU G 55 -64.20 -30.91 25.86
CA LEU G 55 -64.12 -31.63 27.13
C LEU G 55 -65.03 -30.96 28.15
N GLU G 56 -65.08 -31.54 29.35
CA GLU G 56 -65.80 -30.94 30.47
C GLU G 56 -64.93 -30.68 31.68
N GLU G 57 -63.73 -31.27 31.70
CA GLU G 57 -62.87 -31.17 32.87
C GLU G 57 -61.55 -30.45 32.72
N ARG G 58 -61.08 -30.24 31.48
CA ARG G 58 -59.85 -29.53 31.17
C ARG G 58 -58.66 -30.18 31.87
N ASP G 59 -58.32 -31.37 31.39
CA ASP G 59 -57.26 -32.18 31.96
C ASP G 59 -56.28 -32.66 30.91
N ASN G 60 -55.08 -33.02 31.37
CA ASN G 60 -54.00 -33.56 30.55
C ASN G 60 -53.67 -34.95 31.07
N LEU G 61 -53.67 -35.94 30.19
CA LEU G 61 -53.40 -37.30 30.61
C LEU G 61 -51.91 -37.58 30.64
N TRP G 62 -51.49 -38.42 31.59
CA TRP G 62 -50.08 -38.76 31.75
C TRP G 62 -49.78 -40.02 30.94
N GLU G 63 -49.02 -39.79 29.87
CA GLU G 63 -48.60 -40.83 28.94
C GLU G 63 -47.09 -41.07 29.00
N ILE G 64 -46.50 -41.64 27.96
CA ILE G 64 -45.18 -42.28 27.93
C ILE G 64 -44.16 -41.54 28.78
N GLY G 65 -44.01 -40.23 28.60
CA GLY G 65 -43.03 -39.52 29.40
C GLY G 65 -43.60 -38.57 30.44
N GLY G 66 -44.67 -37.88 30.09
CA GLY G 66 -45.28 -36.90 30.93
C GLY G 66 -46.61 -36.46 30.35
N PRO G 67 -47.22 -35.41 30.89
CA PRO G 67 -48.44 -34.92 30.27
C PRO G 67 -48.20 -33.91 29.16
N TYR G 68 -47.14 -34.12 28.39
CA TYR G 68 -46.66 -33.26 27.31
C TYR G 68 -45.64 -34.07 26.54
N TRP G 69 -45.56 -33.84 25.24
CA TRP G 69 -44.41 -34.35 24.52
C TRP G 69 -43.21 -33.54 24.98
N TRP G 70 -42.01 -33.96 24.57
CA TRP G 70 -40.82 -33.23 24.98
C TRP G 70 -40.73 -33.15 26.50
N PRO G 71 -40.37 -34.25 27.16
CA PRO G 71 -40.58 -34.39 28.60
C PRO G 71 -39.44 -33.85 29.46
N PHE G 72 -39.04 -32.61 29.18
CA PHE G 72 -37.98 -31.95 29.93
C PHE G 72 -38.55 -30.80 30.75
N SER G 73 -37.72 -30.16 31.56
CA SER G 73 -38.18 -29.11 32.45
C SER G 73 -38.23 -27.75 31.79
N SER G 74 -37.60 -27.58 30.64
CA SER G 74 -37.61 -26.31 29.92
C SER G 74 -38.67 -26.36 28.81
N PHE G 75 -39.93 -26.50 29.24
CA PHE G 75 -41.01 -26.60 28.27
C PHE G 75 -42.26 -25.96 28.85
N THR G 76 -42.82 -25.01 28.10
CA THR G 76 -44.08 -24.37 28.42
C THR G 76 -45.02 -24.63 27.24
N PRO G 77 -46.25 -25.07 27.48
CA PRO G 77 -47.12 -25.45 26.37
C PRO G 77 -47.49 -24.23 25.56
N PRO G 78 -47.86 -24.42 24.29
CA PRO G 78 -48.27 -23.28 23.46
C PRO G 78 -49.46 -22.56 24.07
N ALA G 79 -49.53 -21.26 23.79
CA ALA G 79 -50.54 -20.43 24.43
C ALA G 79 -51.96 -20.82 24.02
N HIS G 80 -52.14 -21.34 22.81
CA HIS G 80 -53.48 -21.61 22.33
C HIS G 80 -53.97 -23.00 22.69
N LEU G 81 -53.10 -23.85 23.24
CA LEU G 81 -53.45 -25.21 23.67
C LEU G 81 -53.43 -25.22 25.19
N ASP G 82 -54.61 -25.31 25.80
CA ASP G 82 -54.73 -25.14 27.24
C ASP G 82 -55.44 -26.28 27.93
N GLY G 83 -55.76 -27.35 27.22
CA GLY G 83 -56.38 -28.50 27.80
C GLY G 83 -57.88 -28.64 27.57
N SER G 84 -58.46 -27.87 26.67
CA SER G 84 -59.90 -27.86 26.47
C SER G 84 -60.39 -28.92 25.49
N LEU G 85 -59.52 -29.47 24.66
CA LEU G 85 -59.93 -30.44 23.66
C LEU G 85 -59.38 -31.82 23.98
N PRO G 86 -60.05 -32.89 23.54
CA PRO G 86 -59.53 -34.23 23.79
C PRO G 86 -58.18 -34.45 23.13
N GLY G 87 -57.34 -35.24 23.79
CA GLY G 87 -56.05 -35.61 23.26
C GLY G 87 -54.97 -34.57 23.34
N ASP G 88 -55.11 -33.59 24.22
CA ASP G 88 -54.17 -32.49 24.28
C ASP G 88 -52.83 -32.95 24.85
N ARG G 89 -51.75 -32.49 24.22
CA ARG G 89 -50.39 -32.73 24.70
C ARG G 89 -49.48 -31.53 24.44
N GLY G 90 -50.02 -30.41 23.99
CA GLY G 90 -49.18 -29.29 23.60
C GLY G 90 -48.24 -29.58 22.45
N PHE G 91 -48.68 -30.32 21.44
CA PHE G 91 -47.80 -30.62 20.32
C PHE G 91 -48.08 -29.65 19.18
N ASP G 92 -47.17 -28.72 18.96
CA ASP G 92 -47.29 -27.72 17.90
C ASP G 92 -45.94 -27.07 17.59
N PRO G 93 -44.97 -27.79 17.05
CA PRO G 93 -43.70 -27.14 16.70
C PRO G 93 -43.87 -26.04 15.66
N PHE G 94 -44.47 -26.35 14.52
CA PHE G 94 -44.89 -25.30 13.58
C PHE G 94 -46.29 -24.85 13.96
N SER G 95 -46.45 -23.57 14.28
CA SER G 95 -47.71 -23.11 14.87
C SER G 95 -48.80 -23.07 13.81
N LEU G 96 -49.35 -24.24 13.52
CA LEU G 96 -50.41 -24.36 12.52
C LEU G 96 -51.79 -24.23 13.11
N GLY G 97 -51.91 -23.97 14.40
CA GLY G 97 -53.22 -23.86 15.02
C GLY G 97 -53.71 -22.43 15.10
N THR G 98 -52.82 -21.48 14.85
CA THR G 98 -53.19 -20.08 14.75
C THR G 98 -53.30 -19.59 13.31
N SER G 99 -52.84 -20.38 12.35
CA SER G 99 -53.01 -20.09 10.94
C SER G 99 -53.63 -21.34 10.32
N TRP G 100 -53.58 -21.45 8.99
CA TRP G 100 -53.92 -22.69 8.30
C TRP G 100 -55.39 -23.07 8.50
N GLY G 101 -56.26 -22.26 7.92
CA GLY G 101 -57.66 -22.63 7.83
C GLY G 101 -58.56 -21.43 8.03
N GLN G 102 -59.79 -21.57 7.57
CA GLN G 102 -60.84 -20.57 7.80
C GLN G 102 -62.14 -21.28 8.08
N PRO G 103 -62.59 -21.29 9.34
CA PRO G 103 -63.80 -22.03 9.68
C PRO G 103 -65.02 -21.42 9.02
N PRO G 104 -66.02 -22.22 8.71
CA PRO G 104 -67.28 -21.68 8.16
C PRO G 104 -68.17 -21.08 9.24
N VAL G 105 -67.73 -19.96 9.80
CA VAL G 105 -68.49 -19.24 10.80
C VAL G 105 -68.62 -17.78 10.36
N ASP G 106 -69.56 -17.08 10.96
CA ASP G 106 -69.73 -15.68 10.66
C ASP G 106 -68.44 -15.01 11.07
N VAL G 107 -67.87 -14.19 10.20
CA VAL G 107 -66.62 -13.50 10.49
C VAL G 107 -66.89 -12.35 11.47
N SER G 108 -65.83 -11.92 12.15
CA SER G 108 -65.87 -10.85 13.15
C SER G 108 -66.72 -11.20 14.35
N ASP G 109 -67.00 -12.47 14.57
CA ASP G 109 -67.73 -12.83 15.76
C ASP G 109 -66.66 -13.14 16.78
N PRO G 110 -66.88 -12.76 18.06
CA PRO G 110 -65.91 -13.04 19.13
C PRO G 110 -65.75 -14.52 19.35
N ASN G 111 -64.54 -14.89 19.76
CA ASN G 111 -64.11 -16.28 19.87
C ASN G 111 -64.04 -16.91 18.47
N TYR G 112 -63.31 -16.24 17.59
CA TYR G 112 -63.05 -16.73 16.25
C TYR G 112 -61.75 -17.52 16.18
N ASP G 113 -60.76 -17.18 16.99
CA ASP G 113 -59.51 -17.94 16.98
C ASP G 113 -59.67 -19.32 17.59
N GLU G 114 -60.66 -19.51 18.46
CA GLU G 114 -60.94 -20.84 18.98
C GLU G 114 -61.71 -21.69 17.99
N SER G 115 -62.59 -21.09 17.20
CA SER G 115 -63.34 -21.82 16.18
C SER G 115 -62.44 -22.47 15.16
N ARG G 116 -61.27 -21.90 14.89
CA ARG G 116 -60.34 -22.53 13.98
C ARG G 116 -59.75 -23.81 14.54
N LEU G 117 -59.47 -23.87 15.84
CA LEU G 117 -59.01 -25.14 16.41
C LEU G 117 -60.11 -26.19 16.39
N ARG G 118 -61.36 -25.77 16.57
CA ARG G 118 -62.47 -26.73 16.48
C ARG G 118 -62.64 -27.24 15.06
N TRP G 119 -62.46 -26.38 14.06
CA TRP G 119 -62.49 -26.84 12.68
C TRP G 119 -61.37 -27.84 12.40
N LEU G 120 -60.16 -27.54 12.87
CA LEU G 120 -59.06 -28.49 12.65
C LEU G 120 -59.28 -29.79 13.41
N LEU G 121 -59.91 -29.74 14.59
CA LEU G 121 -60.22 -30.97 15.30
C LEU G 121 -61.27 -31.78 14.57
N GLU G 122 -62.25 -31.11 13.98
CA GLU G 122 -63.22 -31.78 13.13
C GLU G 122 -62.52 -32.48 11.98
N GLY G 123 -61.54 -31.82 11.37
CA GLY G 123 -60.78 -32.43 10.28
C GLY G 123 -59.97 -33.63 10.73
N GLU G 124 -59.38 -33.54 11.91
CA GLU G 124 -58.58 -34.64 12.46
C GLU G 124 -59.45 -35.85 12.73
N LEU G 125 -60.60 -35.64 13.35
CA LEU G 125 -61.52 -36.75 13.61
C LEU G 125 -62.04 -37.35 12.32
N TYR G 126 -62.36 -36.51 11.35
CA TYR G 126 -62.86 -37.01 10.09
C TYR G 126 -61.81 -37.85 9.37
N ASN G 127 -60.57 -37.42 9.37
CA ASN G 127 -59.53 -38.18 8.70
C ASN G 127 -59.24 -39.48 9.43
N GLY G 128 -59.35 -39.47 10.76
CA GLY G 128 -59.10 -40.69 11.50
C GLY G 128 -60.19 -41.72 11.37
N ARG G 129 -61.44 -41.26 11.28
CA ARG G 129 -62.56 -42.18 11.18
C ARG G 129 -62.54 -42.97 9.88
N LEU G 130 -61.92 -42.44 8.83
CA LEU G 130 -61.76 -43.21 7.59
C LEU G 130 -60.58 -44.16 7.66
N ALA G 131 -59.50 -43.75 8.32
CA ALA G 131 -58.35 -44.63 8.44
C ALA G 131 -58.67 -45.84 9.31
N MET G 132 -59.49 -45.65 10.35
CA MET G 132 -59.83 -46.78 11.19
C MET G 132 -60.70 -47.79 10.44
N LEU G 133 -61.49 -47.33 9.49
CA LEU G 133 -62.25 -48.27 8.66
C LEU G 133 -61.37 -48.92 7.61
N ALA G 134 -60.44 -48.15 7.04
CA ALA G 134 -59.59 -48.69 5.98
C ALA G 134 -58.62 -49.74 6.53
N VAL G 135 -58.13 -49.57 7.76
CA VAL G 135 -57.25 -50.56 8.34
C VAL G 135 -57.97 -51.90 8.52
N VAL G 136 -59.19 -51.85 9.06
CA VAL G 136 -59.98 -53.06 9.21
C VAL G 136 -60.28 -53.67 7.85
N GLY G 137 -60.63 -52.84 6.86
CA GLY G 137 -60.97 -53.35 5.55
C GLY G 137 -59.81 -53.92 4.77
N VAL G 138 -58.60 -53.48 5.05
CA VAL G 138 -57.44 -54.08 4.40
C VAL G 138 -56.94 -55.30 5.15
N LEU G 139 -57.10 -55.35 6.47
CA LEU G 139 -56.69 -56.54 7.21
C LEU G 139 -57.66 -57.69 7.01
N THR G 140 -58.95 -57.41 6.84
CA THR G 140 -59.93 -58.47 6.68
C THR G 140 -60.01 -58.99 5.25
N VAL G 141 -59.21 -58.43 4.35
CA VAL G 141 -59.17 -58.87 2.96
C VAL G 141 -57.79 -59.41 2.59
N GLU G 142 -56.74 -58.65 2.88
CA GLU G 142 -55.40 -59.11 2.52
C GLU G 142 -55.00 -60.33 3.33
N ALA G 143 -55.54 -60.47 4.54
CA ALA G 143 -55.22 -61.59 5.41
C ALA G 143 -56.30 -62.66 5.39
N GLN G 144 -57.17 -62.66 4.39
CA GLN G 144 -58.16 -63.71 4.26
C GLN G 144 -57.96 -64.56 3.01
N GLY G 145 -58.05 -63.96 1.82
CA GLY G 145 -57.77 -64.74 0.63
C GLY G 145 -57.06 -64.03 -0.50
N LYS G 146 -57.01 -62.70 -0.45
CA LYS G 146 -56.78 -61.93 -1.67
C LYS G 146 -55.34 -61.43 -1.75
N GLY G 147 -54.94 -61.06 -2.96
CA GLY G 147 -53.58 -60.67 -3.23
C GLY G 147 -53.26 -59.32 -2.67
N PRO G 148 -52.33 -58.61 -3.32
CA PRO G 148 -52.00 -57.26 -2.86
C PRO G 148 -53.23 -56.36 -2.86
N TRP G 149 -53.40 -55.62 -1.76
CA TRP G 149 -54.57 -54.77 -1.60
C TRP G 149 -54.51 -53.55 -2.50
N TRP G 150 -53.35 -53.23 -3.06
CA TRP G 150 -53.19 -52.08 -3.92
C TRP G 150 -53.36 -52.42 -5.39
N GLU G 151 -53.91 -53.60 -5.68
CA GLU G 151 -54.25 -53.97 -7.05
C GLU G 151 -55.72 -54.34 -7.19
N ILE G 152 -56.48 -54.38 -6.09
CA ILE G 152 -57.90 -54.68 -6.17
C ILE G 152 -58.68 -53.68 -7.01
N PRO G 153 -58.54 -52.36 -6.79
CA PRO G 153 -59.32 -51.42 -7.64
C PRO G 153 -58.98 -51.52 -9.12
N GLY G 154 -57.75 -51.86 -9.46
CA GLY G 154 -57.37 -52.01 -10.85
C GLY G 154 -57.81 -53.30 -11.50
N ASN G 155 -58.48 -54.19 -10.75
CA ASN G 155 -58.96 -55.46 -11.28
C ASN G 155 -60.48 -55.53 -11.22
N LEU G 156 -61.15 -54.38 -11.19
CA LEU G 156 -62.59 -54.33 -11.31
C LEU G 156 -63.05 -54.10 -12.74
N ASN G 157 -62.17 -53.61 -13.60
CA ASN G 157 -62.48 -53.27 -15.00
C ASN G 157 -63.71 -52.36 -15.06
N LEU G 158 -63.53 -51.17 -14.48
CA LEU G 158 -64.59 -50.16 -14.46
C LEU G 158 -64.28 -49.14 -15.54
N PHE G 159 -65.08 -49.13 -16.60
CA PHE G 159 -64.91 -48.18 -17.68
C PHE G 159 -66.25 -47.94 -18.36
N GLY G 160 -66.35 -46.81 -19.05
CA GLY G 160 -67.58 -46.45 -19.74
C GLY G 160 -68.68 -45.96 -18.83
N THR G 161 -69.92 -46.27 -19.18
CA THR G 161 -71.11 -45.79 -18.47
C THR G 161 -71.17 -46.18 -16.99
N PRO G 162 -70.84 -47.42 -16.58
CA PRO G 162 -70.94 -47.74 -15.14
C PRO G 162 -70.07 -46.85 -14.28
N TYR G 163 -68.87 -46.53 -14.74
CA TYR G 163 -67.99 -45.62 -14.01
C TYR G 163 -68.66 -44.27 -13.82
N VAL G 164 -69.24 -43.73 -14.89
CA VAL G 164 -69.83 -42.40 -14.82
C VAL G 164 -71.03 -42.39 -13.87
N VAL G 165 -71.90 -43.40 -13.96
CA VAL G 165 -73.09 -43.39 -13.13
C VAL G 165 -72.70 -43.59 -11.65
N ALA G 166 -71.72 -44.46 -11.39
CA ALA G 166 -71.28 -44.66 -10.02
C ALA G 166 -70.69 -43.38 -9.43
N VAL G 167 -69.83 -42.71 -10.19
CA VAL G 167 -69.22 -41.47 -9.71
C VAL G 167 -70.29 -40.43 -9.43
N VAL G 168 -71.23 -40.25 -10.36
CA VAL G 168 -72.24 -39.21 -10.20
C VAL G 168 -73.14 -39.51 -8.99
N GLY G 169 -73.56 -40.76 -8.83
CA GLY G 169 -74.42 -41.07 -7.70
C GLY G 169 -73.71 -40.92 -6.36
N GLY G 170 -72.47 -41.42 -6.27
CA GLY G 170 -71.73 -41.25 -5.04
C GLY G 170 -71.54 -39.80 -4.68
N HIS G 171 -71.22 -38.97 -5.67
CA HIS G 171 -71.02 -37.54 -5.40
C HIS G 171 -72.35 -36.88 -5.01
N LEU G 172 -73.46 -37.26 -5.61
CA LEU G 172 -74.75 -36.72 -5.18
C LEU G 172 -74.96 -37.00 -3.69
N ALA G 173 -74.77 -38.25 -3.28
CA ALA G 173 -74.98 -38.57 -1.87
C ALA G 173 -74.04 -37.81 -0.96
N PHE G 174 -72.75 -37.77 -1.32
CA PHE G 174 -71.78 -37.10 -0.46
C PHE G 174 -72.01 -35.60 -0.40
N ALA G 175 -72.39 -34.98 -1.52
CA ALA G 175 -72.70 -33.57 -1.50
C ALA G 175 -73.91 -33.28 -0.63
N LEU G 176 -74.93 -34.11 -0.68
CA LEU G 176 -76.08 -33.91 0.20
C LEU G 176 -75.68 -34.03 1.67
N LEU G 177 -74.77 -34.94 2.00
CA LEU G 177 -74.36 -35.08 3.40
C LEU G 177 -73.47 -33.92 3.85
N GLU G 178 -72.50 -33.57 3.00
CA GLU G 178 -71.56 -32.50 3.29
C GLU G 178 -72.26 -31.15 3.45
N LYS G 179 -73.24 -30.86 2.60
CA LYS G 179 -74.02 -29.64 2.75
C LYS G 179 -74.58 -29.54 4.16
N LYS G 180 -75.11 -30.65 4.67
CA LYS G 180 -75.69 -30.66 6.00
C LYS G 180 -74.61 -30.47 7.06
N ARG G 181 -73.44 -31.05 6.85
CA ARG G 181 -72.33 -30.86 7.79
C ARG G 181 -71.90 -29.40 7.88
N LEU G 182 -71.68 -28.76 6.73
CA LEU G 182 -71.32 -27.35 6.71
C LEU G 182 -72.41 -26.51 7.33
N GLU G 183 -73.65 -26.88 7.09
CA GLU G 183 -74.80 -26.13 7.57
C GLU G 183 -75.01 -26.33 9.07
N ASN G 184 -74.49 -27.43 9.62
CA ASN G 184 -74.57 -27.67 11.06
C ASN G 184 -73.45 -26.97 11.82
N PHE G 185 -72.23 -26.99 11.29
CA PHE G 185 -71.11 -26.35 11.99
C PHE G 185 -71.39 -24.90 12.29
N ARG G 186 -72.20 -24.24 11.48
CA ARG G 186 -72.24 -22.79 11.52
C ARG G 186 -73.17 -22.27 12.61
N GLU G 187 -74.21 -23.01 12.95
CA GLU G 187 -75.08 -22.62 14.05
C GLU G 187 -74.59 -23.15 15.38
N THR G 188 -74.20 -24.43 15.41
CA THR G 188 -73.58 -25.04 16.57
C THR G 188 -72.19 -25.53 16.17
N GLY G 189 -71.19 -25.26 17.00
CA GLY G 189 -69.83 -25.54 16.59
C GLY G 189 -69.50 -27.02 16.54
N GLU G 190 -70.26 -27.78 15.76
CA GLU G 190 -70.06 -29.22 15.65
C GLU G 190 -70.65 -29.69 14.34
N ALA G 191 -70.15 -30.81 13.84
CA ALA G 191 -70.55 -31.29 12.51
C ALA G 191 -70.57 -32.82 12.51
N GLY G 192 -71.75 -33.39 12.71
CA GLY G 192 -71.90 -34.82 12.57
C GLY G 192 -72.15 -35.22 11.13
N HIS G 193 -71.65 -36.39 10.77
CA HIS G 193 -71.57 -36.78 9.37
C HIS G 193 -72.85 -37.38 8.82
N PHE G 194 -73.66 -37.99 9.67
CA PHE G 194 -74.80 -38.75 9.15
C PHE G 194 -76.18 -38.17 9.30
N GLY G 195 -76.37 -36.98 8.80
CA GLY G 195 -77.69 -36.37 8.85
C GLY G 195 -78.05 -35.71 10.15
N ALA G 196 -77.25 -35.91 11.19
CA ALA G 196 -77.49 -35.28 12.48
C ALA G 196 -76.23 -34.57 12.94
N ALA G 197 -76.41 -33.54 13.75
CA ALA G 197 -75.27 -32.78 14.24
C ALA G 197 -74.42 -33.59 15.21
N ARG G 198 -75.01 -34.59 15.86
CA ARG G 198 -74.33 -35.27 16.95
C ARG G 198 -74.27 -36.78 16.79
N PHE G 199 -75.27 -37.38 16.19
CA PHE G 199 -75.26 -38.83 15.92
C PHE G 199 -74.96 -39.78 17.09
N ASP G 200 -75.87 -39.85 18.04
CA ASP G 200 -75.72 -40.77 19.16
C ASP G 200 -76.95 -41.66 19.18
N PRO G 201 -77.09 -42.52 18.18
CA PRO G 201 -78.27 -43.40 18.11
C PRO G 201 -78.43 -44.25 19.36
N LEU G 202 -77.33 -44.78 19.87
CA LEU G 202 -77.27 -45.40 21.19
C LEU G 202 -76.46 -44.47 22.07
N ASP G 203 -77.09 -43.91 23.10
CA ASP G 203 -76.44 -42.86 23.88
C ASP G 203 -75.31 -43.48 24.69
N LEU G 204 -74.08 -43.36 24.17
CA LEU G 204 -72.91 -43.93 24.83
C LEU G 204 -71.78 -42.92 24.99
N THR G 205 -72.01 -41.65 24.69
CA THR G 205 -70.94 -40.66 24.76
C THR G 205 -70.48 -40.41 26.19
N GLU G 206 -71.27 -40.81 27.19
CA GLU G 206 -70.89 -40.65 28.59
C GLU G 206 -71.23 -41.90 29.39
N ALA G 207 -71.13 -43.06 28.75
CA ALA G 207 -71.58 -44.32 29.32
C ALA G 207 -70.43 -45.30 29.40
N ASN G 208 -69.28 -44.83 29.89
CA ASN G 208 -68.12 -45.68 30.07
C ASN G 208 -67.80 -45.75 31.55
N PRO G 209 -67.69 -46.93 32.15
CA PRO G 209 -67.52 -47.05 33.60
C PRO G 209 -66.09 -46.80 34.09
N LEU G 210 -65.44 -45.79 33.52
CA LEU G 210 -64.16 -45.32 34.04
C LEU G 210 -64.05 -43.80 34.02
N GLY G 211 -65.10 -43.08 33.72
CA GLY G 211 -65.05 -41.64 33.71
C GLY G 211 -66.14 -41.06 32.85
N THR G 212 -66.30 -39.75 32.94
CA THR G 212 -67.30 -39.07 32.14
C THR G 212 -66.85 -38.91 30.69
N ASP G 213 -65.77 -38.17 30.47
CA ASP G 213 -65.23 -37.92 29.14
C ASP G 213 -64.09 -38.89 28.81
N TYR G 214 -64.40 -40.18 28.80
CA TYR G 214 -63.45 -41.22 28.46
C TYR G 214 -63.52 -41.60 26.99
N ASN G 215 -64.73 -41.71 26.43
CA ASN G 215 -64.87 -42.06 25.02
C ASN G 215 -64.26 -41.00 24.11
N ARG G 216 -64.42 -39.73 24.48
CA ARG G 216 -63.88 -38.65 23.67
C ARG G 216 -62.36 -38.72 23.59
N GLN G 217 -61.70 -39.06 24.69
CA GLN G 217 -60.26 -39.21 24.68
C GLN G 217 -59.81 -40.51 24.03
N ALA G 218 -60.64 -41.55 24.04
CA ALA G 218 -60.26 -42.81 23.42
C ALA G 218 -60.38 -42.76 21.90
N GLU G 219 -61.38 -42.06 21.40
CA GLU G 219 -61.62 -41.99 19.96
C GLU G 219 -60.59 -41.21 19.17
N VAL G 220 -60.07 -40.15 19.75
CA VAL G 220 -59.12 -39.27 19.08
C VAL G 220 -57.75 -39.91 19.10
N ARG G 221 -57.58 -40.93 19.94
CA ARG G 221 -56.32 -41.65 20.04
C ARG G 221 -56.29 -42.92 19.22
N ASN G 222 -57.43 -43.57 19.07
CA ASN G 222 -57.47 -44.72 18.20
C ASN G 222 -57.36 -44.23 16.77
N CYS G 223 -58.07 -43.16 16.44
CA CYS G 223 -57.97 -42.59 15.10
C CYS G 223 -56.57 -42.09 14.78
N ARG G 224 -55.91 -41.47 15.74
CA ARG G 224 -54.55 -41.01 15.60
C ARG G 224 -53.56 -42.14 15.37
N LEU G 225 -53.73 -43.27 16.04
CA LEU G 225 -52.91 -44.45 15.79
C LEU G 225 -53.18 -45.08 14.43
N ALA G 226 -54.44 -45.16 14.03
CA ALA G 226 -54.79 -45.76 12.75
C ALA G 226 -54.27 -44.96 11.55
N MET G 227 -54.16 -43.64 11.65
CA MET G 227 -53.66 -42.86 10.52
C MET G 227 -52.23 -43.24 10.17
N LEU G 228 -51.32 -43.23 11.14
CA LEU G 228 -49.96 -43.60 10.82
C LEU G 228 -49.79 -45.10 10.67
N THR G 229 -50.72 -45.90 11.21
CA THR G 229 -50.79 -47.29 10.80
C THR G 229 -50.96 -47.42 9.30
N PHE G 230 -51.93 -46.72 8.73
CA PHE G 230 -52.16 -46.80 7.30
C PHE G 230 -51.05 -46.17 6.48
N LEU G 231 -50.45 -45.10 6.97
CA LEU G 231 -49.26 -44.57 6.31
C LEU G 231 -48.16 -45.63 6.27
N GLY G 232 -48.05 -46.42 7.34
CA GLY G 232 -47.09 -47.52 7.34
C GLY G 232 -47.42 -48.57 6.31
N PHE G 233 -48.69 -48.89 6.13
CA PHE G 233 -49.07 -49.87 5.12
C PHE G 233 -48.73 -49.34 3.74
N SER G 234 -49.00 -48.06 3.48
CA SER G 234 -48.76 -47.51 2.15
C SER G 234 -47.27 -47.41 1.84
N VAL G 235 -46.44 -47.08 2.82
CA VAL G 235 -45.02 -46.97 2.53
C VAL G 235 -44.34 -48.34 2.53
N GLN G 236 -44.89 -49.28 3.29
CA GLN G 236 -44.34 -50.62 3.32
C GLN G 236 -44.59 -51.34 2.00
N ALA G 237 -45.78 -51.15 1.43
CA ALA G 237 -46.09 -51.80 0.16
C ALA G 237 -45.24 -51.29 -1.00
N TRP G 238 -44.59 -50.14 -0.86
CA TRP G 238 -43.80 -49.56 -1.94
C TRP G 238 -42.31 -49.85 -1.81
N VAL G 239 -41.83 -50.17 -0.62
CA VAL G 239 -40.42 -50.50 -0.43
C VAL G 239 -40.17 -52.01 -0.46
N THR G 240 -41.03 -52.81 0.16
CA THR G 240 -40.83 -54.25 0.24
C THR G 240 -41.47 -55.01 -0.91
N GLY G 241 -42.63 -54.57 -1.38
CA GLY G 241 -43.38 -55.29 -2.38
C GLY G 241 -44.31 -56.35 -1.84
N LYS G 242 -44.16 -56.73 -0.58
CA LYS G 242 -44.97 -57.77 0.03
C LYS G 242 -46.24 -57.15 0.61
N GLY G 243 -46.94 -57.90 1.45
CA GLY G 243 -48.10 -57.40 2.12
C GLY G 243 -47.85 -57.08 3.58
N PRO G 244 -48.89 -56.65 4.28
CA PRO G 244 -48.73 -56.34 5.72
C PRO G 244 -48.31 -57.54 6.55
N ILE G 245 -49.07 -58.63 6.50
CA ILE G 245 -48.77 -59.79 7.33
C ILE G 245 -47.45 -60.42 6.91
N GLU G 246 -47.17 -60.43 5.62
CA GLU G 246 -45.95 -61.00 5.07
C GLU G 246 -44.71 -60.23 5.49
N ASN G 247 -44.87 -59.02 6.02
CA ASN G 247 -43.75 -58.27 6.58
C ASN G 247 -43.59 -58.53 8.07
N ALA G 248 -44.69 -58.60 8.81
CA ALA G 248 -44.62 -58.91 10.23
C ALA G 248 -44.02 -60.29 10.45
N LYS G 249 -44.47 -61.28 9.68
CA LYS G 249 -43.93 -62.63 9.85
C LYS G 249 -42.46 -62.70 9.45
N ASP G 250 -42.07 -61.98 8.39
CA ASP G 250 -40.66 -61.96 8.01
C ASP G 250 -39.81 -61.32 9.10
N HIS G 251 -40.32 -60.30 9.76
CA HIS G 251 -39.54 -59.68 10.83
C HIS G 251 -39.46 -60.58 12.05
N LEU G 252 -40.55 -61.27 12.36
CA LEU G 252 -40.55 -62.10 13.56
C LEU G 252 -39.73 -63.37 13.36
N ALA G 253 -39.61 -63.83 12.11
CA ALA G 253 -38.80 -65.00 11.82
C ALA G 253 -37.34 -64.77 12.19
N SER G 254 -36.76 -63.70 11.67
CA SER G 254 -35.34 -63.40 11.87
C SER G 254 -35.14 -61.89 11.85
N PRO G 255 -35.23 -61.26 13.02
CA PRO G 255 -35.27 -59.79 13.05
C PRO G 255 -33.91 -59.12 12.96
N PHE G 256 -33.06 -59.53 12.05
CA PHE G 256 -31.84 -58.76 11.79
C PHE G 256 -31.48 -58.61 10.33
N GLU G 257 -32.17 -59.29 9.42
CA GLU G 257 -32.07 -59.02 7.99
C GLU G 257 -33.39 -58.68 7.34
N ALA G 258 -34.51 -59.01 7.98
CA ALA G 258 -35.83 -58.62 7.50
C ALA G 258 -36.29 -57.33 8.17
N ASN G 259 -35.48 -56.29 7.99
CA ASN G 259 -35.76 -54.96 8.52
C ASN G 259 -35.71 -53.95 7.39
N ILE G 260 -35.84 -52.67 7.73
CA ILE G 260 -35.87 -51.63 6.72
C ILE G 260 -34.51 -51.44 6.06
N PHE G 261 -33.42 -51.57 6.83
CA PHE G 261 -32.09 -51.29 6.30
C PHE G 261 -31.51 -52.30 5.32
N THR G 262 -32.29 -53.32 4.96
CA THR G 262 -31.76 -54.38 4.11
C THR G 262 -32.52 -54.55 2.80
N TYR G 263 -33.32 -53.57 2.42
CA TYR G 263 -34.12 -53.70 1.19
C TYR G 263 -33.61 -52.92 0.00
N GLY G 264 -32.43 -52.32 0.12
CA GLY G 264 -31.86 -51.60 -1.00
C GLY G 264 -31.84 -50.10 -0.86
N ASP G 265 -32.13 -49.40 -1.95
CA ASP G 265 -32.00 -47.95 -1.99
C ASP G 265 -33.26 -47.26 -1.47
N ARG G 266 -34.43 -47.87 -1.68
CA ARG G 266 -35.66 -47.29 -1.18
C ARG G 266 -35.69 -47.24 0.34
N GLY G 267 -35.28 -48.34 0.98
CA GLY G 267 -35.23 -48.36 2.43
C GLY G 267 -34.26 -47.37 3.03
N THR G 268 -33.27 -46.93 2.24
CA THR G 268 -32.37 -45.88 2.66
C THR G 268 -32.94 -44.49 2.39
N ASN G 269 -33.63 -44.32 1.26
CA ASN G 269 -34.25 -43.03 0.96
C ASN G 269 -35.32 -42.68 1.99
N VAL G 270 -36.14 -43.66 2.38
CA VAL G 270 -37.17 -43.39 3.38
C VAL G 270 -36.54 -43.02 4.71
N VAL G 271 -35.49 -43.74 5.12
CA VAL G 271 -34.82 -43.41 6.37
C VAL G 271 -34.22 -42.01 6.31
N ALA G 272 -33.63 -41.66 5.18
CA ALA G 272 -33.06 -40.32 5.03
C ALA G 272 -34.13 -39.25 5.14
N ILE G 273 -35.27 -39.44 4.47
CA ILE G 273 -36.33 -38.45 4.52
C ILE G 273 -36.88 -38.31 5.94
N PHE G 274 -37.10 -39.44 6.59
CA PHE G 274 -37.62 -39.48 7.95
C PHE G 274 -36.68 -38.78 8.92
N SER G 275 -35.38 -39.05 8.81
CA SER G 275 -34.39 -38.41 9.66
C SER G 275 -34.24 -36.93 9.38
N ALA G 276 -34.41 -36.49 8.14
CA ALA G 276 -34.34 -35.07 7.84
C ALA G 276 -35.57 -34.32 8.31
N PHE G 277 -36.74 -34.93 8.23
CA PHE G 277 -37.95 -34.26 8.72
C PHE G 277 -38.01 -34.26 10.24
N ALA G 278 -37.46 -35.28 10.89
CA ALA G 278 -37.44 -35.33 12.34
C ALA G 278 -36.44 -34.37 12.96
N ALA G 279 -35.43 -33.95 12.20
CA ALA G 279 -34.44 -33.01 12.71
C ALA G 279 -34.84 -31.56 12.48
N VAL G 280 -35.91 -31.30 11.74
CA VAL G 280 -36.40 -29.96 11.51
C VAL G 280 -37.45 -29.56 12.53
N MET G 281 -38.34 -30.47 12.90
CA MET G 281 -39.37 -30.12 13.86
C MET G 281 -38.89 -30.13 15.30
N HIS G 282 -37.68 -30.60 15.57
CA HIS G 282 -37.08 -30.40 16.88
C HIS G 282 -36.31 -29.10 16.97
N ILE G 283 -35.61 -28.72 15.90
CA ILE G 283 -34.98 -27.41 15.86
C ILE G 283 -36.05 -26.32 15.90
N ALA G 284 -37.16 -26.52 15.20
CA ALA G 284 -38.25 -25.55 15.25
C ALA G 284 -38.81 -25.41 16.65
N GLU G 285 -38.97 -26.52 17.37
CA GLU G 285 -39.48 -26.45 18.74
C GLU G 285 -38.49 -25.74 19.66
N LEU G 286 -37.19 -26.04 19.51
CA LEU G 286 -36.19 -25.38 20.33
C LEU G 286 -36.16 -23.88 20.06
N ALA G 287 -36.25 -23.49 18.79
CA ALA G 287 -36.32 -22.07 18.45
C ALA G 287 -37.58 -21.42 18.97
N ARG G 288 -38.71 -22.14 18.94
CA ARG G 288 -39.95 -21.61 19.48
C ARG G 288 -39.85 -21.32 20.97
N GLU G 289 -39.23 -22.23 21.73
CA GLU G 289 -39.16 -22.03 23.17
C GLU G 289 -38.41 -20.77 23.55
N LYS G 290 -37.63 -20.20 22.64
CA LYS G 290 -37.00 -18.90 22.85
C LYS G 290 -37.82 -17.80 22.20
N LYS G 291 -39.14 -18.00 22.19
CA LYS G 291 -40.09 -17.14 21.48
C LYS G 291 -39.67 -16.89 20.04
N PRO H 51 -78.05 -0.97 -11.26
CA PRO H 51 -78.02 -2.17 -12.11
C PRO H 51 -78.57 -3.39 -11.38
N THR H 52 -79.01 -4.40 -12.13
CA THR H 52 -79.41 -5.68 -11.55
C THR H 52 -78.33 -6.73 -11.70
N THR H 53 -77.17 -6.36 -12.22
CA THR H 53 -76.05 -7.28 -12.27
C THR H 53 -75.26 -7.29 -10.97
N MET H 54 -75.51 -6.33 -10.09
CA MET H 54 -74.88 -6.31 -8.78
C MET H 54 -75.75 -7.03 -7.76
N LEU H 55 -75.15 -7.40 -6.64
CA LEU H 55 -75.81 -8.23 -5.67
C LEU H 55 -76.81 -7.41 -4.87
N GLU H 56 -77.52 -8.06 -3.97
CA GLU H 56 -78.41 -7.38 -3.03
C GLU H 56 -78.09 -7.62 -1.57
N GLU H 57 -77.25 -8.61 -1.30
CA GLU H 57 -76.97 -8.99 0.07
C GLU H 57 -75.54 -8.81 0.58
N ARG H 58 -74.58 -8.64 -0.33
CA ARG H 58 -73.17 -8.41 0.00
C ARG H 58 -72.63 -9.55 0.87
N ASP H 59 -72.50 -10.70 0.24
CA ASP H 59 -72.06 -11.91 0.91
C ASP H 59 -70.92 -12.59 0.16
N ASN H 60 -70.18 -13.43 0.90
CA ASN H 60 -69.08 -14.23 0.38
C ASN H 60 -69.43 -15.70 0.60
N LEU H 61 -69.36 -16.50 -0.45
CA LEU H 61 -69.70 -17.90 -0.33
C LEU H 61 -68.51 -18.73 0.15
N TRP H 62 -68.80 -19.78 0.92
CA TRP H 62 -67.75 -20.63 1.46
C TRP H 62 -67.53 -21.80 0.50
N GLU H 63 -66.37 -21.75 -0.14
CA GLU H 63 -65.93 -22.74 -1.11
C GLU H 63 -64.72 -23.54 -0.60
N ILE H 64 -63.96 -24.16 -1.49
CA ILE H 64 -63.00 -25.24 -1.24
C ILE H 64 -62.25 -25.05 0.08
N GLY H 65 -61.67 -23.89 0.31
CA GLY H 65 -60.93 -23.69 1.55
C GLY H 65 -61.57 -22.74 2.54
N GLY H 66 -62.14 -21.65 2.03
CA GLY H 66 -62.73 -20.63 2.85
C GLY H 66 -63.50 -19.66 1.98
N PRO H 67 -63.92 -18.53 2.53
CA PRO H 67 -64.59 -17.54 1.68
C PRO H 67 -63.62 -16.57 1.03
N TYR H 68 -62.45 -17.06 0.64
CA TYR H 68 -61.33 -16.33 0.05
C TYR H 68 -60.37 -17.36 -0.50
N TRP H 69 -59.71 -17.01 -1.60
CA TRP H 69 -58.58 -17.83 -1.98
C TRP H 69 -57.48 -17.60 -0.95
N TRP H 70 -56.42 -18.38 -1.02
CA TRP H 70 -55.34 -18.21 -0.05
C TRP H 70 -55.86 -18.36 1.37
N PRO H 71 -56.15 -19.59 1.81
CA PRO H 71 -56.97 -19.81 3.00
C PRO H 71 -56.18 -19.84 4.31
N PHE H 72 -55.36 -18.82 4.52
CA PHE H 72 -54.55 -18.70 5.72
C PHE H 72 -55.04 -17.54 6.56
N SER H 73 -54.47 -17.36 7.75
CA SER H 73 -54.91 -16.34 8.67
C SER H 73 -54.28 -14.98 8.42
N SER H 74 -53.22 -14.93 7.63
CA SER H 74 -52.55 -13.67 7.30
C SER H 74 -53.02 -13.18 5.93
N PHE H 75 -54.32 -12.88 5.86
CA PHE H 75 -54.88 -12.45 4.59
C PHE H 75 -56.01 -11.46 4.85
N THR H 76 -55.90 -10.29 4.23
CA THR H 76 -56.93 -9.27 4.25
C THR H 76 -57.32 -9.00 2.79
N PRO H 77 -58.61 -8.99 2.48
CA PRO H 77 -59.01 -8.87 1.08
C PRO H 77 -58.65 -7.51 0.53
N PRO H 78 -58.49 -7.39 -0.78
CA PRO H 78 -58.16 -6.08 -1.38
C PRO H 78 -59.22 -5.05 -1.05
N ALA H 79 -58.78 -3.79 -0.98
CA ALA H 79 -59.67 -2.73 -0.54
C ALA H 79 -60.84 -2.51 -1.49
N HIS H 80 -60.64 -2.77 -2.79
CA HIS H 80 -61.69 -2.45 -3.76
C HIS H 80 -62.67 -3.59 -3.95
N LEU H 81 -62.40 -4.77 -3.38
CA LEU H 81 -63.28 -5.93 -3.46
C LEU H 81 -63.89 -6.14 -2.09
N ASP H 82 -65.19 -5.84 -1.96
CA ASP H 82 -65.83 -5.83 -0.66
C ASP H 82 -67.07 -6.69 -0.57
N GLY H 83 -67.37 -7.45 -1.61
CA GLY H 83 -68.49 -8.35 -1.59
C GLY H 83 -69.73 -7.89 -2.34
N SER H 84 -69.62 -6.85 -3.16
CA SER H 84 -70.79 -6.28 -3.83
C SER H 84 -71.11 -6.95 -5.16
N LEU H 85 -70.18 -7.69 -5.75
CA LEU H 85 -70.43 -8.30 -7.05
C LEU H 85 -70.49 -9.81 -6.93
N PRO H 86 -71.20 -10.49 -7.83
CA PRO H 86 -71.26 -11.94 -7.79
C PRO H 86 -69.89 -12.57 -7.98
N GLY H 87 -69.67 -13.69 -7.29
CA GLY H 87 -68.45 -14.45 -7.44
C GLY H 87 -67.24 -13.92 -6.72
N ASP H 88 -67.44 -13.07 -5.71
CA ASP H 88 -66.32 -12.42 -5.05
C ASP H 88 -65.54 -13.42 -4.20
N ARG H 89 -64.22 -13.34 -4.28
CA ARG H 89 -63.31 -14.11 -3.44
C ARG H 89 -62.07 -13.33 -3.05
N GLY H 90 -62.01 -12.03 -3.36
CA GLY H 90 -60.80 -11.27 -3.13
C GLY H 90 -59.60 -11.76 -3.92
N PHE H 91 -59.78 -12.15 -5.17
CA PHE H 91 -58.65 -12.61 -5.97
C PHE H 91 -58.14 -11.48 -6.85
N ASP H 92 -56.98 -10.94 -6.49
CA ASP H 92 -56.35 -9.85 -7.22
C ASP H 92 -54.87 -9.72 -6.87
N PRO H 93 -54.02 -10.68 -7.21
CA PRO H 93 -52.59 -10.52 -6.93
C PRO H 93 -51.98 -9.31 -7.63
N PHE H 94 -52.12 -9.23 -8.95
CA PHE H 94 -51.78 -8.01 -9.67
C PHE H 94 -53.01 -7.11 -9.69
N SER H 95 -52.91 -5.91 -9.12
CA SER H 95 -54.08 -5.09 -8.90
C SER H 95 -54.57 -4.51 -10.22
N LEU H 96 -55.29 -5.34 -10.98
CA LEU H 96 -55.82 -4.93 -12.27
C LEU H 96 -57.22 -4.36 -12.18
N GLY H 97 -57.78 -4.24 -10.98
CA GLY H 97 -59.11 -3.72 -10.84
C GLY H 97 -59.15 -2.24 -10.57
N THR H 98 -58.00 -1.67 -10.23
CA THR H 98 -57.86 -0.22 -10.09
C THR H 98 -57.22 0.44 -11.30
N SER H 99 -56.66 -0.34 -12.22
CA SER H 99 -56.13 0.16 -13.48
C SER H 99 -56.79 -0.67 -14.57
N TRP H 100 -56.23 -0.64 -15.78
CA TRP H 100 -56.61 -1.56 -16.85
C TRP H 100 -58.07 -1.38 -17.27
N GLY H 101 -58.34 -0.24 -17.87
CA GLY H 101 -59.62 -0.04 -18.53
C GLY H 101 -60.13 1.37 -18.34
N GLN H 102 -61.04 1.77 -19.22
CA GLN H 102 -61.73 3.05 -19.12
C GLN H 102 -63.18 2.85 -19.49
N PRO H 103 -64.08 2.86 -18.51
CA PRO H 103 -65.48 2.60 -18.81
C PRO H 103 -66.09 3.70 -19.67
N PRO H 104 -67.06 3.38 -20.50
CA PRO H 104 -67.76 4.41 -21.28
C PRO H 104 -68.79 5.16 -20.45
N VAL H 105 -68.30 5.96 -19.50
CA VAL H 105 -69.16 6.79 -18.67
C VAL H 105 -68.65 8.22 -18.73
N ASP H 106 -69.50 9.15 -18.33
CA ASP H 106 -69.11 10.54 -18.30
C ASP H 106 -67.97 10.62 -17.31
N VAL H 107 -66.87 11.26 -17.69
CA VAL H 107 -65.71 11.40 -16.82
C VAL H 107 -66.00 12.43 -15.73
N SER H 108 -65.24 12.34 -14.64
CA SER H 108 -65.37 13.21 -13.47
C SER H 108 -66.70 13.07 -12.77
N ASP H 109 -67.40 11.98 -12.99
CA ASP H 109 -68.63 11.78 -12.26
C ASP H 109 -68.23 10.96 -11.05
N PRO H 110 -68.82 11.24 -9.87
CA PRO H 110 -68.52 10.49 -8.66
C PRO H 110 -68.92 9.04 -8.78
N ASN H 111 -68.15 8.19 -8.09
CA ASN H 111 -68.24 6.74 -8.22
C ASN H 111 -67.80 6.30 -9.61
N TYR H 112 -66.61 6.75 -9.98
CA TYR H 112 -65.97 6.37 -11.23
C TYR H 112 -65.06 5.16 -11.06
N ASP H 113 -64.44 5.01 -9.90
CA ASP H 113 -63.58 3.84 -9.68
C ASP H 113 -64.38 2.56 -9.55
N GLU H 114 -65.65 2.65 -9.15
CA GLU H 114 -66.49 1.48 -9.12
C GLU H 114 -67.01 1.09 -10.50
N SER H 115 -67.27 2.08 -11.36
CA SER H 115 -67.70 1.82 -12.72
C SER H 115 -66.71 1.00 -13.50
N ARG H 116 -65.42 1.13 -13.20
CA ARG H 116 -64.44 0.31 -13.88
C ARG H 116 -64.53 -1.16 -13.49
N LEU H 117 -64.85 -1.48 -12.24
CA LEU H 117 -65.07 -2.89 -11.90
C LEU H 117 -66.32 -3.44 -12.57
N ARG H 118 -67.35 -2.61 -12.72
CA ARG H 118 -68.54 -3.06 -13.43
C ARG H 118 -68.25 -3.28 -14.90
N TRP H 119 -67.43 -2.43 -15.53
CA TRP H 119 -67.03 -2.68 -16.90
C TRP H 119 -66.24 -3.98 -17.04
N LEU H 120 -65.31 -4.23 -16.12
CA LEU H 120 -64.56 -5.48 -16.19
C LEU H 120 -65.45 -6.69 -15.92
N LEU H 121 -66.46 -6.55 -15.05
CA LEU H 121 -67.39 -7.66 -14.83
C LEU H 121 -68.23 -7.91 -16.06
N GLU H 122 -68.64 -6.86 -16.75
CA GLU H 122 -69.32 -7.01 -18.03
C GLU H 122 -68.44 -7.77 -19.01
N GLY H 123 -67.15 -7.46 -19.05
CA GLY H 123 -66.24 -8.17 -19.94
C GLY H 123 -66.08 -9.62 -19.57
N GLU H 124 -66.03 -9.91 -18.28
CA GLU H 124 -65.90 -11.29 -17.79
C GLU H 124 -67.12 -12.11 -18.16
N LEU H 125 -68.30 -11.56 -17.94
CA LEU H 125 -69.53 -12.26 -18.30
C LEU H 125 -69.63 -12.46 -19.81
N TYR H 126 -69.25 -11.45 -20.58
CA TYR H 126 -69.31 -11.57 -22.01
C TYR H 126 -68.37 -12.64 -22.53
N ASN H 127 -67.16 -12.71 -21.99
CA ASN H 127 -66.22 -13.73 -22.44
C ASN H 127 -66.65 -15.11 -22.01
N GLY H 128 -67.30 -15.23 -20.86
CA GLY H 128 -67.75 -16.53 -20.41
C GLY H 128 -68.95 -17.05 -21.17
N ARG H 129 -69.85 -16.15 -21.56
CA ARG H 129 -71.04 -16.56 -22.28
C ARG H 129 -70.72 -17.14 -23.65
N LEU H 130 -69.60 -16.75 -24.25
CA LEU H 130 -69.18 -17.36 -25.51
C LEU H 130 -68.48 -18.70 -25.29
N ALA H 131 -67.70 -18.81 -24.22
CA ALA H 131 -67.02 -20.06 -23.94
C ALA H 131 -68.02 -21.16 -23.59
N MET H 132 -69.09 -20.80 -22.88
CA MET H 132 -70.07 -21.81 -22.53
C MET H 132 -70.80 -22.33 -23.77
N LEU H 133 -70.96 -21.49 -24.78
CA LEU H 133 -71.56 -21.96 -26.02
C LEU H 133 -70.55 -22.76 -26.84
N ALA H 134 -69.29 -22.34 -26.84
CA ALA H 134 -68.29 -23.03 -27.64
C ALA H 134 -67.99 -24.42 -27.09
N VAL H 135 -68.03 -24.60 -25.78
CA VAL H 135 -67.80 -25.92 -25.20
C VAL H 135 -68.89 -26.88 -25.64
N VAL H 136 -70.15 -26.45 -25.55
CA VAL H 136 -71.25 -27.28 -26.00
C VAL H 136 -71.13 -27.56 -27.49
N GLY H 137 -70.78 -26.55 -28.29
CA GLY H 137 -70.69 -26.73 -29.73
C GLY H 137 -69.53 -27.59 -30.18
N VAL H 138 -68.47 -27.69 -29.39
CA VAL H 138 -67.38 -28.58 -29.74
C VAL H 138 -67.63 -29.99 -29.21
N LEU H 139 -68.33 -30.13 -28.08
CA LEU H 139 -68.62 -31.47 -27.59
C LEU H 139 -69.73 -32.14 -28.40
N THR H 140 -70.69 -31.38 -28.91
CA THR H 140 -71.78 -31.97 -29.68
C THR H 140 -71.41 -32.23 -31.13
N VAL H 141 -70.19 -31.91 -31.53
CA VAL H 141 -69.71 -32.16 -32.87
C VAL H 141 -68.53 -33.13 -32.88
N GLU H 142 -67.52 -32.86 -32.06
CA GLU H 142 -66.36 -33.74 -32.06
C GLU H 142 -66.71 -35.12 -31.50
N ALA H 143 -67.72 -35.19 -30.63
CA ALA H 143 -68.13 -36.44 -30.03
C ALA H 143 -69.37 -37.02 -30.69
N GLN H 144 -69.71 -36.57 -31.90
CA GLN H 144 -70.83 -37.15 -32.62
C GLN H 144 -70.38 -37.84 -33.91
N GLY H 145 -69.80 -37.12 -34.85
CA GLY H 145 -69.29 -37.80 -36.04
C GLY H 145 -68.00 -37.27 -36.63
N LYS H 146 -67.59 -36.07 -36.22
CA LYS H 146 -66.66 -35.30 -37.04
C LYS H 146 -65.24 -35.38 -36.49
N GLY H 147 -64.29 -35.04 -37.35
CA GLY H 147 -62.89 -35.16 -37.03
C GLY H 147 -62.44 -34.11 -36.06
N PRO H 148 -61.16 -33.73 -36.14
CA PRO H 148 -60.65 -32.66 -35.27
C PRO H 148 -61.45 -31.38 -35.45
N TRP H 149 -61.83 -30.78 -34.32
CA TRP H 149 -62.65 -29.57 -34.36
C TRP H 149 -61.86 -28.36 -34.83
N TRP H 150 -60.54 -28.44 -34.85
CA TRP H 150 -59.70 -27.33 -35.28
C TRP H 150 -59.35 -27.40 -36.76
N GLU H 151 -60.05 -28.24 -37.52
CA GLU H 151 -59.89 -28.28 -38.97
C GLU H 151 -61.22 -28.06 -39.69
N ILE H 152 -62.32 -27.94 -38.96
CA ILE H 152 -63.61 -27.68 -39.60
C ILE H 152 -63.63 -26.36 -40.36
N PRO H 153 -63.21 -25.22 -39.78
CA PRO H 153 -63.25 -23.97 -40.56
C PRO H 153 -62.39 -24.01 -41.81
N GLY H 154 -61.28 -24.74 -41.79
CA GLY H 154 -60.43 -24.85 -42.95
C GLY H 154 -60.93 -25.79 -44.02
N ASN H 155 -62.07 -26.45 -43.81
CA ASN H 155 -62.65 -27.37 -44.78
C ASN H 155 -64.01 -26.88 -45.26
N LEU H 156 -64.25 -25.56 -45.17
CA LEU H 156 -65.43 -24.96 -45.76
C LEU H 156 -65.17 -24.40 -47.14
N ASN H 157 -63.90 -24.18 -47.49
CA ASN H 157 -63.50 -23.58 -48.78
C ASN H 157 -64.26 -22.27 -49.01
N LEU H 158 -63.99 -21.31 -48.12
CA LEU H 158 -64.61 -19.99 -48.20
C LEU H 158 -63.59 -19.03 -48.80
N PHE H 159 -63.84 -18.59 -50.03
CA PHE H 159 -62.96 -17.65 -50.70
C PHE H 159 -63.78 -16.85 -51.71
N GLY H 160 -63.24 -15.69 -52.07
CA GLY H 160 -63.91 -14.82 -53.02
C GLY H 160 -65.08 -14.07 -52.45
N THR H 161 -66.10 -13.84 -53.26
CA THR H 161 -67.27 -13.05 -52.90
C THR H 161 -68.05 -13.56 -51.69
N PRO H 162 -68.31 -14.87 -51.53
CA PRO H 162 -69.08 -15.29 -50.36
C PRO H 162 -68.42 -14.91 -49.05
N TYR H 163 -67.10 -15.01 -48.98
CA TYR H 163 -66.38 -14.59 -47.78
C TYR H 163 -66.62 -13.12 -47.48
N VAL H 164 -66.52 -12.29 -48.50
CA VAL H 164 -66.66 -10.85 -48.29
C VAL H 164 -68.08 -10.51 -47.84
N VAL H 165 -69.09 -11.09 -48.49
CA VAL H 165 -70.45 -10.74 -48.13
C VAL H 165 -70.79 -11.25 -46.73
N ALA H 166 -70.32 -12.45 -46.38
CA ALA H 166 -70.56 -12.97 -45.04
C ALA H 166 -69.92 -12.09 -43.98
N VAL H 167 -68.66 -11.70 -44.20
CA VAL H 167 -67.97 -10.84 -43.23
C VAL H 167 -68.69 -9.52 -43.07
N VAL H 168 -69.06 -8.89 -44.18
CA VAL H 168 -69.69 -7.58 -44.11
C VAL H 168 -71.04 -7.66 -43.41
N GLY H 169 -71.85 -8.67 -43.73
CA GLY H 169 -73.15 -8.78 -43.08
C GLY H 169 -73.05 -9.06 -41.60
N GLY H 170 -72.17 -10.00 -41.23
CA GLY H 170 -71.98 -10.28 -39.81
C GLY H 170 -71.53 -9.05 -39.05
N HIS H 171 -70.60 -8.30 -39.61
CA HIS H 171 -70.12 -7.10 -38.93
C HIS H 171 -71.22 -6.03 -38.85
N LEU H 172 -72.05 -5.89 -39.88
CA LEU H 172 -73.18 -4.97 -39.79
C LEU H 172 -74.05 -5.32 -38.59
N ALA H 173 -74.43 -6.59 -38.48
CA ALA H 173 -75.29 -6.98 -37.36
C ALA H 173 -74.62 -6.74 -36.02
N PHE H 174 -73.35 -7.14 -35.90
CA PHE H 174 -72.68 -7.01 -34.61
C PHE H 174 -72.45 -5.55 -34.25
N ALA H 175 -72.13 -4.70 -35.23
CA ALA H 175 -71.99 -3.29 -34.94
C ALA H 175 -73.29 -2.67 -34.50
N LEU H 176 -74.41 -3.05 -35.11
CA LEU H 176 -75.69 -2.54 -34.64
C LEU H 176 -76.00 -2.97 -33.22
N LEU H 177 -75.62 -4.20 -32.84
CA LEU H 177 -75.88 -4.65 -31.48
C LEU H 177 -74.95 -3.97 -30.47
N GLU H 178 -73.67 -3.92 -30.82
CA GLU H 178 -72.66 -3.32 -29.95
C GLU H 178 -72.93 -1.84 -29.70
N LYS H 179 -73.33 -1.11 -30.72
CA LYS H 179 -73.70 0.29 -30.54
C LYS H 179 -74.73 0.43 -29.43
N LYS H 180 -75.73 -0.45 -29.45
CA LYS H 180 -76.78 -0.41 -28.44
C LYS H 180 -76.23 -0.77 -27.07
N ARG H 181 -75.30 -1.72 -27.00
CA ARG H 181 -74.69 -2.08 -25.73
C ARG H 181 -73.92 -0.91 -25.12
N LEU H 182 -73.06 -0.26 -25.92
CA LEU H 182 -72.32 0.89 -25.44
C LEU H 182 -73.27 2.00 -25.03
N GLU H 183 -74.35 2.16 -25.78
CA GLU H 183 -75.32 3.22 -25.54
C GLU H 183 -76.17 2.94 -24.31
N ASN H 184 -76.27 1.66 -23.92
CA ASN H 184 -77.01 1.29 -22.71
C ASN H 184 -76.16 1.42 -21.46
N PHE H 185 -74.89 1.00 -21.52
CA PHE H 185 -74.04 1.09 -20.34
C PHE H 185 -73.95 2.50 -19.79
N ARG H 186 -74.12 3.51 -20.62
CA ARG H 186 -73.73 4.85 -20.23
C ARG H 186 -74.83 5.55 -19.43
N GLU H 187 -76.10 5.20 -19.66
CA GLU H 187 -77.19 5.77 -18.88
C GLU H 187 -77.46 4.92 -17.64
N THR H 188 -77.52 3.60 -17.80
CA THR H 188 -77.65 2.66 -16.71
C THR H 188 -76.43 1.74 -16.73
N GLY H 189 -75.83 1.51 -15.57
CA GLY H 189 -74.58 0.79 -15.54
C GLY H 189 -74.71 -0.69 -15.86
N GLU H 190 -75.27 -1.00 -17.02
CA GLU H 190 -75.48 -2.39 -17.43
C GLU H 190 -75.59 -2.44 -18.94
N ALA H 191 -75.29 -3.60 -19.50
CA ALA H 191 -75.21 -3.72 -20.97
C ALA H 191 -75.69 -5.11 -21.38
N GLY H 192 -76.96 -5.22 -21.74
CA GLY H 192 -77.47 -6.46 -22.29
C GLY H 192 -77.20 -6.56 -23.78
N HIS H 193 -76.97 -7.77 -24.24
CA HIS H 193 -76.45 -7.99 -25.58
C HIS H 193 -77.50 -7.99 -26.67
N PHE H 194 -78.72 -8.35 -26.34
CA PHE H 194 -79.72 -8.56 -27.39
C PHE H 194 -80.81 -7.53 -27.58
N GLY H 195 -80.40 -6.30 -27.79
CA GLY H 195 -81.38 -5.25 -28.04
C GLY H 195 -82.03 -4.67 -26.81
N ALA H 196 -81.83 -5.28 -25.65
CA ALA H 196 -82.39 -4.76 -24.41
C ALA H 196 -81.27 -4.65 -23.38
N ALA H 197 -81.46 -3.73 -22.44
CA ALA H 197 -80.45 -3.52 -21.42
C ALA H 197 -80.36 -4.70 -20.46
N ARG H 198 -81.43 -5.47 -20.33
CA ARG H 198 -81.50 -6.49 -19.29
C ARG H 198 -81.83 -7.88 -19.80
N PHE H 199 -82.63 -7.99 -20.85
CA PHE H 199 -82.93 -9.28 -21.46
C PHE H 199 -83.43 -10.41 -20.55
N ASP H 200 -84.63 -10.26 -20.03
CA ASP H 200 -85.24 -11.29 -19.20
C ASP H 200 -86.57 -11.65 -19.82
N PRO H 201 -86.55 -12.26 -21.01
CA PRO H 201 -87.80 -12.62 -21.70
C PRO H 201 -88.69 -13.50 -20.84
N LEU H 202 -88.12 -14.46 -20.15
CA LEU H 202 -88.79 -15.22 -19.10
C LEU H 202 -88.18 -14.77 -17.78
N ASP H 203 -88.98 -14.14 -16.93
CA ASP H 203 -88.43 -13.52 -15.73
C ASP H 203 -87.97 -14.62 -14.77
N LEU H 204 -86.66 -14.90 -14.78
CA LEU H 204 -86.10 -15.94 -13.94
C LEU H 204 -84.89 -15.46 -13.15
N THR H 205 -84.58 -14.17 -13.17
CA THR H 205 -83.41 -13.67 -12.48
C THR H 205 -83.52 -13.79 -10.97
N GLU H 206 -84.72 -13.99 -10.44
CA GLU H 206 -84.94 -14.15 -9.00
C GLU H 206 -85.92 -15.26 -8.73
N ALA H 207 -85.92 -16.29 -9.56
CA ALA H 207 -86.91 -17.35 -9.54
C ALA H 207 -86.25 -18.70 -9.33
N ASN H 208 -85.33 -18.76 -8.37
CA ASN H 208 -84.65 -19.99 -8.03
C ASN H 208 -85.01 -20.36 -6.60
N PRO H 209 -85.50 -21.56 -6.33
CA PRO H 209 -85.99 -21.91 -4.99
C PRO H 209 -84.89 -22.27 -3.99
N LEU H 210 -83.80 -21.52 -4.02
CA LEU H 210 -82.77 -21.63 -2.99
C LEU H 210 -82.21 -20.29 -2.57
N GLY H 211 -82.79 -19.19 -3.03
CA GLY H 211 -82.30 -17.89 -2.64
C GLY H 211 -82.72 -16.84 -3.65
N THR H 212 -82.50 -15.58 -3.27
CA THR H 212 -82.83 -14.48 -4.16
C THR H 212 -81.80 -14.33 -5.26
N ASP H 213 -80.56 -14.03 -4.91
CA ASP H 213 -79.47 -13.84 -5.85
C ASP H 213 -78.64 -15.12 -6.02
N TYR H 214 -79.29 -16.18 -6.48
CA TYR H 214 -78.64 -17.46 -6.73
C TYR H 214 -78.20 -17.61 -8.18
N ASN H 215 -79.05 -17.18 -9.12
CA ASN H 215 -78.71 -17.27 -10.54
C ASN H 215 -77.49 -16.43 -10.87
N ARG H 216 -77.40 -15.25 -10.26
CA ARG H 216 -76.27 -14.35 -10.53
C ARG H 216 -74.96 -14.98 -10.10
N GLN H 217 -74.94 -15.67 -8.97
CA GLN H 217 -73.74 -16.35 -8.52
C GLN H 217 -73.47 -17.63 -9.30
N ALA H 218 -74.50 -18.28 -9.84
CA ALA H 218 -74.29 -19.50 -10.60
C ALA H 218 -73.76 -19.23 -12.00
N GLU H 219 -74.20 -18.15 -12.61
CA GLU H 219 -73.79 -17.82 -13.96
C GLU H 219 -72.34 -17.39 -14.13
N VAL H 220 -71.82 -16.68 -13.15
CA VAL H 220 -70.47 -16.15 -13.21
C VAL H 220 -69.49 -17.26 -12.89
N ARG H 221 -69.99 -18.36 -12.34
CA ARG H 221 -69.15 -19.50 -12.00
C ARG H 221 -69.16 -20.58 -13.06
N ASN H 222 -70.28 -20.73 -13.76
CA ASN H 222 -70.31 -21.68 -14.85
C ASN H 222 -69.47 -21.09 -15.97
N CYS H 223 -69.62 -19.79 -16.24
CA CYS H 223 -68.83 -19.14 -17.27
C CYS H 223 -67.34 -19.18 -16.95
N ARG H 224 -66.99 -18.98 -15.70
CA ARG H 224 -65.62 -19.04 -15.24
C ARG H 224 -65.01 -20.42 -15.41
N LEU H 225 -65.77 -21.49 -15.15
CA LEU H 225 -65.31 -22.84 -15.40
C LEU H 225 -65.17 -23.15 -16.89
N ALA H 226 -66.12 -22.70 -17.71
CA ALA H 226 -66.06 -22.96 -19.14
C ALA H 226 -64.89 -22.29 -19.83
N MET H 227 -64.44 -21.12 -19.36
CA MET H 227 -63.31 -20.45 -20.00
C MET H 227 -62.05 -21.30 -19.93
N LEU H 228 -61.67 -21.76 -18.74
CA LEU H 228 -60.46 -22.56 -18.66
C LEU H 228 -60.71 -23.99 -19.13
N THR H 229 -61.96 -24.44 -19.16
CA THR H 229 -62.27 -25.64 -19.92
C THR H 229 -61.83 -25.51 -21.37
N PHE H 230 -62.23 -24.43 -22.03
CA PHE H 230 -61.87 -24.25 -23.43
C PHE H 230 -60.38 -23.98 -23.62
N LEU H 231 -59.75 -23.28 -22.69
CA LEU H 231 -58.30 -23.17 -22.75
C LEU H 231 -57.65 -24.55 -22.68
N GLY H 232 -58.22 -25.44 -21.88
CA GLY H 232 -57.73 -26.81 -21.85
C GLY H 232 -57.90 -27.53 -23.16
N PHE H 233 -59.02 -27.33 -23.83
CA PHE H 233 -59.21 -27.95 -25.14
C PHE H 233 -58.20 -27.42 -26.13
N SER H 234 -57.94 -26.13 -26.12
CA SER H 234 -57.03 -25.54 -27.09
C SER H 234 -55.59 -25.98 -26.85
N VAL H 235 -55.18 -26.11 -25.59
CA VAL H 235 -53.80 -26.51 -25.33
C VAL H 235 -53.63 -28.02 -25.46
N GLN H 236 -54.69 -28.76 -25.21
CA GLN H 236 -54.63 -30.21 -25.34
C GLN H 236 -54.52 -30.61 -26.80
N ALA H 237 -55.25 -29.93 -27.67
CA ALA H 237 -55.18 -30.24 -29.10
C ALA H 237 -53.83 -29.96 -29.72
N TRP H 238 -52.98 -29.16 -29.08
CA TRP H 238 -51.69 -28.80 -29.63
C TRP H 238 -50.54 -29.64 -29.08
N VAL H 239 -50.71 -30.26 -27.92
CA VAL H 239 -49.68 -31.12 -27.36
C VAL H 239 -49.90 -32.58 -27.70
N THR H 240 -51.13 -33.07 -27.64
CA THR H 240 -51.42 -34.48 -27.87
C THR H 240 -51.73 -34.80 -29.32
N GLY H 241 -52.40 -33.91 -30.03
CA GLY H 241 -52.85 -34.16 -31.37
C GLY H 241 -54.18 -34.85 -31.48
N LYS H 242 -54.69 -35.41 -30.38
CA LYS H 242 -55.94 -36.13 -30.39
C LYS H 242 -57.10 -35.16 -30.14
N GLY H 243 -58.27 -35.69 -29.81
CA GLY H 243 -59.40 -34.87 -29.47
C GLY H 243 -59.67 -34.85 -27.98
N PRO H 244 -60.74 -34.15 -27.59
CA PRO H 244 -61.10 -34.11 -26.16
C PRO H 244 -61.44 -35.46 -25.58
N ILE H 245 -62.40 -36.18 -26.17
CA ILE H 245 -62.82 -37.46 -25.61
C ILE H 245 -61.71 -38.48 -25.71
N GLU H 246 -60.94 -38.43 -26.78
CA GLU H 246 -59.83 -39.35 -27.01
C GLU H 246 -58.70 -39.15 -26.01
N ASN H 247 -58.70 -38.05 -25.26
CA ASN H 247 -57.74 -37.86 -24.18
C ASN H 247 -58.29 -38.34 -22.85
N ALA H 248 -59.57 -38.07 -22.58
CA ALA H 248 -60.18 -38.57 -21.35
C ALA H 248 -60.17 -40.08 -21.31
N LYS H 249 -60.54 -40.73 -22.41
CA LYS H 249 -60.54 -42.19 -22.42
C LYS H 249 -59.13 -42.76 -22.30
N ASP H 250 -58.15 -42.12 -22.94
CA ASP H 250 -56.78 -42.57 -22.81
C ASP H 250 -56.30 -42.45 -21.36
N HIS H 251 -56.70 -41.40 -20.66
CA HIS H 251 -56.28 -41.25 -19.28
C HIS H 251 -56.99 -42.25 -18.38
N LEU H 252 -58.26 -42.52 -18.65
CA LEU H 252 -59.01 -43.44 -17.78
C LEU H 252 -58.58 -44.88 -18.02
N ALA H 253 -58.10 -45.19 -19.22
CA ALA H 253 -57.64 -46.54 -19.51
C ALA H 253 -56.47 -46.92 -18.62
N SER H 254 -55.43 -46.09 -18.61
CA SER H 254 -54.20 -46.37 -17.87
C SER H 254 -53.58 -45.06 -17.42
N PRO H 255 -53.94 -44.59 -16.24
CA PRO H 255 -53.56 -43.24 -15.83
C PRO H 255 -52.16 -43.12 -15.28
N PHE H 256 -51.16 -43.71 -15.92
CA PHE H 256 -49.78 -43.42 -15.54
C PHE H 256 -48.82 -43.25 -16.69
N GLU H 257 -49.24 -43.50 -17.93
CA GLU H 257 -48.49 -43.11 -19.11
C GLU H 257 -49.27 -42.22 -20.07
N ALA H 258 -50.58 -42.18 -19.96
CA ALA H 258 -51.41 -41.26 -20.74
C ALA H 258 -51.69 -39.99 -19.95
N ASN H 259 -50.61 -39.31 -19.57
CA ASN H 259 -50.68 -38.06 -18.84
C ASN H 259 -49.86 -37.01 -19.58
N ILE H 260 -49.73 -35.83 -18.99
CA ILE H 260 -49.03 -34.74 -19.64
C ILE H 260 -47.53 -34.99 -19.72
N PHE H 261 -46.96 -35.62 -18.69
CA PHE H 261 -45.51 -35.80 -18.63
C PHE H 261 -44.91 -36.82 -19.58
N THR H 262 -45.73 -37.42 -20.44
CA THR H 262 -45.24 -38.48 -21.31
C THR H 262 -45.41 -38.20 -22.79
N TYR H 263 -45.64 -36.95 -23.16
CA TYR H 263 -45.87 -36.63 -24.56
C TYR H 263 -44.71 -35.95 -25.28
N GLY H 264 -43.57 -35.86 -24.60
CA GLY H 264 -42.40 -35.28 -25.22
C GLY H 264 -41.99 -33.92 -24.70
N ASP H 265 -41.57 -33.04 -25.61
CA ASP H 265 -41.02 -31.75 -25.21
C ASP H 265 -42.12 -30.71 -25.00
N ARG H 266 -43.22 -30.80 -25.75
CA ARG H 266 -44.31 -29.86 -25.57
C ARG H 266 -44.94 -29.99 -24.19
N GLY H 267 -45.18 -31.23 -23.76
CA GLY H 267 -45.75 -31.46 -22.44
C GLY H 267 -44.86 -30.97 -21.31
N THR H 268 -43.55 -30.85 -21.57
CA THR H 268 -42.63 -30.28 -20.61
C THR H 268 -42.61 -28.75 -20.69
N ASN H 269 -42.68 -28.20 -21.89
CA ASN H 269 -42.71 -26.75 -22.04
C ASN H 269 -43.95 -26.15 -21.39
N VAL H 270 -45.10 -26.78 -21.57
CA VAL H 270 -46.33 -26.27 -20.96
C VAL H 270 -46.23 -26.33 -19.44
N VAL H 271 -45.70 -27.43 -18.90
CA VAL H 271 -45.54 -27.55 -17.45
C VAL H 271 -44.59 -26.47 -16.94
N ALA H 272 -43.50 -26.23 -17.66
CA ALA H 272 -42.55 -25.20 -17.25
C ALA H 272 -43.20 -23.83 -17.24
N ILE H 273 -43.96 -23.49 -18.29
CA ILE H 273 -44.60 -22.19 -18.35
C ILE H 273 -45.60 -22.03 -17.22
N PHE H 274 -46.42 -23.07 -17.01
CA PHE H 274 -47.43 -23.07 -15.95
C PHE H 274 -46.82 -22.89 -14.59
N SER H 275 -45.73 -23.62 -14.31
CA SER H 275 -45.04 -23.52 -13.03
C SER H 275 -44.35 -22.17 -12.85
N ALA H 276 -43.85 -21.56 -13.91
CA ALA H 276 -43.24 -20.24 -13.79
C ALA H 276 -44.27 -19.15 -13.59
N PHE H 277 -45.44 -19.27 -14.22
CA PHE H 277 -46.47 -18.25 -14.02
C PHE H 277 -47.15 -18.41 -12.67
N ALA H 278 -47.25 -19.63 -12.16
CA ALA H 278 -47.85 -19.87 -10.85
C ALA H 278 -46.96 -19.44 -9.71
N ALA H 279 -45.65 -19.34 -9.93
CA ALA H 279 -44.73 -18.91 -8.89
C ALA H 279 -44.55 -17.40 -8.86
N VAL H 280 -45.09 -16.67 -9.82
CA VAL H 280 -45.00 -15.22 -9.85
C VAL H 280 -46.21 -14.58 -9.19
N MET H 281 -47.40 -15.14 -9.38
CA MET H 281 -48.59 -14.53 -8.79
C MET H 281 -48.77 -14.90 -7.32
N HIS H 282 -47.99 -15.83 -6.79
CA HIS H 282 -47.94 -16.03 -5.35
C HIS H 282 -46.93 -15.13 -4.68
N ILE H 283 -45.76 -14.92 -5.29
CA ILE H 283 -44.82 -13.94 -4.78
C ILE H 283 -45.43 -12.54 -4.83
N ALA H 284 -46.16 -12.22 -5.89
CA ALA H 284 -46.83 -10.94 -5.96
C ALA H 284 -47.85 -10.77 -4.85
N GLU H 285 -48.61 -11.81 -4.55
CA GLU H 285 -49.58 -11.73 -3.46
C GLU H 285 -48.90 -11.56 -2.11
N LEU H 286 -47.82 -12.30 -1.88
CA LEU H 286 -47.09 -12.17 -0.62
C LEU H 286 -46.51 -10.77 -0.46
N ALA H 287 -45.95 -10.22 -1.54
CA ALA H 287 -45.45 -8.86 -1.49
C ALA H 287 -46.56 -7.85 -1.31
N ARG H 288 -47.73 -8.08 -1.89
CA ARG H 288 -48.86 -7.19 -1.69
C ARG H 288 -49.30 -7.15 -0.24
N GLU H 289 -49.35 -8.31 0.42
CA GLU H 289 -49.83 -8.33 1.81
C GLU H 289 -48.96 -7.49 2.73
N LYS H 290 -47.74 -7.16 2.32
CA LYS H 290 -46.90 -6.23 3.06
C LYS H 290 -47.01 -4.83 2.47
N LYS H 291 -48.20 -4.52 1.98
CA LYS H 291 -48.48 -3.29 1.23
C LYS H 291 -47.44 -3.03 0.14
N PRO I 51 -62.87 29.85 -37.10
CA PRO I 51 -62.86 28.84 -38.17
C PRO I 51 -63.99 27.84 -38.03
N THR I 52 -64.36 27.17 -39.11
CA THR I 52 -65.32 26.08 -39.05
C THR I 52 -64.64 24.72 -39.09
N THR I 53 -63.32 24.69 -39.08
CA THR I 53 -62.61 23.43 -38.98
C THR I 53 -62.48 22.96 -37.53
N MET I 54 -62.76 23.84 -36.57
CA MET I 54 -62.75 23.45 -35.17
C MET I 54 -64.14 22.99 -34.74
N LEU I 55 -64.19 22.29 -33.62
CA LEU I 55 -65.42 21.65 -33.18
C LEU I 55 -66.36 22.70 -32.59
N GLU I 56 -67.53 22.25 -32.18
CA GLU I 56 -68.48 23.10 -31.48
C GLU I 56 -68.88 22.58 -30.10
N GLU I 57 -68.57 21.32 -29.83
CA GLU I 57 -68.99 20.69 -28.59
C GLU I 57 -67.92 20.26 -27.60
N ARG I 58 -66.67 20.17 -28.04
CA ARG I 58 -65.53 19.81 -27.21
C ARG I 58 -65.76 18.45 -26.53
N ASP I 59 -65.72 17.42 -27.35
CA ASP I 59 -65.98 16.06 -26.91
C ASP I 59 -64.91 15.10 -27.38
N ASN I 60 -64.82 13.96 -26.68
CA ASN I 60 -63.90 12.87 -26.98
C ASN I 60 -64.72 11.63 -27.27
N LEU I 61 -64.46 10.99 -28.41
CA LEU I 61 -65.24 9.82 -28.79
C LEU I 61 -64.65 8.56 -28.17
N TRP I 62 -65.52 7.61 -27.84
CA TRP I 62 -65.10 6.36 -27.22
C TRP I 62 -64.87 5.32 -28.31
N GLU I 63 -63.59 5.01 -28.49
CA GLU I 63 -63.10 4.05 -29.46
C GLU I 63 -62.52 2.81 -28.80
N ILE I 64 -61.68 2.06 -29.51
CA ILE I 64 -61.27 0.68 -29.23
C ILE I 64 -61.11 0.40 -27.73
N GLY I 65 -60.35 1.23 -27.02
CA GLY I 65 -60.18 0.97 -25.60
C GLY I 65 -60.84 1.98 -24.67
N GLY I 66 -60.81 3.25 -25.05
CA GLY I 66 -61.35 4.31 -24.25
C GLY I 66 -61.36 5.59 -25.04
N PRO I 67 -61.62 6.73 -24.40
CA PRO I 67 -61.55 7.98 -25.13
C PRO I 67 -60.15 8.59 -25.13
N TYR I 68 -59.13 7.75 -25.22
CA TYR I 68 -57.71 8.07 -25.17
C TYR I 68 -56.96 6.84 -25.61
N TRP I 69 -55.84 7.03 -26.28
CA TRP I 69 -54.95 5.90 -26.46
C TRP I 69 -54.37 5.58 -25.09
N TRP I 70 -53.65 4.47 -25.00
CA TRP I 70 -53.06 4.10 -23.70
C TRP I 70 -54.15 3.99 -22.64
N PRO I 71 -54.94 2.92 -22.67
CA PRO I 71 -56.21 2.88 -21.93
C PRO I 71 -56.07 2.39 -20.48
N PHE I 72 -55.15 2.99 -19.75
CA PHE I 72 -54.91 2.65 -18.35
C PHE I 72 -55.34 3.79 -17.45
N SER I 73 -55.29 3.60 -16.15
CA SER I 73 -55.74 4.60 -15.20
C SER I 73 -54.68 5.63 -14.86
N SER I 74 -53.43 5.37 -15.19
CA SER I 74 -52.34 6.32 -14.93
C SER I 74 -52.05 7.11 -16.20
N PHE I 75 -53.03 7.89 -16.63
CA PHE I 75 -52.87 8.65 -17.87
C PHE I 75 -53.65 9.95 -17.75
N THR I 76 -52.94 11.07 -17.97
CA THR I 76 -53.54 12.39 -18.04
C THR I 76 -53.20 12.96 -19.42
N PRO I 77 -54.18 13.49 -20.14
CA PRO I 77 -53.92 13.92 -21.51
C PRO I 77 -52.97 15.10 -21.52
N PRO I 78 -52.25 15.33 -22.63
CA PRO I 78 -51.34 16.47 -22.71
C PRO I 78 -52.08 17.77 -22.51
N ALA I 79 -51.36 18.75 -21.98
CA ALA I 79 -51.99 20.01 -21.59
C ALA I 79 -52.53 20.77 -22.80
N HIS I 80 -51.91 20.61 -23.97
CA HIS I 80 -52.32 21.42 -25.11
C HIS I 80 -53.42 20.77 -25.93
N LEU I 81 -53.77 19.51 -25.62
CA LEU I 81 -54.85 18.79 -26.31
C LEU I 81 -56.00 18.66 -25.33
N ASP I 82 -57.08 19.40 -25.57
CA ASP I 82 -58.16 19.50 -24.62
C ASP I 82 -59.52 19.16 -25.19
N GLY I 83 -59.59 18.70 -26.43
CA GLY I 83 -60.82 18.29 -27.03
C GLY I 83 -61.44 19.27 -28.01
N SER I 84 -60.71 20.29 -28.44
CA SER I 84 -61.26 21.33 -29.28
C SER I 84 -61.19 21.00 -30.78
N LEU I 85 -60.37 20.05 -31.19
CA LEU I 85 -60.22 19.73 -32.60
C LEU I 85 -60.77 18.36 -32.91
N PRO I 86 -61.22 18.12 -34.15
CA PRO I 86 -61.72 16.79 -34.50
C PRO I 86 -60.65 15.73 -34.37
N GLY I 87 -61.08 14.53 -33.97
CA GLY I 87 -60.20 13.39 -33.88
C GLY I 87 -59.30 13.33 -32.68
N ASP I 88 -59.62 14.07 -31.62
CA ASP I 88 -58.74 14.17 -30.47
C ASP I 88 -58.72 12.85 -29.70
N ARG I 89 -57.52 12.44 -29.29
CA ARG I 89 -57.32 11.29 -28.43
C ARG I 89 -56.17 11.49 -27.45
N GLY I 90 -55.62 12.69 -27.37
CA GLY I 90 -54.43 12.90 -26.55
C GLY I 90 -53.23 12.11 -26.98
N PHE I 91 -52.98 11.97 -28.27
CA PHE I 91 -51.82 11.21 -28.72
C PHE I 91 -50.68 12.16 -29.04
N ASP I 92 -49.66 12.19 -28.18
CA ASP I 92 -48.49 13.04 -28.35
C ASP I 92 -47.33 12.55 -27.49
N PRO I 93 -46.75 11.39 -27.76
CA PRO I 93 -45.58 10.98 -26.97
C PRO I 93 -44.41 11.93 -27.09
N PHE I 94 -43.95 12.22 -28.30
CA PHE I 94 -43.00 13.31 -28.52
C PHE I 94 -43.79 14.59 -28.72
N SER I 95 -43.57 15.59 -27.86
CA SER I 95 -44.44 16.76 -27.85
C SER I 95 -44.13 17.64 -29.06
N LEU I 96 -44.69 17.24 -30.21
CA LEU I 96 -44.49 17.97 -31.44
C LEU I 96 -45.56 19.01 -31.69
N GLY I 97 -46.50 19.18 -30.77
CA GLY I 97 -47.56 20.15 -30.97
C GLY I 97 -47.26 21.49 -30.35
N THR I 98 -46.23 21.54 -29.50
CA THR I 98 -45.74 22.79 -28.95
C THR I 98 -44.50 23.31 -29.66
N SER I 99 -43.87 22.50 -30.49
CA SER I 99 -42.75 22.91 -31.32
C SER I 99 -43.11 22.53 -32.75
N TRP I 100 -42.12 22.50 -33.64
CA TRP I 100 -42.29 21.93 -34.97
C TRP I 100 -43.31 22.70 -35.80
N GLY I 101 -42.95 23.91 -36.14
CA GLY I 101 -43.72 24.66 -37.13
C GLY I 101 -43.81 26.12 -36.76
N GLN I 102 -44.12 26.93 -37.76
CA GLN I 102 -44.38 28.37 -37.57
C GLN I 102 -45.54 28.77 -38.46
N PRO I 103 -46.71 29.01 -37.88
CA PRO I 103 -47.88 29.32 -38.70
C PRO I 103 -47.71 30.67 -39.39
N PRO I 104 -48.31 30.84 -40.56
CA PRO I 104 -48.28 32.14 -41.23
C PRO I 104 -49.28 33.13 -40.64
N VAL I 105 -49.01 33.55 -39.41
CA VAL I 105 -49.85 34.54 -38.73
C VAL I 105 -48.96 35.67 -38.25
N ASP I 106 -49.59 36.79 -37.93
CA ASP I 106 -48.84 37.92 -37.41
C ASP I 106 -48.24 37.44 -36.10
N VAL I 107 -46.95 37.67 -35.90
CA VAL I 107 -46.27 37.25 -34.68
C VAL I 107 -46.67 38.16 -33.53
N SER I 108 -46.49 37.66 -32.31
CA SER I 108 -46.81 38.37 -31.07
C SER I 108 -48.30 38.66 -30.93
N ASP I 109 -49.13 37.95 -31.66
CA ASP I 109 -50.55 38.14 -31.47
C ASP I 109 -50.95 37.08 -30.45
N PRO I 110 -51.86 37.42 -29.52
CA PRO I 110 -52.32 36.47 -28.51
C PRO I 110 -53.04 35.30 -29.14
N ASN I 111 -52.92 34.16 -28.47
CA ASN I 111 -53.38 32.87 -28.99
C ASN I 111 -52.55 32.48 -30.22
N TYR I 112 -51.24 32.48 -30.03
CA TYR I 112 -50.29 32.05 -31.04
C TYR I 112 -49.93 30.57 -30.89
N ASP I 113 -49.93 30.05 -29.66
CA ASP I 113 -49.63 28.64 -29.48
C ASP I 113 -50.75 27.74 -29.96
N GLU I 114 -51.97 28.26 -30.02
CA GLU I 114 -53.07 27.49 -30.58
C GLU I 114 -53.06 27.50 -32.10
N SER I 115 -52.63 28.61 -32.71
CA SER I 115 -52.53 28.70 -34.16
C SER I 115 -51.58 27.67 -34.74
N ARG I 116 -50.58 27.26 -33.99
CA ARG I 116 -49.69 26.22 -34.47
C ARG I 116 -50.37 24.86 -34.55
N LEU I 117 -51.25 24.53 -33.61
CA LEU I 117 -52.00 23.28 -33.74
C LEU I 117 -52.96 23.33 -34.91
N ARG I 118 -53.53 24.50 -35.19
CA ARG I 118 -54.41 24.62 -36.35
C ARG I 118 -53.62 24.49 -37.65
N TRP I 119 -52.41 25.03 -37.71
CA TRP I 119 -51.57 24.83 -38.88
C TRP I 119 -51.22 23.35 -39.07
N LEU I 120 -50.87 22.66 -37.98
CA LEU I 120 -50.57 21.23 -38.11
C LEU I 120 -51.81 20.43 -38.49
N LEU I 121 -52.99 20.83 -38.02
CA LEU I 121 -54.21 20.14 -38.42
C LEU I 121 -54.51 20.37 -39.89
N GLU I 122 -54.25 21.58 -40.38
CA GLU I 122 -54.36 21.85 -41.80
C GLU I 122 -53.43 20.94 -42.58
N GLY I 123 -52.20 20.75 -42.10
CA GLY I 123 -51.27 19.86 -42.78
C GLY I 123 -51.72 18.42 -42.77
N GLU I 124 -52.29 17.98 -41.66
CA GLU I 124 -52.79 16.60 -41.53
C GLU I 124 -53.93 16.34 -42.49
N LEU I 125 -54.88 17.27 -42.56
CA LEU I 125 -56.00 17.14 -43.49
C LEU I 125 -55.52 17.17 -44.93
N TYR I 126 -54.58 18.05 -45.24
CA TYR I 126 -54.07 18.14 -46.58
C TYR I 126 -53.36 16.87 -47.00
N ASN I 127 -52.58 16.28 -46.12
CA ASN I 127 -51.88 15.05 -46.47
C ASN I 127 -52.84 13.89 -46.60
N GLY I 128 -53.91 13.88 -45.81
CA GLY I 128 -54.87 12.80 -45.89
C GLY I 128 -55.74 12.87 -47.12
N ARG I 129 -56.09 14.08 -47.55
CA ARG I 129 -56.94 14.24 -48.71
C ARG I 129 -56.27 13.77 -50.00
N LEU I 130 -54.95 13.76 -50.05
CA LEU I 130 -54.25 13.20 -51.20
C LEU I 130 -54.13 11.69 -51.12
N ALA I 131 -53.93 11.16 -49.91
CA ALA I 131 -53.84 9.72 -49.75
C ALA I 131 -55.16 9.05 -50.06
N MET I 132 -56.27 9.68 -49.69
CA MET I 132 -57.58 9.09 -49.98
C MET I 132 -57.84 9.04 -51.47
N LEU I 133 -57.32 10.00 -52.23
CA LEU I 133 -57.45 9.93 -53.68
C LEU I 133 -56.49 8.92 -54.28
N ALA I 134 -55.28 8.84 -53.74
CA ALA I 134 -54.28 7.92 -54.29
C ALA I 134 -54.67 6.47 -54.07
N VAL I 135 -55.30 6.16 -52.94
CA VAL I 135 -55.74 4.79 -52.68
C VAL I 135 -56.78 4.37 -53.70
N VAL I 136 -57.77 5.23 -53.94
CA VAL I 136 -58.78 4.94 -54.94
C VAL I 136 -58.15 4.81 -56.32
N GLY I 137 -57.22 5.71 -56.65
CA GLY I 137 -56.60 5.68 -57.97
C GLY I 137 -55.68 4.51 -58.21
N VAL I 138 -55.12 3.93 -57.16
CA VAL I 138 -54.30 2.74 -57.34
C VAL I 138 -55.15 1.47 -57.30
N LEU I 139 -56.25 1.47 -56.57
CA LEU I 139 -57.12 0.29 -56.57
C LEU I 139 -57.93 0.19 -57.84
N THR I 140 -58.32 1.32 -58.44
CA THR I 140 -59.12 1.28 -59.66
C THR I 140 -58.29 1.07 -60.91
N VAL I 141 -56.97 0.95 -60.77
CA VAL I 141 -56.07 0.71 -61.88
C VAL I 141 -55.36 -0.62 -61.75
N GLU I 142 -54.74 -0.86 -60.59
CA GLU I 142 -54.01 -2.10 -60.42
C GLU I 142 -54.94 -3.30 -60.40
N ALA I 143 -56.19 -3.09 -59.97
CA ALA I 143 -57.17 -4.16 -59.89
C ALA I 143 -58.13 -4.15 -61.07
N GLN I 144 -57.79 -3.46 -62.15
CA GLN I 144 -58.62 -3.48 -63.34
C GLN I 144 -57.93 -4.13 -64.53
N GLY I 145 -56.82 -3.56 -65.00
CA GLY I 145 -56.09 -4.23 -66.07
C GLY I 145 -54.59 -4.17 -66.02
N LYS I 146 -54.04 -3.27 -65.20
CA LYS I 146 -52.67 -2.82 -65.42
C LYS I 146 -51.70 -3.48 -64.46
N GLY I 147 -50.42 -3.43 -64.82
CA GLY I 147 -49.39 -4.10 -64.10
C GLY I 147 -49.08 -3.42 -62.78
N PRO I 148 -47.84 -3.55 -62.32
CA PRO I 148 -47.45 -2.87 -61.09
C PRO I 148 -47.67 -1.37 -61.19
N TRP I 149 -48.28 -0.80 -60.14
CA TRP I 149 -48.61 0.61 -60.13
C TRP I 149 -47.38 1.49 -59.99
N TRP I 150 -46.25 0.92 -59.57
CA TRP I 150 -45.03 1.67 -59.38
C TRP I 150 -44.14 1.66 -60.61
N GLU I 151 -44.68 1.25 -61.76
CA GLU I 151 -43.96 1.32 -63.02
C GLU I 151 -44.74 2.12 -64.07
N ILE I 152 -45.95 2.56 -63.77
CA ILE I 152 -46.72 3.36 -64.71
C ILE I 152 -46.03 4.67 -65.06
N PRO I 153 -45.57 5.49 -64.10
CA PRO I 153 -44.92 6.74 -64.49
C PRO I 153 -43.66 6.54 -65.33
N GLY I 154 -42.94 5.44 -65.12
CA GLY I 154 -41.76 5.17 -65.91
C GLY I 154 -42.03 4.62 -67.30
N ASN I 155 -43.29 4.42 -67.66
CA ASN I 155 -43.67 3.92 -68.98
C ASN I 155 -44.49 4.94 -69.75
N LEU I 156 -44.35 6.22 -69.40
CA LEU I 156 -44.94 7.30 -70.19
C LEU I 156 -43.97 7.87 -71.20
N ASN I 157 -42.68 7.64 -71.03
CA ASN I 157 -41.63 8.20 -71.89
C ASN I 157 -41.79 9.72 -72.02
N LEU I 158 -41.64 10.39 -70.88
CA LEU I 158 -41.74 11.85 -70.82
C LEU I 158 -40.33 12.41 -70.76
N PHE I 159 -39.91 13.06 -71.84
CA PHE I 159 -38.60 13.68 -71.90
C PHE I 159 -38.64 14.84 -72.87
N GLY I 160 -37.69 15.76 -72.73
CA GLY I 160 -37.62 16.92 -73.58
C GLY I 160 -38.64 17.98 -73.27
N THR I 161 -39.11 18.68 -74.29
CA THR I 161 -40.02 19.80 -74.16
C THR I 161 -41.36 19.48 -73.47
N PRO I 162 -42.03 18.35 -73.76
CA PRO I 162 -43.30 18.10 -73.06
C PRO I 162 -43.17 18.04 -71.56
N TYR I 163 -42.08 17.45 -71.07
CA TYR I 163 -41.83 17.41 -69.63
C TYR I 163 -41.74 18.82 -69.06
N VAL I 164 -40.97 19.68 -69.73
CA VAL I 164 -40.75 21.02 -69.22
C VAL I 164 -42.06 21.81 -69.21
N VAL I 165 -42.83 21.74 -70.29
CA VAL I 165 -44.05 22.53 -70.34
C VAL I 165 -45.07 22.02 -69.32
N ALA I 166 -45.16 20.69 -69.16
CA ALA I 166 -46.08 20.14 -68.17
C ALA I 166 -45.70 20.59 -66.76
N VAL I 167 -44.41 20.50 -66.43
CA VAL I 167 -43.95 20.90 -65.10
C VAL I 167 -44.26 22.36 -64.85
N VAL I 168 -43.92 23.22 -65.82
CA VAL I 168 -44.11 24.66 -65.63
C VAL I 168 -45.58 25.00 -65.48
N GLY I 169 -46.45 24.42 -66.31
CA GLY I 169 -47.86 24.74 -66.20
C GLY I 169 -48.47 24.25 -64.89
N GLY I 170 -48.15 23.01 -64.50
CA GLY I 170 -48.65 22.52 -63.23
C GLY I 170 -48.22 23.37 -62.07
N HIS I 171 -46.96 23.79 -62.06
CA HIS I 171 -46.47 24.63 -60.97
C HIS I 171 -47.13 26.01 -61.00
N LEU I 172 -47.37 26.58 -62.18
CA LEU I 172 -48.11 27.84 -62.24
C LEU I 172 -49.46 27.70 -61.55
N ALA I 173 -50.22 26.66 -61.91
CA ALA I 173 -51.54 26.49 -61.30
C ALA I 173 -51.44 26.29 -59.79
N PHE I 174 -50.52 25.43 -59.36
CA PHE I 174 -50.42 25.15 -57.93
C PHE I 174 -49.94 26.35 -57.13
N ALA I 175 -49.01 27.13 -57.69
CA ALA I 175 -48.58 28.34 -57.02
C ALA I 175 -49.71 29.34 -56.90
N LEU I 176 -50.53 29.49 -57.94
CA LEU I 176 -51.68 30.39 -57.83
C LEU I 176 -52.64 29.92 -56.75
N LEU I 177 -52.85 28.61 -56.60
CA LEU I 177 -53.77 28.13 -55.58
C LEU I 177 -53.18 28.28 -54.17
N GLU I 178 -51.92 27.89 -54.03
CA GLU I 178 -51.23 27.95 -52.75
C GLU I 178 -51.12 29.38 -52.23
N LYS I 179 -50.83 30.33 -53.10
CA LYS I 179 -50.82 31.73 -52.69
C LYS I 179 -52.12 32.11 -52.02
N LYS I 180 -53.23 31.68 -52.60
CA LYS I 180 -54.54 32.00 -52.04
C LYS I 180 -54.74 31.29 -50.70
N ARG I 181 -54.25 30.06 -50.58
CA ARG I 181 -54.35 29.34 -49.30
C ARG I 181 -53.59 30.05 -48.19
N LEU I 182 -52.33 30.42 -48.45
CA LEU I 182 -51.54 31.15 -47.47
C LEU I 182 -52.19 32.47 -47.13
N GLU I 183 -52.78 33.11 -48.14
CA GLU I 183 -53.38 34.42 -47.97
C GLU I 183 -54.71 34.33 -47.23
N ASN I 184 -55.35 33.15 -47.24
CA ASN I 184 -56.58 32.94 -46.50
C ASN I 184 -56.33 32.58 -45.04
N PHE I 185 -55.33 31.73 -44.77
CA PHE I 185 -55.05 31.34 -43.39
C PHE I 185 -54.79 32.54 -42.50
N ARG I 186 -54.30 33.63 -43.05
CA ARG I 186 -53.73 34.67 -42.21
C ARG I 186 -54.79 35.62 -41.68
N GLU I 187 -55.88 35.82 -42.42
CA GLU I 187 -56.98 36.64 -41.93
C GLU I 187 -57.98 35.82 -41.13
N THR I 188 -58.35 34.66 -41.64
CA THR I 188 -59.19 33.70 -40.93
C THR I 188 -58.42 32.40 -40.78
N GLY I 189 -58.45 31.82 -39.58
CA GLY I 189 -57.59 30.68 -39.32
C GLY I 189 -58.02 29.42 -40.04
N GLU I 190 -58.10 29.48 -41.36
CA GLU I 190 -58.54 28.34 -42.16
C GLU I 190 -58.02 28.52 -43.58
N ALA I 191 -57.87 27.41 -44.29
CA ALA I 191 -57.25 27.45 -45.62
C ALA I 191 -57.91 26.40 -46.51
N GLY I 192 -58.88 26.82 -47.30
CA GLY I 192 -59.46 25.94 -48.29
C GLY I 192 -58.65 25.94 -49.57
N HIS I 193 -58.62 24.78 -50.22
CA HIS I 193 -57.68 24.55 -51.31
C HIS I 193 -58.14 25.08 -52.66
N PHE I 194 -59.44 25.17 -52.87
CA PHE I 194 -59.93 25.48 -54.21
C PHE I 194 -60.47 26.87 -54.49
N GLY I 195 -59.68 27.87 -54.22
CA GLY I 195 -60.10 29.23 -54.51
C GLY I 195 -60.99 29.86 -53.47
N ALA I 196 -61.48 29.08 -52.51
CA ALA I 196 -62.31 29.61 -51.44
C ALA I 196 -61.74 29.17 -50.10
N ALA I 197 -62.03 29.96 -49.08
CA ALA I 197 -61.51 29.65 -47.75
C ALA I 197 -62.18 28.42 -47.17
N ARG I 198 -63.39 28.10 -47.63
CA ARG I 198 -64.17 27.06 -46.97
C ARG I 198 -64.67 25.97 -47.91
N PHE I 199 -64.95 26.31 -49.15
CA PHE I 199 -65.34 25.30 -50.15
C PHE I 199 -66.49 24.35 -49.79
N ASP I 200 -67.69 24.87 -49.68
CA ASP I 200 -68.87 24.05 -49.42
C ASP I 200 -69.86 24.30 -50.53
N PRO I 201 -69.53 23.87 -51.75
CA PRO I 201 -70.43 24.10 -52.89
C PRO I 201 -71.82 23.53 -52.66
N LEU I 202 -71.90 22.34 -52.08
CA LEU I 202 -73.13 21.77 -51.56
C LEU I 202 -73.01 21.80 -50.05
N ASP I 203 -73.88 22.56 -49.39
CA ASP I 203 -73.71 22.78 -47.95
C ASP I 203 -74.03 21.49 -47.22
N LEU I 204 -72.98 20.73 -46.86
CA LEU I 204 -73.16 19.46 -46.17
C LEU I 204 -72.30 19.35 -44.92
N THR I 205 -71.64 20.43 -44.50
CA THR I 205 -70.76 20.35 -43.34
C THR I 205 -71.52 20.10 -42.05
N GLU I 206 -72.84 20.31 -42.03
CA GLU I 206 -73.65 20.06 -40.84
C GLU I 206 -74.95 19.38 -41.23
N ALA I 207 -74.91 18.53 -42.25
CA ALA I 207 -76.10 17.93 -42.84
C ALA I 207 -76.01 16.42 -42.78
N ASN I 208 -75.64 15.90 -41.61
CA ASN I 208 -75.56 14.47 -41.40
C ASN I 208 -76.56 14.09 -40.32
N PRO I 209 -77.46 13.15 -40.56
CA PRO I 209 -78.53 12.84 -39.61
C PRO I 209 -78.11 11.98 -38.43
N LEU I 210 -76.92 12.26 -37.88
CA LEU I 210 -76.50 11.64 -36.63
C LEU I 210 -75.79 12.62 -35.72
N GLY I 211 -75.77 13.89 -36.03
CA GLY I 211 -75.13 14.87 -35.18
C GLY I 211 -74.76 16.10 -35.95
N THR I 212 -74.35 17.13 -35.22
CA THR I 212 -73.94 18.38 -35.85
C THR I 212 -72.55 18.26 -36.45
N ASP I 213 -71.54 18.03 -35.62
CA ASP I 213 -70.16 17.90 -36.06
C ASP I 213 -69.75 16.44 -36.26
N TYR I 214 -70.44 15.76 -37.16
CA TYR I 214 -70.16 14.38 -37.51
C TYR I 214 -69.23 14.25 -38.70
N ASN I 215 -69.44 15.08 -39.73
CA ASN I 215 -68.59 15.04 -40.92
C ASN I 215 -67.15 15.40 -40.58
N ARG I 216 -66.97 16.37 -39.69
CA ARG I 216 -65.63 16.81 -39.32
C ARG I 216 -64.86 15.68 -38.65
N GLN I 217 -65.52 14.90 -37.80
CA GLN I 217 -64.87 13.77 -37.17
C GLN I 217 -64.69 12.59 -38.10
N ALA I 218 -65.55 12.44 -39.11
CA ALA I 218 -65.43 11.33 -40.04
C ALA I 218 -64.31 11.56 -41.06
N GLU I 219 -64.12 12.79 -41.48
CA GLU I 219 -63.11 13.11 -42.48
C GLU I 219 -61.67 12.97 -42.02
N VAL I 220 -61.41 13.30 -40.77
CA VAL I 220 -60.06 13.30 -40.22
C VAL I 220 -59.68 11.87 -39.89
N ARG I 221 -60.67 10.98 -39.85
CA ARG I 221 -60.43 9.58 -39.56
C ARG I 221 -60.32 8.72 -40.80
N ASN I 222 -61.04 9.09 -41.85
CA ASN I 222 -60.90 8.36 -43.09
C ASN I 222 -59.53 8.73 -43.67
N CYS I 223 -59.18 10.00 -43.62
CA CYS I 223 -57.87 10.43 -44.11
C CYS I 223 -56.73 9.80 -43.32
N ARG I 224 -56.88 9.70 -42.01
CA ARG I 224 -55.91 9.06 -41.15
C ARG I 224 -55.73 7.59 -41.45
N LEU I 225 -56.81 6.86 -41.75
CA LEU I 225 -56.70 5.48 -42.18
C LEU I 225 -56.07 5.32 -43.56
N ALA I 226 -56.42 6.19 -44.50
CA ALA I 226 -55.86 6.11 -45.84
C ALA I 226 -54.35 6.37 -45.88
N MET I 227 -53.82 7.22 -45.01
CA MET I 227 -52.38 7.48 -45.02
C MET I 227 -51.57 6.22 -44.75
N LEU I 228 -51.87 5.51 -43.66
CA LEU I 228 -51.11 4.31 -43.40
C LEU I 228 -51.56 3.15 -44.27
N THR I 229 -52.76 3.22 -44.85
CA THR I 229 -53.07 2.32 -45.95
C THR I 229 -52.06 2.45 -47.08
N PHE I 230 -51.80 3.67 -47.52
CA PHE I 230 -50.86 3.87 -48.61
C PHE I 230 -49.42 3.58 -48.21
N LEU I 231 -49.05 3.87 -46.98
CA LEU I 231 -47.74 3.43 -46.50
C LEU I 231 -47.62 1.92 -46.58
N GLY I 232 -48.72 1.21 -46.28
CA GLY I 232 -48.71 -0.24 -46.44
C GLY I 232 -48.53 -0.67 -47.88
N PHE I 233 -49.16 0.02 -48.82
CA PHE I 233 -48.98 -0.32 -50.22
C PHE I 233 -47.54 -0.10 -50.63
N SER I 234 -46.93 1.00 -50.20
CA SER I 234 -45.57 1.32 -50.61
C SER I 234 -44.56 0.34 -50.01
N VAL I 235 -44.77 -0.09 -48.76
CA VAL I 235 -43.80 -1.01 -48.17
C VAL I 235 -44.05 -2.44 -48.61
N GLN I 236 -45.29 -2.76 -48.95
CA GLN I 236 -45.62 -4.10 -49.42
C GLN I 236 -45.04 -4.32 -50.81
N ALA I 237 -45.10 -3.31 -51.67
CA ALA I 237 -44.56 -3.45 -53.02
C ALA I 237 -43.05 -3.63 -53.03
N TRP I 238 -42.35 -3.29 -51.96
CA TRP I 238 -40.89 -3.37 -51.92
C TRP I 238 -40.39 -4.64 -51.26
N VAL I 239 -41.19 -5.29 -50.43
CA VAL I 239 -40.79 -6.54 -49.78
C VAL I 239 -41.27 -7.77 -50.55
N THR I 240 -42.51 -7.76 -51.05
CA THR I 240 -43.09 -8.91 -51.72
C THR I 240 -42.85 -8.92 -53.22
N GLY I 241 -42.87 -7.75 -53.86
CA GLY I 241 -42.77 -7.65 -55.29
C GLY I 241 -44.09 -7.77 -56.02
N LYS I 242 -45.14 -8.23 -55.35
CA LYS I 242 -46.44 -8.42 -55.97
C LYS I 242 -47.24 -7.12 -55.89
N GLY I 243 -48.54 -7.21 -56.13
CA GLY I 243 -49.41 -6.07 -56.00
C GLY I 243 -50.25 -6.13 -54.75
N PRO I 244 -51.13 -5.14 -54.57
CA PRO I 244 -52.01 -5.13 -53.39
C PRO I 244 -52.95 -6.32 -53.34
N ILE I 245 -53.74 -6.55 -54.38
CA ILE I 245 -54.72 -7.63 -54.36
C ILE I 245 -54.03 -8.98 -54.33
N GLU I 246 -52.90 -9.09 -55.03
CA GLU I 246 -52.13 -10.32 -55.09
C GLU I 246 -51.51 -10.69 -53.75
N ASN I 247 -51.49 -9.77 -52.78
CA ASN I 247 -51.06 -10.09 -51.44
C ASN I 247 -52.22 -10.48 -50.54
N ALA I 248 -53.35 -9.79 -50.66
CA ALA I 248 -54.54 -10.16 -49.89
C ALA I 248 -55.00 -11.57 -50.25
N LYS I 249 -55.04 -11.89 -51.53
CA LYS I 249 -55.48 -13.23 -51.93
C LYS I 249 -54.49 -14.29 -51.49
N ASP I 250 -53.19 -14.00 -51.56
CA ASP I 250 -52.19 -14.95 -51.08
C ASP I 250 -52.34 -15.19 -49.59
N HIS I 251 -52.66 -14.16 -48.82
CA HIS I 251 -52.83 -14.35 -47.39
C HIS I 251 -54.11 -15.12 -47.08
N LEU I 252 -55.17 -14.86 -47.83
CA LEU I 252 -56.44 -15.51 -47.54
C LEU I 252 -56.41 -16.97 -47.98
N ALA I 253 -55.60 -17.30 -48.98
CA ALA I 253 -55.48 -18.67 -49.43
C ALA I 253 -54.95 -19.57 -48.34
N SER I 254 -53.81 -19.20 -47.75
CA SER I 254 -53.15 -20.01 -46.74
C SER I 254 -52.40 -19.10 -45.78
N PRO I 255 -53.06 -18.67 -44.71
CA PRO I 255 -52.50 -17.62 -43.87
C PRO I 255 -51.48 -18.11 -42.85
N PHE I 256 -50.53 -18.94 -43.24
CA PHE I 256 -49.42 -19.25 -42.35
C PHE I 256 -48.06 -19.31 -43.02
N GLU I 257 -47.99 -19.23 -44.35
CA GLU I 257 -46.74 -19.01 -45.05
C GLU I 257 -46.75 -17.79 -45.95
N ALA I 258 -47.92 -17.27 -46.30
CA ALA I 258 -48.03 -16.02 -47.05
C ALA I 258 -48.22 -14.84 -46.10
N ASN I 259 -47.24 -14.67 -45.20
CA ASN I 259 -47.23 -13.58 -44.25
C ASN I 259 -45.91 -12.84 -44.36
N ILE I 260 -45.70 -11.88 -43.47
CA ILE I 260 -44.49 -11.05 -43.54
C ILE I 260 -43.25 -11.85 -43.16
N PHE I 261 -43.36 -12.76 -42.20
CA PHE I 261 -42.19 -13.47 -41.71
C PHE I 261 -41.59 -14.53 -42.62
N THR I 262 -42.12 -14.66 -43.83
CA THR I 262 -41.65 -15.72 -44.72
C THR I 262 -41.11 -15.21 -46.04
N TYR I 263 -40.78 -13.93 -46.14
CA TYR I 263 -40.30 -13.37 -47.40
C TYR I 263 -38.81 -13.10 -47.47
N GLY I 264 -38.08 -13.53 -46.44
CA GLY I 264 -36.65 -13.36 -46.46
C GLY I 264 -36.10 -12.33 -45.49
N ASP I 265 -35.11 -11.57 -45.94
CA ASP I 265 -34.40 -10.64 -45.06
C ASP I 265 -35.14 -9.29 -44.97
N ARG I 266 -35.80 -8.89 -46.04
CA ARG I 266 -36.53 -7.63 -46.01
C ARG I 266 -37.69 -7.68 -45.01
N GLY I 267 -38.44 -8.78 -45.03
CA GLY I 267 -39.54 -8.93 -44.09
C GLY I 267 -39.09 -8.96 -42.65
N THR I 268 -37.82 -9.31 -42.40
CA THR I 268 -37.26 -9.25 -41.07
C THR I 268 -36.75 -7.85 -40.73
N ASN I 269 -36.15 -7.16 -41.70
CA ASN I 269 -35.68 -5.80 -41.47
C ASN I 269 -36.83 -4.87 -41.15
N VAL I 270 -37.95 -4.99 -41.87
CA VAL I 270 -39.10 -4.14 -41.60
C VAL I 270 -39.65 -4.41 -40.21
N VAL I 271 -39.75 -5.69 -39.83
CA VAL I 271 -40.24 -6.03 -38.50
C VAL I 271 -39.32 -5.46 -37.43
N ALA I 272 -38.01 -5.57 -37.65
CA ALA I 272 -37.05 -5.02 -36.69
C ALA I 272 -37.21 -3.52 -36.55
N ILE I 273 -37.33 -2.81 -37.66
CA ILE I 273 -37.47 -1.35 -37.60
C ILE I 273 -38.75 -0.97 -36.88
N PHE I 274 -39.85 -1.64 -37.23
CA PHE I 274 -41.16 -1.40 -36.63
C PHE I 274 -41.14 -1.63 -35.13
N SER I 275 -40.53 -2.74 -34.71
CA SER I 275 -40.43 -3.07 -33.29
C SER I 275 -39.51 -2.11 -32.54
N ALA I 276 -38.47 -1.61 -33.17
CA ALA I 276 -37.60 -0.64 -32.51
C ALA I 276 -38.24 0.74 -32.40
N PHE I 277 -39.02 1.14 -33.40
CA PHE I 277 -39.69 2.44 -33.30
C PHE I 277 -40.88 2.38 -32.36
N ALA I 278 -41.54 1.23 -32.24
CA ALA I 278 -42.66 1.08 -31.33
C ALA I 278 -42.23 1.00 -29.88
N ALA I 279 -41.00 0.63 -29.61
CA ALA I 279 -40.49 0.55 -28.24
C ALA I 279 -39.91 1.86 -27.75
N VAL I 280 -39.77 2.85 -28.62
CA VAL I 280 -39.25 4.15 -28.24
C VAL I 280 -40.36 5.12 -27.89
N MET I 281 -41.47 5.08 -28.62
CA MET I 281 -42.56 6.00 -28.33
C MET I 281 -43.43 5.56 -27.17
N HIS I 282 -43.25 4.34 -26.66
CA HIS I 282 -43.86 3.97 -25.40
C HIS I 282 -43.00 4.32 -24.20
N ILE I 283 -41.69 4.16 -24.31
CA ILE I 283 -40.79 4.65 -23.27
C ILE I 283 -40.87 6.16 -23.15
N ALA I 284 -40.98 6.86 -24.28
CA ALA I 284 -41.14 8.30 -24.24
C ALA I 284 -42.42 8.71 -23.54
N GLU I 285 -43.51 7.99 -23.80
CA GLU I 285 -44.78 8.31 -23.14
C GLU I 285 -44.69 8.04 -21.63
N LEU I 286 -44.08 6.92 -21.25
CA LEU I 286 -43.93 6.61 -19.83
C LEU I 286 -43.08 7.66 -19.12
N ALA I 287 -42.00 8.09 -19.77
CA ALA I 287 -41.17 9.14 -19.19
C ALA I 287 -41.90 10.47 -19.14
N ARG I 288 -42.74 10.76 -20.13
CA ARG I 288 -43.53 11.99 -20.11
C ARG I 288 -44.49 12.01 -18.93
N GLU I 289 -45.15 10.88 -18.65
CA GLU I 289 -46.14 10.87 -17.57
C GLU I 289 -45.53 11.20 -16.23
N LYS I 290 -44.21 11.10 -16.09
CA LYS I 290 -43.51 11.55 -14.89
C LYS I 290 -42.95 12.95 -15.09
N LYS I 291 -43.68 13.74 -15.87
CA LYS I 291 -43.24 15.07 -16.32
C LYS I 291 -41.83 15.04 -16.88
N PRO J 51 -29.96 55.62 -47.23
CA PRO J 51 -29.80 54.80 -48.44
C PRO J 51 -31.14 54.30 -48.96
N THR J 52 -31.21 53.96 -50.24
CA THR J 52 -32.39 53.30 -50.80
C THR J 52 -32.19 51.81 -50.96
N THR J 53 -31.07 51.28 -50.50
CA THR J 53 -30.88 49.84 -50.49
C THR J 53 -31.49 49.19 -49.27
N MET J 54 -31.87 49.98 -48.26
CA MET J 54 -32.56 49.45 -47.11
C MET J 54 -34.06 49.50 -47.31
N LEU J 55 -34.78 48.74 -46.49
CA LEU J 55 -36.21 48.56 -46.69
C LEU J 55 -36.95 49.80 -46.20
N GLU J 56 -38.27 49.79 -46.36
CA GLU J 56 -39.12 50.84 -45.82
C GLU J 56 -40.19 50.33 -44.85
N GLU J 57 -40.40 49.03 -44.82
CA GLU J 57 -41.46 48.46 -44.01
C GLU J 57 -41.08 47.55 -42.86
N ARG J 58 -39.84 47.04 -42.87
CA ARG J 58 -39.31 46.18 -41.81
C ARG J 58 -40.20 44.94 -41.63
N ASP J 59 -40.13 44.08 -42.63
CA ASP J 59 -40.94 42.87 -42.67
C ASP J 59 -40.11 41.64 -42.97
N ASN J 60 -40.67 40.47 -42.61
CA ASN J 60 -40.06 39.16 -42.84
C ASN J 60 -41.02 38.37 -43.73
N LEU J 61 -40.52 37.83 -44.82
CA LEU J 61 -41.39 37.09 -45.74
C LEU J 61 -41.51 35.64 -45.31
N TRP J 62 -42.68 35.05 -45.55
CA TRP J 62 -42.95 33.67 -45.17
C TRP J 62 -42.61 32.76 -46.35
N GLU J 63 -41.52 32.01 -46.15
CA GLU J 63 -40.99 31.07 -47.11
C GLU J 63 -41.13 29.63 -46.65
N ILE J 64 -40.34 28.71 -47.19
CA ILE J 64 -40.52 27.26 -47.16
C ILE J 64 -41.08 26.76 -45.83
N GLY J 65 -40.48 27.14 -44.71
CA GLY J 65 -40.99 26.67 -43.44
C GLY J 65 -41.64 27.73 -42.57
N GLY J 66 -41.08 28.92 -42.56
CA GLY J 66 -41.55 30.00 -41.74
C GLY J 66 -40.86 31.29 -42.13
N PRO J 67 -41.01 32.35 -41.34
CA PRO J 67 -40.26 33.56 -41.65
C PRO J 67 -38.88 33.60 -41.02
N TYR J 68 -38.22 32.45 -40.97
CA TYR J 68 -36.92 32.21 -40.36
C TYR J 68 -36.46 30.85 -40.82
N TRP J 69 -35.16 30.68 -40.99
CA TRP J 69 -34.66 29.34 -41.14
C TRP J 69 -34.80 28.65 -39.79
N TRP J 70 -34.56 27.35 -39.74
CA TRP J 70 -34.70 26.63 -38.47
C TRP J 70 -36.11 26.81 -37.91
N PRO J 71 -37.10 26.13 -38.49
CA PRO J 71 -38.51 26.48 -38.26
C PRO J 71 -39.13 25.80 -37.04
N PHE J 72 -38.46 25.90 -35.90
CA PHE J 72 -38.94 25.33 -34.65
C PHE J 72 -39.33 26.44 -33.69
N SER J 73 -39.88 26.08 -32.54
CA SER J 73 -40.36 27.05 -31.58
C SER J 73 -39.29 27.57 -30.64
N SER J 74 -38.14 26.90 -30.57
CA SER J 74 -37.03 27.33 -29.72
C SER J 74 -36.02 28.10 -30.57
N PHE J 75 -36.46 29.23 -31.09
CA PHE J 75 -35.59 30.03 -31.95
C PHE J 75 -35.92 31.50 -31.77
N THR J 76 -34.89 32.28 -31.45
CA THR J 76 -34.97 33.73 -31.36
C THR J 76 -33.96 34.29 -32.35
N PRO J 77 -34.33 35.25 -33.20
CA PRO J 77 -33.41 35.70 -34.22
C PRO J 77 -32.24 36.44 -33.61
N PRO J 78 -31.10 36.50 -34.31
CA PRO J 78 -29.95 37.21 -33.77
C PRO J 78 -30.27 38.67 -33.50
N ALA J 79 -29.57 39.24 -32.52
CA ALA J 79 -29.90 40.58 -32.06
C ALA J 79 -29.65 41.63 -33.14
N HIS J 80 -28.68 41.40 -34.02
CA HIS J 80 -28.31 42.43 -34.99
C HIS J 80 -29.13 42.35 -36.27
N LEU J 81 -29.93 41.29 -36.43
CA LEU J 81 -30.78 41.11 -37.61
C LEU J 81 -32.22 41.31 -37.15
N ASP J 82 -32.83 42.42 -37.55
CA ASP J 82 -34.13 42.80 -37.04
C ASP J 82 -35.17 43.07 -38.10
N GLY J 83 -34.85 42.83 -39.36
CA GLY J 83 -35.79 42.99 -40.43
C GLY J 83 -35.63 44.24 -41.27
N SER J 84 -34.51 44.95 -41.14
CA SER J 84 -34.33 46.22 -41.84
C SER J 84 -33.76 46.08 -43.24
N LEU J 85 -33.16 44.95 -43.58
CA LEU J 85 -32.55 44.78 -44.88
C LEU J 85 -33.31 43.75 -45.71
N PRO J 86 -33.25 43.85 -47.04
CA PRO J 86 -33.93 42.86 -47.88
C PRO J 86 -33.38 41.47 -47.68
N GLY J 87 -34.27 40.48 -47.77
CA GLY J 87 -33.89 39.10 -47.68
C GLY J 87 -33.62 38.56 -46.31
N ASP J 88 -34.12 39.22 -45.26
CA ASP J 88 -33.81 38.84 -43.90
C ASP J 88 -34.50 37.53 -43.53
N ARG J 89 -33.76 36.65 -42.87
CA ARG J 89 -34.28 35.41 -42.33
C ARG J 89 -33.64 35.05 -41.00
N GLY J 90 -32.83 35.93 -40.41
CA GLY J 90 -32.09 35.58 -39.22
C GLY J 90 -31.11 34.44 -39.40
N PHE J 91 -30.41 34.39 -40.52
CA PHE J 91 -29.45 33.31 -40.73
C PHE J 91 -28.05 33.79 -40.38
N ASP J 92 -27.52 33.33 -39.25
CA ASP J 92 -26.19 33.69 -38.78
C ASP J 92 -25.68 32.70 -37.73
N PRO J 93 -25.41 31.45 -38.08
CA PRO J 93 -24.86 30.53 -37.08
C PRO J 93 -23.52 30.98 -36.53
N PHE J 94 -22.54 31.23 -37.40
CA PHE J 94 -21.31 31.89 -36.99
C PHE J 94 -21.53 33.40 -37.11
N SER J 95 -21.39 34.12 -35.99
CA SER J 95 -21.79 35.53 -35.97
C SER J 95 -20.77 36.36 -36.73
N LEU J 96 -20.90 36.34 -38.06
CA LEU J 96 -20.00 37.09 -38.92
C LEU J 96 -20.51 38.48 -39.24
N GLY J 97 -21.65 38.88 -38.68
CA GLY J 97 -22.19 40.19 -38.98
C GLY J 97 -21.78 41.23 -37.96
N THR J 98 -21.24 40.79 -36.83
CA THR J 98 -20.67 41.69 -35.84
C THR J 98 -19.14 41.78 -35.92
N SER J 99 -18.50 40.90 -36.68
CA SER J 99 -17.07 40.97 -36.93
C SER J 99 -16.92 40.92 -38.44
N TRP J 100 -15.71 40.63 -38.92
CA TRP J 100 -15.47 40.33 -40.32
C TRP J 100 -15.79 41.52 -41.22
N GLY J 101 -14.97 42.55 -41.10
CA GLY J 101 -15.01 43.64 -42.05
C GLY J 101 -14.80 44.97 -41.37
N GLN J 102 -14.41 45.96 -42.17
CA GLN J 102 -14.29 47.34 -41.70
C GLN J 102 -14.80 48.26 -42.80
N PRO J 103 -15.98 48.85 -42.62
CA PRO J 103 -16.55 49.68 -43.68
C PRO J 103 -15.72 50.93 -43.89
N PRO J 104 -15.70 51.46 -45.11
CA PRO J 104 -15.01 52.73 -45.36
C PRO J 104 -15.83 53.94 -44.92
N VAL J 105 -15.98 54.08 -43.60
CA VAL J 105 -16.68 55.21 -43.02
C VAL J 105 -15.78 55.86 -41.99
N ASP J 106 -16.10 57.08 -41.61
CA ASP J 106 -15.34 57.78 -40.60
C ASP J 106 -15.52 56.95 -39.34
N VAL J 107 -14.41 56.65 -38.66
CA VAL J 107 -14.46 55.86 -37.44
C VAL J 107 -15.00 56.71 -36.29
N SER J 108 -15.49 56.04 -35.26
CA SER J 108 -16.07 56.65 -34.06
C SER J 108 -17.33 57.45 -34.37
N ASP J 109 -17.96 57.21 -35.50
CA ASP J 109 -19.20 57.90 -35.76
C ASP J 109 -20.27 56.95 -35.25
N PRO J 110 -21.34 57.50 -34.64
CA PRO J 110 -22.43 56.67 -34.13
C PRO J 110 -23.15 55.95 -35.25
N ASN J 111 -23.66 54.76 -34.91
CA ASN J 111 -24.22 53.82 -35.86
C ASN J 111 -23.13 53.30 -36.80
N TYR J 112 -22.07 52.78 -36.17
CA TYR J 112 -20.97 52.15 -36.87
C TYR J 112 -21.16 50.64 -37.00
N ASP J 113 -21.82 50.02 -36.03
CA ASP J 113 -22.06 48.58 -36.13
C ASP J 113 -23.08 48.24 -37.18
N GLU J 114 -23.97 49.18 -37.52
CA GLU J 114 -24.91 48.95 -38.60
C GLU J 114 -24.27 49.15 -39.97
N SER J 115 -23.32 50.08 -40.08
CA SER J 115 -22.61 50.30 -41.33
C SER J 115 -21.86 49.07 -41.80
N ARG J 116 -21.42 48.22 -40.88
CA ARG J 116 -20.77 46.99 -41.29
C ARG J 116 -21.73 46.02 -41.94
N LEU J 117 -22.97 45.93 -41.48
CA LEU J 117 -23.93 45.08 -42.18
C LEU J 117 -24.27 45.62 -43.56
N ARG J 118 -24.30 46.95 -43.69
CA ARG J 118 -24.54 47.54 -45.01
C ARG J 118 -23.37 47.27 -45.95
N TRP J 119 -22.14 47.32 -45.45
CA TRP J 119 -20.99 46.96 -46.27
C TRP J 119 -21.06 45.50 -46.71
N LEU J 120 -21.40 44.60 -45.78
CA LEU J 120 -21.52 43.19 -46.17
C LEU J 120 -22.67 42.96 -47.15
N LEU J 121 -23.76 43.72 -47.02
CA LEU J 121 -24.85 43.59 -47.98
C LEU J 121 -24.43 44.10 -49.35
N GLU J 122 -23.65 45.17 -49.39
CA GLU J 122 -23.08 45.63 -50.64
C GLU J 122 -22.23 44.55 -51.27
N GLY J 123 -21.43 43.85 -50.46
CA GLY J 123 -20.61 42.76 -50.98
C GLY J 123 -21.43 41.61 -51.50
N GLU J 124 -22.51 41.28 -50.81
CA GLU J 124 -23.40 40.19 -51.23
C GLU J 124 -24.06 40.50 -52.55
N LEU J 125 -24.58 41.72 -52.70
CA LEU J 125 -25.19 42.13 -53.95
C LEU J 125 -24.18 42.16 -55.08
N TYR J 126 -22.98 42.65 -54.80
CA TYR J 126 -21.96 42.71 -55.82
C TYR J 126 -21.56 41.32 -56.29
N ASN J 127 -21.42 40.37 -55.38
CA ASN J 127 -21.04 39.03 -55.78
C ASN J 127 -22.17 38.34 -56.52
N GLY J 128 -23.42 38.64 -56.18
CA GLY J 128 -24.53 38.01 -56.86
C GLY J 128 -24.75 38.56 -58.25
N ARG J 129 -24.51 39.85 -58.44
CA ARG J 129 -24.72 40.46 -59.74
C ARG J 129 -23.75 39.93 -60.79
N LEU J 130 -22.59 39.44 -60.39
CA LEU J 130 -21.69 38.80 -61.34
C LEU J 130 -22.07 37.36 -61.61
N ALA J 131 -22.55 36.65 -60.60
CA ALA J 131 -22.97 35.27 -60.80
C ALA J 131 -24.18 35.19 -61.70
N MET J 132 -25.10 36.15 -61.58
CA MET J 132 -26.28 36.12 -62.44
C MET J 132 -25.91 36.37 -63.90
N LEU J 133 -24.86 37.14 -64.15
CA LEU J 133 -24.40 37.30 -65.52
C LEU J 133 -23.62 36.09 -66.00
N ALA J 134 -22.83 35.49 -65.12
CA ALA J 134 -22.02 34.34 -65.52
C ALA J 134 -22.88 33.13 -65.82
N VAL J 135 -23.97 32.94 -65.10
CA VAL J 135 -24.87 31.81 -65.37
C VAL J 135 -25.47 31.95 -66.76
N VAL J 136 -25.97 33.13 -67.09
CA VAL J 136 -26.51 33.37 -68.42
C VAL J 136 -25.44 33.19 -69.48
N GLY J 137 -24.24 33.71 -69.23
CA GLY J 137 -23.17 33.61 -70.21
C GLY J 137 -22.62 32.21 -70.42
N VAL J 138 -22.74 31.34 -69.43
CA VAL J 138 -22.32 29.96 -69.62
C VAL J 138 -23.44 29.12 -70.21
N LEU J 139 -24.71 29.44 -69.92
CA LEU J 139 -25.79 28.68 -70.53
C LEU J 139 -26.00 29.05 -71.98
N THR J 140 -25.75 30.30 -72.37
CA THR J 140 -25.95 30.72 -73.75
C THR J 140 -24.78 30.37 -74.64
N VAL J 141 -23.74 29.75 -74.10
CA VAL J 141 -22.58 29.33 -74.86
C VAL J 141 -22.42 27.81 -74.84
N GLU J 142 -22.44 27.22 -73.64
CA GLU J 142 -22.24 25.78 -73.56
C GLU J 142 -23.41 25.03 -74.18
N ALA J 143 -24.60 25.63 -74.16
CA ALA J 143 -25.79 25.02 -74.71
C ALA J 143 -26.14 25.53 -76.09
N GLN J 144 -25.19 26.17 -76.78
CA GLN J 144 -25.42 26.62 -78.15
C GLN J 144 -24.53 25.90 -79.15
N GLY J 145 -23.22 26.06 -79.04
CA GLY J 145 -22.35 25.30 -79.93
C GLY J 145 -21.04 24.79 -79.36
N LYS J 146 -20.65 25.30 -78.20
CA LYS J 146 -19.24 25.24 -77.81
C LYS J 146 -19.00 24.14 -76.78
N GLY J 147 -17.73 23.76 -76.67
CA GLY J 147 -17.35 22.65 -75.82
C GLY J 147 -17.41 23.01 -74.36
N PRO J 148 -16.57 22.37 -73.56
CA PRO J 148 -16.55 22.70 -72.12
C PRO J 148 -16.25 24.17 -71.90
N TRP J 149 -17.04 24.79 -71.02
CA TRP J 149 -16.91 26.21 -70.76
C TRP J 149 -15.65 26.53 -69.97
N TRP J 150 -15.01 25.54 -69.36
CA TRP J 150 -13.81 25.74 -68.58
C TRP J 150 -12.55 25.55 -69.39
N GLU J 151 -12.66 25.52 -70.72
CA GLU J 151 -11.50 25.47 -71.59
C GLU J 151 -11.50 26.61 -72.60
N ILE J 152 -12.53 27.44 -72.62
CA ILE J 152 -12.57 28.58 -73.53
C ILE J 152 -11.44 29.57 -73.27
N PRO J 153 -11.20 30.03 -72.03
CA PRO J 153 -10.09 30.99 -71.83
C PRO J 153 -8.74 30.43 -72.21
N GLY J 154 -8.53 29.13 -72.07
CA GLY J 154 -7.26 28.52 -72.44
C GLY J 154 -7.09 28.29 -73.93
N ASN J 155 -8.09 28.63 -74.75
CA ASN J 155 -8.03 28.46 -76.19
C ASN J 155 -8.10 29.81 -76.91
N LEU J 156 -7.75 30.89 -76.21
CA LEU J 156 -7.61 32.19 -76.84
C LEU J 156 -6.19 32.49 -77.27
N ASN J 157 -5.21 31.77 -76.73
CA ASN J 157 -3.79 31.99 -77.01
C ASN J 157 -3.42 33.45 -76.78
N LEU J 158 -3.56 33.88 -75.53
CA LEU J 158 -3.24 35.25 -75.13
C LEU J 158 -1.89 35.23 -74.45
N PHE J 159 -0.88 35.80 -75.11
CA PHE J 159 0.45 35.88 -74.56
C PHE J 159 1.17 37.09 -75.15
N GLY J 160 2.20 37.55 -74.45
CA GLY J 160 2.96 38.69 -74.90
C GLY J 160 2.27 40.02 -74.69
N THR J 161 2.49 40.96 -75.60
CA THR J 161 1.98 42.32 -75.49
C THR J 161 0.46 42.44 -75.41
N PRO J 162 -0.34 41.69 -76.19
CA PRO J 162 -1.80 41.86 -76.07
C PRO J 162 -2.31 41.57 -74.67
N TYR J 163 -1.76 40.55 -74.01
CA TYR J 163 -2.15 40.25 -72.64
C TYR J 163 -1.88 41.44 -71.73
N VAL J 164 -0.69 42.02 -71.85
CA VAL J 164 -0.30 43.12 -70.97
C VAL J 164 -1.20 44.33 -71.19
N VAL J 165 -1.45 44.69 -72.46
CA VAL J 165 -2.24 45.87 -72.71
C VAL J 165 -3.69 45.66 -72.27
N ALA J 166 -4.23 44.46 -72.50
CA ALA J 166 -5.59 44.18 -72.06
C ALA J 166 -5.72 44.27 -70.55
N VAL J 167 -4.77 43.66 -69.83
CA VAL J 167 -4.81 43.70 -68.37
C VAL J 167 -4.73 45.12 -67.86
N VAL J 168 -3.79 45.91 -68.40
CA VAL J 168 -3.59 47.27 -67.92
C VAL J 168 -4.83 48.12 -68.19
N GLY J 169 -5.40 48.02 -69.40
CA GLY J 169 -6.58 48.82 -69.69
C GLY J 169 -7.79 48.45 -68.86
N GLY J 170 -8.04 47.14 -68.71
CA GLY J 170 -9.13 46.72 -67.86
C GLY J 170 -8.98 47.21 -66.45
N HIS J 171 -7.78 47.11 -65.89
CA HIS J 171 -7.56 47.56 -64.53
C HIS J 171 -7.70 49.09 -64.42
N LEU J 172 -7.26 49.84 -65.42
CA LEU J 172 -7.49 51.28 -65.40
C LEU J 172 -8.98 51.58 -65.27
N ALA J 173 -9.80 50.95 -66.12
CA ALA J 173 -11.24 51.22 -66.07
C ALA J 173 -11.83 50.81 -64.73
N PHE J 174 -11.48 49.62 -64.24
CA PHE J 174 -12.07 49.15 -63.00
C PHE J 174 -11.61 49.98 -61.80
N ALA J 175 -10.35 50.41 -61.78
CA ALA J 175 -9.90 51.28 -60.71
C ALA J 175 -10.62 52.61 -60.73
N LEU J 176 -10.85 53.19 -61.91
CA LEU J 176 -11.62 54.42 -61.97
C LEU J 176 -13.04 54.23 -61.45
N LEU J 177 -13.66 53.09 -61.73
CA LEU J 177 -15.03 52.86 -61.24
C LEU J 177 -15.06 52.60 -59.73
N GLU J 178 -14.14 51.76 -59.27
CA GLU J 178 -14.05 51.40 -57.86
C GLU J 178 -13.75 52.60 -56.98
N LYS J 179 -12.85 53.48 -57.42
CA LYS J 179 -12.59 54.71 -56.69
C LYS J 179 -13.88 55.47 -56.43
N LYS J 180 -14.73 55.56 -57.45
CA LYS J 180 -15.99 56.27 -57.30
C LYS J 180 -16.92 55.53 -56.35
N ARG J 181 -16.92 54.20 -56.38
CA ARG J 181 -17.74 53.43 -55.46
C ARG J 181 -17.33 53.66 -54.01
N LEU J 182 -16.04 53.55 -53.71
CA LEU J 182 -15.55 53.80 -52.37
C LEU J 182 -15.84 55.22 -51.94
N GLU J 183 -15.75 56.16 -52.89
CA GLU J 183 -15.95 57.56 -52.60
C GLU J 183 -17.43 57.89 -52.41
N ASN J 184 -18.32 57.04 -52.95
CA ASN J 184 -19.75 57.23 -52.75
C ASN J 184 -20.24 56.63 -51.44
N PHE J 185 -19.74 55.45 -51.09
CA PHE J 185 -20.19 54.81 -49.84
C PHE J 185 -19.99 55.70 -48.63
N ARG J 186 -18.99 56.58 -48.68
CA ARG J 186 -18.54 57.22 -47.45
C ARG J 186 -19.39 58.43 -47.09
N GLU J 187 -19.97 59.11 -48.08
CA GLU J 187 -20.87 60.22 -47.80
C GLU J 187 -22.30 59.74 -47.63
N THR J 188 -22.77 58.88 -48.53
CA THR J 188 -24.07 58.23 -48.43
C THR J 188 -23.85 56.73 -48.36
N GLY J 189 -24.54 56.06 -47.44
CA GLY J 189 -24.25 54.66 -47.20
C GLY J 189 -24.69 53.75 -48.32
N GLU J 190 -24.22 54.00 -49.53
CA GLU J 190 -24.60 53.21 -50.71
C GLU J 190 -23.51 53.36 -51.76
N ALA J 191 -23.43 52.37 -52.64
CA ALA J 191 -22.32 52.33 -53.61
C ALA J 191 -22.83 51.72 -54.91
N GLY J 192 -23.23 52.58 -55.85
CA GLY J 192 -23.57 52.11 -57.18
C GLY J 192 -22.35 51.96 -58.06
N HIS J 193 -22.40 50.97 -58.94
CA HIS J 193 -21.22 50.53 -59.66
C HIS J 193 -20.90 51.36 -60.90
N PHE J 194 -21.91 51.95 -61.51
CA PHE J 194 -21.68 52.58 -62.80
C PHE J 194 -21.63 54.09 -62.88
N GLY J 195 -20.74 54.68 -62.11
CA GLY J 195 -20.59 56.13 -62.16
C GLY J 195 -21.60 56.91 -61.36
N ALA J 196 -22.64 56.26 -60.86
CA ALA J 196 -23.65 56.93 -60.05
C ALA J 196 -23.83 56.16 -58.76
N ALA J 197 -24.26 56.86 -57.72
CA ALA J 197 -24.46 56.22 -56.42
C ALA J 197 -25.65 55.27 -56.45
N ARG J 198 -26.59 55.48 -57.36
CA ARG J 198 -27.85 54.74 -57.30
C ARG J 198 -28.21 54.05 -58.61
N PHE J 199 -27.85 54.61 -59.74
CA PHE J 199 -28.07 53.96 -61.03
C PHE J 199 -29.49 53.47 -61.35
N ASP J 200 -30.42 54.39 -61.53
CA ASP J 200 -31.78 54.04 -61.90
C ASP J 200 -32.10 54.79 -63.19
N PRO J 201 -31.43 54.42 -64.29
CA PRO J 201 -31.68 55.10 -65.56
C PRO J 201 -33.14 55.08 -65.97
N LEU J 202 -33.80 53.94 -65.79
CA LEU J 202 -35.24 53.82 -65.89
C LEU J 202 -35.76 53.62 -64.48
N ASP J 203 -36.54 54.56 -63.97
CA ASP J 203 -36.93 54.53 -62.57
C ASP J 203 -37.90 53.36 -62.35
N LEU J 204 -37.37 52.24 -61.86
CA LEU J 204 -38.18 51.04 -61.63
C LEU J 204 -37.98 50.47 -60.24
N THR J 205 -37.28 51.16 -59.36
CA THR J 205 -37.02 50.62 -58.03
C THR J 205 -38.27 50.52 -57.18
N GLU J 206 -39.35 51.20 -57.56
CA GLU J 206 -40.62 51.14 -56.84
C GLU J 206 -41.79 51.04 -57.81
N ALA J 207 -41.57 50.38 -58.93
CA ALA J 207 -42.54 50.34 -60.03
C ALA J 207 -42.94 48.92 -60.34
N ASN J 208 -43.25 48.16 -59.29
CA ASN J 208 -43.70 46.79 -59.44
C ASN J 208 -45.11 46.68 -58.91
N PRO J 209 -46.08 46.18 -59.68
CA PRO J 209 -47.49 46.19 -59.27
C PRO J 209 -47.86 45.09 -58.29
N LEU J 210 -46.98 44.84 -57.31
CA LEU J 210 -47.32 43.96 -56.20
C LEU J 210 -46.79 44.47 -54.87
N GLY J 211 -46.27 45.68 -54.82
CA GLY J 211 -45.77 46.23 -53.58
C GLY J 211 -44.76 47.32 -53.83
N THR J 212 -44.41 48.02 -52.75
CA THR J 212 -43.43 49.08 -52.86
C THR J 212 -42.01 48.53 -52.96
N ASP J 213 -41.56 47.84 -51.93
CA ASP J 213 -40.22 47.25 -51.88
C ASP J 213 -40.23 45.78 -52.31
N TYR J 214 -40.65 45.53 -53.54
CA TYR J 214 -40.68 44.19 -54.10
C TYR J 214 -39.42 43.87 -54.90
N ASN J 215 -38.94 44.84 -55.69
CA ASN J 215 -37.73 44.62 -56.48
C ASN J 215 -36.52 44.37 -55.59
N ARG J 216 -36.44 45.09 -54.47
CA ARG J 216 -35.31 44.94 -53.56
C ARG J 216 -35.26 43.53 -52.98
N GLN J 217 -36.40 42.96 -52.65
CA GLN J 217 -36.44 41.61 -52.15
C GLN J 217 -36.26 40.57 -53.24
N ALA J 218 -36.63 40.88 -54.49
CA ALA J 218 -36.46 39.93 -55.57
C ALA J 218 -35.02 39.84 -56.05
N GLU J 219 -34.31 40.95 -56.04
CA GLU J 219 -32.94 40.98 -56.52
C GLU J 219 -31.93 40.26 -55.65
N VAL J 220 -32.11 40.31 -54.34
CA VAL J 220 -31.19 39.74 -53.39
C VAL J 220 -31.42 38.23 -53.32
N ARG J 221 -32.55 37.78 -53.86
CA ARG J 221 -32.89 36.37 -53.88
C ARG J 221 -32.54 35.70 -55.19
N ASN J 222 -32.62 36.43 -56.28
CA ASN J 222 -32.19 35.87 -57.54
C ASN J 222 -30.67 35.76 -57.51
N CYS J 223 -30.00 36.79 -57.01
CA CYS J 223 -28.55 36.74 -56.89
C CYS J 223 -28.08 35.65 -55.96
N ARG J 224 -28.79 35.45 -54.85
CA ARG J 224 -28.49 34.39 -53.91
C ARG J 224 -28.65 33.01 -54.51
N LEU J 225 -29.67 32.79 -55.34
CA LEU J 225 -29.82 31.52 -56.04
C LEU J 225 -28.75 31.32 -57.11
N ALA J 226 -28.40 32.36 -57.86
CA ALA J 226 -27.39 32.24 -58.90
C ALA J 226 -26.00 31.92 -58.36
N MET J 227 -25.65 32.38 -57.15
CA MET J 227 -24.33 32.09 -56.62
C MET J 227 -24.13 30.59 -56.42
N LEU J 228 -25.04 29.93 -55.73
CA LEU J 228 -24.85 28.50 -55.54
C LEU J 228 -25.22 27.70 -56.78
N THR J 229 -25.98 28.30 -57.70
CA THR J 229 -26.08 27.72 -59.03
C THR J 229 -24.71 27.59 -59.67
N PHE J 230 -23.94 28.67 -59.67
CA PHE J 230 -22.61 28.64 -60.27
C PHE J 230 -21.63 27.79 -59.50
N LEU J 231 -21.73 27.76 -58.18
CA LEU J 231 -20.93 26.81 -57.41
C LEU J 231 -21.25 25.38 -57.84
N GLY J 232 -22.52 25.10 -58.13
CA GLY J 232 -22.89 23.79 -58.65
C GLY J 232 -22.26 23.50 -59.99
N PHE J 233 -22.21 24.49 -60.87
CA PHE J 233 -21.58 24.28 -62.17
C PHE J 233 -20.11 23.99 -61.99
N SER J 234 -19.43 24.71 -61.10
CA SER J 234 -18.00 24.55 -60.94
C SER J 234 -17.67 23.20 -60.30
N VAL J 235 -18.48 22.73 -59.36
CA VAL J 235 -18.17 21.45 -58.73
C VAL J 235 -18.63 20.28 -59.59
N GLN J 236 -19.66 20.50 -60.40
CA GLN J 236 -20.14 19.46 -61.29
C GLN J 236 -19.14 19.19 -62.40
N ALA J 237 -18.54 20.25 -62.93
CA ALA J 237 -17.56 20.08 -64.00
C ALA J 237 -16.31 19.35 -63.55
N TRP J 238 -16.04 19.27 -62.25
CA TRP J 238 -14.83 18.64 -61.74
C TRP J 238 -15.04 17.21 -61.30
N VAL J 239 -16.27 16.81 -60.99
CA VAL J 239 -16.56 15.44 -60.60
C VAL J 239 -17.04 14.58 -61.77
N THR J 240 -17.89 15.11 -62.64
CA THR J 240 -18.45 14.35 -63.75
C THR J 240 -17.63 14.44 -65.02
N GLY J 241 -17.04 15.60 -65.30
CA GLY J 241 -16.33 15.83 -66.54
C GLY J 241 -17.20 16.30 -67.67
N LYS J 242 -18.52 16.20 -67.55
CA LYS J 242 -19.44 16.59 -68.60
C LYS J 242 -19.78 18.07 -68.47
N GLY J 243 -20.82 18.51 -69.15
CA GLY J 243 -21.29 19.86 -69.03
C GLY J 243 -22.55 19.98 -68.21
N PRO J 244 -23.08 21.20 -68.09
CA PRO J 244 -24.32 21.39 -67.33
C PRO J 244 -25.51 20.64 -67.90
N ILE J 245 -25.83 20.86 -69.18
CA ILE J 245 -27.00 20.23 -69.77
C ILE J 245 -26.82 18.72 -69.86
N GLU J 246 -25.60 18.29 -70.14
CA GLU J 246 -25.27 16.88 -70.25
C GLU J 246 -25.40 16.14 -68.92
N ASN J 247 -25.50 16.85 -67.81
CA ASN J 247 -25.78 16.24 -66.52
C ASN J 247 -27.26 16.20 -66.21
N ALA J 248 -27.98 17.28 -66.53
CA ALA J 248 -29.44 17.29 -66.34
C ALA J 248 -30.10 16.21 -67.18
N LYS J 249 -29.71 16.09 -68.44
CA LYS J 249 -30.32 15.08 -69.30
C LYS J 249 -29.97 13.67 -68.83
N ASP J 250 -28.72 13.47 -68.38
CA ASP J 250 -28.36 12.16 -67.86
C ASP J 250 -29.17 11.81 -66.62
N HIS J 251 -29.46 12.78 -65.77
CA HIS J 251 -30.24 12.50 -64.58
C HIS J 251 -31.70 12.24 -64.94
N LEU J 252 -32.23 12.97 -65.92
CA LEU J 252 -33.63 12.80 -66.25
C LEU J 252 -33.86 11.51 -67.03
N ALA J 253 -32.85 11.03 -67.74
CA ALA J 253 -32.98 9.78 -68.47
C ALA J 253 -33.23 8.62 -67.52
N SER J 254 -32.38 8.46 -66.51
CA SER J 254 -32.47 7.34 -65.58
C SER J 254 -31.96 7.77 -64.22
N PRO J 255 -32.84 8.29 -63.37
CA PRO J 255 -32.38 8.94 -62.14
C PRO J 255 -32.07 7.98 -61.01
N PHE J 256 -31.34 6.91 -61.25
CA PHE J 256 -30.84 6.10 -60.15
C PHE J 256 -29.41 5.62 -60.30
N GLU J 257 -28.78 5.82 -61.46
CA GLU J 257 -27.35 5.63 -61.61
C GLU J 257 -26.62 6.88 -62.10
N ALA J 258 -27.34 7.84 -62.68
CA ALA J 258 -26.74 9.12 -63.07
C ALA J 258 -26.95 10.15 -61.97
N ASN J 259 -26.43 9.83 -60.79
CA ASN J 259 -26.49 10.71 -59.64
C ASN J 259 -25.08 10.91 -59.10
N ILE J 260 -24.98 11.60 -57.96
CA ILE J 260 -23.67 11.92 -57.40
C ILE J 260 -22.99 10.68 -56.85
N PHE J 261 -23.75 9.76 -56.25
CA PHE J 261 -23.16 8.61 -55.59
C PHE J 261 -22.58 7.52 -56.48
N THR J 262 -22.58 7.74 -57.79
CA THR J 262 -22.13 6.71 -58.72
C THR J 262 -20.96 7.13 -59.59
N TYR J 263 -20.26 8.20 -59.23
CA TYR J 263 -19.16 8.68 -60.06
C TYR J 263 -17.77 8.37 -59.53
N GLY J 264 -17.69 7.59 -58.48
CA GLY J 264 -16.39 7.20 -57.95
C GLY J 264 -16.02 7.82 -56.63
N ASP J 265 -14.75 8.20 -56.49
CA ASP J 265 -14.24 8.69 -55.22
C ASP J 265 -14.50 10.18 -55.03
N ARG J 266 -14.50 10.94 -56.13
CA ARG J 266 -14.78 12.37 -56.02
C ARG J 266 -16.20 12.63 -55.53
N GLY J 267 -17.16 11.91 -56.08
CA GLY J 267 -18.54 12.06 -55.65
C GLY J 267 -18.76 11.69 -54.20
N THR J 268 -17.88 10.87 -53.64
CA THR J 268 -17.92 10.55 -52.23
C THR J 268 -17.20 11.60 -51.38
N ASN J 269 -16.08 12.13 -51.88
CA ASN J 269 -15.36 13.17 -51.15
C ASN J 269 -16.21 14.42 -51.01
N VAL J 270 -16.91 14.82 -52.08
CA VAL J 270 -17.76 16.00 -52.00
C VAL J 270 -18.90 15.78 -51.01
N VAL J 271 -19.52 14.60 -51.04
CA VAL J 271 -20.59 14.32 -50.09
C VAL J 271 -20.06 14.36 -48.66
N ALA J 272 -18.87 13.79 -48.43
CA ALA J 272 -18.28 13.82 -47.10
C ALA J 272 -18.03 15.23 -46.63
N ILE J 273 -17.47 16.07 -47.49
CA ILE J 273 -17.18 17.45 -47.10
C ILE J 273 -18.47 18.20 -46.80
N PHE J 274 -19.46 18.04 -47.66
CA PHE J 274 -20.76 18.69 -47.51
C PHE J 274 -21.43 18.27 -46.20
N SER J 275 -21.42 16.98 -45.91
CA SER J 275 -22.01 16.47 -44.68
C SER J 275 -21.25 16.91 -43.44
N ALA J 276 -19.93 17.06 -43.52
CA ALA J 276 -19.17 17.54 -42.37
C ALA J 276 -19.36 19.02 -42.13
N PHE J 277 -19.50 19.82 -43.19
CA PHE J 277 -19.73 21.25 -43.00
C PHE J 277 -21.16 21.53 -42.57
N ALA J 278 -22.11 20.71 -42.99
CA ALA J 278 -23.51 20.88 -42.60
C ALA J 278 -23.76 20.47 -41.16
N ALA J 279 -22.91 19.62 -40.58
CA ALA J 279 -23.06 19.20 -39.20
C ALA J 279 -22.38 20.12 -38.22
N VAL J 280 -21.59 21.09 -38.69
CA VAL J 280 -20.91 22.04 -37.83
C VAL J 280 -21.74 23.30 -37.65
N MET J 281 -22.41 23.77 -38.70
CA MET J 281 -23.19 24.99 -38.57
C MET J 281 -24.55 24.77 -37.93
N HIS J 282 -24.96 23.53 -37.72
CA HIS J 282 -26.13 23.25 -36.89
C HIS J 282 -25.76 23.12 -35.43
N ILE J 283 -24.63 22.48 -35.12
CA ILE J 283 -24.15 22.46 -33.75
C ILE J 283 -23.83 23.86 -33.27
N ALA J 284 -23.24 24.68 -34.14
CA ALA J 284 -22.96 26.07 -33.79
C ALA J 284 -24.24 26.83 -33.49
N GLU J 285 -25.28 26.63 -34.28
CA GLU J 285 -26.55 27.31 -34.03
C GLU J 285 -27.18 26.85 -32.72
N LEU J 286 -27.14 25.54 -32.45
CA LEU J 286 -27.70 25.03 -31.20
C LEU J 286 -26.94 25.59 -30.00
N ALA J 287 -25.61 25.65 -30.10
CA ALA J 287 -24.82 26.23 -29.02
C ALA J 287 -25.07 27.72 -28.87
N ARG J 288 -25.29 28.43 -29.98
CA ARG J 288 -25.63 29.84 -29.91
C ARG J 288 -26.93 30.08 -29.17
N GLU J 289 -27.95 29.27 -29.45
CA GLU J 289 -29.25 29.50 -28.80
C GLU J 289 -29.19 29.40 -27.30
N LYS J 290 -28.14 28.80 -26.75
CA LYS J 290 -27.89 28.80 -25.32
C LYS J 290 -26.91 29.90 -24.94
N LYS J 291 -26.98 31.00 -25.68
CA LYS J 291 -26.02 32.11 -25.59
C LYS J 291 -24.57 31.62 -25.62
N PRO K 51 10.22 68.12 -38.41
CA PRO K 51 10.61 67.47 -39.67
C PRO K 51 9.52 67.57 -40.72
N THR K 52 9.88 67.44 -41.99
CA THR K 52 8.91 67.36 -43.07
C THR K 52 8.70 65.93 -43.53
N THR K 53 9.32 64.96 -42.87
CA THR K 53 9.05 63.56 -43.18
C THR K 53 7.82 63.04 -42.45
N MET K 54 7.31 63.79 -41.47
CA MET K 54 6.09 63.42 -40.79
C MET K 54 4.90 64.06 -41.48
N LEU K 55 3.71 63.53 -41.18
CA LEU K 55 2.51 63.93 -41.89
C LEU K 55 2.04 65.29 -41.39
N GLU K 56 0.96 65.79 -41.98
CA GLU K 56 0.32 67.00 -41.51
C GLU K 56 -1.14 66.83 -41.13
N GLU K 57 -1.73 65.71 -41.52
CA GLU K 57 -3.15 65.49 -41.30
C GLU K 57 -3.55 64.36 -40.37
N ARG K 58 -2.65 63.43 -40.08
CA ARG K 58 -2.88 62.31 -39.17
C ARG K 58 -4.08 61.48 -39.63
N ASP K 59 -3.87 60.79 -40.74
CA ASP K 59 -4.91 60.00 -41.37
C ASP K 59 -4.44 58.59 -41.68
N ASN K 60 -5.41 57.68 -41.85
CA ASN K 60 -5.20 56.28 -42.19
C ASN K 60 -5.89 56.02 -43.52
N LEU K 61 -5.17 55.47 -44.48
CA LEU K 61 -5.76 55.23 -45.79
C LEU K 61 -6.48 53.89 -45.82
N TRP K 62 -7.56 53.82 -46.60
CA TRP K 62 -8.35 52.60 -46.70
C TRP K 62 -7.85 51.78 -47.89
N GLU K 63 -7.22 50.67 -47.54
CA GLU K 63 -6.64 49.72 -48.47
C GLU K 63 -7.38 48.38 -48.46
N ILE K 64 -6.75 47.31 -48.92
CA ILE K 64 -7.36 46.04 -49.34
C ILE K 64 -8.53 45.64 -48.46
N GLY K 65 -8.36 45.62 -47.15
CA GLY K 65 -9.46 45.23 -46.29
C GLY K 65 -10.08 46.33 -45.45
N GLY K 66 -9.23 47.23 -44.95
CA GLY K 66 -9.66 48.30 -44.09
C GLY K 66 -8.52 49.26 -43.87
N PRO K 67 -8.65 50.19 -42.92
CA PRO K 67 -7.52 51.06 -42.63
C PRO K 67 -6.58 50.50 -41.58
N TYR K 68 -6.38 49.19 -41.61
CA TYR K 68 -5.58 48.40 -40.68
C TYR K 68 -5.40 47.04 -41.29
N TRP K 69 -4.25 46.42 -41.04
CA TRP K 69 -4.16 45.01 -41.36
C TRP K 69 -5.06 44.27 -40.37
N TRP K 70 -5.25 42.98 -40.58
CA TRP K 70 -6.11 42.22 -39.67
C TRP K 70 -7.50 42.84 -39.60
N PRO K 71 -8.32 42.65 -40.63
CA PRO K 71 -9.52 43.48 -40.82
C PRO K 71 -10.76 42.95 -40.12
N PHE K 72 -10.61 42.66 -38.82
CA PHE K 72 -11.72 42.16 -38.01
C PHE K 72 -12.12 43.20 -36.98
N SER K 73 -13.18 42.93 -36.22
CA SER K 73 -13.70 43.89 -35.27
C SER K 73 -13.01 43.85 -33.93
N SER K 74 -12.24 42.79 -33.64
CA SER K 74 -11.51 42.67 -32.39
C SER K 74 -10.06 43.09 -32.60
N PHE K 75 -9.88 44.37 -32.93
CA PHE K 75 -8.54 44.87 -33.20
C PHE K 75 -8.46 46.32 -32.77
N THR K 76 -7.48 46.62 -31.92
CA THR K 76 -7.16 47.97 -31.50
C THR K 76 -5.71 48.22 -31.89
N PRO K 77 -5.40 49.35 -32.54
CA PRO K 77 -4.05 49.54 -33.03
C PRO K 77 -3.07 49.70 -31.88
N PRO K 78 -1.79 49.42 -32.11
CA PRO K 78 -0.80 49.57 -31.04
C PRO K 78 -0.76 51.00 -30.53
N ALA K 79 -0.39 51.14 -29.26
CA ALA K 79 -0.46 52.44 -28.61
C ALA K 79 0.51 53.44 -29.23
N HIS K 80 1.65 52.97 -29.75
CA HIS K 80 2.66 53.90 -30.22
C HIS K 80 2.47 54.29 -31.68
N LEU K 81 1.53 53.63 -32.38
CA LEU K 81 1.22 53.94 -33.78
C LEU K 81 -0.15 54.61 -33.82
N ASP K 82 -0.17 55.90 -34.09
CA ASP K 82 -1.39 56.68 -33.96
C ASP K 82 -1.76 57.45 -35.22
N GLY K 83 -1.05 57.25 -36.31
CA GLY K 83 -1.36 57.90 -37.55
C GLY K 83 -0.51 59.08 -37.93
N SER K 84 0.62 59.30 -37.25
CA SER K 84 1.43 60.48 -37.48
C SER K 84 2.47 60.30 -38.59
N LEU K 85 2.78 59.08 -38.98
CA LEU K 85 3.79 58.86 -40.00
C LEU K 85 3.17 58.30 -41.27
N PRO K 86 3.80 58.53 -42.43
CA PRO K 86 3.27 57.98 -43.67
C PRO K 86 3.25 56.47 -43.66
N GLY K 87 2.22 55.91 -44.31
CA GLY K 87 2.11 54.48 -44.46
C GLY K 87 1.61 53.72 -43.26
N ASP K 88 0.94 54.40 -42.33
CA ASP K 88 0.53 53.75 -41.09
C ASP K 88 -0.60 52.77 -41.34
N ARG K 89 -0.49 51.60 -40.71
CA ARG K 89 -1.55 50.59 -40.72
C ARG K 89 -1.64 49.85 -39.39
N GLY K 90 -0.93 50.29 -38.37
CA GLY K 90 -0.88 49.55 -37.12
C GLY K 90 -0.30 48.16 -37.25
N PHE K 91 0.74 47.97 -38.04
CA PHE K 91 1.33 46.65 -38.17
C PHE K 91 2.54 46.52 -37.25
N ASP K 92 2.39 45.76 -36.18
CA ASP K 92 3.44 45.54 -35.21
C ASP K 92 3.16 44.31 -34.35
N PRO K 93 3.16 43.10 -34.89
CA PRO K 93 2.95 41.93 -34.04
C PRO K 93 4.02 41.77 -32.96
N PHE K 94 5.29 41.73 -33.35
CA PHE K 94 6.37 41.83 -32.38
C PHE K 94 6.69 43.30 -32.17
N SER K 95 6.56 43.79 -30.93
CA SER K 95 6.62 45.22 -30.69
C SER K 95 8.07 45.70 -30.81
N LEU K 96 8.50 45.89 -32.06
CA LEU K 96 9.85 46.35 -32.33
C LEU K 96 9.96 47.85 -32.43
N GLY K 97 8.87 48.59 -32.21
CA GLY K 97 8.92 50.02 -32.32
C GLY K 97 9.16 50.71 -30.99
N THR K 98 9.03 49.96 -29.90
CA THR K 98 9.38 50.44 -28.58
C THR K 98 10.75 49.96 -28.10
N SER K 99 11.34 49.01 -28.80
CA SER K 99 12.70 48.56 -28.52
C SER K 99 13.45 48.65 -29.84
N TRP K 100 14.60 47.98 -29.94
CA TRP K 100 15.29 47.78 -31.20
C TRP K 100 15.75 49.11 -31.81
N GLY K 101 16.70 49.73 -31.15
CA GLY K 101 17.39 50.86 -31.74
C GLY K 101 17.69 51.93 -30.71
N GLN K 102 18.65 52.79 -31.04
CA GLN K 102 18.97 53.95 -30.22
C GLN K 102 19.26 55.12 -31.14
N PRO K 103 18.34 56.09 -31.23
CA PRO K 103 18.53 57.19 -32.16
C PRO K 103 19.70 58.06 -31.75
N PRO K 104 20.39 58.68 -32.70
CA PRO K 104 21.47 59.62 -32.36
C PRO K 104 20.94 60.98 -31.92
N VAL K 105 20.31 61.01 -30.76
CA VAL K 105 19.81 62.24 -30.18
C VAL K 105 20.35 62.37 -28.76
N ASP K 106 20.27 63.57 -28.22
CA ASP K 106 20.72 63.80 -26.86
C ASP K 106 19.80 62.95 -26.00
N VAL K 107 20.39 62.18 -25.09
CA VAL K 107 19.61 61.31 -24.20
C VAL K 107 18.92 62.16 -23.13
N SER K 108 17.87 61.61 -22.55
CA SER K 108 17.06 62.24 -21.51
C SER K 108 16.35 63.49 -22.00
N ASP K 109 16.20 63.64 -23.30
CA ASP K 109 15.45 64.77 -23.78
C ASP K 109 14.02 64.24 -23.94
N PRO K 110 13.02 65.07 -23.60
CA PRO K 110 11.61 64.66 -23.74
C PRO K 110 11.24 64.40 -25.18
N ASN K 111 10.32 63.47 -25.35
CA ASN K 111 9.94 62.92 -26.66
C ASN K 111 11.11 62.14 -27.26
N TYR K 112 11.62 61.20 -26.46
CA TYR K 112 12.67 60.29 -26.89
C TYR K 112 12.10 59.00 -27.46
N ASP K 113 10.95 58.55 -26.97
CA ASP K 113 10.35 57.33 -27.51
C ASP K 113 9.80 57.53 -28.90
N GLU K 114 9.45 58.77 -29.27
CA GLU K 114 9.03 59.05 -30.63
C GLU K 114 10.20 59.16 -31.59
N SER K 115 11.34 59.67 -31.13
CA SER K 115 12.54 59.75 -31.95
C SER K 115 13.01 58.40 -32.44
N ARG K 116 12.75 57.34 -31.68
CA ARG K 116 13.12 56.02 -32.15
C ARG K 116 12.27 55.56 -33.32
N LEU K 117 10.97 55.90 -33.36
CA LEU K 117 10.19 55.56 -34.53
C LEU K 117 10.63 56.36 -35.75
N ARG K 118 11.05 57.60 -35.54
CA ARG K 118 11.57 58.39 -36.65
C ARG K 118 12.88 57.82 -37.17
N TRP K 119 13.75 57.35 -36.29
CA TRP K 119 14.97 56.68 -36.73
C TRP K 119 14.66 55.42 -37.53
N LEU K 120 13.71 54.60 -37.05
CA LEU K 120 13.35 53.40 -37.80
C LEU K 120 12.69 53.75 -39.13
N LEU K 121 11.92 54.83 -39.20
CA LEU K 121 11.35 55.25 -40.47
C LEU K 121 12.42 55.73 -41.43
N GLU K 122 13.43 56.42 -40.91
CA GLU K 122 14.58 56.78 -41.73
C GLU K 122 15.24 55.55 -42.30
N GLY K 123 15.39 54.50 -41.48
CA GLY K 123 15.99 53.26 -41.95
C GLY K 123 15.15 52.57 -43.00
N GLU K 124 13.84 52.59 -42.82
CA GLU K 124 12.91 51.97 -43.79
C GLU K 124 12.98 52.67 -45.13
N LEU K 125 12.97 54.01 -45.12
CA LEU K 125 13.07 54.76 -46.36
C LEU K 125 14.42 54.55 -47.02
N TYR K 126 15.48 54.52 -46.24
CA TYR K 126 16.80 54.31 -46.80
C TYR K 126 16.92 52.94 -47.45
N ASN K 127 16.39 51.91 -46.81
CA ASN K 127 16.48 50.58 -47.40
C ASN K 127 15.61 50.46 -48.64
N GLY K 128 14.48 51.17 -48.67
CA GLY K 128 13.62 51.09 -49.83
C GLY K 128 14.16 51.85 -51.03
N ARG K 129 14.84 52.97 -50.77
CA ARG K 129 15.36 53.77 -51.86
C ARG K 129 16.47 53.05 -52.63
N LEU K 130 17.17 52.10 -51.98
CA LEU K 130 18.14 51.29 -52.70
C LEU K 130 17.50 50.15 -53.46
N ALA K 131 16.45 49.55 -52.89
CA ALA K 131 15.77 48.46 -53.57
C ALA K 131 15.06 48.96 -54.82
N MET K 132 14.51 50.18 -54.78
CA MET K 132 13.84 50.69 -55.97
C MET K 132 14.83 50.96 -57.09
N LEU K 133 16.08 51.30 -56.76
CA LEU K 133 17.09 51.45 -57.79
C LEU K 133 17.59 50.10 -58.28
N ALA K 134 17.73 49.14 -57.37
CA ALA K 134 18.25 47.83 -57.75
C ALA K 134 17.28 47.08 -58.63
N VAL K 135 15.98 47.23 -58.40
CA VAL K 135 14.99 46.56 -59.25
C VAL K 135 15.08 47.08 -60.67
N VAL K 136 15.14 48.40 -60.83
CA VAL K 136 15.29 48.99 -62.16
C VAL K 136 16.59 48.54 -62.79
N GLY K 137 17.68 48.53 -62.02
CA GLY K 137 18.97 48.16 -62.57
C GLY K 137 19.12 46.71 -62.93
N VAL K 138 18.34 45.82 -62.30
CA VAL K 138 18.38 44.43 -62.70
C VAL K 138 17.40 44.15 -63.83
N LEU K 139 16.29 44.88 -63.92
CA LEU K 139 15.37 44.66 -65.03
C LEU K 139 15.92 45.26 -66.32
N THR K 140 16.66 46.36 -66.25
CA THR K 140 17.18 46.99 -67.46
C THR K 140 18.45 46.34 -67.97
N VAL K 141 18.94 45.32 -67.28
CA VAL K 141 20.12 44.58 -67.68
C VAL K 141 19.81 43.13 -68.00
N GLU K 142 19.12 42.45 -67.08
CA GLU K 142 18.82 41.04 -67.31
C GLU K 142 17.85 40.87 -68.47
N ALA K 143 16.99 41.87 -68.70
CA ALA K 143 16.01 41.81 -69.76
C ALA K 143 16.43 42.59 -70.99
N GLN K 144 17.73 42.90 -71.13
CA GLN K 144 18.21 43.56 -72.33
C GLN K 144 19.19 42.69 -73.10
N GLY K 145 20.33 42.33 -72.52
CA GLY K 145 21.21 41.42 -73.23
C GLY K 145 21.95 40.39 -72.40
N LYS K 146 21.96 40.57 -71.08
CA LYS K 146 22.99 39.93 -70.27
C LYS K 146 22.45 38.71 -69.55
N GLY K 147 23.38 37.87 -69.11
CA GLY K 147 23.04 36.61 -68.50
C GLY K 147 22.48 36.78 -67.11
N PRO K 148 22.68 35.77 -66.26
CA PRO K 148 22.21 35.88 -64.87
C PRO K 148 22.82 37.10 -64.19
N TRP K 149 21.96 37.85 -63.50
CA TRP K 149 22.39 39.09 -62.85
C TRP K 149 23.25 38.81 -61.62
N TRP K 150 23.24 37.58 -61.12
CA TRP K 150 24.01 37.22 -59.94
C TRP K 150 25.39 36.67 -60.29
N GLU K 151 25.82 36.84 -61.54
CA GLU K 151 27.17 36.47 -61.94
C GLU K 151 27.92 37.64 -62.55
N ILE K 152 27.28 38.80 -62.72
CA ILE K 152 27.97 39.97 -63.25
C ILE K 152 29.13 40.42 -62.37
N PRO K 153 28.97 40.60 -61.05
CA PRO K 153 30.12 41.04 -60.24
C PRO K 153 31.28 40.06 -60.27
N GLY K 154 31.02 38.77 -60.40
CA GLY K 154 32.07 37.78 -60.47
C GLY K 154 32.77 37.69 -61.81
N ASN K 155 32.34 38.47 -62.81
CA ASN K 155 32.95 38.47 -64.13
C ASN K 155 33.57 39.82 -64.45
N LEU K 156 33.91 40.60 -63.42
CA LEU K 156 34.68 41.82 -63.60
C LEU K 156 36.17 41.61 -63.43
N ASN K 157 36.58 40.52 -62.79
CA ASN K 157 37.98 40.22 -62.50
C ASN K 157 38.64 41.40 -61.79
N LEU K 158 38.14 41.69 -60.59
CA LEU K 158 38.65 42.78 -59.77
C LEU K 158 39.53 42.17 -58.70
N PHE K 159 40.84 42.39 -58.81
CA PHE K 159 41.78 41.90 -57.83
C PHE K 159 43.01 42.81 -57.80
N GLY K 160 43.74 42.76 -56.70
CA GLY K 160 44.92 43.57 -56.54
C GLY K 160 44.63 45.02 -56.24
N THR K 161 45.48 45.91 -56.74
CA THR K 161 45.40 47.35 -56.48
C THR K 161 44.09 48.02 -56.88
N PRO K 162 43.51 47.73 -58.05
CA PRO K 162 42.25 48.42 -58.40
C PRO K 162 41.15 48.18 -57.40
N TYR K 163 41.04 46.95 -56.87
CA TYR K 163 40.06 46.65 -55.85
C TYR K 163 40.26 47.53 -54.63
N VAL K 164 41.51 47.62 -54.17
CA VAL K 164 41.80 48.38 -52.96
C VAL K 164 41.49 49.87 -53.16
N VAL K 165 41.90 50.44 -54.29
CA VAL K 165 41.68 51.86 -54.48
C VAL K 165 40.19 52.16 -54.63
N ALA K 166 39.45 51.28 -55.34
CA ALA K 166 38.01 51.49 -55.48
C ALA K 166 37.32 51.43 -54.13
N VAL K 167 37.65 50.42 -53.31
CA VAL K 167 37.03 50.30 -52.00
C VAL K 167 37.32 51.52 -51.15
N VAL K 168 38.58 51.94 -51.10
CA VAL K 168 38.95 53.06 -50.25
C VAL K 168 38.27 54.35 -50.70
N GLY K 169 38.24 54.61 -52.01
CA GLY K 169 37.58 55.83 -52.47
C GLY K 169 36.08 55.84 -52.22
N GLY K 170 35.42 54.72 -52.52
CA GLY K 170 34.00 54.64 -52.24
C GLY K 170 33.69 54.85 -50.78
N HIS K 171 34.47 54.24 -49.89
CA HIS K 171 34.24 54.41 -48.47
C HIS K 171 34.52 55.85 -48.02
N LEU K 172 35.54 56.50 -48.58
CA LEU K 172 35.75 57.91 -48.26
C LEU K 172 34.51 58.73 -48.58
N ALA K 173 33.97 58.56 -49.79
CA ALA K 173 32.80 59.35 -50.17
C ALA K 173 31.61 59.02 -49.26
N PHE K 174 31.36 57.74 -49.01
CA PHE K 174 30.19 57.38 -48.21
C PHE K 174 30.34 57.83 -46.77
N ALA K 175 31.54 57.74 -46.20
CA ALA K 175 31.76 58.24 -44.85
C ALA K 175 31.54 59.74 -44.77
N LEU K 176 32.00 60.50 -45.77
CA LEU K 176 31.73 61.93 -45.75
C LEU K 176 30.23 62.23 -45.83
N LEU K 177 29.47 61.44 -46.58
CA LEU K 177 28.03 61.69 -46.67
C LEU K 177 27.31 61.28 -45.39
N GLU K 178 27.66 60.10 -44.88
CA GLU K 178 27.04 59.57 -43.67
C GLU K 178 27.30 60.45 -42.47
N LYS K 179 28.51 60.97 -42.32
CA LYS K 179 28.80 61.91 -41.25
C LYS K 179 27.81 63.06 -41.25
N LYS K 180 27.53 63.59 -42.44
CA LYS K 180 26.59 64.70 -42.56
C LYS K 180 25.18 64.25 -42.21
N ARG K 181 24.80 63.04 -42.58
CA ARG K 181 23.48 62.52 -42.23
C ARG K 181 23.30 62.41 -40.73
N LEU K 182 24.27 61.78 -40.04
CA LEU K 182 24.20 61.66 -38.60
C LEU K 182 24.19 63.03 -37.95
N GLU K 183 24.95 63.97 -38.52
CA GLU K 183 25.07 65.30 -37.96
C GLU K 183 23.82 66.13 -38.21
N ASN K 184 23.02 65.75 -39.22
CA ASN K 184 21.76 66.44 -39.49
C ASN K 184 20.63 65.91 -38.62
N PHE K 185 20.55 64.59 -38.44
CA PHE K 185 19.46 64.02 -37.64
C PHE K 185 19.41 64.61 -36.24
N ARG K 186 20.54 65.06 -35.72
CA ARG K 186 20.62 65.33 -34.29
C ARG K 186 20.10 66.71 -33.94
N GLU K 187 20.21 67.68 -34.85
CA GLU K 187 19.65 69.00 -34.62
C GLU K 187 18.20 69.09 -35.08
N THR K 188 17.92 68.57 -36.27
CA THR K 188 16.57 68.46 -36.80
C THR K 188 16.28 66.98 -37.05
N GLY K 189 15.11 66.52 -36.63
CA GLY K 189 14.84 65.10 -36.69
C GLY K 189 14.64 64.56 -38.09
N GLU K 190 15.63 64.76 -38.95
CA GLU K 190 15.55 64.32 -40.34
C GLU K 190 16.97 64.18 -40.88
N ALA K 191 17.11 63.34 -41.91
CA ALA K 191 18.44 63.02 -42.42
C ALA K 191 18.36 62.81 -43.93
N GLY K 192 18.66 63.85 -44.68
CA GLY K 192 18.77 63.71 -46.12
C GLY K 192 20.14 63.22 -46.54
N HIS K 193 20.16 62.44 -47.61
CA HIS K 193 21.36 61.68 -47.96
C HIS K 193 22.38 62.47 -48.76
N PHE K 194 21.94 63.47 -49.51
CA PHE K 194 22.87 64.12 -50.43
C PHE K 194 23.39 65.50 -50.08
N GLY K 195 24.00 65.62 -48.94
CA GLY K 195 24.59 66.89 -48.55
C GLY K 195 23.62 67.89 -47.97
N ALA K 196 22.33 67.63 -48.05
CA ALA K 196 21.33 68.52 -47.48
C ALA K 196 20.39 67.72 -46.59
N ALA K 197 19.82 68.41 -45.61
CA ALA K 197 18.93 67.73 -44.67
C ALA K 197 17.62 67.30 -45.35
N ARG K 198 17.25 67.97 -46.44
CA ARG K 198 15.93 67.76 -47.01
C ARG K 198 15.94 67.41 -48.49
N PHE K 199 16.89 67.94 -49.25
CA PHE K 199 17.04 67.58 -50.66
C PHE K 199 15.80 67.70 -51.56
N ASP K 200 15.35 68.92 -51.80
CA ASP K 200 14.23 69.16 -52.69
C ASP K 200 14.70 70.12 -53.77
N PRO K 201 15.61 69.66 -54.63
CA PRO K 201 16.14 70.54 -55.68
C PRO K 201 15.04 71.11 -56.56
N LEU K 202 14.06 70.30 -56.91
CA LEU K 202 12.82 70.75 -57.54
C LEU K 202 11.73 70.57 -56.49
N ASP K 203 11.13 71.67 -56.05
CA ASP K 203 10.21 71.62 -54.93
C ASP K 203 8.94 70.89 -55.36
N LEU K 204 8.86 69.60 -55.04
CA LEU K 204 7.71 68.78 -55.41
C LEU K 204 7.14 68.01 -54.24
N THR K 205 7.58 68.27 -53.02
CA THR K 205 7.11 67.51 -51.87
C THR K 205 5.64 67.79 -51.57
N GLU K 206 5.07 68.86 -52.10
CA GLU K 206 3.67 69.20 -51.90
C GLU K 206 3.03 69.66 -53.19
N ALA K 207 3.48 69.11 -54.31
CA ALA K 207 3.09 69.58 -55.64
C ALA K 207 2.44 68.45 -56.42
N ASN K 208 1.53 67.75 -55.79
CA ASN K 208 0.79 66.68 -56.43
C ASN K 208 -0.68 67.05 -56.46
N PRO K 209 -1.34 67.04 -57.62
CA PRO K 209 -2.72 67.53 -57.73
C PRO K 209 -3.78 66.54 -57.25
N LEU K 210 -3.49 65.86 -56.14
CA LEU K 210 -4.50 65.05 -55.48
C LEU K 210 -4.45 65.16 -53.97
N GLY K 211 -3.66 66.06 -53.42
CA GLY K 211 -3.58 66.22 -51.98
C GLY K 211 -2.28 66.88 -51.59
N THR K 212 -2.21 67.26 -50.32
CA THR K 212 -1.01 67.88 -49.80
C THR K 212 0.09 66.85 -49.55
N ASP K 213 -0.15 65.92 -48.65
CA ASP K 213 0.81 64.87 -48.29
C ASP K 213 0.54 63.57 -49.06
N TYR K 214 0.60 63.66 -50.39
CA TYR K 214 0.42 62.51 -51.26
C TYR K 214 1.74 61.84 -51.62
N ASN K 215 2.76 62.64 -51.92
CA ASN K 215 4.06 62.09 -52.28
C ASN K 215 4.66 61.29 -51.13
N ARG K 216 4.49 61.78 -49.90
CA ARG K 216 5.04 61.10 -48.73
C ARG K 216 4.43 59.72 -48.56
N GLN K 217 3.13 59.59 -48.80
CA GLN K 217 2.48 58.29 -48.71
C GLN K 217 2.78 57.41 -49.91
N ALA K 218 3.08 57.99 -51.08
CA ALA K 218 3.38 57.18 -52.25
C ALA K 218 4.80 56.61 -52.21
N GLU K 219 5.73 57.37 -51.67
CA GLU K 219 7.12 56.94 -51.62
C GLU K 219 7.42 55.79 -50.68
N VAL K 220 6.74 55.75 -49.55
CA VAL K 220 6.97 54.75 -48.53
C VAL K 220 6.29 53.46 -48.94
N ARG K 221 5.41 53.53 -49.93
CA ARG K 221 4.70 52.36 -50.43
C ARG K 221 5.34 51.77 -51.66
N ASN K 222 5.95 52.61 -52.49
CA ASN K 222 6.66 52.09 -53.63
C ASN K 222 7.92 51.41 -53.11
N CYS K 223 8.61 52.05 -52.16
CA CYS K 223 9.79 51.44 -51.56
C CYS K 223 9.48 50.14 -50.85
N ARG K 224 8.37 50.10 -50.15
CA ARG K 224 7.91 48.90 -49.47
C ARG K 224 7.60 47.76 -50.42
N LEU K 225 7.01 48.04 -51.57
CA LEU K 225 6.79 47.03 -52.59
C LEU K 225 8.09 46.56 -53.24
N ALA K 226 9.01 47.48 -53.53
CA ALA K 226 10.26 47.11 -54.15
C ALA K 226 11.15 46.23 -53.28
N MET K 227 11.09 46.38 -51.95
CA MET K 227 11.92 45.54 -51.09
C MET K 227 11.57 44.07 -51.23
N LEU K 228 10.30 43.72 -51.09
CA LEU K 228 9.96 42.31 -51.22
C LEU K 228 9.92 41.87 -52.68
N THR K 229 9.81 42.81 -53.62
CA THR K 229 10.11 42.49 -55.01
C THR K 229 11.52 41.93 -55.14
N PHE K 230 12.50 42.64 -54.60
CA PHE K 230 13.88 42.18 -54.70
C PHE K 230 14.15 40.93 -53.88
N LEU K 231 13.52 40.78 -52.73
CA LEU K 231 13.61 39.51 -52.01
C LEU K 231 13.08 38.37 -52.89
N GLY K 232 12.02 38.64 -53.66
CA GLY K 232 11.54 37.63 -54.58
C GLY K 232 12.53 37.30 -55.67
N PHE K 233 13.23 38.29 -56.19
CA PHE K 233 14.26 38.02 -57.20
C PHE K 233 15.37 37.17 -56.60
N SER K 234 15.79 37.48 -55.39
CA SER K 234 16.90 36.76 -54.79
C SER K 234 16.53 35.32 -54.45
N VAL K 235 15.30 35.09 -54.00
CA VAL K 235 14.93 33.71 -53.65
C VAL K 235 14.54 32.93 -54.90
N GLN K 236 14.05 33.61 -55.92
CA GLN K 236 13.69 32.94 -57.17
C GLN K 236 14.93 32.45 -57.89
N ALA K 237 15.98 33.26 -57.89
CA ALA K 237 17.22 32.87 -58.57
C ALA K 237 17.90 31.67 -57.92
N TRP K 238 17.56 31.34 -56.68
CA TRP K 238 18.21 30.24 -55.97
C TRP K 238 17.41 28.95 -56.01
N VAL K 239 16.11 29.01 -56.26
CA VAL K 239 15.29 27.82 -56.37
C VAL K 239 15.11 27.35 -57.81
N THR K 240 14.90 28.27 -58.75
CA THR K 240 14.64 27.91 -60.13
C THR K 240 15.90 27.84 -60.97
N GLY K 241 16.87 28.71 -60.72
CA GLY K 241 18.06 28.82 -61.55
C GLY K 241 17.91 29.72 -62.75
N LYS K 242 16.70 30.11 -63.11
CA LYS K 242 16.46 30.94 -64.28
C LYS K 242 16.55 32.41 -63.88
N GLY K 243 16.06 33.29 -64.74
CA GLY K 243 16.02 34.70 -64.44
C GLY K 243 14.63 35.17 -64.10
N PRO K 244 14.49 36.47 -63.85
CA PRO K 244 13.15 37.02 -63.54
C PRO K 244 12.15 36.86 -64.66
N ILE K 245 12.46 37.33 -65.87
CA ILE K 245 11.51 37.27 -66.96
C ILE K 245 11.25 35.83 -67.37
N GLU K 246 12.29 35.00 -67.32
CA GLU K 246 12.19 33.60 -67.68
C GLU K 246 11.32 32.81 -66.72
N ASN K 247 10.99 33.37 -65.56
CA ASN K 247 10.03 32.74 -64.65
C ASN K 247 8.61 33.23 -64.89
N ALA K 248 8.44 34.53 -65.15
CA ALA K 248 7.13 35.07 -65.46
C ALA K 248 6.58 34.43 -66.73
N LYS K 249 7.40 34.32 -67.77
CA LYS K 249 6.92 33.73 -69.02
C LYS K 249 6.62 32.25 -68.84
N ASP K 250 7.43 31.54 -68.07
CA ASP K 250 7.15 30.13 -67.80
C ASP K 250 5.84 29.97 -67.05
N HIS K 251 5.53 30.86 -66.13
CA HIS K 251 4.28 30.75 -65.40
C HIS K 251 3.09 31.10 -66.29
N LEU K 252 3.26 32.10 -67.16
CA LEU K 252 2.13 32.52 -68.00
C LEU K 252 1.87 31.51 -69.10
N ALA K 253 2.89 30.77 -69.53
CA ALA K 253 2.71 29.76 -70.55
C ALA K 253 1.76 28.67 -70.09
N SER K 254 2.02 28.08 -68.93
CA SER K 254 1.23 26.98 -68.41
C SER K 254 1.24 27.01 -66.89
N PRO K 255 0.28 27.71 -66.29
CA PRO K 255 0.36 27.99 -64.85
C PRO K 255 -0.12 26.85 -63.97
N PHE K 256 0.30 25.62 -64.22
CA PHE K 256 0.02 24.56 -63.26
C PHE K 256 1.17 23.60 -63.05
N GLU K 257 2.25 23.69 -63.82
CA GLU K 257 3.49 23.00 -63.51
C GLU K 257 4.69 23.93 -63.39
N ALA K 258 4.61 25.15 -63.90
CA ALA K 258 5.66 26.15 -63.73
C ALA K 258 5.33 27.04 -62.53
N ASN K 259 5.20 26.41 -61.37
CA ASN K 259 4.94 27.09 -60.12
C ASN K 259 5.99 26.68 -59.09
N ILE K 260 5.81 27.14 -57.86
CA ILE K 260 6.81 26.87 -56.82
C ILE K 260 6.79 25.40 -56.41
N PHE K 261 5.62 24.78 -56.37
CA PHE K 261 5.50 23.41 -55.88
C PHE K 261 6.05 22.31 -56.77
N THR K 262 6.66 22.67 -57.89
CA THR K 262 7.12 21.66 -58.84
C THR K 262 8.62 21.72 -59.11
N TYR K 263 9.38 22.39 -58.28
CA TYR K 263 10.82 22.52 -58.52
C TYR K 263 11.71 21.66 -57.66
N GLY K 264 11.10 20.77 -56.88
CA GLY K 264 11.90 19.87 -56.06
C GLY K 264 11.85 20.13 -54.57
N ASP K 265 13.00 19.99 -53.92
CA ASP K 265 13.06 20.08 -52.46
C ASP K 265 13.21 21.53 -52.00
N ARG K 266 13.88 22.37 -52.79
CA ARG K 266 14.03 23.77 -52.41
C ARG K 266 12.68 24.48 -52.39
N GLY K 267 11.86 24.25 -53.42
CA GLY K 267 10.54 24.86 -53.45
C GLY K 267 9.65 24.42 -52.31
N THR K 268 9.93 23.27 -51.72
CA THR K 268 9.22 22.82 -50.54
C THR K 268 9.80 23.41 -49.26
N ASN K 269 11.13 23.53 -49.19
CA ASN K 269 11.75 24.13 -48.02
C ASN K 269 11.34 25.59 -47.86
N VAL K 270 11.29 26.34 -48.95
CA VAL K 270 10.88 27.74 -48.87
C VAL K 270 9.44 27.84 -48.41
N VAL K 271 8.56 26.99 -48.95
CA VAL K 271 7.16 27.01 -48.54
C VAL K 271 7.04 26.68 -47.06
N ALA K 272 7.80 25.69 -46.60
CA ALA K 272 7.76 25.33 -45.19
C ALA K 272 8.21 26.48 -44.31
N ILE K 273 9.30 27.14 -44.67
CA ILE K 273 9.80 28.25 -43.87
C ILE K 273 8.78 29.38 -43.83
N PHE K 274 8.24 29.72 -45.00
CA PHE K 274 7.25 30.78 -45.13
C PHE K 274 6.01 30.50 -44.29
N SER K 275 5.51 29.27 -44.36
CA SER K 275 4.35 28.87 -43.58
C SER K 275 4.63 28.84 -42.09
N ALA K 276 5.83 28.48 -41.66
CA ALA K 276 6.16 28.50 -40.25
C ALA K 276 6.34 29.91 -39.71
N PHE K 277 6.89 30.81 -40.51
CA PHE K 277 7.04 32.20 -40.04
C PHE K 277 5.72 32.94 -40.07
N ALA K 278 4.83 32.60 -40.99
CA ALA K 278 3.52 33.23 -41.06
C ALA K 278 2.58 32.77 -39.96
N ALA K 279 2.83 31.60 -39.37
CA ALA K 279 2.00 31.10 -38.28
C ALA K 279 2.46 31.57 -36.92
N VAL K 280 3.62 32.22 -36.83
CA VAL K 280 4.13 32.73 -35.57
C VAL K 280 3.71 34.18 -35.36
N MET K 281 3.71 34.99 -36.42
CA MET K 281 3.36 36.40 -36.24
C MET K 281 1.85 36.62 -36.19
N HIS K 282 1.03 35.61 -36.48
CA HIS K 282 -0.38 35.70 -36.19
C HIS K 282 -0.72 35.25 -34.78
N ILE K 283 -0.06 34.21 -34.28
CA ILE K 283 -0.22 33.84 -32.88
C ILE K 283 0.29 34.95 -31.98
N ALA K 284 1.40 35.59 -32.35
CA ALA K 284 1.90 36.71 -31.57
C ALA K 284 0.91 37.85 -31.54
N GLU K 285 0.27 38.16 -32.67
CA GLU K 285 -0.72 39.23 -32.70
C GLU K 285 -1.94 38.88 -31.84
N LEU K 286 -2.40 37.64 -31.94
CA LEU K 286 -3.55 37.22 -31.13
C LEU K 286 -3.22 37.30 -29.64
N ALA K 287 -2.02 36.86 -29.25
CA ALA K 287 -1.60 36.98 -27.86
C ALA K 287 -1.45 38.42 -27.44
N ARG K 288 -0.97 39.29 -28.33
CA ARG K 288 -0.86 40.71 -28.00
C ARG K 288 -2.22 41.33 -27.72
N GLU K 289 -3.23 40.99 -28.52
CA GLU K 289 -4.54 41.62 -28.33
C GLU K 289 -5.13 41.32 -26.97
N LYS K 290 -4.63 40.30 -26.27
CA LYS K 290 -5.01 40.04 -24.89
C LYS K 290 -4.00 40.63 -23.94
N LYS K 291 -3.43 41.76 -24.35
CA LYS K 291 -2.31 42.40 -23.65
C LYS K 291 -1.19 41.41 -23.30
#